data_5EJD
#
_entry.id   5EJD
#
_cell.length_a   104.194
_cell.length_b   204.760
_cell.length_c   126.047
_cell.angle_alpha   90.00
_cell.angle_beta   91.10
_cell.angle_gamma   90.00
#
_symmetry.space_group_name_H-M   'P 1 21 1'
#
loop_
_entity.id
_entity.type
_entity.pdbx_description
1 polymer TqaA
2 polymer TqaA
3 non-polymer GLYCEROL
4 non-polymer "4'-PHOSPHOPANTETHEINE"
5 water water
#
loop_
_entity_poly.entity_id
_entity_poly.type
_entity_poly.pdbx_seq_one_letter_code
_entity_poly.pdbx_strand_id
1 'polypeptide(L)'
;KDSTESKSWEPFSLSPIKDPQALHKELCSKNVIPVTSTLEDLLPATQAQHVFIKRGTFHSYNWTIKGRSLNMDRLRETCQ
SLVDRHSILRTSFVEHEGHPIQLVLANLDVKVREVQCWPGEDPMEVCKALWDGKDWPTLNVLGGSLPVRFTLVSCPGNEH
VVLTIQISHSQWDGVSIPKLFSDFAAIYNQTPLPPTSDFAHYLYHRVSSAREDVQQDPTFQFWRHYLDGAKMAVPFAPRA
LTLCAEPAAAAQSGQTLWTFKGIVPPTLPSGITMATLVKAATALFLSYHLGSRDVVFGHTVNGRNLPMDNIESLLGCTLN
FVPLRVTFPEDSTDWTVMDLLHHTQTQYTRALSHEHVELRDIFQHSTNWPAETPLSLIVQHQNIDLSFSLPLRGSSVSGD
GEDDSSLDVQYSKFARFDPLDEVWIFTEPHADRLEVQVCANSRVLGQEQATELANNISAIITKFSTDPTARLLDITF
;
B,D,F,H,J,L,N,P
2 'polypeptide(L)' MKQLSTDAERELANIWATVLDIPIGTISASDNFFFRGGHSIDAMKASALGRAAGMSFGVADIFDHPVLSELASVAVA A,C,E,G,I,K,M,O
#
# COMPACT_ATOMS: atom_id res chain seq x y z
N GLU A 10 30.83 -17.91 -8.84
CA GLU A 10 31.09 -19.36 -8.52
C GLU A 10 31.28 -20.07 -9.91
N PRO A 11 32.51 -20.00 -10.48
CA PRO A 11 32.79 -20.50 -11.85
C PRO A 11 32.53 -21.98 -11.95
N PHE A 12 32.01 -22.41 -13.09
CA PHE A 12 31.67 -23.80 -13.37
C PHE A 12 30.36 -24.22 -12.73
N SER A 13 29.70 -23.33 -11.98
CA SER A 13 28.45 -23.72 -11.31
C SER A 13 27.29 -23.92 -12.28
N LEU A 14 27.40 -23.48 -13.53
CA LEU A 14 26.35 -23.77 -14.52
C LEU A 14 26.82 -24.75 -15.55
N SER A 15 27.99 -25.31 -15.37
CA SER A 15 28.54 -26.26 -16.36
C SER A 15 27.63 -27.47 -16.46
N PRO A 16 27.24 -27.85 -17.66
CA PRO A 16 26.44 -29.08 -17.83
C PRO A 16 27.30 -30.36 -17.93
N ILE A 17 28.62 -30.20 -17.80
CA ILE A 17 29.59 -31.27 -17.89
C ILE A 17 30.28 -31.47 -16.57
N LYS A 18 30.52 -32.74 -16.20
CA LYS A 18 31.21 -33.08 -14.95
C LYS A 18 32.65 -32.67 -14.88
N ASP A 19 33.53 -33.01 -15.86
CA ASP A 19 35.01 -32.58 -15.78
C ASP A 19 35.31 -31.54 -16.85
N PRO A 20 34.95 -30.27 -16.59
CA PRO A 20 35.19 -29.28 -17.63
C PRO A 20 36.66 -29.17 -18.03
N GLN A 21 37.57 -29.31 -17.08
CA GLN A 21 39.02 -29.26 -17.40
C GLN A 21 39.48 -30.35 -18.35
N ALA A 22 38.87 -31.53 -18.30
CA ALA A 22 39.21 -32.57 -19.28
C ALA A 22 38.83 -32.17 -20.71
N LEU A 23 37.73 -31.44 -20.87
CA LEU A 23 37.31 -31.01 -22.21
C LEU A 23 38.36 -30.06 -22.80
N HIS A 24 38.84 -29.17 -21.97
CA HIS A 24 39.79 -28.20 -22.40
C HIS A 24 41.06 -28.92 -22.83
N LYS A 25 41.50 -29.87 -22.01
CA LYS A 25 42.72 -30.60 -22.30
C LYS A 25 42.59 -31.37 -23.65
N GLU A 26 41.44 -32.00 -23.87
CA GLU A 26 41.16 -32.64 -25.14
C GLU A 26 41.27 -31.67 -26.33
N LEU A 27 40.71 -30.47 -26.21
CA LEU A 27 40.75 -29.50 -27.30
C LEU A 27 42.17 -29.04 -27.55
N CYS A 28 42.95 -28.87 -26.49
CA CYS A 28 44.35 -28.49 -26.66
C CYS A 28 45.14 -29.53 -27.42
N SER A 29 44.89 -30.80 -27.10
CA SER A 29 45.64 -31.90 -27.69
C SER A 29 45.28 -32.11 -29.17
N LYS A 30 44.11 -31.67 -29.60
CA LYS A 30 43.77 -31.69 -31.04
C LYS A 30 44.10 -30.38 -31.73
N ASN A 31 44.89 -29.53 -31.06
CA ASN A 31 45.30 -28.23 -31.62
C ASN A 31 44.17 -27.32 -32.11
N VAL A 32 43.03 -27.37 -31.44
CA VAL A 32 41.94 -26.49 -31.77
C VAL A 32 42.07 -25.14 -31.06
N ILE A 33 42.56 -25.15 -29.83
CA ILE A 33 42.82 -23.94 -29.06
C ILE A 33 44.25 -24.00 -28.53
N PRO A 34 44.80 -22.85 -28.13
CA PRO A 34 46.21 -22.85 -27.75
C PRO A 34 46.52 -23.69 -26.50
N VAL A 35 47.62 -24.42 -26.56
CA VAL A 35 48.05 -25.30 -25.47
C VAL A 35 48.40 -24.58 -24.18
N THR A 36 48.79 -23.31 -24.24
CA THR A 36 49.12 -22.58 -23.02
C THR A 36 47.91 -21.82 -22.42
N SER A 37 46.72 -21.97 -23.02
CA SER A 37 45.54 -21.36 -22.44
C SER A 37 45.06 -22.14 -21.23
N THR A 38 44.30 -21.48 -20.37
CA THR A 38 43.63 -22.16 -19.26
C THR A 38 42.13 -22.00 -19.37
N LEU A 39 41.39 -22.84 -18.66
CA LEU A 39 39.94 -22.76 -18.68
C LEU A 39 39.49 -21.94 -17.46
N GLU A 40 38.90 -20.77 -17.71
CA GLU A 40 38.42 -19.89 -16.68
C GLU A 40 36.97 -20.23 -16.30
N ASP A 41 36.18 -20.69 -17.26
CA ASP A 41 34.78 -21.00 -16.96
C ASP A 41 34.20 -21.83 -18.08
N LEU A 42 33.03 -22.41 -17.85
CA LEU A 42 32.33 -23.16 -18.87
C LEU A 42 30.86 -23.03 -18.59
N LEU A 43 30.08 -22.57 -19.57
CA LEU A 43 28.64 -22.33 -19.42
C LEU A 43 27.84 -22.80 -20.62
N PRO A 44 26.53 -22.99 -20.48
CA PRO A 44 25.70 -23.23 -21.65
C PRO A 44 25.66 -21.98 -22.54
N ALA A 45 25.52 -22.21 -23.82
CA ALA A 45 25.33 -21.14 -24.77
C ALA A 45 23.84 -20.83 -24.78
N THR A 46 23.44 -19.59 -24.92
CA THR A 46 22.03 -19.24 -24.93
C THR A 46 21.38 -19.60 -26.27
N GLN A 47 20.07 -19.72 -26.26
CA GLN A 47 19.32 -20.01 -27.47
C GLN A 47 19.57 -18.95 -28.51
N ALA A 48 19.63 -17.69 -28.09
CA ALA A 48 19.92 -16.60 -29.05
C ALA A 48 21.33 -16.70 -29.65
N GLN A 49 22.35 -16.98 -28.84
CA GLN A 49 23.67 -17.24 -29.35
C GLN A 49 23.61 -18.32 -30.40
N HIS A 50 22.84 -19.37 -30.10
CA HIS A 50 22.72 -20.53 -31.01
C HIS A 50 21.98 -20.17 -32.31
N VAL A 51 20.98 -19.30 -32.24
CA VAL A 51 20.28 -18.86 -33.44
C VAL A 51 21.30 -18.30 -34.42
N PHE A 52 22.21 -17.48 -33.90
CA PHE A 52 23.19 -16.86 -34.76
C PHE A 52 24.23 -17.84 -35.29
N ILE A 53 24.66 -18.75 -34.44
CA ILE A 53 25.65 -19.72 -34.81
C ILE A 53 25.10 -20.63 -35.89
N LYS A 54 23.84 -21.04 -35.79
CA LYS A 54 23.24 -21.93 -36.82
C LYS A 54 23.04 -21.23 -38.16
N ARG A 55 23.03 -19.92 -38.18
CA ARG A 55 22.81 -19.17 -39.41
C ARG A 55 24.10 -18.61 -39.96
N GLY A 56 25.23 -19.09 -39.44
CA GLY A 56 26.52 -18.69 -39.94
C GLY A 56 26.79 -17.20 -39.78
N THR A 57 26.22 -16.57 -38.75
CA THR A 57 26.32 -15.13 -38.61
C THR A 57 27.72 -14.71 -38.13
N PHE A 58 28.43 -14.00 -39.02
CA PHE A 58 29.86 -13.82 -38.89
C PHE A 58 30.23 -12.54 -39.58
N HIS A 59 31.03 -11.72 -38.92
CA HIS A 59 31.34 -10.40 -39.39
C HIS A 59 32.87 -10.15 -39.39
N SER A 60 33.29 -9.31 -40.33
CA SER A 60 34.59 -8.74 -40.32
C SER A 60 34.46 -7.20 -40.25
N TYR A 61 34.88 -6.62 -39.15
CA TYR A 61 34.83 -5.19 -38.99
C TYR A 61 36.20 -4.68 -39.36
N ASN A 62 36.24 -3.82 -40.37
CA ASN A 62 37.45 -3.43 -41.06
C ASN A 62 37.70 -1.93 -40.86
N TRP A 63 38.92 -1.59 -40.44
CA TRP A 63 39.29 -0.21 -40.21
C TRP A 63 40.47 0.12 -41.07
N THR A 64 40.24 0.98 -42.06
CA THR A 64 41.34 1.47 -42.91
C THR A 64 41.97 2.66 -42.24
N ILE A 65 43.25 2.54 -41.93
CA ILE A 65 43.98 3.56 -41.17
C ILE A 65 45.10 4.17 -42.06
N LYS A 66 45.05 5.48 -42.29
CA LYS A 66 46.08 6.19 -43.08
C LYS A 66 46.76 7.33 -42.33
N GLY A 67 48.08 7.39 -42.43
CA GLY A 67 48.87 8.43 -41.78
C GLY A 67 50.27 7.97 -41.43
N ARG A 68 51.17 8.91 -41.17
CA ARG A 68 52.58 8.56 -40.93
C ARG A 68 52.89 8.17 -39.50
N SER A 69 52.03 8.55 -38.56
CA SER A 69 52.29 8.32 -37.15
C SER A 69 51.79 6.94 -36.62
N LEU A 70 51.23 6.12 -37.47
CA LEU A 70 50.66 4.85 -37.06
C LEU A 70 51.72 3.98 -36.42
N ASN A 71 51.38 3.35 -35.31
CA ASN A 71 52.31 2.51 -34.60
C ASN A 71 51.86 1.04 -34.56
N MET A 72 52.55 0.21 -35.30
CA MET A 72 52.13 -1.15 -35.56
C MET A 72 52.23 -2.02 -34.33
N ASP A 73 53.25 -1.82 -33.54
CA ASP A 73 53.41 -2.58 -32.30
C ASP A 73 52.28 -2.30 -31.34
N ARG A 74 51.87 -1.04 -31.28
CA ARG A 74 50.82 -0.63 -30.40
C ARG A 74 49.45 -1.16 -30.87
N LEU A 75 49.24 -1.26 -32.18
CA LEU A 75 48.06 -1.94 -32.68
C LEU A 75 48.02 -3.38 -32.24
N ARG A 76 49.13 -4.09 -32.39
CA ARG A 76 49.20 -5.49 -31.99
C ARG A 76 48.89 -5.65 -30.51
N GLU A 77 49.49 -4.83 -29.68
CA GLU A 77 49.32 -4.95 -28.25
C GLU A 77 47.90 -4.62 -27.88
N THR A 78 47.27 -3.70 -28.61
CA THR A 78 45.91 -3.33 -28.31
C THR A 78 44.96 -4.51 -28.52
N CYS A 79 45.14 -5.26 -29.60
CA CYS A 79 44.39 -6.47 -29.83
C CYS A 79 44.49 -7.43 -28.65
N GLN A 80 45.71 -7.63 -28.15
CA GLN A 80 45.92 -8.49 -26.99
C GLN A 80 45.16 -7.96 -25.75
N SER A 81 45.28 -6.67 -25.47
CA SER A 81 44.65 -6.09 -24.31
C SER A 81 43.14 -6.11 -24.38
N LEU A 82 42.61 -5.94 -25.59
CA LEU A 82 41.17 -5.92 -25.77
C LEU A 82 40.57 -7.29 -25.40
N VAL A 83 41.25 -8.35 -25.82
CA VAL A 83 40.84 -9.69 -25.52
C VAL A 83 41.00 -10.00 -24.03
N ASP A 84 42.05 -9.49 -23.40
CA ASP A 84 42.23 -9.67 -21.95
C ASP A 84 41.08 -9.05 -21.19
N ARG A 85 40.60 -7.92 -21.65
CA ARG A 85 39.54 -7.17 -20.97
C ARG A 85 38.12 -7.82 -21.09
N HIS A 86 37.79 -8.44 -22.22
CA HIS A 86 36.42 -8.91 -22.49
C HIS A 86 36.38 -10.41 -22.71
N SER A 87 35.82 -11.14 -21.76
CA SER A 87 36.00 -12.59 -21.80
C SER A 87 35.20 -13.24 -22.95
N ILE A 88 34.12 -12.63 -23.39
CA ILE A 88 33.43 -13.17 -24.54
C ILE A 88 34.35 -13.27 -25.77
N LEU A 89 35.34 -12.37 -25.85
CA LEU A 89 36.25 -12.40 -26.95
C LEU A 89 37.25 -13.55 -26.88
N ARG A 90 37.37 -14.19 -25.73
CA ARG A 90 38.23 -15.36 -25.62
C ARG A 90 37.42 -16.59 -25.23
N THR A 91 36.25 -16.69 -25.84
CA THR A 91 35.35 -17.77 -25.66
C THR A 91 35.34 -18.61 -26.92
N SER A 92 35.30 -19.91 -26.69
CA SER A 92 35.24 -20.93 -27.73
C SER A 92 33.90 -21.64 -27.58
N PHE A 93 33.31 -22.11 -28.68
CA PHE A 93 32.00 -22.76 -28.63
C PHE A 93 32.08 -24.18 -29.12
N VAL A 94 31.33 -25.07 -28.50
CA VAL A 94 31.40 -26.48 -28.84
C VAL A 94 30.08 -27.14 -28.52
N GLU A 95 29.80 -28.29 -29.12
CA GLU A 95 28.60 -29.07 -28.74
C GLU A 95 28.85 -30.24 -27.80
N HIS A 96 27.93 -30.42 -26.87
CA HIS A 96 27.99 -31.56 -25.94
C HIS A 96 26.60 -32.13 -25.80
N GLU A 97 26.42 -33.38 -26.23
CA GLU A 97 25.13 -34.04 -26.25
C GLU A 97 24.12 -33.24 -27.08
N GLY A 98 24.58 -32.72 -28.22
CA GLY A 98 23.73 -31.96 -29.12
C GLY A 98 23.45 -30.53 -28.68
N HIS A 99 23.96 -30.14 -27.52
CA HIS A 99 23.78 -28.76 -26.97
C HIS A 99 25.04 -27.89 -26.90
N PRO A 100 24.90 -26.64 -27.29
CA PRO A 100 26.08 -25.79 -27.41
C PRO A 100 26.54 -25.24 -26.09
N ILE A 101 27.83 -25.30 -25.80
CA ILE A 101 28.40 -24.69 -24.60
C ILE A 101 29.50 -23.70 -24.96
N GLN A 102 29.85 -22.83 -24.02
CA GLN A 102 30.95 -21.91 -24.21
C GLN A 102 32.02 -22.16 -23.20
N LEU A 103 33.26 -22.22 -23.70
CA LEU A 103 34.46 -22.32 -22.88
C LEU A 103 35.11 -20.95 -22.85
N VAL A 104 35.28 -20.42 -21.66
CA VAL A 104 35.93 -19.14 -21.50
C VAL A 104 37.37 -19.41 -21.15
N LEU A 105 38.27 -18.99 -22.05
CA LEU A 105 39.69 -19.18 -21.86
C LEU A 105 40.34 -18.01 -21.16
N ALA A 106 41.42 -18.28 -20.44
CA ALA A 106 42.35 -17.22 -19.93
C ALA A 106 43.80 -17.57 -20.34
N ASN A 107 44.75 -16.74 -19.97
CA ASN A 107 46.13 -16.86 -20.43
C ASN A 107 46.20 -17.08 -21.92
N LEU A 108 45.40 -16.29 -22.65
CA LEU A 108 45.25 -16.50 -24.08
C LEU A 108 46.12 -15.50 -24.81
N ASP A 109 47.09 -15.99 -25.58
CA ASP A 109 47.94 -15.15 -26.40
C ASP A 109 47.32 -14.92 -27.77
N VAL A 110 47.11 -13.66 -28.11
CA VAL A 110 46.49 -13.30 -29.38
C VAL A 110 47.55 -13.15 -30.46
N LYS A 111 47.36 -13.87 -31.56
CA LYS A 111 48.32 -13.85 -32.67
C LYS A 111 47.63 -13.21 -33.82
N VAL A 112 48.18 -12.10 -34.27
CA VAL A 112 47.62 -11.38 -35.38
C VAL A 112 48.10 -11.98 -36.69
N ARG A 113 47.17 -12.20 -37.62
CA ARG A 113 47.50 -12.60 -38.95
C ARG A 113 47.96 -11.36 -39.67
N GLU A 114 49.16 -11.39 -40.25
CA GLU A 114 49.75 -10.18 -40.89
C GLU A 114 50.10 -10.39 -42.33
N VAL A 115 49.79 -9.38 -43.14
CA VAL A 115 50.10 -9.41 -44.56
C VAL A 115 50.86 -8.16 -44.94
N GLN A 116 52.04 -8.33 -45.53
CA GLN A 116 52.80 -7.20 -46.12
C GLN A 116 52.59 -7.30 -47.61
N CYS A 117 51.82 -6.38 -48.15
CA CYS A 117 51.45 -6.37 -49.55
C CYS A 117 52.58 -5.98 -50.49
N TRP A 118 52.39 -6.32 -51.75
CA TRP A 118 53.20 -5.80 -52.86
C TRP A 118 52.95 -4.32 -53.04
N PRO A 119 53.94 -3.60 -53.57
CA PRO A 119 53.69 -2.21 -53.95
C PRO A 119 52.54 -2.11 -54.92
N GLY A 120 51.67 -1.13 -54.67
CA GLY A 120 50.52 -0.93 -55.54
C GLY A 120 49.33 -1.83 -55.24
N GLU A 121 49.48 -2.83 -54.37
CA GLU A 121 48.38 -3.74 -54.03
C GLU A 121 47.45 -3.03 -53.00
N ASP A 122 46.13 -3.06 -53.23
CA ASP A 122 45.16 -2.50 -52.29
C ASP A 122 44.92 -3.44 -51.13
N PRO A 123 45.25 -3.01 -49.91
CA PRO A 123 45.06 -3.81 -48.72
C PRO A 123 43.64 -4.35 -48.54
N MET A 124 42.64 -3.55 -48.88
CA MET A 124 41.28 -3.98 -48.73
C MET A 124 40.92 -5.13 -49.68
N GLU A 125 41.48 -5.14 -50.89
CA GLU A 125 41.21 -6.22 -51.84
C GLU A 125 41.82 -7.53 -51.37
N VAL A 126 42.95 -7.46 -50.65
CA VAL A 126 43.52 -8.61 -50.00
C VAL A 126 42.61 -9.18 -48.88
N CYS A 127 42.10 -8.32 -48.01
CA CYS A 127 41.08 -8.73 -46.99
C CYS A 127 39.83 -9.36 -47.60
N LYS A 128 39.28 -8.74 -48.62
CA LYS A 128 38.14 -9.28 -49.32
C LYS A 128 38.46 -10.68 -49.89
N ALA A 129 39.63 -10.86 -50.47
CA ALA A 129 40.02 -12.14 -51.05
C ALA A 129 40.13 -13.22 -50.00
N LEU A 130 40.69 -12.88 -48.84
CA LEU A 130 40.78 -13.84 -47.74
C LEU A 130 39.43 -14.17 -47.17
N TRP A 131 38.57 -13.17 -47.10
CA TRP A 131 37.22 -13.35 -46.58
C TRP A 131 36.47 -14.34 -47.47
N ASP A 132 36.35 -14.05 -48.76
CA ASP A 132 35.58 -14.89 -49.66
C ASP A 132 36.25 -16.21 -50.00
N GLY A 133 37.58 -16.25 -49.92
CA GLY A 133 38.29 -17.42 -50.33
C GLY A 133 38.38 -18.47 -49.25
N LYS A 134 38.43 -18.07 -48.00
CA LYS A 134 38.53 -19.07 -46.96
C LYS A 134 37.92 -18.75 -45.61
N ASP A 135 37.94 -17.48 -45.21
CA ASP A 135 37.55 -17.12 -43.85
C ASP A 135 36.07 -17.53 -43.55
N TRP A 136 35.10 -17.16 -44.39
CA TRP A 136 33.72 -17.62 -44.14
C TRP A 136 33.34 -18.96 -44.73
N PRO A 137 33.82 -19.29 -45.93
CA PRO A 137 33.45 -20.64 -46.39
C PRO A 137 33.91 -21.79 -45.50
N THR A 138 35.01 -21.67 -44.77
CA THR A 138 35.47 -22.77 -43.92
C THR A 138 35.14 -22.56 -42.45
N LEU A 139 34.29 -21.59 -42.16
CA LEU A 139 33.90 -21.28 -40.81
C LEU A 139 33.20 -22.47 -40.18
N ASN A 140 33.65 -22.84 -38.98
CA ASN A 140 32.98 -23.88 -38.23
C ASN A 140 33.03 -23.57 -36.75
N VAL A 141 32.14 -22.67 -36.30
CA VAL A 141 32.23 -22.12 -34.97
C VAL A 141 32.11 -23.22 -33.92
N LEU A 142 31.22 -24.17 -34.16
CA LEU A 142 31.01 -25.28 -33.22
C LEU A 142 32.14 -26.32 -33.17
N GLY A 143 33.16 -26.18 -34.00
CA GLY A 143 34.38 -27.00 -33.85
C GLY A 143 35.30 -26.56 -32.74
N GLY A 144 35.02 -25.40 -32.14
CA GLY A 144 35.74 -24.97 -30.94
C GLY A 144 36.87 -24.01 -31.15
N SER A 145 37.19 -23.71 -32.39
CA SER A 145 38.24 -22.74 -32.70
C SER A 145 37.72 -21.33 -32.42
N LEU A 146 38.52 -20.48 -31.80
CA LEU A 146 38.11 -19.15 -31.39
C LEU A 146 37.62 -18.30 -32.55
N PRO A 147 36.39 -17.81 -32.49
CA PRO A 147 35.91 -17.04 -33.62
C PRO A 147 36.56 -15.65 -33.69
N VAL A 148 36.93 -15.07 -32.56
CA VAL A 148 37.51 -13.73 -32.57
C VAL A 148 39.00 -13.76 -32.95
N ARG A 149 39.34 -13.16 -34.10
CA ARG A 149 40.69 -13.14 -34.64
C ARG A 149 40.94 -11.84 -35.36
N PHE A 150 42.19 -11.40 -35.31
CA PHE A 150 42.60 -10.16 -35.90
C PHE A 150 43.55 -10.36 -37.07
N THR A 151 43.41 -9.47 -38.06
CA THR A 151 44.24 -9.42 -39.23
C THR A 151 44.74 -7.99 -39.43
N LEU A 152 45.99 -7.86 -39.82
CA LEU A 152 46.58 -6.57 -40.10
C LEU A 152 47.25 -6.60 -41.49
N VAL A 153 46.72 -5.85 -42.44
CA VAL A 153 47.22 -5.84 -43.81
C VAL A 153 47.83 -4.50 -44.12
N SER A 154 49.13 -4.47 -44.43
CA SER A 154 49.86 -3.20 -44.65
C SER A 154 50.47 -3.06 -46.03
N CYS A 155 50.39 -1.86 -46.58
CA CYS A 155 51.23 -1.43 -47.68
C CYS A 155 52.65 -1.21 -47.18
N PRO A 156 53.63 -1.33 -48.09
CA PRO A 156 55.00 -1.03 -47.69
C PRO A 156 55.08 0.45 -47.26
N GLY A 157 55.76 0.69 -46.14
CA GLY A 157 55.79 2.02 -45.50
C GLY A 157 54.94 2.09 -44.23
N ASN A 158 53.90 1.26 -44.16
CA ASN A 158 52.98 1.22 -43.01
C ASN A 158 52.21 2.52 -42.77
N GLU A 159 51.88 3.23 -43.85
CA GLU A 159 51.11 4.46 -43.78
C GLU A 159 49.70 4.26 -44.31
N HIS A 160 49.40 3.05 -44.75
CA HIS A 160 48.09 2.68 -45.21
C HIS A 160 47.93 1.22 -44.75
N VAL A 161 47.03 1.00 -43.80
CA VAL A 161 46.91 -0.30 -43.13
C VAL A 161 45.43 -0.63 -43.01
N VAL A 162 45.07 -1.88 -43.15
CA VAL A 162 43.74 -2.29 -42.81
C VAL A 162 43.82 -3.23 -41.65
N LEU A 163 43.09 -2.89 -40.60
CA LEU A 163 42.91 -3.75 -39.43
C LEU A 163 41.54 -4.39 -39.50
N THR A 164 41.49 -5.68 -39.21
CA THR A 164 40.28 -6.45 -39.25
C THR A 164 40.04 -7.22 -37.96
N ILE A 165 38.80 -7.19 -37.48
CA ILE A 165 38.34 -8.01 -36.37
C ILE A 165 37.23 -8.90 -36.91
N GLN A 166 37.44 -10.19 -36.85
CA GLN A 166 36.39 -11.15 -37.16
C GLN A 166 35.73 -11.64 -35.90
N ILE A 167 34.43 -11.88 -35.97
CA ILE A 167 33.67 -12.17 -34.79
C ILE A 167 32.33 -12.82 -35.14
N SER A 168 31.89 -13.72 -34.29
CA SER A 168 30.58 -14.38 -34.42
C SER A 168 29.54 -13.51 -33.72
N HIS A 169 28.32 -13.52 -34.23
CA HIS A 169 27.27 -12.66 -33.65
C HIS A 169 26.81 -13.19 -32.33
N SER A 170 27.22 -14.40 -31.99
CA SER A 170 27.02 -14.90 -30.63
C SER A 170 27.86 -14.16 -29.59
N GLN A 171 28.72 -13.23 -30.03
CA GLN A 171 29.64 -12.57 -29.16
C GLN A 171 29.41 -11.06 -29.06
N TRP A 172 28.41 -10.53 -29.73
CA TRP A 172 28.16 -9.10 -29.64
C TRP A 172 26.71 -8.79 -29.93
N ASP A 173 26.30 -7.59 -29.58
CA ASP A 173 25.05 -7.05 -30.05
C ASP A 173 25.13 -5.55 -30.29
N GLY A 174 24.03 -4.96 -30.73
CA GLY A 174 24.05 -3.58 -31.18
C GLY A 174 24.33 -2.56 -30.10
N VAL A 175 23.87 -2.86 -28.89
CA VAL A 175 24.14 -2.00 -27.78
C VAL A 175 25.63 -1.98 -27.42
N SER A 176 26.29 -3.12 -27.51
CA SER A 176 27.62 -3.29 -26.93
C SER A 176 28.79 -3.24 -27.96
N ILE A 177 28.54 -3.53 -29.24
CA ILE A 177 29.58 -3.43 -30.23
C ILE A 177 30.32 -2.06 -30.25
N PRO A 178 29.63 -0.91 -30.06
CA PRO A 178 30.39 0.36 -30.05
C PRO A 178 31.41 0.43 -28.95
N LYS A 179 31.16 -0.29 -27.87
CA LYS A 179 32.09 -0.33 -26.77
C LYS A 179 33.32 -1.10 -27.12
N LEU A 180 33.21 -2.09 -27.98
CA LEU A 180 34.40 -2.78 -28.42
C LEU A 180 35.30 -1.76 -29.16
N PHE A 181 34.74 -0.94 -30.06
CA PHE A 181 35.54 0.02 -30.80
C PHE A 181 36.06 1.15 -29.93
N SER A 182 35.24 1.69 -29.03
CA SER A 182 35.72 2.76 -28.15
C SER A 182 36.76 2.27 -27.14
N ASP A 183 36.65 1.02 -26.70
CA ASP A 183 37.68 0.43 -25.83
C ASP A 183 38.99 0.21 -26.59
N PHE A 184 38.91 -0.24 -27.82
CA PHE A 184 40.08 -0.41 -28.64
C PHE A 184 40.79 0.94 -28.76
N ALA A 185 40.05 1.98 -29.10
CA ALA A 185 40.70 3.27 -29.29
C ALA A 185 41.37 3.78 -27.98
N ALA A 186 40.67 3.64 -26.87
CA ALA A 186 41.19 4.08 -25.61
C ALA A 186 42.45 3.33 -25.25
N ILE A 187 42.48 2.03 -25.51
CA ILE A 187 43.68 1.24 -25.18
C ILE A 187 44.85 1.63 -26.09
N TYR A 188 44.59 1.84 -27.38
CA TYR A 188 45.61 2.30 -28.31
C TYR A 188 46.13 3.66 -27.88
N ASN A 189 45.22 4.58 -27.59
CA ASN A 189 45.58 5.92 -27.17
C ASN A 189 46.16 5.98 -25.78
N GLN A 190 46.17 4.88 -25.02
CA GLN A 190 46.53 4.91 -23.61
C GLN A 190 45.71 5.91 -22.76
N THR A 191 44.40 5.89 -22.98
CA THR A 191 43.35 6.57 -22.18
C THR A 191 42.78 5.58 -21.15
N PRO A 192 42.40 6.04 -19.94
CA PRO A 192 41.94 5.07 -18.92
C PRO A 192 40.51 4.57 -19.17
N LEU A 193 40.24 3.34 -18.70
CA LEU A 193 38.97 2.67 -18.88
C LEU A 193 38.39 2.21 -17.54
N PRO A 194 37.07 2.42 -17.35
CA PRO A 194 36.44 1.87 -16.15
C PRO A 194 36.38 0.35 -16.21
N PRO A 195 36.26 -0.31 -15.05
CA PRO A 195 36.09 -1.77 -15.08
C PRO A 195 34.72 -2.10 -15.66
N THR A 196 34.59 -3.34 -16.12
CA THR A 196 33.37 -3.80 -16.74
C THR A 196 33.06 -5.23 -16.28
N SER A 197 31.89 -5.74 -16.65
CA SER A 197 31.59 -7.17 -16.47
C SER A 197 31.68 -7.91 -17.77
N ASP A 198 31.48 -9.21 -17.71
CA ASP A 198 31.50 -9.98 -18.93
C ASP A 198 30.13 -10.65 -19.13
N PHE A 199 30.03 -11.31 -20.25
CA PHE A 199 28.82 -12.01 -20.60
C PHE A 199 28.49 -13.13 -19.61
N ALA A 200 29.50 -13.82 -19.08
CA ALA A 200 29.25 -14.86 -18.10
C ALA A 200 28.45 -14.33 -16.88
N HIS A 201 28.83 -13.15 -16.38
CA HIS A 201 28.13 -12.52 -15.29
C HIS A 201 26.65 -12.28 -15.63
N TYR A 202 26.35 -11.99 -16.87
CA TYR A 202 24.95 -11.86 -17.30
C TYR A 202 24.20 -13.19 -17.18
N LEU A 203 24.83 -14.29 -17.56
CA LEU A 203 24.19 -15.59 -17.45
C LEU A 203 23.98 -16.01 -16.00
N TYR A 204 24.96 -15.74 -15.14
CA TYR A 204 24.81 -16.06 -13.71
C TYR A 204 23.71 -15.24 -13.09
N HIS A 205 23.61 -13.97 -13.48
CA HIS A 205 22.57 -13.11 -12.95
C HIS A 205 21.15 -13.57 -13.35
N ARG A 206 20.95 -13.96 -14.60
CA ARG A 206 19.65 -14.49 -15.01
C ARG A 206 19.23 -15.68 -14.18
N VAL A 207 20.16 -16.57 -13.90
CA VAL A 207 19.81 -17.80 -13.19
C VAL A 207 19.47 -17.52 -11.72
N SER A 208 20.18 -16.58 -11.11
CA SER A 208 19.93 -16.24 -9.72
C SER A 208 18.56 -15.60 -9.49
N SER A 209 17.95 -15.04 -10.53
CA SER A 209 16.67 -14.37 -10.42
C SER A 209 15.50 -15.33 -10.76
N ALA A 210 15.81 -16.51 -11.27
CA ALA A 210 14.79 -17.52 -11.53
C ALA A 210 14.45 -18.24 -10.23
N ARG A 211 13.21 -18.71 -10.14
CA ARG A 211 12.74 -19.43 -8.97
C ARG A 211 12.92 -20.90 -9.24
N GLU A 212 13.18 -21.66 -8.19
CA GLU A 212 13.43 -23.08 -8.37
C GLU A 212 12.14 -23.85 -8.80
N ASP A 213 10.96 -23.44 -8.31
CA ASP A 213 9.70 -23.99 -8.82
C ASP A 213 9.23 -23.10 -9.96
N VAL A 214 9.06 -23.67 -11.13
CA VAL A 214 8.88 -22.91 -12.33
C VAL A 214 7.44 -22.42 -12.43
N GLN A 215 6.52 -23.12 -11.77
CA GLN A 215 5.11 -22.73 -11.75
C GLN A 215 4.87 -21.58 -10.79
N GLN A 216 5.86 -21.26 -9.94
CA GLN A 216 5.78 -20.11 -9.04
C GLN A 216 6.61 -18.90 -9.53
N ASP A 217 7.14 -18.99 -10.74
CA ASP A 217 7.95 -17.91 -11.30
C ASP A 217 7.00 -16.89 -11.95
N PRO A 218 6.97 -15.67 -11.42
CA PRO A 218 6.14 -14.62 -12.05
C PRO A 218 6.31 -14.50 -13.58
N THR A 219 7.52 -14.74 -14.06
CA THR A 219 7.82 -14.64 -15.47
C THR A 219 7.06 -15.67 -16.29
N PHE A 220 7.04 -16.92 -15.86
CA PHE A 220 6.29 -17.91 -16.63
C PHE A 220 4.80 -17.79 -16.42
N GLN A 221 4.41 -17.24 -15.28
CA GLN A 221 3.00 -16.89 -15.04
C GLN A 221 2.59 -15.76 -15.97
N PHE A 222 3.45 -14.75 -16.09
CA PHE A 222 3.17 -13.69 -17.05
C PHE A 222 2.99 -14.21 -18.46
N TRP A 223 3.93 -15.04 -18.95
CA TRP A 223 3.85 -15.49 -20.35
C TRP A 223 2.61 -16.34 -20.57
N ARG A 224 2.23 -17.10 -19.55
CA ARG A 224 1.04 -18.00 -19.65
C ARG A 224 -0.22 -17.20 -19.87
N HIS A 225 -0.39 -16.17 -19.07
CA HIS A 225 -1.48 -15.27 -19.27
C HIS A 225 -1.34 -14.54 -20.61
N TYR A 226 -0.15 -14.01 -20.91
CA TYR A 226 0.04 -13.18 -22.10
C TYR A 226 -0.34 -13.91 -23.38
N LEU A 227 -0.03 -15.22 -23.42
CA LEU A 227 -0.21 -16.03 -24.62
C LEU A 227 -1.47 -16.90 -24.59
N ASP A 228 -2.23 -16.83 -23.51
CA ASP A 228 -3.44 -17.62 -23.34
C ASP A 228 -4.39 -17.49 -24.54
N GLY A 229 -4.72 -18.61 -25.15
CA GLY A 229 -5.63 -18.66 -26.27
C GLY A 229 -5.03 -18.22 -27.57
N ALA A 230 -3.73 -17.95 -27.58
CA ALA A 230 -3.10 -17.42 -28.78
C ALA A 230 -2.68 -18.53 -29.68
N LYS A 231 -2.58 -18.21 -30.95
CA LYS A 231 -2.03 -19.11 -31.93
C LYS A 231 -0.95 -18.39 -32.71
N MET A 232 0.13 -19.10 -33.01
CA MET A 232 1.23 -18.49 -33.75
C MET A 232 1.26 -19.02 -35.14
N ALA A 233 0.78 -18.23 -36.08
CA ALA A 233 0.67 -18.66 -37.44
C ALA A 233 2.00 -18.46 -38.15
N VAL A 234 2.17 -19.21 -39.23
CA VAL A 234 3.31 -19.12 -40.08
C VAL A 234 2.90 -18.37 -41.35
N PRO A 235 3.26 -17.09 -41.48
CA PRO A 235 2.80 -16.33 -42.64
C PRO A 235 3.45 -16.68 -43.94
N PHE A 236 4.64 -17.30 -43.91
CA PHE A 236 5.33 -17.70 -45.15
C PHE A 236 6.03 -19.08 -45.12
N ALA A 237 5.87 -19.89 -46.18
CA ALA A 237 6.36 -21.32 -46.23
C ALA A 237 7.88 -21.61 -46.22
N GLN A 255 18.76 -19.72 -51.84
CA GLN A 255 19.66 -18.55 -51.56
C GLN A 255 19.02 -17.38 -50.67
N THR A 256 19.87 -16.77 -49.85
CA THR A 256 19.47 -15.67 -48.95
C THR A 256 19.23 -14.39 -49.74
N LEU A 257 18.09 -13.74 -49.57
CA LEU A 257 17.81 -12.45 -50.29
C LEU A 257 17.50 -11.29 -49.34
N TRP A 258 18.04 -10.14 -49.68
CA TRP A 258 17.79 -8.92 -48.99
C TRP A 258 17.04 -7.98 -49.91
N THR A 259 15.98 -7.38 -49.40
CA THR A 259 15.20 -6.43 -50.15
C THR A 259 14.99 -5.15 -49.33
N PHE A 260 15.21 -3.98 -49.94
CA PHE A 260 15.22 -2.69 -49.23
C PHE A 260 14.14 -1.76 -49.74
N LYS A 261 13.62 -0.93 -48.85
CA LYS A 261 12.70 0.11 -49.24
C LYS A 261 12.77 1.31 -48.27
N GLY A 262 13.16 2.48 -48.79
CA GLY A 262 13.21 3.70 -48.01
C GLY A 262 11.94 4.51 -48.05
N ILE A 263 11.62 5.17 -46.94
CA ILE A 263 10.55 6.17 -46.88
C ILE A 263 11.03 7.38 -46.11
N VAL A 264 10.27 8.46 -46.17
CA VAL A 264 10.58 9.67 -45.44
C VAL A 264 10.42 9.35 -43.95
N PRO A 265 11.34 9.85 -43.09
CA PRO A 265 11.18 9.48 -41.70
C PRO A 265 9.81 9.87 -41.17
N PRO A 266 9.08 8.89 -40.61
CA PRO A 266 7.76 9.15 -40.05
C PRO A 266 7.78 10.13 -38.89
N THR A 267 6.72 10.93 -38.78
CA THR A 267 6.50 11.79 -37.64
C THR A 267 5.79 10.97 -36.56
N LEU A 268 6.28 11.07 -35.33
CA LEU A 268 5.82 10.22 -34.27
C LEU A 268 4.67 10.85 -33.54
N PRO A 269 3.53 10.13 -33.46
CA PRO A 269 2.45 10.60 -32.61
C PRO A 269 2.94 10.73 -31.20
N SER A 270 2.33 11.64 -30.47
CA SER A 270 2.69 11.88 -29.08
C SER A 270 2.67 10.59 -28.28
N GLY A 271 3.74 10.37 -27.52
CA GLY A 271 3.91 9.22 -26.66
C GLY A 271 4.19 7.86 -27.31
N ILE A 272 4.49 7.83 -28.60
CA ILE A 272 4.71 6.59 -29.35
C ILE A 272 6.13 6.55 -29.89
N THR A 273 6.82 5.44 -29.70
CA THR A 273 8.16 5.26 -30.24
C THR A 273 8.09 4.73 -31.67
N MET A 274 9.20 4.90 -32.39
CA MET A 274 9.30 4.45 -33.74
C MET A 274 9.12 2.94 -33.82
N ALA A 275 9.70 2.23 -32.87
CA ALA A 275 9.59 0.79 -32.84
C ALA A 275 8.15 0.35 -32.79
N THR A 276 7.36 1.04 -31.98
CA THR A 276 5.95 0.74 -31.87
C THR A 276 5.25 0.91 -33.22
N LEU A 277 5.57 1.98 -33.90
CA LEU A 277 5.00 2.26 -35.20
C LEU A 277 5.26 1.13 -36.20
N VAL A 278 6.51 0.70 -36.26
CA VAL A 278 6.90 -0.39 -37.13
C VAL A 278 6.19 -1.70 -36.76
N LYS A 279 6.07 -1.99 -35.47
CA LYS A 279 5.43 -3.24 -35.07
C LYS A 279 3.92 -3.24 -35.29
N ALA A 280 3.28 -2.08 -35.10
CA ALA A 280 1.86 -1.95 -35.36
C ALA A 280 1.57 -2.14 -36.83
N ALA A 281 2.41 -1.55 -37.68
CA ALA A 281 2.27 -1.70 -39.12
C ALA A 281 2.37 -3.14 -39.52
N THR A 282 3.32 -3.85 -38.93
CA THR A 282 3.52 -5.25 -39.23
C THR A 282 2.29 -6.04 -38.79
N ALA A 283 1.75 -5.71 -37.64
CA ALA A 283 0.59 -6.41 -37.10
C ALA A 283 -0.64 -6.20 -38.01
N LEU A 284 -0.87 -4.97 -38.43
CA LEU A 284 -1.97 -4.69 -39.33
C LEU A 284 -1.81 -5.51 -40.59
N PHE A 285 -0.61 -5.51 -41.15
CA PHE A 285 -0.35 -6.28 -42.33
C PHE A 285 -0.67 -7.75 -42.13
N LEU A 286 -0.22 -8.32 -41.04
CA LEU A 286 -0.43 -9.74 -40.81
C LEU A 286 -1.89 -10.05 -40.60
N SER A 287 -2.57 -9.13 -39.92
CA SER A 287 -3.98 -9.25 -39.68
C SER A 287 -4.69 -9.56 -41.00
N TYR A 288 -4.42 -8.77 -42.02
CA TYR A 288 -4.99 -8.94 -43.30
C TYR A 288 -4.44 -10.15 -44.04
N HIS A 289 -3.15 -10.36 -44.00
CA HIS A 289 -2.51 -11.42 -44.80
C HIS A 289 -2.97 -12.79 -44.34
N LEU A 290 -3.01 -12.99 -43.02
CA LEU A 290 -3.70 -14.12 -42.46
C LEU A 290 -5.16 -13.63 -42.43
N GLY A 291 -6.09 -14.38 -41.88
CA GLY A 291 -7.43 -13.76 -41.74
C GLY A 291 -7.75 -13.66 -40.30
N SER A 292 -6.98 -12.85 -39.59
CA SER A 292 -6.97 -12.98 -38.15
C SER A 292 -6.97 -11.65 -37.47
N ARG A 293 -7.65 -11.62 -36.34
CA ARG A 293 -7.66 -10.47 -35.51
C ARG A 293 -6.63 -10.61 -34.39
N ASP A 294 -6.12 -11.81 -34.20
CA ASP A 294 -5.23 -12.10 -33.10
C ASP A 294 -3.91 -12.67 -33.65
N VAL A 295 -2.87 -11.85 -33.68
CA VAL A 295 -1.61 -12.24 -34.30
C VAL A 295 -0.48 -12.27 -33.31
N VAL A 296 0.37 -13.25 -33.49
CA VAL A 296 1.60 -13.40 -32.75
C VAL A 296 2.78 -13.58 -33.67
N PHE A 297 3.78 -12.74 -33.49
CA PHE A 297 5.01 -12.83 -34.26
C PHE A 297 6.18 -12.57 -33.33
N GLY A 298 7.38 -12.75 -33.83
CA GLY A 298 8.56 -12.52 -33.01
C GLY A 298 9.09 -11.10 -33.14
N HIS A 299 9.79 -10.66 -32.11
CA HIS A 299 10.55 -9.44 -32.22
C HIS A 299 11.75 -9.47 -31.34
N THR A 300 12.71 -8.62 -31.67
CA THR A 300 14.04 -8.60 -31.04
C THR A 300 14.07 -7.58 -29.93
N VAL A 301 14.45 -8.03 -28.75
CA VAL A 301 14.55 -7.15 -27.61
C VAL A 301 15.99 -7.21 -27.08
N ASN A 302 16.41 -6.17 -26.36
CA ASN A 302 17.81 -6.01 -26.06
C ASN A 302 18.28 -6.80 -24.89
N GLY A 303 17.35 -7.23 -24.04
CA GLY A 303 17.71 -8.15 -22.95
C GLY A 303 18.48 -7.55 -21.77
N ARG A 304 18.50 -6.23 -21.69
CA ARG A 304 19.37 -5.55 -20.74
C ARG A 304 18.58 -4.78 -19.66
N ASN A 305 17.29 -5.09 -19.50
CA ASN A 305 16.46 -4.46 -18.48
C ASN A 305 16.51 -5.24 -17.18
N LEU A 306 17.71 -5.44 -16.66
CA LEU A 306 17.91 -6.23 -15.47
C LEU A 306 18.76 -5.45 -14.50
N PRO A 307 18.52 -5.63 -13.22
CA PRO A 307 19.24 -4.84 -12.21
C PRO A 307 20.62 -5.45 -11.89
N MET A 308 21.56 -5.36 -12.82
CA MET A 308 22.89 -5.89 -12.64
C MET A 308 23.90 -4.82 -12.98
N ASP A 309 25.03 -4.81 -12.31
CA ASP A 309 26.03 -3.79 -12.56
C ASP A 309 26.59 -3.94 -13.95
N ASN A 310 26.75 -2.78 -14.62
CA ASN A 310 27.34 -2.69 -15.95
C ASN A 310 26.57 -3.43 -17.01
N ILE A 311 25.29 -3.65 -16.79
CA ILE A 311 24.53 -4.34 -17.80
C ILE A 311 24.42 -3.59 -19.11
N GLU A 312 24.54 -2.26 -19.06
CA GLU A 312 24.44 -1.42 -20.28
C GLU A 312 25.69 -1.45 -21.15
N SER A 313 26.81 -1.87 -20.60
CA SER A 313 28.06 -1.78 -21.30
C SER A 313 28.78 -3.13 -21.57
N LEU A 314 28.36 -4.20 -20.93
CA LEU A 314 29.11 -5.44 -21.04
C LEU A 314 29.07 -5.99 -22.45
N LEU A 315 30.15 -6.60 -22.90
CA LEU A 315 30.20 -7.07 -24.26
C LEU A 315 29.63 -8.49 -24.37
N GLY A 316 28.67 -8.65 -25.26
CA GLY A 316 28.10 -9.95 -25.51
C GLY A 316 26.80 -9.83 -26.23
N CYS A 317 26.17 -10.97 -26.46
CA CYS A 317 24.90 -11.03 -27.15
C CYS A 317 23.79 -11.31 -26.16
N THR A 318 23.23 -10.25 -25.59
CA THR A 318 22.13 -10.37 -24.65
C THR A 318 20.78 -10.28 -25.38
N LEU A 319 20.78 -10.06 -26.69
CA LEU A 319 19.55 -10.04 -27.47
C LEU A 319 18.67 -11.23 -27.20
N ASN A 320 17.37 -11.01 -27.36
CA ASN A 320 16.44 -12.10 -27.29
C ASN A 320 15.35 -11.91 -28.35
N PHE A 321 14.83 -13.03 -28.83
CA PHE A 321 13.73 -13.03 -29.81
C PHE A 321 12.52 -13.63 -29.13
N VAL A 322 11.51 -12.79 -28.90
CA VAL A 322 10.37 -13.21 -28.08
C VAL A 322 9.03 -12.93 -28.75
N PRO A 323 7.95 -13.55 -28.26
CA PRO A 323 6.64 -13.33 -28.87
C PRO A 323 6.08 -11.95 -28.58
N LEU A 324 5.50 -11.35 -29.60
CA LEU A 324 4.72 -10.14 -29.44
C LEU A 324 3.32 -10.47 -29.96
N ARG A 325 2.32 -10.15 -29.16
CA ARG A 325 0.94 -10.45 -29.50
C ARG A 325 0.14 -9.17 -29.65
N VAL A 326 -0.53 -9.05 -30.77
CA VAL A 326 -1.41 -7.90 -31.06
C VAL A 326 -2.78 -8.41 -31.40
N THR A 327 -3.76 -8.00 -30.60
CA THR A 327 -5.13 -8.47 -30.67
C THR A 327 -6.02 -7.29 -31.06
N PHE A 328 -6.57 -7.34 -32.27
CA PHE A 328 -7.58 -6.39 -32.71
C PHE A 328 -8.95 -6.83 -32.13
N PRO A 329 -9.80 -5.86 -31.74
CA PRO A 329 -11.12 -6.25 -31.24
C PRO A 329 -11.95 -6.89 -32.34
N GLU A 330 -12.87 -7.77 -31.94
CA GLU A 330 -13.78 -8.48 -32.85
C GLU A 330 -14.65 -7.51 -33.66
N ASP A 331 -15.08 -6.44 -33.02
CA ASP A 331 -15.65 -5.31 -33.68
C ASP A 331 -14.73 -4.07 -33.54
N SER A 332 -13.84 -3.90 -34.51
CA SER A 332 -12.86 -2.82 -34.56
C SER A 332 -13.37 -1.58 -35.29
N THR A 333 -14.62 -1.58 -35.75
CA THR A 333 -15.22 -0.38 -36.30
C THR A 333 -14.66 0.95 -35.81
N ASP A 334 -14.60 1.17 -34.51
CA ASP A 334 -14.13 2.43 -33.99
C ASP A 334 -12.64 2.53 -33.71
N TRP A 335 -11.84 1.46 -33.76
CA TRP A 335 -10.42 1.61 -33.44
C TRP A 335 -9.77 2.55 -34.42
N THR A 336 -9.04 3.51 -33.86
CA THR A 336 -8.17 4.35 -34.66
C THR A 336 -6.74 3.78 -34.71
N VAL A 337 -5.93 4.37 -35.55
CA VAL A 337 -4.52 4.09 -35.59
C VAL A 337 -3.94 4.29 -34.19
N MET A 338 -4.29 5.39 -33.54
CA MET A 338 -3.77 5.62 -32.16
C MET A 338 -4.10 4.47 -31.22
N ASP A 339 -5.31 3.94 -31.28
CA ASP A 339 -5.68 2.87 -30.43
C ASP A 339 -4.77 1.66 -30.67
N LEU A 340 -4.44 1.41 -31.93
CA LEU A 340 -3.59 0.32 -32.27
C LEU A 340 -2.14 0.55 -31.78
N LEU A 341 -1.66 1.78 -31.94
CA LEU A 341 -0.34 2.15 -31.45
C LEU A 341 -0.22 2.01 -29.94
N HIS A 342 -1.17 2.52 -29.19
CA HIS A 342 -1.12 2.38 -27.73
C HIS A 342 -1.19 0.92 -27.30
N HIS A 343 -2.03 0.16 -27.96
CA HIS A 343 -2.15 -1.25 -27.64
C HIS A 343 -0.79 -1.97 -27.91
N THR A 344 -0.20 -1.72 -29.08
CA THR A 344 0.99 -2.40 -29.49
C THR A 344 2.13 -2.06 -28.54
N GLN A 345 2.25 -0.79 -28.20
CA GLN A 345 3.24 -0.36 -27.26
C GLN A 345 3.09 -0.96 -25.86
N THR A 346 1.87 -1.03 -25.37
CA THR A 346 1.61 -1.71 -24.11
C THR A 346 1.94 -3.20 -24.15
N GLN A 347 1.70 -3.85 -25.29
CA GLN A 347 2.02 -5.29 -25.42
C GLN A 347 3.53 -5.56 -25.39
N TYR A 348 4.31 -4.52 -25.60
CA TYR A 348 5.76 -4.61 -25.46
C TYR A 348 6.13 -4.30 -24.04
N THR A 349 5.66 -3.18 -23.51
CA THR A 349 6.04 -2.79 -22.17
C THR A 349 5.58 -3.76 -21.07
N ARG A 350 4.46 -4.44 -21.27
CA ARG A 350 4.02 -5.48 -20.32
C ARG A 350 5.08 -6.57 -20.13
N ALA A 351 5.86 -6.84 -21.16
CA ALA A 351 6.83 -7.91 -21.15
C ALA A 351 8.22 -7.50 -20.65
N LEU A 352 8.43 -6.23 -20.32
CA LEU A 352 9.79 -5.71 -20.07
C LEU A 352 10.54 -6.41 -18.97
N SER A 353 9.82 -6.83 -17.97
CA SER A 353 10.42 -7.50 -16.84
C SER A 353 10.63 -9.00 -17.08
N HIS A 354 10.15 -9.50 -18.21
CA HIS A 354 10.12 -10.92 -18.48
C HIS A 354 10.75 -11.33 -19.83
N GLU A 355 11.37 -10.38 -20.50
CA GLU A 355 11.80 -10.56 -21.90
C GLU A 355 13.14 -11.25 -22.00
N HIS A 356 13.73 -11.57 -20.87
CA HIS A 356 15.11 -12.04 -20.84
C HIS A 356 15.28 -13.55 -20.75
N VAL A 357 14.17 -14.29 -20.69
CA VAL A 357 14.25 -15.75 -20.51
C VAL A 357 14.26 -16.45 -21.86
N GLU A 358 14.83 -17.66 -21.88
CA GLU A 358 14.91 -18.46 -23.08
C GLU A 358 13.55 -18.70 -23.69
N LEU A 359 13.47 -18.60 -25.01
CA LEU A 359 12.20 -18.76 -25.70
C LEU A 359 11.65 -20.18 -25.51
N ARG A 360 12.51 -21.18 -25.54
CA ARG A 360 12.07 -22.56 -25.39
C ARG A 360 11.52 -22.80 -23.98
N ASP A 361 12.01 -22.05 -23.00
CA ASP A 361 11.42 -22.10 -21.65
C ASP A 361 10.05 -21.43 -21.61
N ILE A 362 9.86 -20.36 -22.37
CA ILE A 362 8.55 -19.74 -22.44
C ILE A 362 7.56 -20.75 -23.01
N PHE A 363 7.89 -21.34 -24.13
CA PHE A 363 6.99 -22.26 -24.79
C PHE A 363 6.76 -23.54 -23.96
N GLN A 364 7.78 -24.08 -23.32
CA GLN A 364 7.65 -25.27 -22.47
C GLN A 364 6.80 -25.03 -21.20
N HIS A 365 7.07 -23.97 -20.45
CA HIS A 365 6.45 -23.75 -19.19
C HIS A 365 5.19 -22.90 -19.22
N SER A 366 4.90 -22.24 -20.32
CA SER A 366 3.78 -21.28 -20.38
C SER A 366 2.81 -21.52 -21.52
N THR A 367 3.03 -22.56 -22.32
CA THR A 367 2.13 -22.91 -23.40
C THR A 367 2.03 -24.43 -23.56
N ASN A 368 1.10 -24.83 -24.40
CA ASN A 368 0.92 -26.21 -24.83
C ASN A 368 1.82 -26.47 -26.04
N TRP A 369 2.38 -25.41 -26.62
CA TRP A 369 3.18 -25.53 -27.83
C TRP A 369 4.47 -26.33 -27.61
N PRO A 370 4.95 -27.05 -28.65
CA PRO A 370 6.25 -27.72 -28.57
C PRO A 370 7.37 -26.73 -28.28
N ALA A 371 8.27 -27.10 -27.38
CA ALA A 371 9.32 -26.22 -26.91
C ALA A 371 10.20 -25.67 -28.05
N GLU A 372 10.43 -26.48 -29.08
CA GLU A 372 11.35 -26.09 -30.14
C GLU A 372 10.58 -25.43 -31.27
N THR A 373 9.37 -24.98 -31.00
CA THR A 373 8.63 -24.24 -31.99
C THR A 373 9.44 -23.00 -32.40
N PRO A 374 9.76 -22.86 -33.68
CA PRO A 374 10.45 -21.65 -34.15
C PRO A 374 9.53 -20.45 -34.37
N LEU A 375 10.08 -19.26 -34.20
CA LEU A 375 9.45 -18.05 -34.68
C LEU A 375 9.60 -18.01 -36.18
N SER A 376 8.54 -17.65 -36.89
CA SER A 376 8.61 -17.62 -38.35
C SER A 376 8.71 -16.22 -38.92
N LEU A 377 8.38 -15.23 -38.12
CA LEU A 377 8.57 -13.83 -38.53
C LEU A 377 9.18 -13.06 -37.34
N ILE A 378 10.25 -12.30 -37.60
CA ILE A 378 10.89 -11.54 -36.57
C ILE A 378 11.11 -10.11 -37.03
N VAL A 379 10.65 -9.14 -36.23
CA VAL A 379 10.86 -7.75 -36.52
C VAL A 379 11.93 -7.17 -35.60
N GLN A 380 12.98 -6.57 -36.18
CA GLN A 380 14.01 -5.87 -35.40
C GLN A 380 14.04 -4.43 -35.72
N HIS A 381 13.70 -3.61 -34.77
CA HIS A 381 13.92 -2.25 -35.00
C HIS A 381 15.34 -1.88 -34.51
N GLN A 382 16.12 -1.22 -35.36
CA GLN A 382 17.50 -0.90 -35.07
C GLN A 382 17.72 0.50 -34.46
N ASN A 383 17.24 0.72 -33.24
CA ASN A 383 17.46 1.96 -32.57
C ASN A 383 18.72 1.91 -31.76
N ILE A 384 19.80 1.60 -32.44
CA ILE A 384 21.14 1.51 -31.86
C ILE A 384 22.08 2.27 -32.79
N ASP A 385 23.36 2.37 -32.45
CA ASP A 385 24.32 3.08 -33.35
C ASP A 385 24.39 2.41 -34.69
N LEU A 386 24.28 3.22 -35.73
CA LEU A 386 24.39 2.75 -37.12
C LEU A 386 25.69 3.13 -37.81
N SER A 387 26.43 4.07 -37.22
CA SER A 387 27.75 4.49 -37.73
C SER A 387 28.74 4.32 -36.59
N PHE A 388 29.99 4.06 -36.95
CA PHE A 388 31.00 3.75 -35.94
C PHE A 388 32.26 4.52 -36.16
N SER A 389 33.03 4.68 -35.09
CA SER A 389 34.30 5.40 -35.12
C SER A 389 35.34 4.68 -34.37
N LEU A 390 36.58 4.96 -34.75
CA LEU A 390 37.74 4.45 -34.02
C LEU A 390 38.75 5.58 -34.00
N PRO A 391 38.58 6.52 -33.06
CA PRO A 391 39.35 7.79 -33.05
C PRO A 391 40.79 7.60 -32.51
N LEU A 392 41.63 6.92 -33.29
CA LEU A 392 43.02 6.71 -32.95
C LEU A 392 43.79 8.02 -33.09
N ARG A 393 44.71 8.31 -32.16
CA ARG A 393 45.54 9.57 -32.22
C ARG A 393 46.87 9.53 -32.99
N SER A 406 48.42 12.60 -36.53
CA SER A 406 47.07 12.61 -37.10
C SER A 406 46.66 11.45 -38.04
N LEU A 407 45.66 10.65 -37.62
CA LEU A 407 45.23 9.45 -38.35
C LEU A 407 43.83 9.51 -38.93
N ASP A 408 43.72 9.20 -40.21
CA ASP A 408 42.46 9.08 -40.87
C ASP A 408 41.98 7.61 -40.78
N VAL A 409 40.79 7.40 -40.21
CA VAL A 409 40.31 6.06 -39.95
C VAL A 409 38.91 5.84 -40.49
N GLN A 410 38.76 4.95 -41.47
CA GLN A 410 37.44 4.68 -42.07
C GLN A 410 36.94 3.27 -41.74
N TYR A 411 35.63 3.16 -41.62
CA TYR A 411 34.94 1.95 -41.26
C TYR A 411 34.33 1.26 -42.47
N SER A 412 34.40 -0.06 -42.50
CA SER A 412 33.60 -0.85 -43.46
C SER A 412 33.50 -2.25 -42.86
N LYS A 413 32.65 -3.10 -43.46
CA LYS A 413 32.49 -4.43 -42.92
C LYS A 413 32.14 -5.43 -43.98
N PHE A 414 32.41 -6.71 -43.66
CA PHE A 414 31.88 -7.84 -44.42
C PHE A 414 30.98 -8.63 -43.48
N ALA A 415 29.97 -9.28 -44.03
CA ALA A 415 28.97 -9.91 -43.21
C ALA A 415 28.37 -11.14 -43.85
N ARG A 416 28.16 -12.19 -43.08
CA ARG A 416 27.37 -13.31 -43.49
C ARG A 416 26.21 -13.41 -42.50
N PHE A 417 25.04 -13.72 -43.05
CA PHE A 417 23.89 -14.05 -42.29
C PHE A 417 22.92 -14.80 -43.18
N ASP A 418 22.58 -16.04 -42.82
CA ASP A 418 21.67 -16.87 -43.67
C ASP A 418 20.49 -17.44 -42.90
N PRO A 419 19.30 -16.87 -43.09
CA PRO A 419 18.16 -17.38 -42.33
C PRO A 419 17.77 -18.78 -42.72
N LEU A 420 17.10 -19.49 -41.82
CA LEU A 420 16.52 -20.81 -42.09
C LEU A 420 15.13 -20.61 -42.69
N ASP A 421 14.07 -20.97 -41.96
CA ASP A 421 12.71 -20.84 -42.53
C ASP A 421 12.03 -19.53 -42.15
N GLU A 422 12.62 -18.78 -41.22
CA GLU A 422 11.98 -17.56 -40.75
C GLU A 422 12.19 -16.37 -41.70
N VAL A 423 11.32 -15.37 -41.59
CA VAL A 423 11.51 -14.14 -42.31
C VAL A 423 11.91 -13.05 -41.30
N TRP A 424 12.90 -12.22 -41.65
CA TRP A 424 13.33 -11.08 -40.80
C TRP A 424 12.94 -9.79 -41.45
N ILE A 425 12.37 -8.90 -40.65
CA ILE A 425 12.14 -7.53 -41.09
C ILE A 425 12.94 -6.59 -40.16
N PHE A 426 13.92 -5.90 -40.73
CA PHE A 426 14.75 -4.94 -40.04
C PHE A 426 14.31 -3.54 -40.44
N THR A 427 14.27 -2.62 -39.50
CA THR A 427 14.03 -1.22 -39.82
C THR A 427 15.17 -0.36 -39.27
N GLU A 428 15.78 0.42 -40.16
CA GLU A 428 16.89 1.28 -39.80
C GLU A 428 16.45 2.73 -39.89
N PRO A 429 16.47 3.41 -38.78
CA PRO A 429 16.18 4.82 -38.75
C PRO A 429 17.38 5.73 -38.99
N HIS A 430 17.60 6.12 -40.24
CA HIS A 430 18.62 7.11 -40.59
C HIS A 430 18.06 8.53 -40.59
N ALA A 431 18.95 9.48 -40.72
CA ALA A 431 18.61 10.90 -40.66
C ALA A 431 17.67 11.32 -41.77
N ASP A 432 17.90 10.78 -42.96
CA ASP A 432 17.15 11.15 -44.16
C ASP A 432 16.04 10.18 -44.52
N ARG A 433 16.03 9.01 -43.92
CA ARG A 433 15.05 7.98 -44.28
C ARG A 433 14.90 6.91 -43.20
N LEU A 434 13.75 6.23 -43.22
CA LEU A 434 13.54 5.01 -42.47
C LEU A 434 13.63 3.92 -43.49
N GLU A 435 14.57 3.00 -43.30
CA GLU A 435 14.77 1.94 -44.24
C GLU A 435 14.19 0.63 -43.73
N VAL A 436 13.32 0.02 -44.53
CA VAL A 436 12.73 -1.26 -44.24
C VAL A 436 13.47 -2.32 -45.03
N GLN A 437 13.97 -3.33 -44.34
CA GLN A 437 14.77 -4.39 -44.96
C GLN A 437 14.17 -5.75 -44.67
N VAL A 438 13.96 -6.54 -45.71
CA VAL A 438 13.42 -7.88 -45.55
C VAL A 438 14.52 -8.83 -45.88
N CYS A 439 14.73 -9.82 -45.03
CA CYS A 439 15.74 -10.82 -45.28
C CYS A 439 15.16 -12.18 -45.06
N ALA A 440 15.22 -12.98 -46.10
CA ALA A 440 14.70 -14.36 -46.01
C ALA A 440 15.32 -15.19 -47.10
N ASN A 441 15.31 -16.50 -46.90
CA ASN A 441 15.66 -17.41 -47.98
C ASN A 441 14.67 -17.33 -49.13
N SER A 442 15.14 -17.43 -50.38
CA SER A 442 14.26 -17.32 -51.59
C SER A 442 13.22 -18.44 -51.71
N ARG A 443 13.47 -19.57 -51.09
CA ARG A 443 12.49 -20.65 -51.05
C ARG A 443 11.32 -20.32 -50.13
N VAL A 444 11.49 -19.33 -49.26
CA VAL A 444 10.43 -18.93 -48.32
C VAL A 444 9.74 -17.69 -48.83
N LEU A 445 10.50 -16.81 -49.45
CA LEU A 445 9.98 -15.57 -49.87
C LEU A 445 10.79 -15.17 -51.09
N GLY A 446 10.19 -15.34 -52.26
CA GLY A 446 10.81 -14.97 -53.52
C GLY A 446 10.87 -13.47 -53.70
N GLN A 447 11.66 -13.04 -54.67
CA GLN A 447 11.96 -11.63 -54.81
C GLN A 447 10.73 -10.75 -54.92
N GLU A 448 9.71 -11.24 -55.61
CA GLU A 448 8.56 -10.39 -55.93
C GLU A 448 7.67 -10.29 -54.73
N GLN A 449 7.62 -11.37 -54.00
CA GLN A 449 6.88 -11.44 -52.77
C GLN A 449 7.54 -10.56 -51.67
N ALA A 450 8.87 -10.58 -51.62
CA ALA A 450 9.64 -9.79 -50.67
C ALA A 450 9.50 -8.31 -50.98
N THR A 451 9.58 -7.98 -52.26
CA THR A 451 9.39 -6.60 -52.68
C THR A 451 8.02 -6.09 -52.26
N GLU A 452 7.02 -6.91 -52.41
CA GLU A 452 5.68 -6.47 -52.10
C GLU A 452 5.51 -6.33 -50.56
N LEU A 453 6.08 -7.26 -49.81
CA LEU A 453 6.07 -7.15 -48.34
C LEU A 453 6.71 -5.82 -47.86
N ALA A 454 7.88 -5.49 -48.38
CA ALA A 454 8.58 -4.26 -48.02
C ALA A 454 7.75 -3.08 -48.37
N ASN A 455 7.09 -3.12 -49.54
CA ASN A 455 6.24 -1.99 -49.95
C ASN A 455 5.02 -1.81 -49.04
N ASN A 456 4.33 -2.90 -48.73
CA ASN A 456 3.17 -2.80 -47.90
C ASN A 456 3.48 -2.29 -46.51
N ILE A 457 4.53 -2.81 -45.86
CA ILE A 457 4.88 -2.37 -44.49
C ILE A 457 5.22 -0.90 -44.54
N SER A 458 6.03 -0.49 -45.53
CA SER A 458 6.37 0.91 -45.71
C SER A 458 5.15 1.80 -45.84
N ALA A 459 4.22 1.39 -46.68
CA ALA A 459 3.06 2.21 -47.01
C ALA A 459 2.24 2.39 -45.74
N ILE A 460 2.07 1.33 -44.99
CA ILE A 460 1.27 1.39 -43.77
C ILE A 460 1.95 2.31 -42.74
N ILE A 461 3.27 2.23 -42.63
CA ILE A 461 3.97 3.08 -41.68
C ILE A 461 3.68 4.54 -42.04
N THR A 462 3.79 4.90 -43.32
CA THR A 462 3.58 6.28 -43.76
C THR A 462 2.14 6.71 -43.51
N LYS A 463 1.20 5.85 -43.86
CA LYS A 463 -0.19 6.19 -43.64
C LYS A 463 -0.49 6.44 -42.15
N PHE A 464 0.01 5.58 -41.28
CA PHE A 464 -0.12 5.79 -39.84
C PHE A 464 0.45 7.14 -39.42
N SER A 465 1.60 7.48 -39.97
CA SER A 465 2.30 8.70 -39.61
C SER A 465 1.49 9.93 -40.01
N THR A 466 1.01 9.94 -41.24
CA THR A 466 0.37 11.15 -41.79
C THR A 466 -1.03 11.37 -41.23
N ASP A 467 -1.66 10.29 -40.72
CA ASP A 467 -2.99 10.42 -40.09
C ASP A 467 -3.28 9.44 -38.93
N PRO A 468 -2.75 9.73 -37.75
CA PRO A 468 -2.90 8.86 -36.60
C PRO A 468 -4.32 8.80 -36.03
N THR A 469 -5.12 9.83 -36.29
CA THR A 469 -6.52 9.91 -35.81
C THR A 469 -7.49 9.10 -36.68
N ALA A 470 -7.05 8.71 -37.88
CA ALA A 470 -7.84 7.87 -38.78
C ALA A 470 -8.29 6.57 -38.13
N ARG A 471 -9.40 6.02 -38.60
CA ARG A 471 -9.85 4.73 -38.17
C ARG A 471 -9.26 3.67 -39.07
N LEU A 472 -9.02 2.50 -38.53
CA LEU A 472 -8.40 1.42 -39.31
C LEU A 472 -9.03 1.03 -40.65
N LEU A 473 -10.28 1.42 -40.91
CA LEU A 473 -10.84 1.34 -42.26
C LEU A 473 -10.33 2.61 -43.04
N ASP A 474 -9.11 2.44 -43.55
CA ASP A 474 -8.24 3.52 -44.02
C ASP A 474 -8.85 4.28 -45.17
N LYS B 2 10.48 25.05 -15.09
CA LYS B 2 10.16 24.44 -13.73
C LYS B 2 11.33 23.78 -12.92
N GLN B 3 11.66 24.33 -11.75
CA GLN B 3 12.90 24.01 -11.03
C GLN B 3 12.92 22.60 -10.40
N LEU B 4 14.12 22.03 -10.34
CA LEU B 4 14.31 20.74 -9.68
C LEU B 4 14.31 20.96 -8.17
N SER B 5 13.45 20.20 -7.50
CA SER B 5 13.12 20.47 -6.11
C SER B 5 13.63 19.36 -5.16
N THR B 6 13.67 18.09 -5.57
CA THR B 6 14.14 17.01 -4.69
C THR B 6 15.50 16.51 -5.10
N ASP B 7 16.12 15.71 -4.25
CA ASP B 7 17.41 15.09 -4.57
C ASP B 7 17.30 14.03 -5.66
N ALA B 8 16.19 13.31 -5.65
CA ALA B 8 15.89 12.35 -6.68
C ALA B 8 15.73 13.04 -8.06
N GLU B 9 15.07 14.20 -8.10
CA GLU B 9 14.92 14.94 -9.34
C GLU B 9 16.27 15.37 -9.84
N ARG B 10 17.16 15.80 -8.96
CA ARG B 10 18.49 16.22 -9.41
C ARG B 10 19.28 15.07 -9.98
N GLU B 11 19.27 13.94 -9.28
CA GLU B 11 20.10 12.82 -9.71
C GLU B 11 19.58 12.31 -11.05
N LEU B 12 18.26 12.27 -11.18
CA LEU B 12 17.63 11.84 -12.41
C LEU B 12 17.90 12.77 -13.60
N ALA B 13 17.97 14.05 -13.36
CA ALA B 13 18.26 15.00 -14.39
C ALA B 13 19.67 14.81 -14.92
N ASN B 14 20.59 14.57 -14.01
CA ASN B 14 21.93 14.28 -14.40
C ASN B 14 22.01 13.04 -15.28
N ILE B 15 21.23 12.04 -14.93
CA ILE B 15 21.19 10.82 -15.71
C ILE B 15 20.64 11.11 -17.12
N TRP B 16 19.55 11.87 -17.20
CA TRP B 16 18.99 12.20 -18.51
C TRP B 16 19.99 12.99 -19.32
N ALA B 17 20.70 13.90 -18.67
CA ALA B 17 21.70 14.69 -19.37
C ALA B 17 22.78 13.82 -20.02
N THR B 18 23.28 12.83 -19.30
CA THR B 18 24.32 11.97 -19.84
C THR B 18 23.75 11.10 -20.97
N VAL B 19 22.57 10.55 -20.76
CA VAL B 19 22.04 9.55 -21.66
C VAL B 19 21.55 10.19 -22.95
N LEU B 20 20.91 11.34 -22.83
CA LEU B 20 20.40 12.06 -23.99
C LEU B 20 21.45 13.03 -24.56
N ASP B 21 22.58 13.22 -23.91
CA ASP B 21 23.64 14.13 -24.39
C ASP B 21 23.11 15.55 -24.57
N ILE B 22 22.35 16.00 -23.58
CA ILE B 22 21.81 17.33 -23.54
C ILE B 22 22.31 17.99 -22.26
N PRO B 23 22.41 19.34 -22.25
CA PRO B 23 23.05 19.97 -21.09
C PRO B 23 22.09 20.06 -19.91
N ILE B 24 22.66 19.81 -18.74
CA ILE B 24 21.92 19.67 -17.49
C ILE B 24 21.04 20.89 -17.20
N GLY B 25 21.58 22.07 -17.48
CA GLY B 25 20.82 23.32 -17.31
C GLY B 25 19.49 23.43 -18.04
N THR B 26 19.26 22.60 -19.08
CA THR B 26 18.05 22.70 -19.88
C THR B 26 16.97 21.79 -19.43
N ILE B 27 17.21 21.07 -18.34
CA ILE B 27 16.27 20.04 -17.92
C ILE B 27 15.37 20.54 -16.79
N SER B 28 14.06 20.53 -17.01
CA SER B 28 13.13 20.93 -16.01
C SER B 28 12.36 19.72 -15.52
N ALA B 29 11.80 19.85 -14.33
CA ALA B 29 11.07 18.79 -13.70
C ALA B 29 9.85 18.32 -14.47
N SER B 30 9.35 19.15 -15.37
CA SER B 30 8.17 18.79 -16.19
C SER B 30 8.54 18.17 -17.55
N ASP B 31 9.85 18.07 -17.83
CA ASP B 31 10.31 17.46 -19.06
C ASP B 31 9.92 15.97 -19.22
N ASN B 32 9.57 15.65 -20.45
CA ASN B 32 9.19 14.32 -20.85
C ASN B 32 10.35 13.63 -21.57
N PHE B 33 10.72 12.46 -21.07
CA PHE B 33 11.86 11.72 -21.59
C PHE B 33 11.83 11.53 -23.12
N PHE B 34 10.67 11.16 -23.64
CA PHE B 34 10.54 10.87 -25.06
C PHE B 34 10.47 12.15 -25.90
N PHE B 35 9.82 13.18 -25.40
CA PHE B 35 9.84 14.44 -26.09
C PHE B 35 11.25 15.05 -26.18
N ARG B 36 12.12 14.82 -25.19
CA ARG B 36 13.49 15.29 -25.30
C ARG B 36 14.37 14.38 -26.17
N GLY B 37 13.79 13.34 -26.78
CA GLY B 37 14.49 12.50 -27.78
C GLY B 37 14.84 11.07 -27.36
N GLY B 38 14.41 10.64 -26.18
CA GLY B 38 14.74 9.33 -25.70
C GLY B 38 13.92 8.26 -26.36
N HIS B 39 14.49 7.05 -26.48
CA HIS B 39 13.75 5.87 -26.85
C HIS B 39 14.07 4.69 -25.91
N SER B 40 13.64 3.49 -26.28
CA SER B 40 13.68 2.35 -25.39
C SER B 40 15.12 2.06 -24.94
N ILE B 41 16.09 2.19 -25.82
CA ILE B 41 17.46 1.89 -25.49
C ILE B 41 18.08 2.93 -24.57
N ASP B 42 17.75 4.18 -24.78
CA ASP B 42 18.13 5.22 -23.84
C ASP B 42 17.56 4.95 -22.48
N ALA B 43 16.33 4.46 -22.48
CA ALA B 43 15.62 4.18 -21.20
C ALA B 43 16.34 3.06 -20.46
N MET B 44 16.76 2.06 -21.19
CA MET B 44 17.56 0.98 -20.61
C MET B 44 18.85 1.54 -19.98
N LYS B 45 19.56 2.42 -20.67
CA LYS B 45 20.76 3.01 -20.11
C LYS B 45 20.49 3.90 -18.89
N ALA B 46 19.40 4.63 -18.94
CA ALA B 46 19.01 5.50 -17.84
C ALA B 46 18.75 4.66 -16.60
N SER B 47 17.99 3.60 -16.78
CA SER B 47 17.73 2.68 -15.70
C SER B 47 19.01 2.10 -15.08
N ALA B 48 19.97 1.72 -15.91
CA ALA B 48 21.23 1.19 -15.38
C ALA B 48 22.04 2.26 -14.62
N LEU B 49 22.09 3.47 -15.14
CA LEU B 49 22.76 4.55 -14.45
C LEU B 49 22.04 4.91 -13.16
N GLY B 50 20.72 4.80 -13.16
CA GLY B 50 19.91 4.91 -11.95
C GLY B 50 20.43 3.99 -10.85
N ARG B 51 20.57 2.72 -11.17
CA ARG B 51 21.05 1.77 -10.21
C ARG B 51 22.41 2.15 -9.66
N ALA B 52 23.34 2.55 -10.49
CA ALA B 52 24.66 2.94 -10.02
C ALA B 52 24.63 4.17 -9.12
N ALA B 53 23.60 4.99 -9.22
CA ALA B 53 23.42 6.12 -8.33
C ALA B 53 22.52 5.81 -7.13
N GLY B 54 22.16 4.55 -6.93
CA GLY B 54 21.30 4.17 -5.83
C GLY B 54 19.80 4.39 -5.99
N MET B 55 19.34 4.73 -7.19
CA MET B 55 17.93 4.78 -7.47
C MET B 55 17.56 3.50 -8.14
N SER B 56 16.28 3.20 -8.16
CA SER B 56 15.81 1.93 -8.67
C SER B 56 14.51 2.13 -9.46
N PHE B 57 14.63 2.04 -10.77
CA PHE B 57 13.48 2.04 -11.65
C PHE B 57 13.88 1.28 -12.88
N GLY B 58 12.89 0.70 -13.54
CA GLY B 58 13.14 -0.02 -14.77
C GLY B 58 12.62 0.73 -15.97
N VAL B 59 12.82 0.13 -17.14
CA VAL B 59 12.38 0.74 -18.37
C VAL B 59 10.86 0.97 -18.36
N ALA B 60 10.11 0.04 -17.79
CA ALA B 60 8.64 0.17 -17.81
C ALA B 60 8.19 1.43 -17.05
N ASP B 61 8.90 1.74 -15.97
CA ASP B 61 8.60 2.91 -15.17
C ASP B 61 8.75 4.18 -15.99
N ILE B 62 9.72 4.21 -16.90
CA ILE B 62 9.93 5.34 -17.75
C ILE B 62 8.82 5.47 -18.80
N PHE B 63 8.32 4.34 -19.34
CA PHE B 63 7.13 4.43 -20.22
C PHE B 63 5.85 4.88 -19.47
N ASP B 64 5.67 4.42 -18.22
CA ASP B 64 4.46 4.72 -17.42
C ASP B 64 4.53 6.13 -16.86
N HIS B 65 5.74 6.59 -16.52
CA HIS B 65 5.94 7.90 -15.92
C HIS B 65 7.01 8.68 -16.65
N PRO B 66 6.66 9.11 -17.87
CA PRO B 66 7.64 9.76 -18.75
C PRO B 66 8.11 11.13 -18.29
N VAL B 67 7.41 11.75 -17.35
CA VAL B 67 7.76 13.09 -16.89
C VAL B 67 8.71 12.96 -15.72
N LEU B 68 9.75 13.80 -15.71
CA LEU B 68 10.84 13.62 -14.75
C LEU B 68 10.38 13.59 -13.30
N SER B 69 9.59 14.57 -12.90
CA SER B 69 9.14 14.66 -11.52
C SER B 69 8.35 13.42 -11.12
N GLU B 70 7.50 12.93 -12.02
CA GLU B 70 6.73 11.70 -11.74
C GLU B 70 7.58 10.45 -11.65
N LEU B 71 8.61 10.37 -12.48
CA LEU B 71 9.52 9.25 -12.41
C LEU B 71 10.34 9.27 -11.13
N ALA B 72 10.72 10.47 -10.69
CA ALA B 72 11.49 10.59 -9.44
C ALA B 72 10.74 10.10 -8.21
N SER B 73 9.41 10.26 -8.16
CA SER B 73 8.62 9.68 -7.07
C SER B 73 8.60 8.19 -7.01
N VAL B 74 8.46 7.54 -8.14
CA VAL B 74 8.28 6.07 -8.11
C VAL B 74 9.61 5.36 -7.99
N ALA B 75 10.74 6.06 -8.19
CA ALA B 75 12.04 5.43 -7.96
C ALA B 75 12.26 5.20 -6.45
N VAL B 76 12.94 4.12 -6.08
CA VAL B 76 13.04 3.63 -4.67
C VAL B 76 14.48 3.54 -4.13
N GLU C 10 -41.39 9.21 -41.88
CA GLU C 10 -40.87 10.64 -41.91
C GLU C 10 -40.91 11.43 -40.55
N PRO C 11 -39.74 11.88 -40.07
CA PRO C 11 -39.61 12.54 -38.76
C PRO C 11 -40.42 13.79 -38.62
N PHE C 12 -40.96 14.00 -37.45
CA PHE C 12 -41.82 15.14 -37.12
C PHE C 12 -43.23 15.01 -37.67
N SER C 13 -43.53 13.94 -38.38
CA SER C 13 -44.86 13.78 -38.95
C SER C 13 -45.93 13.52 -37.92
N LEU C 14 -45.58 13.14 -36.70
CA LEU C 14 -46.61 13.01 -35.63
C LEU C 14 -46.48 14.10 -34.60
N SER C 15 -45.63 15.08 -34.84
CA SER C 15 -45.47 16.19 -33.90
C SER C 15 -46.78 16.96 -33.72
N PRO C 16 -47.21 17.17 -32.49
CA PRO C 16 -48.39 17.98 -32.26
C PRO C 16 -48.11 19.49 -32.24
N ILE C 17 -46.85 19.88 -32.41
CA ILE C 17 -46.40 21.26 -32.35
C ILE C 17 -45.91 21.67 -33.72
N LYS C 18 -46.22 22.91 -34.11
CA LYS C 18 -45.80 23.46 -35.41
C LYS C 18 -44.31 23.61 -35.58
N ASP C 19 -43.63 24.26 -34.63
CA ASP C 19 -42.19 24.53 -34.80
C ASP C 19 -41.36 23.73 -33.76
N PRO C 20 -41.14 22.43 -34.03
CA PRO C 20 -40.46 21.60 -33.03
C PRO C 20 -39.03 22.08 -32.71
N GLN C 21 -38.30 22.56 -33.71
CA GLN C 21 -36.98 23.16 -33.48
C GLN C 21 -36.97 24.32 -32.50
N ALA C 22 -38.01 25.15 -32.49
CA ALA C 22 -38.05 26.26 -31.56
C ALA C 22 -38.16 25.77 -30.12
N LEU C 23 -38.86 24.67 -29.89
CA LEU C 23 -38.97 24.11 -28.54
C LEU C 23 -37.60 23.65 -28.05
N HIS C 24 -36.84 23.01 -28.93
CA HIS C 24 -35.53 22.51 -28.57
C HIS C 24 -34.64 23.68 -28.24
N LYS C 25 -34.69 24.72 -29.06
CA LYS C 25 -33.87 25.90 -28.80
C LYS C 25 -34.20 26.57 -27.45
N GLU C 26 -35.47 26.68 -27.13
CA GLU C 26 -35.90 27.17 -25.85
C GLU C 26 -35.36 26.34 -24.67
N LEU C 27 -35.42 25.01 -24.77
CA LEU C 27 -34.90 24.14 -23.71
C LEU C 27 -33.39 24.25 -23.55
N CYS C 28 -32.67 24.41 -24.66
CA CYS C 28 -31.22 24.66 -24.61
C CYS C 28 -30.87 25.96 -23.88
N SER C 29 -31.64 27.01 -24.15
CA SER C 29 -31.35 28.32 -23.61
C SER C 29 -31.67 28.38 -22.10
N LYS C 30 -32.55 27.51 -21.59
CA LYS C 30 -32.77 27.39 -20.16
C LYS C 30 -31.90 26.33 -19.53
N ASN C 31 -30.90 25.85 -20.26
CA ASN C 31 -29.93 24.84 -19.74
C ASN C 31 -30.55 23.55 -19.20
N VAL C 32 -31.66 23.14 -19.78
CA VAL C 32 -32.30 21.91 -19.39
C VAL C 32 -31.67 20.75 -20.12
N ILE C 33 -31.30 20.96 -21.37
CA ILE C 33 -30.63 19.94 -22.17
C ILE C 33 -29.36 20.55 -22.77
N PRO C 34 -28.42 19.72 -23.20
CA PRO C 34 -27.18 20.27 -23.75
C PRO C 34 -27.29 21.14 -25.01
N VAL C 35 -26.56 22.24 -25.03
CA VAL C 35 -26.64 23.22 -26.11
C VAL C 35 -26.15 22.67 -27.45
N THR C 36 -25.28 21.68 -27.45
CA THR C 36 -24.77 21.14 -28.70
C THR C 36 -25.61 19.99 -29.23
N SER C 37 -26.70 19.65 -28.56
CA SER C 37 -27.57 18.61 -29.05
C SER C 37 -28.40 19.13 -30.21
N THR C 38 -28.89 18.22 -31.04
CA THR C 38 -29.86 18.54 -32.09
C THR C 38 -31.14 17.78 -31.89
N LEU C 39 -32.21 18.22 -32.54
CA LEU C 39 -33.50 17.55 -32.42
C LEU C 39 -33.68 16.64 -33.60
N GLU C 40 -33.73 15.33 -33.33
CA GLU C 40 -33.89 14.31 -34.35
C GLU C 40 -35.38 14.07 -34.62
N ASP C 41 -36.23 14.19 -33.63
CA ASP C 41 -37.63 13.90 -33.80
C ASP C 41 -38.43 14.42 -32.63
N LEU C 42 -39.74 14.45 -32.77
CA LEU C 42 -40.60 14.88 -31.70
C LEU C 42 -41.91 14.19 -31.87
N LEU C 43 -42.36 13.47 -30.83
CA LEU C 43 -43.60 12.65 -30.91
C LEU C 43 -44.42 12.75 -29.65
N PRO C 44 -45.70 12.41 -29.73
CA PRO C 44 -46.46 12.32 -28.48
C PRO C 44 -45.94 11.18 -27.62
N ALA C 45 -46.06 11.35 -26.33
CA ALA C 45 -45.81 10.28 -25.40
C ALA C 45 -47.07 9.39 -25.30
N THR C 46 -46.93 8.08 -25.14
CA THR C 46 -48.07 7.19 -25.05
C THR C 46 -48.71 7.26 -23.67
N GLN C 47 -49.96 6.82 -23.59
CA GLN C 47 -50.68 6.79 -22.33
C GLN C 47 -49.93 5.94 -21.31
N ALA C 48 -49.40 4.81 -21.74
CA ALA C 48 -48.62 3.96 -20.85
C ALA C 48 -47.33 4.63 -20.35
N GLN C 49 -46.60 5.29 -21.24
CA GLN C 49 -45.47 6.06 -20.82
C GLN C 49 -45.90 7.03 -19.72
N HIS C 50 -47.03 7.69 -19.95
CA HIS C 50 -47.52 8.70 -19.03
C HIS C 50 -47.96 8.09 -17.69
N VAL C 51 -48.50 6.89 -17.72
CA VAL C 51 -48.87 6.22 -16.48
C VAL C 51 -47.67 6.12 -15.56
N PHE C 52 -46.55 5.72 -16.13
CA PHE C 52 -45.33 5.57 -15.36
C PHE C 52 -44.76 6.90 -14.88
N ILE C 53 -44.79 7.90 -15.74
CA ILE C 53 -44.25 9.19 -15.41
C ILE C 53 -45.05 9.80 -14.26
N LYS C 54 -46.37 9.67 -14.26
CA LYS C 54 -47.19 10.27 -13.20
C LYS C 54 -47.00 9.56 -11.88
N ARG C 55 -46.50 8.34 -11.90
CA ARG C 55 -46.32 7.60 -10.66
C ARG C 55 -44.88 7.62 -10.19
N GLY C 56 -44.07 8.48 -10.77
CA GLY C 56 -42.68 8.61 -10.38
C GLY C 56 -41.85 7.35 -10.59
N THR C 57 -42.19 6.53 -11.58
CA THR C 57 -41.51 5.30 -11.77
C THR C 57 -40.09 5.50 -12.34
N PHE C 58 -39.10 5.12 -11.52
CA PHE C 58 -37.74 5.51 -11.76
C PHE C 58 -36.81 4.50 -11.12
N HIS C 59 -35.78 4.08 -11.85
CA HIS C 59 -34.95 2.99 -11.43
C HIS C 59 -33.47 3.36 -11.54
N SER C 60 -32.71 2.75 -10.64
CA SER C 60 -31.28 2.74 -10.74
C SER C 60 -30.80 1.30 -10.85
N TYR C 61 -30.22 0.95 -11.99
CA TYR C 61 -29.72 -0.38 -12.21
C TYR C 61 -28.26 -0.32 -11.95
N ASN C 62 -27.83 -1.08 -10.98
CA ASN C 62 -26.52 -0.98 -10.37
C ASN C 62 -25.70 -2.27 -10.64
N TRP C 63 -24.49 -2.08 -11.13
CA TRP C 63 -23.62 -3.17 -11.42
C TRP C 63 -22.35 -3.00 -10.63
N THR C 64 -22.13 -3.90 -9.66
CA THR C 64 -20.88 -3.93 -8.92
C THR C 64 -19.87 -4.77 -9.68
N ILE C 65 -18.77 -4.15 -10.08
CA ILE C 65 -17.74 -4.79 -10.89
C ILE C 65 -16.41 -4.89 -10.12
N LYS C 66 -15.90 -6.10 -9.92
CA LYS C 66 -14.63 -6.35 -9.20
C LYS C 66 -13.61 -7.11 -10.03
N GLY C 67 -12.37 -6.63 -10.05
CA GLY C 67 -11.26 -7.29 -10.74
C GLY C 67 -10.22 -6.31 -11.17
N ARG C 68 -9.04 -6.81 -11.51
CA ARG C 68 -7.91 -5.90 -11.79
C ARG C 68 -7.94 -5.39 -13.24
N SER C 69 -8.64 -6.11 -14.12
CA SER C 69 -8.56 -5.83 -15.55
C SER C 69 -9.59 -4.80 -16.00
N LEU C 70 -10.39 -4.29 -15.08
CA LEU C 70 -11.41 -3.30 -15.43
C LEU C 70 -10.86 -2.06 -16.08
N ASN C 71 -11.48 -1.62 -17.17
CA ASN C 71 -11.01 -0.48 -17.93
C ASN C 71 -11.99 0.68 -17.91
N MET C 72 -11.64 1.71 -17.18
CA MET C 72 -12.55 2.78 -16.84
C MET C 72 -12.88 3.62 -18.05
N ASP C 73 -11.89 3.86 -18.91
CA ASP C 73 -12.14 4.61 -20.14
C ASP C 73 -13.15 3.90 -21.01
N ARG C 74 -13.03 2.59 -21.06
CA ARG C 74 -13.86 1.80 -21.91
C ARG C 74 -15.30 1.73 -21.34
N LEU C 75 -15.45 1.75 -20.02
CA LEU C 75 -16.77 1.88 -19.43
C LEU C 75 -17.42 3.18 -19.84
N ARG C 76 -16.68 4.27 -19.75
CA ARG C 76 -17.19 5.61 -20.10
C ARG C 76 -17.62 5.66 -21.54
N GLU C 77 -16.78 5.16 -22.42
CA GLU C 77 -17.11 5.16 -23.84
C GLU C 77 -18.32 4.28 -24.14
N THR C 78 -18.48 3.20 -23.40
CA THR C 78 -19.59 2.31 -23.62
C THR C 78 -20.93 2.99 -23.31
N CYS C 79 -21.00 3.72 -22.21
CA CYS C 79 -22.15 4.52 -21.92
C CYS C 79 -22.50 5.45 -23.10
N GLN C 80 -21.50 6.14 -23.65
CA GLN C 80 -21.75 7.02 -24.79
C GLN C 80 -22.30 6.24 -25.99
N SER C 81 -21.70 5.09 -26.30
CA SER C 81 -22.14 4.30 -27.45
C SER C 81 -23.52 3.69 -27.29
N LEU C 82 -23.86 3.34 -26.06
CA LEU C 82 -25.13 2.76 -25.78
C LEU C 82 -26.24 3.76 -26.06
N VAL C 83 -26.02 5.02 -25.64
CA VAL C 83 -26.98 6.09 -25.89
C VAL C 83 -27.05 6.44 -27.37
N ASP C 84 -25.93 6.39 -28.08
CA ASP C 84 -25.95 6.61 -29.54
C ASP C 84 -26.81 5.57 -30.27
N ARG C 85 -26.76 4.33 -29.79
CA ARG C 85 -27.48 3.23 -30.42
C ARG C 85 -29.02 3.25 -30.19
N HIS C 86 -29.47 3.70 -29.02
CA HIS C 86 -30.91 3.59 -28.65
C HIS C 86 -31.51 4.94 -28.41
N SER C 87 -32.39 5.36 -29.31
CA SER C 87 -32.83 6.74 -29.22
C SER C 87 -33.73 7.02 -28.03
N ILE C 88 -34.42 6.02 -27.51
CA ILE C 88 -35.23 6.25 -26.31
C ILE C 88 -34.35 6.71 -25.15
N LEU C 89 -33.08 6.32 -25.18
CA LEU C 89 -32.15 6.71 -24.12
C LEU C 89 -31.71 8.17 -24.23
N ARG C 90 -31.94 8.80 -25.37
CA ARG C 90 -31.64 10.19 -25.54
C ARG C 90 -32.89 10.99 -25.81
N THR C 91 -33.95 10.60 -25.12
CA THR C 91 -35.23 11.21 -25.21
C THR C 91 -35.50 12.00 -23.92
N SER C 92 -36.09 13.17 -24.12
CA SER C 92 -36.46 14.11 -23.08
C SER C 92 -37.98 14.25 -23.14
N PHE C 93 -38.63 14.44 -22.00
CA PHE C 93 -40.09 14.50 -21.94
C PHE C 93 -40.52 15.84 -21.44
N VAL C 94 -41.60 16.36 -22.01
CA VAL C 94 -42.10 17.66 -21.64
C VAL C 94 -43.61 17.73 -21.85
N GLU C 95 -44.28 18.68 -21.22
CA GLU C 95 -45.70 18.90 -21.49
C GLU C 95 -46.04 20.04 -22.43
N HIS C 96 -47.03 19.82 -23.27
CA HIS C 96 -47.52 20.87 -24.18
C HIS C 96 -49.03 20.81 -24.25
N GLU C 97 -49.69 21.90 -23.84
CA GLU C 97 -51.15 21.96 -23.78
C GLU C 97 -51.66 20.85 -22.86
N GLY C 98 -50.95 20.60 -21.76
CA GLY C 98 -51.32 19.55 -20.81
C GLY C 98 -50.97 18.13 -21.22
N HIS C 99 -50.43 17.93 -22.43
CA HIS C 99 -50.07 16.61 -22.97
C HIS C 99 -48.58 16.33 -23.10
N PRO C 100 -48.16 15.15 -22.70
CA PRO C 100 -46.73 14.85 -22.68
C PRO C 100 -46.19 14.51 -24.05
N ILE C 101 -45.08 15.11 -24.43
CA ILE C 101 -44.41 14.79 -25.69
C ILE C 101 -42.99 14.33 -25.43
N GLN C 102 -42.40 13.67 -26.43
CA GLN C 102 -41.05 13.21 -26.34
C GLN C 102 -40.18 13.87 -27.39
N LEU C 103 -39.03 14.39 -26.98
CA LEU C 103 -38.05 14.98 -27.86
C LEU C 103 -36.90 14.04 -27.97
N VAL C 104 -36.57 13.63 -29.19
CA VAL C 104 -35.51 12.69 -29.39
C VAL C 104 -34.32 13.47 -29.83
N LEU C 105 -33.25 13.45 -29.03
CA LEU C 105 -32.08 14.24 -29.28
C LEU C 105 -31.04 13.44 -30.00
N ALA C 106 -30.21 14.12 -30.77
CA ALA C 106 -29.01 13.53 -31.38
C ALA C 106 -27.81 14.43 -31.08
N ASN C 107 -26.62 14.02 -31.52
CA ASN C 107 -25.37 14.69 -31.12
C ASN C 107 -25.32 14.94 -29.66
N LEU C 108 -25.68 13.92 -28.90
CA LEU C 108 -25.81 14.06 -27.47
C LEU C 108 -24.58 13.49 -26.80
N ASP C 109 -23.84 14.35 -26.10
CA ASP C 109 -22.66 13.93 -25.36
C ASP C 109 -23.04 13.45 -23.97
N VAL C 110 -22.68 12.23 -23.64
CA VAL C 110 -22.99 11.66 -22.33
C VAL C 110 -21.89 11.96 -21.33
N LYS C 111 -22.26 12.57 -20.21
CA LYS C 111 -21.30 12.92 -19.18
C LYS C 111 -21.56 12.08 -17.95
N VAL C 112 -20.59 11.25 -17.58
CA VAL C 112 -20.76 10.35 -16.47
C VAL C 112 -20.47 11.11 -15.16
N ARG C 113 -21.35 10.98 -14.19
CA ARG C 113 -21.10 11.44 -12.85
C ARG C 113 -20.10 10.47 -12.21
N GLU C 114 -18.98 10.99 -11.70
CA GLU C 114 -17.97 10.12 -11.12
C GLU C 114 -17.68 10.43 -9.68
N VAL C 115 -17.54 9.38 -8.89
CA VAL C 115 -17.11 9.52 -7.51
C VAL C 115 -15.89 8.68 -7.20
N GLN C 116 -14.83 9.30 -6.65
CA GLN C 116 -13.68 8.57 -6.12
C GLN C 116 -13.81 8.57 -4.62
N CYS C 117 -14.11 7.39 -4.06
CA CYS C 117 -14.33 7.22 -2.62
C CYS C 117 -13.09 7.26 -1.75
N TRP C 118 -13.33 7.50 -0.46
CA TRP C 118 -12.29 7.38 0.57
C TRP C 118 -11.92 5.93 0.70
N PRO C 119 -10.67 5.65 1.14
CA PRO C 119 -10.33 4.25 1.50
C PRO C 119 -11.30 3.68 2.51
N GLY C 120 -11.74 2.44 2.28
CA GLY C 120 -12.66 1.78 3.19
C GLY C 120 -14.13 2.12 2.96
N GLU C 121 -14.43 3.13 2.13
CA GLU C 121 -15.82 3.56 1.91
C GLU C 121 -16.46 2.57 0.90
N ASP C 122 -17.67 2.08 1.22
CA ASP C 122 -18.39 1.17 0.32
C ASP C 122 -19.07 1.96 -0.81
N PRO C 123 -18.66 1.70 -2.05
CA PRO C 123 -19.21 2.40 -3.21
C PRO C 123 -20.74 2.34 -3.27
N MET C 124 -21.32 1.21 -2.89
CA MET C 124 -22.74 1.06 -2.97
C MET C 124 -23.46 1.95 -1.95
N GLU C 125 -22.85 2.18 -0.79
CA GLU C 125 -23.45 3.07 0.21
C GLU C 125 -23.46 4.53 -0.27
N VAL C 126 -22.47 4.90 -1.05
CA VAL C 126 -22.46 6.19 -1.69
C VAL C 126 -23.59 6.35 -2.72
N CYS C 127 -23.77 5.35 -3.58
CA CYS C 127 -24.90 5.34 -4.52
C CYS C 127 -26.24 5.45 -3.83
N LYS C 128 -26.43 4.64 -2.80
CA LYS C 128 -27.65 4.69 -2.03
C LYS C 128 -27.88 6.10 -1.43
N ALA C 129 -26.83 6.71 -0.90
CA ALA C 129 -26.94 8.04 -0.34
C ALA C 129 -27.33 9.09 -1.38
N LEU C 130 -26.74 9.04 -2.57
CA LEU C 130 -27.12 9.95 -3.64
C LEU C 130 -28.54 9.70 -4.14
N TRP C 131 -28.92 8.42 -4.20
CA TRP C 131 -30.26 8.05 -4.60
C TRP C 131 -31.29 8.66 -3.67
N ASP C 132 -31.19 8.37 -2.37
CA ASP C 132 -32.15 8.82 -1.39
C ASP C 132 -32.04 10.29 -1.04
N GLY C 133 -30.85 10.83 -1.18
CA GLY C 133 -30.65 12.23 -0.81
C GLY C 133 -31.05 13.22 -1.88
N LYS C 134 -30.93 12.86 -3.17
CA LYS C 134 -31.31 13.83 -4.20
C LYS C 134 -31.84 13.27 -5.52
N ASP C 135 -31.37 12.11 -5.94
CA ASP C 135 -31.66 11.64 -7.28
C ASP C 135 -33.18 11.41 -7.49
N TRP C 136 -33.86 10.69 -6.60
CA TRP C 136 -35.31 10.57 -6.72
C TRP C 136 -36.15 11.68 -6.07
N PRO C 137 -35.74 12.19 -4.92
CA PRO C 137 -36.61 13.26 -4.41
C PRO C 137 -36.72 14.50 -5.30
N THR C 138 -35.72 14.79 -6.13
CA THR C 138 -35.77 16.00 -6.97
C THR C 138 -36.10 15.65 -8.41
N LEU C 139 -36.53 14.42 -8.64
CA LEU C 139 -36.87 13.95 -9.98
C LEU C 139 -38.05 14.73 -10.55
N ASN C 140 -37.89 15.22 -11.75
CA ASN C 140 -38.95 15.91 -12.40
C ASN C 140 -38.87 15.64 -13.89
N VAL C 141 -39.37 14.48 -14.27
CA VAL C 141 -39.18 14.03 -15.64
C VAL C 141 -39.78 15.01 -16.66
N LEU C 142 -40.96 15.55 -16.35
CA LEU C 142 -41.66 16.44 -17.25
C LEU C 142 -41.06 17.83 -17.36
N GLY C 143 -40.03 18.10 -16.58
CA GLY C 143 -39.25 19.33 -16.77
C GLY C 143 -38.31 19.28 -17.96
N GLY C 144 -38.20 18.13 -18.60
CA GLY C 144 -37.43 18.00 -19.85
C GLY C 144 -35.98 17.60 -19.73
N SER C 145 -35.49 17.45 -18.51
CA SER C 145 -34.10 17.00 -18.28
C SER C 145 -34.02 15.50 -18.57
N LEU C 146 -32.97 15.05 -19.25
CA LEU C 146 -32.86 13.65 -19.67
C LEU C 146 -32.91 12.71 -18.47
N PRO C 147 -33.86 11.79 -18.46
CA PRO C 147 -33.89 10.86 -17.35
C PRO C 147 -32.70 9.84 -17.36
N VAL C 148 -32.19 9.45 -18.53
CA VAL C 148 -31.13 8.47 -18.56
C VAL C 148 -29.73 9.09 -18.31
N ARG C 149 -29.10 8.68 -17.21
CA ARG C 149 -27.84 9.22 -16.75
C ARG C 149 -27.03 8.14 -16.08
N PHE C 150 -25.73 8.22 -16.20
CA PHE C 150 -24.81 7.23 -15.68
C PHE C 150 -23.91 7.77 -14.55
N THR C 151 -23.63 6.91 -13.56
CA THR C 151 -22.80 7.21 -12.44
C THR C 151 -21.77 6.08 -12.29
N LEU C 152 -20.53 6.47 -11.98
CA LEU C 152 -19.43 5.53 -11.81
C LEU C 152 -18.74 5.83 -10.47
N VAL C 153 -18.89 4.93 -9.50
CA VAL C 153 -18.36 5.12 -8.17
C VAL C 153 -17.23 4.14 -7.90
N SER C 154 -16.01 4.63 -7.67
CA SER C 154 -14.83 3.74 -7.53
C SER C 154 -14.13 3.86 -6.20
N CYS C 155 -13.67 2.72 -5.71
CA CYS C 155 -12.65 2.67 -4.67
C CYS C 155 -11.32 3.03 -5.25
N PRO C 156 -10.42 3.53 -4.40
CA PRO C 156 -9.05 3.79 -4.87
C PRO C 156 -8.41 2.49 -5.34
N GLY C 157 -7.76 2.55 -6.50
CA GLY C 157 -7.25 1.35 -7.20
C GLY C 157 -8.09 0.95 -8.43
N ASN C 158 -9.39 1.30 -8.43
CA ASN C 158 -10.31 0.96 -9.51
C ASN C 158 -10.47 -0.54 -9.75
N GLU C 159 -10.43 -1.32 -8.67
CA GLU C 159 -10.68 -2.76 -8.74
C GLU C 159 -12.02 -3.14 -8.14
N HIS C 160 -12.75 -2.15 -7.67
CA HIS C 160 -14.07 -2.34 -7.09
C HIS C 160 -14.84 -1.06 -7.48
N VAL C 161 -15.81 -1.22 -8.36
CA VAL C 161 -16.48 -0.10 -8.97
C VAL C 161 -17.96 -0.38 -9.03
N VAL C 162 -18.79 0.62 -8.84
CA VAL C 162 -20.19 0.47 -9.08
C VAL C 162 -20.59 1.35 -10.18
N LEU C 163 -21.21 0.74 -11.20
CA LEU C 163 -21.76 1.47 -12.33
C LEU C 163 -23.27 1.51 -12.19
N THR C 164 -23.84 2.69 -12.45
CA THR C 164 -25.26 2.91 -12.28
C THR C 164 -25.89 3.55 -13.50
N ILE C 165 -27.05 3.04 -13.90
CA ILE C 165 -27.84 3.59 -14.99
C ILE C 165 -29.15 3.95 -14.38
N GLN C 166 -29.48 5.22 -14.42
CA GLN C 166 -30.81 5.65 -14.00
C GLN C 166 -31.70 5.82 -15.21
N ILE C 167 -32.98 5.54 -15.04
CA ILE C 167 -33.89 5.50 -16.17
C ILE C 167 -35.33 5.56 -15.71
N SER C 168 -36.15 6.20 -16.49
CA SER C 168 -37.61 6.28 -16.25
C SER C 168 -38.27 5.08 -16.90
N HIS C 169 -39.32 4.56 -16.29
CA HIS C 169 -39.98 3.38 -16.83
C HIS C 169 -40.69 3.66 -18.15
N SER C 170 -40.82 4.92 -18.50
CA SER C 170 -41.31 5.29 -19.81
C SER C 170 -40.33 4.96 -20.90
N GLN C 171 -39.14 4.48 -20.56
CA GLN C 171 -38.09 4.23 -21.50
C GLN C 171 -37.70 2.76 -21.60
N TRP C 172 -38.33 1.87 -20.84
CA TRP C 172 -38.01 0.45 -20.96
C TRP C 172 -39.21 -0.40 -20.61
N ASP C 173 -39.13 -1.66 -20.97
CA ASP C 173 -40.01 -2.68 -20.43
C ASP C 173 -39.32 -4.02 -20.24
N GLY C 174 -40.06 -5.00 -19.73
CA GLY C 174 -39.43 -6.26 -19.30
C GLY C 174 -38.83 -7.08 -20.44
N VAL C 175 -39.44 -6.99 -21.58
CA VAL C 175 -38.93 -7.67 -22.72
C VAL C 175 -37.61 -7.10 -23.20
N SER C 176 -37.46 -5.78 -23.11
CA SER C 176 -36.38 -5.10 -23.79
C SER C 176 -35.24 -4.66 -22.85
N ILE C 177 -35.51 -4.51 -21.55
CA ILE C 177 -34.42 -4.16 -20.66
C ILE C 177 -33.18 -5.12 -20.73
N PRO C 178 -33.37 -6.47 -20.86
CA PRO C 178 -32.16 -7.31 -20.97
C PRO C 178 -31.29 -6.96 -22.15
N LYS C 179 -31.89 -6.39 -23.17
CA LYS C 179 -31.15 -5.99 -24.34
C LYS C 179 -30.31 -4.76 -24.07
N LEU C 180 -30.72 -3.94 -23.14
CA LEU C 180 -29.90 -2.83 -22.76
C LEU C 180 -28.63 -3.36 -22.11
N PHE C 181 -28.74 -4.33 -21.21
CA PHE C 181 -27.56 -4.90 -20.57
C PHE C 181 -26.69 -5.75 -21.52
N SER C 182 -27.30 -6.55 -22.38
CA SER C 182 -26.46 -7.33 -23.29
C SER C 182 -25.77 -6.45 -24.29
N ASP C 183 -26.43 -5.37 -24.71
CA ASP C 183 -25.79 -4.44 -25.65
C ASP C 183 -24.62 -3.71 -24.97
N PHE C 184 -24.80 -3.30 -23.71
CA PHE C 184 -23.74 -2.70 -22.97
C PHE C 184 -22.51 -3.65 -22.92
N ALA C 185 -22.73 -4.91 -22.59
CA ALA C 185 -21.63 -5.82 -22.52
C ALA C 185 -20.93 -5.99 -23.87
N ALA C 186 -21.71 -6.15 -24.91
CA ALA C 186 -21.14 -6.35 -26.24
C ALA C 186 -20.31 -5.14 -26.64
N ILE C 187 -20.79 -3.95 -26.35
CA ILE C 187 -20.05 -2.74 -26.73
C ILE C 187 -18.76 -2.63 -25.89
N TYR C 188 -18.83 -2.91 -24.60
CA TYR C 188 -17.65 -2.96 -23.78
C TYR C 188 -16.64 -3.99 -24.33
N ASN C 189 -17.12 -5.18 -24.63
CA ASN C 189 -16.28 -6.27 -25.10
C ASN C 189 -15.82 -6.09 -26.52
N GLN C 190 -16.32 -5.07 -27.21
CA GLN C 190 -16.10 -4.86 -28.66
C GLN C 190 -16.52 -6.06 -29.52
N THR C 191 -17.66 -6.63 -29.19
CA THR C 191 -18.38 -7.70 -29.92
C THR C 191 -19.33 -6.99 -30.88
N PRO C 192 -19.54 -7.53 -32.09
CA PRO C 192 -20.47 -6.83 -33.02
C PRO C 192 -21.96 -6.95 -32.64
N LEU C 193 -22.74 -5.95 -33.05
CA LEU C 193 -24.18 -5.91 -32.78
C LEU C 193 -24.98 -5.72 -34.05
N PRO C 194 -26.08 -6.46 -34.18
CA PRO C 194 -26.98 -6.20 -35.32
C PRO C 194 -27.64 -4.83 -35.21
N PRO C 195 -28.07 -4.25 -36.35
CA PRO C 195 -28.87 -3.02 -36.24
C PRO C 195 -30.22 -3.30 -35.57
N THR C 196 -30.81 -2.23 -35.04
CA THR C 196 -32.06 -2.32 -34.31
C THR C 196 -32.96 -1.15 -34.71
N SER C 197 -34.21 -1.15 -34.25
CA SER C 197 -35.09 0.01 -34.39
C SER C 197 -35.23 0.74 -33.09
N ASP C 198 -35.93 1.85 -33.16
CA ASP C 198 -36.18 2.80 -32.10
C ASP C 198 -37.60 2.62 -31.59
N PHE C 199 -37.87 3.20 -30.42
CA PHE C 199 -39.24 3.30 -29.95
C PHE C 199 -40.06 4.20 -30.87
N ALA C 200 -39.45 5.23 -31.45
CA ALA C 200 -40.17 6.05 -32.42
C ALA C 200 -40.76 5.23 -33.59
N HIS C 201 -39.99 4.30 -34.12
CA HIS C 201 -40.47 3.43 -35.20
C HIS C 201 -41.69 2.65 -34.77
N TYR C 202 -41.78 2.28 -33.50
CA TYR C 202 -42.96 1.57 -33.01
C TYR C 202 -44.18 2.47 -33.08
N LEU C 203 -44.01 3.75 -32.73
CA LEU C 203 -45.13 4.67 -32.72
C LEU C 203 -45.60 4.95 -34.14
N TYR C 204 -44.66 5.09 -35.06
CA TYR C 204 -45.03 5.31 -36.48
C TYR C 204 -45.75 4.11 -37.05
N HIS C 205 -45.28 2.92 -36.70
CA HIS C 205 -45.93 1.73 -37.18
C HIS C 205 -47.37 1.59 -36.66
N ARG C 206 -47.64 1.85 -35.39
CA ARG C 206 -49.02 1.81 -34.86
C ARG C 206 -49.96 2.73 -35.60
N VAL C 207 -49.49 3.94 -35.93
CA VAL C 207 -50.33 4.91 -36.59
C VAL C 207 -50.62 4.49 -38.05
N SER C 208 -49.65 3.92 -38.74
CA SER C 208 -49.83 3.51 -40.12
C SER C 208 -50.83 2.37 -40.28
N SER C 209 -51.09 1.63 -39.20
CA SER C 209 -52.00 0.47 -39.26
C SER C 209 -53.41 0.85 -38.82
N ALA C 210 -53.57 2.04 -38.26
CA ALA C 210 -54.88 2.55 -37.90
C ALA C 210 -55.60 3.07 -39.18
N ARG C 211 -56.93 2.95 -39.18
CA ARG C 211 -57.74 3.42 -40.30
C ARG C 211 -58.17 4.82 -39.99
N GLU C 212 -58.34 5.63 -41.03
CA GLU C 212 -58.68 7.03 -40.82
C GLU C 212 -60.10 7.20 -40.33
N ASP C 213 -61.02 6.34 -40.76
CA ASP C 213 -62.36 6.30 -40.16
C ASP C 213 -62.34 5.31 -39.02
N VAL C 214 -62.66 5.76 -37.83
CA VAL C 214 -62.44 5.00 -36.64
C VAL C 214 -63.55 3.98 -36.45
N GLN C 215 -64.72 4.24 -37.03
CA GLN C 215 -65.85 3.31 -36.98
C GLN C 215 -65.66 2.15 -37.97
N GLN C 216 -64.67 2.24 -38.87
CA GLN C 216 -64.27 1.12 -39.77
C GLN C 216 -63.05 0.35 -39.31
N ASP C 217 -62.52 0.67 -38.14
CA ASP C 217 -61.30 0.04 -37.66
C ASP C 217 -61.67 -1.25 -36.94
N PRO C 218 -61.22 -2.39 -37.48
CA PRO C 218 -61.58 -3.67 -36.88
C PRO C 218 -61.28 -3.72 -35.35
N THR C 219 -60.25 -3.00 -34.94
CA THR C 219 -59.84 -2.96 -33.57
C THR C 219 -60.88 -2.30 -32.69
N PHE C 220 -61.43 -1.17 -33.10
CA PHE C 220 -62.47 -0.56 -32.27
C PHE C 220 -63.81 -1.27 -32.39
N GLN C 221 -64.02 -1.94 -33.51
CA GLN C 221 -65.16 -2.83 -33.63
C GLN C 221 -65.00 -3.98 -32.66
N PHE C 222 -63.81 -4.56 -32.62
CA PHE C 222 -63.58 -5.65 -31.68
C PHE C 222 -63.89 -5.25 -30.25
N TRP C 223 -63.34 -4.12 -29.81
CA TRP C 223 -63.47 -3.75 -28.42
C TRP C 223 -64.91 -3.43 -28.08
N ARG C 224 -65.63 -2.86 -29.04
CA ARG C 224 -67.07 -2.58 -28.87
C ARG C 224 -67.86 -3.86 -28.57
N HIS C 225 -67.67 -4.91 -29.39
CA HIS C 225 -68.35 -6.20 -29.09
C HIS C 225 -67.79 -6.81 -27.83
N TYR C 226 -66.48 -6.76 -27.63
CA TYR C 226 -65.86 -7.39 -26.45
C TYR C 226 -66.38 -6.85 -25.14
N LEU C 227 -66.62 -5.54 -25.09
CA LEU C 227 -67.05 -4.86 -23.89
C LEU C 227 -68.56 -4.58 -23.79
N ASP C 228 -69.30 -4.98 -24.81
CA ASP C 228 -70.75 -4.74 -24.86
C ASP C 228 -71.48 -5.23 -23.60
N GLY C 229 -72.19 -4.31 -22.94
CA GLY C 229 -72.94 -4.63 -21.75
C GLY C 229 -72.11 -4.77 -20.50
N ALA C 230 -70.81 -4.48 -20.58
CA ALA C 230 -69.94 -4.70 -19.45
C ALA C 230 -69.97 -3.48 -18.58
N LYS C 231 -69.71 -3.68 -17.30
CA LYS C 231 -69.47 -2.58 -16.36
C LYS C 231 -68.11 -2.84 -15.70
N MET C 232 -67.37 -1.77 -15.50
CA MET C 232 -66.08 -1.89 -14.83
C MET C 232 -66.17 -1.38 -13.41
N ALA C 233 -66.21 -2.30 -12.46
CA ALA C 233 -66.39 -1.95 -11.08
C ALA C 233 -65.06 -1.60 -10.48
N VAL C 234 -65.14 -0.82 -9.41
CA VAL C 234 -63.99 -0.42 -8.62
C VAL C 234 -63.97 -1.26 -7.35
N PRO C 235 -63.12 -2.28 -7.30
CA PRO C 235 -63.14 -3.16 -6.14
C PRO C 235 -62.59 -2.58 -4.85
N PHE C 236 -61.76 -1.55 -4.95
CA PHE C 236 -61.22 -0.88 -3.76
C PHE C 236 -61.29 0.64 -4.00
N ALA C 237 -62.26 1.28 -3.35
CA ALA C 237 -62.46 2.74 -3.36
C ALA C 237 -61.53 3.26 -2.30
N PRO C 238 -60.84 4.37 -2.58
CA PRO C 238 -60.29 5.17 -1.45
C PRO C 238 -61.40 5.68 -0.54
N GLN C 255 -49.29 6.70 1.89
CA GLN C 255 -48.09 5.88 1.58
C GLN C 255 -48.24 4.56 0.75
N THR C 256 -47.26 4.31 -0.11
CA THR C 256 -47.22 3.15 -0.99
C THR C 256 -46.85 1.88 -0.22
N LEU C 257 -47.63 0.80 -0.34
CA LEU C 257 -47.33 -0.46 0.35
C LEU C 257 -47.18 -1.63 -0.59
N TRP C 258 -46.18 -2.45 -0.33
CA TRP C 258 -45.96 -3.69 -1.01
C TRP C 258 -46.23 -4.84 -0.05
N THR C 259 -46.98 -5.83 -0.48
CA THR C 259 -47.24 -7.01 0.31
C THR C 259 -46.96 -8.27 -0.52
N PHE C 260 -46.24 -9.24 0.06
CA PHE C 260 -45.78 -10.41 -0.66
C PHE C 260 -46.38 -11.68 -0.10
N LYS C 261 -46.54 -12.68 -0.96
CA LYS C 261 -46.90 -14.02 -0.54
C LYS C 261 -46.41 -15.07 -1.53
N GLY C 262 -45.54 -15.96 -1.06
CA GLY C 262 -45.06 -17.10 -1.87
C GLY C 262 -45.87 -18.37 -1.75
N ILE C 263 -46.01 -19.09 -2.86
CA ILE C 263 -46.58 -20.45 -2.87
C ILE C 263 -45.71 -21.36 -3.72
N VAL C 264 -45.95 -22.66 -3.61
CA VAL C 264 -45.22 -23.65 -4.40
C VAL C 264 -45.59 -23.45 -5.86
N PRO C 265 -44.63 -23.56 -6.81
CA PRO C 265 -45.02 -23.26 -8.19
C PRO C 265 -46.13 -24.19 -8.64
N PRO C 266 -47.25 -23.62 -9.08
CA PRO C 266 -48.39 -24.39 -9.54
C PRO C 266 -48.06 -25.29 -10.73
N THR C 267 -48.68 -26.44 -10.78
CA THR C 267 -48.61 -27.33 -11.90
C THR C 267 -49.66 -26.85 -12.88
N LEU C 268 -49.28 -26.76 -14.14
CA LEU C 268 -50.15 -26.21 -15.15
C LEU C 268 -50.98 -27.31 -15.82
N PRO C 269 -52.29 -27.13 -15.83
CA PRO C 269 -53.12 -28.01 -16.59
C PRO C 269 -52.73 -27.94 -18.05
N SER C 270 -53.00 -29.03 -18.79
CA SER C 270 -52.68 -29.12 -20.21
C SER C 270 -53.29 -27.95 -20.95
N GLY C 271 -52.47 -27.30 -21.78
CA GLY C 271 -52.88 -26.20 -22.61
C GLY C 271 -53.14 -24.84 -21.96
N ILE C 272 -52.75 -24.67 -20.70
CA ILE C 272 -52.99 -23.47 -19.98
C ILE C 272 -51.67 -22.85 -19.55
N THR C 273 -51.53 -21.55 -19.75
CA THR C 273 -50.37 -20.84 -19.28
C THR C 273 -50.51 -20.40 -17.83
N MET C 274 -49.39 -20.10 -17.21
CA MET C 274 -49.38 -19.59 -15.84
C MET C 274 -50.17 -18.28 -15.74
N ALA C 275 -49.99 -17.40 -16.71
CA ALA C 275 -50.68 -16.12 -16.68
C ALA C 275 -52.18 -16.32 -16.61
N THR C 276 -52.68 -17.28 -17.37
CA THR C 276 -54.09 -17.58 -17.39
C THR C 276 -54.55 -18.00 -15.98
N LEU C 277 -53.77 -18.85 -15.36
CA LEU C 277 -54.09 -19.32 -14.03
C LEU C 277 -54.24 -18.14 -13.06
N VAL C 278 -53.29 -17.24 -13.08
CA VAL C 278 -53.32 -16.08 -12.21
C VAL C 278 -54.54 -15.18 -12.48
N LYS C 279 -54.87 -14.99 -13.73
CA LYS C 279 -55.95 -14.10 -14.06
C LYS C 279 -57.29 -14.74 -13.75
N ALA C 280 -57.42 -16.05 -13.93
CA ALA C 280 -58.64 -16.76 -13.57
C ALA C 280 -58.88 -16.69 -12.07
N ALA C 281 -57.81 -16.87 -11.29
CA ALA C 281 -57.89 -16.75 -9.84
C ALA C 281 -58.38 -15.40 -9.42
N THR C 282 -57.85 -14.38 -10.06
CA THR C 282 -58.22 -13.02 -9.77
C THR C 282 -59.66 -12.79 -10.10
N ALA C 283 -60.10 -13.34 -11.23
CA ALA C 283 -61.50 -13.18 -11.67
C ALA C 283 -62.47 -13.84 -10.69
N LEU C 284 -62.15 -15.06 -10.27
CA LEU C 284 -62.98 -15.75 -9.29
C LEU C 284 -63.09 -14.92 -8.05
N PHE C 285 -61.96 -14.43 -7.57
CA PHE C 285 -61.94 -13.61 -6.36
C PHE C 285 -62.83 -12.40 -6.51
N LEU C 286 -62.70 -11.69 -7.62
CA LEU C 286 -63.51 -10.50 -7.84
C LEU C 286 -64.99 -10.83 -7.96
N SER C 287 -65.27 -11.95 -8.59
CA SER C 287 -66.62 -12.44 -8.69
C SER C 287 -67.32 -12.44 -7.31
N TYR C 288 -66.67 -13.06 -6.32
CA TYR C 288 -67.19 -13.13 -4.95
C TYR C 288 -67.11 -11.77 -4.25
N HIS C 289 -66.01 -11.06 -4.40
CA HIS C 289 -65.82 -9.81 -3.67
C HIS C 289 -66.85 -8.74 -4.08
N LEU C 290 -67.08 -8.59 -5.37
CA LEU C 290 -68.21 -7.83 -5.86
C LEU C 290 -69.32 -8.85 -5.80
N GLY C 291 -70.49 -8.55 -6.28
CA GLY C 291 -71.49 -9.66 -6.30
C GLY C 291 -71.84 -9.95 -7.73
N SER C 292 -70.87 -10.39 -8.50
CA SER C 292 -71.02 -10.28 -9.97
C SER C 292 -70.50 -11.49 -10.69
N ARG C 293 -71.19 -11.82 -11.75
CA ARG C 293 -70.82 -12.92 -12.57
C ARG C 293 -70.04 -12.39 -13.79
N ASP C 294 -70.03 -11.08 -13.98
CA ASP C 294 -69.42 -10.47 -15.12
C ASP C 294 -68.44 -9.39 -14.65
N VAL C 295 -67.14 -9.69 -14.69
CA VAL C 295 -66.12 -8.81 -14.14
C VAL C 295 -65.19 -8.31 -15.22
N VAL C 296 -64.81 -7.05 -15.07
CA VAL C 296 -63.79 -6.42 -15.89
C VAL C 296 -62.71 -5.79 -15.06
N PHE C 297 -61.47 -6.16 -15.34
CA PHE C 297 -60.30 -5.56 -14.67
C PHE C 297 -59.17 -5.36 -15.67
N GLY C 298 -58.11 -4.68 -15.24
CA GLY C 298 -57.03 -4.38 -16.17
C GLY C 298 -55.97 -5.44 -16.12
N HIS C 299 -55.23 -5.57 -17.21
CA HIS C 299 -54.04 -6.36 -17.16
C HIS C 299 -53.02 -5.85 -18.12
N THR C 300 -51.77 -6.22 -17.86
CA THR C 300 -50.62 -5.73 -18.62
C THR C 300 -50.28 -6.68 -19.76
N VAL C 301 -50.19 -6.15 -20.97
CA VAL C 301 -49.79 -6.92 -22.12
C VAL C 301 -48.55 -6.26 -22.74
N ASN C 302 -47.80 -7.04 -23.51
CA ASN C 302 -46.46 -6.61 -23.91
C ASN C 302 -46.43 -5.72 -25.12
N GLY C 303 -47.50 -5.73 -25.88
CA GLY C 303 -47.67 -4.77 -26.97
C GLY C 303 -46.81 -5.00 -28.21
N ARG C 304 -46.21 -6.19 -28.29
CA ARG C 304 -45.24 -6.47 -29.33
C ARG C 304 -45.72 -7.50 -30.36
N ASN C 305 -47.05 -7.73 -30.44
CA ASN C 305 -47.60 -8.66 -31.41
C ASN C 305 -47.96 -7.94 -32.69
N LEU C 306 -47.00 -7.27 -33.29
CA LEU C 306 -47.22 -6.49 -34.47
C LEU C 306 -46.19 -6.87 -35.51
N PRO C 307 -46.59 -6.82 -36.78
CA PRO C 307 -45.68 -7.18 -37.85
C PRO C 307 -44.73 -6.05 -38.24
N MET C 308 -43.77 -5.76 -37.37
CA MET C 308 -42.76 -4.74 -37.64
C MET C 308 -41.37 -5.31 -37.40
N ASP C 309 -40.38 -4.86 -38.14
CA ASP C 309 -39.04 -5.37 -38.00
C ASP C 309 -38.50 -5.01 -36.65
N ASN C 310 -37.86 -5.99 -36.02
CA ASN C 310 -37.18 -5.82 -34.73
C ASN C 310 -38.10 -5.47 -33.58
N ILE C 311 -39.37 -5.81 -33.71
CA ILE C 311 -40.25 -5.45 -32.65
C ILE C 311 -39.94 -6.20 -31.35
N GLU C 312 -39.30 -7.37 -31.44
CA GLU C 312 -38.98 -8.17 -30.26
C GLU C 312 -37.81 -7.65 -29.48
N SER C 313 -36.99 -6.80 -30.09
CA SER C 313 -35.76 -6.35 -29.47
C SER C 313 -35.62 -4.83 -29.24
N LEU C 314 -36.47 -4.01 -29.84
CA LEU C 314 -36.30 -2.58 -29.72
C LEU C 314 -36.50 -2.07 -28.32
N LEU C 315 -35.74 -1.07 -27.92
CA LEU C 315 -35.78 -0.64 -26.53
C LEU C 315 -36.84 0.42 -26.33
N GLY C 316 -37.68 0.20 -25.36
CA GLY C 316 -38.71 1.16 -25.06
C GLY C 316 -39.80 0.55 -24.22
N CYS C 317 -40.82 1.33 -23.92
CA CYS C 317 -41.95 0.89 -23.16
C CYS C 317 -43.15 0.67 -24.08
N THR C 318 -43.29 -0.56 -24.60
CA THR C 318 -44.41 -0.90 -25.48
C THR C 318 -45.55 -1.50 -24.69
N LEU C 319 -45.36 -1.70 -23.39
CA LEU C 319 -46.41 -2.21 -22.51
C LEU C 319 -47.72 -1.50 -22.70
N ASN C 320 -48.82 -2.23 -22.47
CA ASN C 320 -50.10 -1.61 -22.47
C ASN C 320 -50.93 -2.19 -21.35
N PHE C 321 -51.86 -1.37 -20.85
CA PHE C 321 -52.76 -1.82 -19.77
C PHE C 321 -54.17 -1.80 -20.33
N VAL C 322 -54.77 -2.98 -20.49
CA VAL C 322 -56.02 -3.08 -21.24
C VAL C 322 -57.08 -3.88 -20.48
N PRO C 323 -58.36 -3.74 -20.87
CA PRO C 323 -59.40 -4.47 -20.18
C PRO C 323 -59.38 -5.96 -20.46
N LEU C 324 -59.61 -6.74 -19.41
CA LEU C 324 -59.83 -8.14 -19.50
C LEU C 324 -61.20 -8.41 -18.88
N ARG C 325 -62.05 -9.12 -19.62
CA ARG C 325 -63.40 -9.43 -19.17
C ARG C 325 -63.59 -10.93 -18.98
N VAL C 326 -64.07 -11.31 -17.81
CA VAL C 326 -64.35 -12.71 -17.50
C VAL C 326 -65.80 -12.84 -17.05
N THR C 327 -66.56 -13.65 -17.79
CA THR C 327 -68.00 -13.76 -17.63
C THR C 327 -68.32 -15.16 -17.21
N PHE C 328 -68.74 -15.31 -15.96
CA PHE C 328 -69.22 -16.62 -15.46
C PHE C 328 -70.68 -16.83 -15.94
N PRO C 329 -71.05 -18.07 -16.25
CA PRO C 329 -72.43 -18.29 -16.68
C PRO C 329 -73.40 -18.04 -15.51
N GLU C 330 -74.64 -17.70 -15.83
CA GLU C 330 -75.71 -17.43 -14.86
C GLU C 330 -76.03 -18.63 -14.01
N ASP C 331 -75.97 -19.81 -14.59
CA ASP C 331 -75.98 -21.05 -13.84
C ASP C 331 -74.65 -21.79 -14.04
N SER C 332 -73.71 -21.55 -13.14
CA SER C 332 -72.38 -22.16 -13.17
C SER C 332 -72.30 -23.51 -12.49
N THR C 333 -73.38 -24.00 -11.91
CA THR C 333 -73.38 -25.33 -11.32
C THR C 333 -72.36 -26.31 -11.87
N ASP C 334 -72.31 -26.49 -13.18
CA ASP C 334 -71.39 -27.42 -13.78
C ASP C 334 -70.01 -26.85 -14.19
N TRP C 335 -69.75 -25.54 -14.17
CA TRP C 335 -68.43 -25.07 -14.64
C TRP C 335 -67.36 -25.63 -13.72
N THR C 336 -66.36 -26.23 -14.33
CA THR C 336 -65.18 -26.63 -13.63
C THR C 336 -64.13 -25.53 -13.68
N VAL C 337 -63.08 -25.73 -12.90
CA VAL C 337 -61.90 -24.89 -12.98
C VAL C 337 -61.41 -24.87 -14.41
N MET C 338 -61.26 -26.02 -15.05
CA MET C 338 -60.84 -26.03 -16.45
C MET C 338 -61.69 -25.11 -17.34
N ASP C 339 -63.02 -25.15 -17.18
CA ASP C 339 -63.87 -24.30 -18.00
C ASP C 339 -63.53 -22.84 -17.82
N LEU C 340 -63.27 -22.45 -16.57
CA LEU C 340 -62.90 -21.09 -16.27
C LEU C 340 -61.51 -20.72 -16.89
N LEU C 341 -60.57 -21.65 -16.81
CA LEU C 341 -59.26 -21.43 -17.37
C LEU C 341 -59.33 -21.26 -18.88
N HIS C 342 -60.02 -22.14 -19.58
CA HIS C 342 -60.14 -21.99 -21.06
C HIS C 342 -60.82 -20.70 -21.43
N HIS C 343 -61.84 -20.33 -20.69
CA HIS C 343 -62.57 -19.10 -20.99
C HIS C 343 -61.65 -17.88 -20.78
N THR C 344 -60.96 -17.84 -19.63
CA THR C 344 -60.06 -16.75 -19.31
C THR C 344 -58.95 -16.62 -20.35
N GLN C 345 -58.33 -17.73 -20.71
CA GLN C 345 -57.31 -17.73 -21.75
C GLN C 345 -57.81 -17.24 -23.14
N THR C 346 -59.00 -17.68 -23.54
CA THR C 346 -59.63 -17.18 -24.78
C THR C 346 -59.97 -15.67 -24.75
N GLN C 347 -60.37 -15.17 -23.59
CA GLN C 347 -60.61 -13.76 -23.44
C GLN C 347 -59.35 -12.89 -23.52
N TYR C 348 -58.18 -13.51 -23.37
CA TYR C 348 -56.91 -12.85 -23.64
C TYR C 348 -56.55 -13.00 -25.10
N THR C 349 -56.57 -14.22 -25.61
CA THR C 349 -56.15 -14.42 -27.01
C THR C 349 -57.04 -13.73 -28.07
N ARG C 350 -58.35 -13.58 -27.79
CA ARG C 350 -59.24 -12.84 -28.68
C ARG C 350 -58.74 -11.43 -28.90
N ALA C 351 -58.09 -10.84 -27.89
CA ALA C 351 -57.61 -9.46 -27.98
C ALA C 351 -56.21 -9.24 -28.63
N LEU C 352 -55.52 -10.33 -28.99
CA LEU C 352 -54.09 -10.26 -29.35
C LEU C 352 -53.77 -9.32 -30.48
N SER C 353 -54.68 -9.24 -31.43
CA SER C 353 -54.51 -8.34 -32.56
C SER C 353 -54.87 -6.89 -32.26
N HIS C 354 -55.48 -6.65 -31.11
CA HIS C 354 -56.07 -5.37 -30.82
C HIS C 354 -55.56 -4.74 -29.51
N GLU C 355 -54.56 -5.36 -28.89
CA GLU C 355 -54.10 -5.01 -27.52
C GLU C 355 -53.14 -3.81 -27.51
N HIS C 356 -52.80 -3.26 -28.68
CA HIS C 356 -51.74 -2.28 -28.82
C HIS C 356 -52.22 -0.84 -28.90
N VAL C 357 -53.52 -0.61 -28.86
CA VAL C 357 -54.05 0.73 -29.01
C VAL C 357 -54.21 1.41 -27.66
N GLU C 358 -54.20 2.74 -27.66
CA GLU C 358 -54.37 3.52 -26.44
C GLU C 358 -55.68 3.16 -25.72
N LEU C 359 -55.64 3.04 -24.40
CA LEU C 359 -56.78 2.69 -23.61
C LEU C 359 -57.87 3.77 -23.72
N ARG C 360 -57.49 5.02 -23.74
CA ARG C 360 -58.47 6.11 -23.84
C ARG C 360 -59.16 6.06 -25.20
N ASP C 361 -58.46 5.58 -26.24
CA ASP C 361 -59.12 5.38 -27.52
C ASP C 361 -60.11 4.21 -27.49
N ILE C 362 -59.79 3.16 -26.73
CA ILE C 362 -60.72 2.07 -26.59
C ILE C 362 -62.00 2.60 -25.94
N PHE C 363 -61.86 3.32 -24.84
CA PHE C 363 -63.02 3.80 -24.08
C PHE C 363 -63.81 4.83 -24.84
N GLN C 364 -63.13 5.70 -25.56
CA GLN C 364 -63.82 6.69 -26.35
C GLN C 364 -64.59 6.13 -27.55
N HIS C 365 -63.96 5.29 -28.35
CA HIS C 365 -64.53 4.84 -29.60
C HIS C 365 -65.35 3.56 -29.49
N SER C 366 -65.29 2.84 -28.39
CA SER C 366 -65.89 1.53 -28.28
C SER C 366 -66.81 1.36 -27.09
N THR C 367 -66.96 2.41 -26.27
CA THR C 367 -67.82 2.36 -25.13
C THR C 367 -68.53 3.70 -24.95
N ASN C 368 -69.49 3.71 -24.03
CA ASN C 368 -70.16 4.92 -23.56
C ASN C 368 -69.35 5.54 -22.42
N TRP C 369 -68.36 4.81 -21.89
CA TRP C 369 -67.60 5.26 -20.72
C TRP C 369 -66.75 6.50 -21.03
N PRO C 370 -66.55 7.34 -20.02
CA PRO C 370 -65.66 8.50 -20.20
C PRO C 370 -64.26 8.03 -20.60
N ALA C 371 -63.64 8.74 -21.52
CA ALA C 371 -62.35 8.38 -22.06
C ALA C 371 -61.23 8.25 -21.01
N GLU C 372 -61.28 9.09 -20.00
CA GLU C 372 -60.22 9.11 -18.99
C GLU C 372 -60.57 8.21 -17.83
N THR C 373 -61.49 7.30 -18.04
CA THR C 373 -61.81 6.35 -16.98
C THR C 373 -60.52 5.54 -16.66
N PRO C 374 -60.08 5.56 -15.42
CA PRO C 374 -58.92 4.74 -15.04
C PRO C 374 -59.28 3.27 -14.81
N LEU C 375 -58.32 2.39 -15.03
CA LEU C 375 -58.36 1.06 -14.50
C LEU C 375 -58.13 1.13 -12.99
N SER C 376 -58.86 0.36 -12.21
CA SER C 376 -58.67 0.36 -10.76
C SER C 376 -58.01 -0.89 -10.22
N LEU C 377 -57.93 -1.93 -11.05
CA LEU C 377 -57.17 -3.10 -10.70
C LEU C 377 -56.39 -3.56 -11.91
N ILE C 378 -55.10 -3.84 -11.72
CA ILE C 378 -54.27 -4.30 -12.82
C ILE C 378 -53.45 -5.49 -12.39
N VAL C 379 -53.53 -6.55 -13.16
CA VAL C 379 -52.77 -7.76 -12.92
C VAL C 379 -51.64 -7.86 -13.92
N GLN C 380 -50.44 -8.00 -13.43
CA GLN C 380 -49.27 -8.09 -14.29
C GLN C 380 -48.54 -9.40 -14.03
N HIS C 381 -48.62 -10.35 -14.95
CA HIS C 381 -47.84 -11.53 -14.79
C HIS C 381 -46.43 -11.32 -15.41
N GLN C 382 -45.39 -11.59 -14.63
CA GLN C 382 -44.03 -11.29 -15.01
C GLN C 382 -43.34 -12.48 -15.65
N ASN C 383 -43.80 -12.90 -16.82
CA ASN C 383 -43.13 -13.97 -17.54
C ASN C 383 -42.03 -13.41 -18.47
N ILE C 384 -41.10 -12.68 -17.85
CA ILE C 384 -39.96 -12.05 -18.51
C ILE C 384 -38.75 -12.35 -17.67
N ASP C 385 -37.57 -11.95 -18.11
CA ASP C 385 -36.35 -12.20 -17.31
C ASP C 385 -36.46 -11.57 -15.95
N LEU C 386 -36.17 -12.36 -14.93
CA LEU C 386 -36.15 -11.88 -13.55
C LEU C 386 -34.74 -11.72 -12.97
N SER C 387 -33.75 -12.27 -13.67
CA SER C 387 -32.33 -12.08 -13.33
C SER C 387 -31.63 -11.49 -14.49
N PHE C 388 -30.55 -10.80 -14.21
CA PHE C 388 -29.82 -10.14 -15.25
C PHE C 388 -28.34 -10.38 -15.15
N SER C 389 -27.65 -10.22 -16.28
CA SER C 389 -26.23 -10.38 -16.37
C SER C 389 -25.61 -9.30 -17.18
N LEU C 390 -24.36 -9.05 -16.88
CA LEU C 390 -23.57 -8.12 -17.64
C LEU C 390 -22.20 -8.78 -17.73
N PRO C 391 -22.03 -9.68 -18.71
CA PRO C 391 -20.80 -10.50 -18.82
C PRO C 391 -19.63 -9.72 -19.46
N LEU C 392 -19.08 -8.78 -18.70
CA LEU C 392 -17.90 -8.05 -19.13
C LEU C 392 -16.64 -8.95 -19.09
N ARG C 393 -15.76 -8.86 -20.09
CA ARG C 393 -14.51 -9.68 -20.12
C ARG C 393 -13.24 -9.14 -19.44
N SER C 406 -10.41 -11.32 -16.05
CA SER C 406 -11.56 -11.88 -15.32
C SER C 406 -12.36 -10.99 -14.32
N LEU C 407 -13.62 -10.67 -14.68
CA LEU C 407 -14.45 -9.70 -13.92
C LEU C 407 -15.66 -10.31 -13.25
N ASP C 408 -15.78 -10.06 -11.96
CA ASP C 408 -16.94 -10.47 -11.21
C ASP C 408 -17.99 -9.30 -11.23
N VAL C 409 -19.19 -9.57 -11.72
CA VAL C 409 -20.18 -8.53 -11.92
C VAL C 409 -21.51 -8.89 -11.28
N GLN C 410 -21.92 -8.17 -10.25
CA GLN C 410 -23.19 -8.42 -9.56
C GLN C 410 -24.25 -7.31 -9.81
N TYR C 411 -25.49 -7.74 -9.86
CA TYR C 411 -26.62 -6.91 -10.14
C TYR C 411 -27.36 -6.54 -8.91
N SER C 412 -27.83 -5.30 -8.85
CA SER C 412 -28.81 -4.88 -7.84
C SER C 412 -29.53 -3.62 -8.35
N LYS C 413 -30.57 -3.19 -7.68
CA LYS C 413 -31.31 -2.04 -8.18
C LYS C 413 -31.97 -1.25 -7.06
N PHE C 414 -32.23 0.02 -7.33
CA PHE C 414 -33.10 0.83 -6.54
C PHE C 414 -34.32 1.16 -7.40
N ALA C 415 -35.46 1.39 -6.77
CA ALA C 415 -36.70 1.60 -7.51
C ALA C 415 -37.65 2.49 -6.81
N ARG C 416 -38.32 3.38 -7.54
CA ARG C 416 -39.47 4.09 -7.04
C ARG C 416 -40.63 3.72 -7.92
N PHE C 417 -41.78 3.60 -7.28
CA PHE C 417 -43.02 3.40 -7.96
C PHE C 417 -44.16 3.70 -6.98
N ASP C 418 -45.03 4.66 -7.30
CA ASP C 418 -46.13 5.07 -6.37
C ASP C 418 -47.49 5.10 -7.03
N PRO C 419 -48.32 4.10 -6.76
CA PRO C 419 -49.59 4.07 -7.45
C PRO C 419 -50.51 5.20 -7.01
N LEU C 420 -51.47 5.56 -7.85
CA LEU C 420 -52.50 6.55 -7.51
C LEU C 420 -53.68 5.82 -6.80
N ASP C 421 -54.83 5.70 -7.45
CA ASP C 421 -55.97 5.00 -6.81
C ASP C 421 -56.06 3.53 -7.14
N GLU C 422 -55.28 3.07 -8.12
CA GLU C 422 -55.41 1.68 -8.57
C GLU C 422 -54.69 0.70 -7.67
N VAL C 423 -55.06 -0.56 -7.75
CA VAL C 423 -54.33 -1.62 -7.08
C VAL C 423 -53.63 -2.47 -8.13
N TRP C 424 -52.38 -2.83 -7.85
CA TRP C 424 -51.59 -3.66 -8.76
C TRP C 424 -51.38 -5.00 -8.09
N ILE C 425 -51.56 -6.07 -8.85
CA ILE C 425 -51.15 -7.37 -8.45
C ILE C 425 -50.12 -7.88 -9.44
N PHE C 426 -48.91 -8.14 -8.95
CA PHE C 426 -47.82 -8.69 -9.74
C PHE C 426 -47.59 -10.13 -9.34
N THR C 427 -47.32 -10.99 -10.30
CA THR C 427 -46.94 -12.40 -10.00
C THR C 427 -45.62 -12.71 -10.64
N GLU C 428 -44.67 -13.15 -9.83
CA GLU C 428 -43.34 -13.45 -10.29
C GLU C 428 -43.12 -14.95 -10.21
N PRO C 429 -42.91 -15.59 -11.33
CA PRO C 429 -42.61 -16.99 -11.35
C PRO C 429 -41.12 -17.28 -11.20
N HIS C 430 -40.67 -17.53 -9.96
CA HIS C 430 -39.31 -18.03 -9.72
C HIS C 430 -39.23 -19.57 -9.79
N ALA C 431 -38.00 -20.08 -9.73
CA ALA C 431 -37.74 -21.53 -9.76
C ALA C 431 -38.36 -22.28 -8.58
N ASP C 432 -38.28 -21.69 -7.40
CA ASP C 432 -38.73 -22.31 -6.17
C ASP C 432 -40.12 -21.87 -5.70
N ARG C 433 -40.66 -20.80 -6.28
CA ARG C 433 -41.93 -20.28 -5.83
C ARG C 433 -42.57 -19.41 -6.88
N LEU C 434 -43.88 -19.24 -6.74
CA LEU C 434 -44.64 -18.23 -7.46
C LEU C 434 -44.92 -17.18 -6.42
N GLU C 435 -44.45 -15.97 -6.65
CA GLU C 435 -44.66 -14.91 -5.68
C GLU C 435 -45.77 -13.98 -6.13
N VAL C 436 -46.76 -13.80 -5.26
CA VAL C 436 -47.85 -12.86 -5.50
C VAL C 436 -47.59 -11.56 -4.73
N GLN C 437 -47.56 -10.43 -5.46
CA GLN C 437 -47.21 -9.14 -4.87
C GLN C 437 -48.35 -8.16 -5.08
N VAL C 438 -48.77 -7.51 -4.01
CA VAL C 438 -49.80 -6.50 -4.11
C VAL C 438 -49.12 -5.17 -3.86
N CYS C 439 -49.40 -4.19 -4.71
CA CYS C 439 -48.90 -2.86 -4.51
C CYS C 439 -50.01 -1.86 -4.65
N ALA C 440 -50.20 -1.06 -3.62
CA ALA C 440 -51.23 -0.03 -3.64
C ALA C 440 -50.92 0.99 -2.57
N ASN C 441 -51.50 2.16 -2.70
CA ASN C 441 -51.46 3.14 -1.63
C ASN C 441 -52.23 2.64 -0.41
N SER C 442 -51.75 2.95 0.80
CA SER C 442 -52.41 2.52 2.06
C SER C 442 -53.80 3.12 2.28
N ARG C 443 -54.10 4.27 1.68
CA ARG C 443 -55.46 4.82 1.82
C ARG C 443 -56.43 4.05 0.91
N VAL C 444 -55.93 3.23 -0.03
CA VAL C 444 -56.80 2.40 -0.90
C VAL C 444 -56.88 0.98 -0.37
N LEU C 445 -55.78 0.49 0.18
CA LEU C 445 -55.71 -0.88 0.62
C LEU C 445 -54.71 -0.94 1.78
N GLY C 446 -55.23 -1.00 3.00
CA GLY C 446 -54.43 -1.01 4.21
C GLY C 446 -53.75 -2.35 4.36
N GLN C 447 -52.81 -2.43 5.27
CA GLN C 447 -51.93 -3.57 5.35
C GLN C 447 -52.63 -4.87 5.60
N GLU C 448 -53.70 -4.85 6.39
CA GLU C 448 -54.38 -6.13 6.69
C GLU C 448 -55.27 -6.52 5.53
N GLN C 449 -55.81 -5.55 4.84
CA GLN C 449 -56.62 -5.80 3.67
C GLN C 449 -55.75 -6.38 2.50
N ALA C 450 -54.55 -5.83 2.37
CA ALA C 450 -53.62 -6.26 1.35
C ALA C 450 -53.13 -7.64 1.62
N THR C 451 -52.83 -7.90 2.88
CA THR C 451 -52.38 -9.22 3.27
C THR C 451 -53.45 -10.25 2.95
N GLU C 452 -54.71 -9.90 3.17
CA GLU C 452 -55.79 -10.83 2.93
C GLU C 452 -56.03 -11.06 1.41
N LEU C 453 -55.91 -10.00 0.62
CA LEU C 453 -55.98 -10.13 -0.83
C LEU C 453 -54.89 -11.05 -1.41
N ALA C 454 -53.65 -10.85 -0.97
CA ALA C 454 -52.56 -11.70 -1.39
C ALA C 454 -52.79 -13.15 -0.97
N ASN C 455 -53.28 -13.38 0.26
CA ASN C 455 -53.59 -14.74 0.71
C ASN C 455 -54.70 -15.39 -0.11
N ASN C 456 -55.79 -14.66 -0.37
CA ASN C 456 -56.87 -15.24 -1.13
C ASN C 456 -56.49 -15.62 -2.55
N ILE C 457 -55.82 -14.71 -3.26
CA ILE C 457 -55.41 -14.99 -4.65
C ILE C 457 -54.48 -16.21 -4.64
N SER C 458 -53.51 -16.23 -3.74
CA SER C 458 -52.60 -17.40 -3.60
C SER C 458 -53.30 -18.70 -3.36
N ALA C 459 -54.25 -18.69 -2.44
CA ALA C 459 -55.01 -19.89 -2.08
C ALA C 459 -55.80 -20.42 -3.28
N ILE C 460 -56.45 -19.52 -4.01
CA ILE C 460 -57.21 -19.93 -5.18
C ILE C 460 -56.27 -20.51 -6.25
N ILE C 461 -55.09 -19.91 -6.42
CA ILE C 461 -54.18 -20.39 -7.46
C ILE C 461 -53.80 -21.84 -7.13
N THR C 462 -53.50 -22.11 -5.87
CA THR C 462 -53.10 -23.43 -5.43
C THR C 462 -54.26 -24.42 -5.59
N LYS C 463 -55.45 -24.04 -5.13
CA LYS C 463 -56.57 -24.95 -5.28
C LYS C 463 -56.81 -25.30 -6.76
N PHE C 464 -56.78 -24.30 -7.65
CA PHE C 464 -56.92 -24.55 -9.11
C PHE C 464 -55.87 -25.54 -9.60
N SER C 465 -54.65 -25.37 -9.12
CA SER C 465 -53.55 -26.20 -9.55
C SER C 465 -53.73 -27.67 -9.12
N THR C 466 -54.05 -27.87 -7.84
CA THR C 466 -54.09 -29.21 -7.29
C THR C 466 -55.32 -29.99 -7.77
N ASP C 467 -56.38 -29.31 -8.22
CA ASP C 467 -57.57 -30.00 -8.73
C ASP C 467 -58.33 -29.23 -9.85
N PRO C 468 -57.80 -29.26 -11.08
CA PRO C 468 -58.40 -28.55 -12.21
C PRO C 468 -59.75 -29.11 -12.69
N THR C 469 -60.03 -30.39 -12.38
CA THR C 469 -61.31 -31.04 -12.74
C THR C 469 -62.45 -30.71 -11.76
N ALA C 470 -62.12 -30.16 -10.61
CA ALA C 470 -63.11 -29.72 -9.65
C ALA C 470 -64.10 -28.72 -10.25
N ARG C 471 -65.27 -28.67 -9.66
CA ARG C 471 -66.26 -27.68 -10.01
C ARG C 471 -66.08 -26.46 -9.14
N LEU C 472 -66.45 -25.28 -9.66
CA LEU C 472 -66.27 -24.03 -8.93
C LEU C 472 -66.91 -23.95 -7.52
N LEU C 473 -67.81 -24.86 -7.17
CA LEU C 473 -68.21 -25.05 -5.76
C LEU C 473 -67.12 -25.91 -5.07
N ASP C 474 -66.05 -25.22 -4.66
CA ASP C 474 -64.74 -25.79 -4.33
C ASP C 474 -64.80 -26.77 -3.18
N LYS D 2 -41.05 -38.16 -34.83
CA LYS D 2 -41.59 -37.79 -36.18
C LYS D 2 -40.64 -36.81 -36.89
N GLN D 3 -40.61 -36.86 -38.21
CA GLN D 3 -39.60 -36.13 -38.97
C GLN D 3 -40.13 -34.88 -39.67
N LEU D 4 -39.25 -33.89 -39.80
CA LEU D 4 -39.62 -32.66 -40.50
C LEU D 4 -39.61 -32.86 -42.02
N SER D 5 -40.73 -32.52 -42.63
CA SER D 5 -41.00 -32.92 -44.01
C SER D 5 -41.04 -31.71 -44.97
N THR D 6 -41.52 -30.54 -44.54
CA THR D 6 -41.59 -29.37 -45.42
C THR D 6 -40.54 -28.35 -45.09
N ASP D 7 -40.36 -27.38 -45.97
CA ASP D 7 -39.43 -26.27 -45.75
C ASP D 7 -39.87 -25.32 -44.67
N ALA D 8 -41.19 -25.12 -44.57
CA ALA D 8 -41.78 -24.37 -43.50
C ALA D 8 -41.54 -25.06 -42.13
N GLU D 9 -41.66 -26.39 -42.08
CA GLU D 9 -41.44 -27.12 -40.82
C GLU D 9 -40.01 -26.97 -40.40
N ARG D 10 -39.08 -27.00 -41.34
CA ARG D 10 -37.65 -26.83 -40.98
C ARG D 10 -37.35 -25.46 -40.47
N GLU D 11 -37.90 -24.45 -41.14
CA GLU D 11 -37.61 -23.09 -40.76
C GLU D 11 -38.20 -22.81 -39.36
N LEU D 12 -39.41 -23.30 -39.16
CA LEU D 12 -40.08 -23.15 -37.89
C LEU D 12 -39.37 -23.85 -36.71
N ALA D 13 -38.82 -25.00 -36.98
CA ALA D 13 -38.07 -25.73 -35.96
C ALA D 13 -36.82 -25.00 -35.53
N ASN D 14 -36.12 -24.41 -36.49
CA ASN D 14 -35.02 -23.54 -36.18
C ASN D 14 -35.41 -22.33 -35.32
N ILE D 15 -36.57 -21.74 -35.60
CA ILE D 15 -37.09 -20.68 -34.79
C ILE D 15 -37.39 -21.16 -33.35
N TRP D 16 -38.01 -22.31 -33.21
CA TRP D 16 -38.30 -22.86 -31.87
C TRP D 16 -37.04 -23.17 -31.12
N ALA D 17 -36.05 -23.70 -31.83
CA ALA D 17 -34.76 -23.98 -31.23
C ALA D 17 -34.11 -22.74 -30.64
N THR D 18 -34.12 -21.63 -31.36
CA THR D 18 -33.52 -20.40 -30.85
C THR D 18 -34.33 -19.86 -29.69
N VAL D 19 -35.63 -19.86 -29.81
CA VAL D 19 -36.48 -19.14 -28.85
C VAL D 19 -36.61 -19.91 -27.55
N LEU D 20 -36.70 -21.22 -27.66
CA LEU D 20 -36.77 -22.08 -26.49
C LEU D 20 -35.39 -22.54 -26.01
N ASP D 21 -34.32 -22.27 -26.75
CA ASP D 21 -32.94 -22.65 -26.35
C ASP D 21 -32.82 -24.14 -26.15
N ILE D 22 -33.36 -24.87 -27.09
CA ILE D 22 -33.30 -26.30 -27.11
C ILE D 22 -32.66 -26.70 -28.43
N PRO D 23 -32.00 -27.87 -28.45
CA PRO D 23 -31.26 -28.23 -29.67
C PRO D 23 -32.17 -28.72 -30.81
N ILE D 24 -31.82 -28.29 -32.01
CA ILE D 24 -32.64 -28.46 -33.21
C ILE D 24 -32.95 -29.92 -33.48
N GLY D 25 -31.95 -30.78 -33.23
CA GLY D 25 -32.13 -32.24 -33.37
C GLY D 25 -33.23 -32.90 -32.54
N THR D 26 -33.72 -32.24 -31.49
CA THR D 26 -34.76 -32.80 -30.62
C THR D 26 -36.15 -32.44 -31.01
N ILE D 27 -36.29 -31.70 -32.11
CA ILE D 27 -37.58 -31.14 -32.42
C ILE D 27 -38.26 -31.98 -33.48
N SER D 28 -39.46 -32.47 -33.18
CA SER D 28 -40.22 -33.21 -34.13
C SER D 28 -41.44 -32.43 -34.56
N ALA D 29 -41.97 -32.81 -35.71
CA ALA D 29 -43.11 -32.14 -36.27
C ALA D 29 -44.35 -32.19 -35.41
N SER D 30 -44.42 -33.15 -34.50
CA SER D 30 -45.58 -33.32 -33.62
C SER D 30 -45.41 -32.59 -32.29
N ASP D 31 -44.25 -31.96 -32.08
CA ASP D 31 -43.99 -31.21 -30.86
C ASP D 31 -44.94 -30.01 -30.65
N ASN D 32 -45.33 -29.86 -29.40
CA ASN D 32 -46.22 -28.80 -28.96
C ASN D 32 -45.42 -27.68 -28.30
N PHE D 33 -45.60 -26.47 -28.80
CA PHE D 33 -44.81 -25.30 -28.34
C PHE D 33 -44.81 -25.10 -26.81
N PHE D 34 -45.98 -25.23 -26.22
CA PHE D 34 -46.12 -25.02 -24.79
C PHE D 34 -45.55 -26.20 -24.00
N PHE D 35 -45.74 -27.42 -24.49
CA PHE D 35 -45.21 -28.56 -23.78
C PHE D 35 -43.68 -28.52 -23.77
N ARG D 36 -43.04 -27.98 -24.80
CA ARG D 36 -41.59 -27.84 -24.80
C ARG D 36 -41.13 -26.64 -23.98
N GLY D 37 -42.04 -25.92 -23.32
CA GLY D 37 -41.70 -24.88 -22.33
C GLY D 37 -42.00 -23.43 -22.75
N GLY D 38 -42.62 -23.25 -23.90
CA GLY D 38 -42.91 -21.91 -24.37
C GLY D 38 -44.07 -21.26 -23.64
N HIS D 39 -44.05 -19.94 -23.50
CA HIS D 39 -45.22 -19.19 -23.08
C HIS D 39 -45.54 -18.03 -24.04
N SER D 40 -46.38 -17.10 -23.61
CA SER D 40 -46.82 -15.99 -24.45
C SER D 40 -45.67 -15.12 -24.99
N ILE D 41 -44.68 -14.82 -24.16
CA ILE D 41 -43.57 -14.03 -24.59
C ILE D 41 -42.62 -14.71 -25.56
N ASP D 42 -42.37 -15.99 -25.35
CA ASP D 42 -41.66 -16.78 -26.33
C ASP D 42 -42.41 -16.83 -27.66
N ALA D 43 -43.73 -16.89 -27.60
CA ALA D 43 -44.56 -16.91 -28.81
C ALA D 43 -44.44 -15.62 -29.57
N MET D 44 -44.44 -14.52 -28.85
CA MET D 44 -44.22 -13.25 -29.46
C MET D 44 -42.82 -13.21 -30.20
N LYS D 45 -41.76 -13.67 -29.55
CA LYS D 45 -40.45 -13.73 -30.21
C LYS D 45 -40.44 -14.64 -31.42
N ALA D 46 -41.13 -15.76 -31.33
CA ALA D 46 -41.16 -16.74 -32.41
C ALA D 46 -41.83 -16.11 -33.60
N SER D 47 -42.95 -15.47 -33.35
CA SER D 47 -43.65 -14.74 -34.39
C SER D 47 -42.78 -13.66 -35.09
N ALA D 48 -42.00 -12.91 -34.32
CA ALA D 48 -41.10 -11.90 -34.90
C ALA D 48 -39.97 -12.54 -35.70
N LEU D 49 -39.38 -13.62 -35.19
CA LEU D 49 -38.36 -14.33 -35.97
C LEU D 49 -38.94 -14.99 -37.23
N GLY D 50 -40.19 -15.44 -37.14
CA GLY D 50 -40.95 -15.88 -38.30
C GLY D 50 -40.95 -14.83 -39.42
N ARG D 51 -41.35 -13.62 -39.09
CA ARG D 51 -41.35 -12.56 -40.06
C ARG D 51 -39.99 -12.33 -40.67
N ALA D 52 -38.93 -12.27 -39.88
CA ALA D 52 -37.59 -12.08 -40.43
C ALA D 52 -37.17 -13.23 -41.39
N ALA D 53 -37.77 -14.41 -41.25
CA ALA D 53 -37.49 -15.53 -42.13
C ALA D 53 -38.50 -15.64 -43.27
N GLY D 54 -39.37 -14.65 -43.42
CA GLY D 54 -40.37 -14.67 -44.47
C GLY D 54 -41.61 -15.52 -44.24
N MET D 55 -41.81 -16.00 -43.04
CA MET D 55 -43.08 -16.64 -42.67
C MET D 55 -43.90 -15.60 -41.95
N SER D 56 -45.18 -15.88 -41.83
CA SER D 56 -46.09 -14.93 -41.28
C SER D 56 -47.12 -15.67 -40.43
N PHE D 57 -46.98 -15.51 -39.11
CA PHE D 57 -47.97 -15.96 -38.15
C PHE D 57 -47.86 -15.09 -36.92
N GLY D 58 -48.96 -14.95 -36.19
CA GLY D 58 -48.95 -14.17 -34.99
C GLY D 58 -49.04 -15.07 -33.77
N VAL D 59 -49.07 -14.42 -32.60
CA VAL D 59 -49.14 -15.12 -31.36
C VAL D 59 -50.44 -15.93 -31.24
N ALA D 60 -51.54 -15.42 -31.77
CA ALA D 60 -52.81 -16.17 -31.70
C ALA D 60 -52.74 -17.50 -32.45
N ASP D 61 -52.02 -17.49 -33.58
CA ASP D 61 -51.85 -18.70 -34.37
C ASP D 61 -51.13 -19.80 -33.57
N ILE D 62 -50.20 -19.41 -32.71
CA ILE D 62 -49.48 -20.35 -31.89
C ILE D 62 -50.37 -20.90 -30.79
N PHE D 63 -51.26 -20.08 -30.22
CA PHE D 63 -52.24 -20.64 -29.27
C PHE D 63 -53.26 -21.58 -29.93
N ASP D 64 -53.69 -21.25 -31.13
CA ASP D 64 -54.66 -22.07 -31.85
C ASP D 64 -54.05 -23.34 -32.40
N HIS D 65 -52.80 -23.25 -32.86
CA HIS D 65 -52.13 -24.34 -33.53
C HIS D 65 -50.79 -24.55 -32.89
N PRO D 66 -50.82 -25.05 -31.66
CA PRO D 66 -49.60 -25.27 -30.88
C PRO D 66 -48.67 -26.38 -31.38
N VAL D 67 -49.10 -27.19 -32.36
CA VAL D 67 -48.26 -28.28 -32.83
C VAL D 67 -47.54 -27.81 -34.06
N LEU D 68 -46.26 -28.14 -34.15
CA LEU D 68 -45.40 -27.52 -35.13
C LEU D 68 -45.95 -27.70 -36.53
N SER D 69 -46.27 -28.93 -36.91
CA SER D 69 -46.72 -29.24 -38.28
C SER D 69 -47.97 -28.47 -38.63
N GLU D 70 -48.90 -28.37 -37.68
CA GLU D 70 -50.11 -27.55 -37.87
C GLU D 70 -49.82 -26.04 -38.03
N LEU D 71 -48.87 -25.50 -37.25
CA LEU D 71 -48.51 -24.10 -37.30
C LEU D 71 -47.81 -23.80 -38.61
N ALA D 72 -47.00 -24.73 -39.09
CA ALA D 72 -46.38 -24.60 -40.43
C ALA D 72 -47.58 -24.90 -41.33
N SER D 73 -47.89 -24.10 -42.31
CA SER D 73 -49.31 -24.22 -42.90
C SER D 73 -50.38 -23.50 -42.05
N VAL D 74 -50.78 -22.33 -42.52
CA VAL D 74 -50.97 -21.16 -41.69
C VAL D 74 -49.57 -20.47 -41.93
N ALA D 75 -49.51 -19.67 -43.01
CA ALA D 75 -48.28 -19.04 -43.52
C ALA D 75 -48.59 -17.92 -44.57
N GLU E 10 8.30 13.33 26.54
CA GLU E 10 8.50 11.93 26.00
C GLU E 10 7.20 11.16 25.58
N PRO E 11 7.12 10.76 24.29
CA PRO E 11 5.93 10.12 23.74
C PRO E 11 5.59 8.84 24.43
N PHE E 12 4.31 8.57 24.58
CA PHE E 12 3.77 7.35 25.21
C PHE E 12 3.87 7.42 26.70
N SER E 13 4.42 8.48 27.25
CA SER E 13 4.57 8.55 28.70
C SER E 13 3.24 8.71 29.42
N LEU E 14 2.17 9.10 28.73
CA LEU E 14 0.85 9.15 29.40
C LEU E 14 -0.05 8.02 28.93
N SER E 15 0.47 7.10 28.13
CA SER E 15 -0.34 6.02 27.62
C SER E 15 -0.90 5.18 28.75
N PRO E 16 -2.22 4.92 28.76
CA PRO E 16 -2.80 4.04 29.79
C PRO E 16 -2.72 2.55 29.41
N ILE E 17 -2.13 2.25 28.26
CA ILE E 17 -1.98 0.91 27.75
C ILE E 17 -0.53 0.53 27.73
N LYS E 18 -0.24 -0.72 28.08
CA LYS E 18 1.13 -1.24 28.02
C LYS E 18 1.75 -1.30 26.66
N ASP E 19 1.08 -1.89 25.67
CA ASP E 19 1.71 -2.09 24.34
C ASP E 19 0.95 -1.25 23.29
N PRO E 20 1.21 0.06 23.24
CA PRO E 20 0.47 0.90 22.31
C PRO E 20 0.66 0.49 20.87
N GLN E 21 1.85 0.08 20.47
CA GLN E 21 2.05 -0.37 19.09
C GLN E 21 1.20 -1.58 18.68
N ALA E 22 0.90 -2.47 19.60
CA ALA E 22 0.03 -3.59 19.28
C ALA E 22 -1.38 -3.12 18.94
N LEU E 23 -1.86 -2.07 19.59
CA LEU E 23 -3.20 -1.55 19.30
C LEU E 23 -3.27 -1.00 17.90
N HIS E 24 -2.21 -0.32 17.49
CA HIS E 24 -2.16 0.24 16.15
C HIS E 24 -2.14 -0.87 15.14
N LYS E 25 -1.33 -1.88 15.37
CA LYS E 25 -1.27 -3.02 14.43
C LYS E 25 -2.65 -3.71 14.29
N GLU E 26 -3.33 -3.92 15.40
CA GLU E 26 -4.68 -4.46 15.38
C GLU E 26 -5.65 -3.63 14.55
N LEU E 27 -5.63 -2.31 14.71
CA LEU E 27 -6.51 -1.44 13.93
C LEU E 27 -6.17 -1.48 12.45
N CYS E 28 -4.88 -1.56 12.11
CA CYS E 28 -4.47 -1.69 10.70
C CYS E 28 -5.00 -2.97 10.05
N SER E 29 -4.94 -4.06 10.81
CA SER E 29 -5.32 -5.35 10.30
C SER E 29 -6.85 -5.48 10.11
N LYS E 30 -7.64 -4.70 10.85
CA LYS E 30 -9.08 -4.63 10.61
C LYS E 30 -9.44 -3.50 9.61
N ASN E 31 -8.46 -2.95 8.91
CA ASN E 31 -8.67 -1.87 7.92
C ASN E 31 -9.43 -0.63 8.42
N VAL E 32 -9.26 -0.30 9.69
CA VAL E 32 -9.88 0.88 10.26
C VAL E 32 -9.03 2.12 9.95
N ILE E 33 -7.71 1.95 9.96
CA ILE E 33 -6.79 3.02 9.65
C ILE E 33 -5.78 2.49 8.62
N PRO E 34 -5.11 3.38 7.91
CA PRO E 34 -4.21 2.93 6.83
C PRO E 34 -3.02 2.09 7.28
N VAL E 35 -2.74 1.04 6.53
CA VAL E 35 -1.68 0.09 6.88
C VAL E 35 -0.28 0.67 6.85
N THR E 36 -0.05 1.74 6.10
CA THR E 36 1.29 2.33 6.05
C THR E 36 1.48 3.46 7.07
N SER E 37 0.47 3.71 7.90
CA SER E 37 0.61 4.71 8.96
C SER E 37 1.48 4.17 10.07
N THR E 38 2.08 5.06 10.84
CA THR E 38 2.79 4.71 12.07
C THR E 38 2.15 5.38 13.27
N LEU E 39 2.41 4.86 14.45
CA LEU E 39 1.91 5.42 15.67
C LEU E 39 2.94 6.33 16.27
N GLU E 40 2.63 7.62 16.31
CA GLU E 40 3.53 8.68 16.84
C GLU E 40 3.31 8.86 18.33
N ASP E 41 2.09 8.66 18.83
CA ASP E 41 1.83 8.84 20.25
C ASP E 41 0.50 8.26 20.61
N LEU E 42 0.22 8.16 21.89
CA LEU E 42 -1.04 7.61 22.37
C LEU E 42 -1.30 8.19 23.72
N LEU E 43 -2.46 8.85 23.88
CA LEU E 43 -2.75 9.59 25.12
C LEU E 43 -4.19 9.38 25.52
N PRO E 44 -4.53 9.63 26.80
CA PRO E 44 -5.94 9.68 27.13
C PRO E 44 -6.64 10.83 26.44
N ALA E 45 -7.89 10.63 26.15
CA ALA E 45 -8.75 11.69 25.66
C ALA E 45 -9.24 12.48 26.85
N THR E 46 -9.41 13.79 26.72
CA THR E 46 -9.87 14.59 27.86
C THR E 46 -11.35 14.44 28.07
N GLN E 47 -11.81 14.78 29.26
CA GLN E 47 -13.22 14.72 29.59
C GLN E 47 -14.02 15.62 28.63
N ALA E 48 -13.51 16.80 28.33
CA ALA E 48 -14.19 17.67 27.37
C ALA E 48 -14.25 17.08 25.95
N GLN E 49 -13.16 16.50 25.48
CA GLN E 49 -13.20 15.78 24.21
C GLN E 49 -14.33 14.74 24.23
N HIS E 50 -14.41 14.01 25.33
CA HIS E 50 -15.39 12.95 25.49
C HIS E 50 -16.83 13.49 25.53
N VAL E 51 -17.03 14.64 26.15
CA VAL E 51 -18.32 15.24 26.17
C VAL E 51 -18.83 15.38 24.74
N PHE E 52 -17.97 15.86 23.86
CA PHE E 52 -18.37 16.09 22.47
C PHE E 52 -18.60 14.81 21.72
N ILE E 53 -17.75 13.83 21.98
CA ILE E 53 -17.82 12.58 21.27
C ILE E 53 -19.11 11.86 21.63
N LYS E 54 -19.50 11.90 22.91
CA LYS E 54 -20.72 11.22 23.32
C LYS E 54 -21.97 11.89 22.77
N ARG E 55 -21.87 13.15 22.39
CA ARG E 55 -23.03 13.87 21.91
C ARG E 55 -23.05 13.94 20.38
N GLY E 56 -22.21 13.13 19.73
CA GLY E 56 -22.15 13.07 18.26
C GLY E 56 -21.78 14.39 17.60
N THR E 57 -21.00 15.23 18.28
CA THR E 57 -20.66 16.52 17.78
C THR E 57 -19.72 16.44 16.59
N PHE E 58 -20.21 16.82 15.42
CA PHE E 58 -19.53 16.56 14.18
C PHE E 58 -19.92 17.62 13.19
N HIS E 59 -18.94 18.11 12.43
CA HIS E 59 -19.14 19.25 11.55
C HIS E 59 -18.57 19.03 10.16
N SER E 60 -19.22 19.67 9.18
CA SER E 60 -18.69 19.73 7.84
C SER E 60 -18.54 21.20 7.49
N TYR E 61 -17.30 21.65 7.35
CA TYR E 61 -17.03 23.03 7.00
C TYR E 61 -16.84 23.04 5.51
N ASN E 62 -17.70 23.78 4.83
CA ASN E 62 -17.86 23.76 3.39
C ASN E 62 -17.45 25.10 2.76
N TRP E 63 -16.59 25.03 1.76
CA TRP E 63 -16.10 26.21 1.07
C TRP E 63 -16.46 26.09 -0.41
N THR E 64 -17.39 26.93 -0.85
CA THR E 64 -17.72 27.03 -2.27
C THR E 64 -16.75 27.99 -2.95
N ILE E 65 -16.01 27.49 -3.92
CA ILE E 65 -14.98 28.21 -4.59
C ILE E 65 -15.34 28.38 -6.06
N LYS E 66 -15.44 29.63 -6.52
CA LYS E 66 -15.74 29.94 -7.94
C LYS E 66 -14.68 30.83 -8.61
N GLY E 67 -14.27 30.45 -9.82
CA GLY E 67 -13.30 31.22 -10.58
C GLY E 67 -12.53 30.35 -11.54
N ARG E 68 -11.86 30.97 -12.49
CA ARG E 68 -11.17 30.26 -13.57
C ARG E 68 -9.75 29.78 -13.15
N SER E 69 -9.18 30.42 -12.14
CA SER E 69 -7.79 30.17 -11.76
C SER E 69 -7.60 29.05 -10.72
N LEU E 70 -8.67 28.43 -10.29
CA LEU E 70 -8.58 27.39 -9.28
C LEU E 70 -7.70 26.23 -9.70
N ASN E 71 -6.85 25.77 -8.80
CA ASN E 71 -5.93 24.69 -9.09
C ASN E 71 -6.17 23.44 -8.24
N MET E 72 -6.72 22.41 -8.85
CA MET E 72 -7.25 21.27 -8.14
C MET E 72 -6.15 20.43 -7.51
N ASP E 73 -5.03 20.27 -8.19
CA ASP E 73 -3.89 19.54 -7.63
C ASP E 73 -3.37 20.22 -6.40
N ARG E 74 -3.34 21.54 -6.43
CA ARG E 74 -2.87 22.28 -5.29
C ARG E 74 -3.85 22.19 -4.08
N LEU E 75 -5.16 22.13 -4.35
CA LEU E 75 -6.12 21.91 -3.29
C LEU E 75 -5.87 20.58 -2.62
N ARG E 76 -5.66 19.55 -3.43
CA ARG E 76 -5.40 18.22 -2.89
C ARG E 76 -4.15 18.19 -2.03
N GLU E 77 -3.06 18.76 -2.54
CA GLU E 77 -1.80 18.78 -1.80
C GLU E 77 -1.90 19.60 -0.53
N THR E 78 -2.71 20.64 -0.55
CA THR E 78 -2.92 21.42 0.63
C THR E 78 -3.56 20.60 1.78
N CYS E 79 -4.59 19.85 1.47
CA CYS E 79 -5.20 18.98 2.44
C CYS E 79 -4.15 18.07 3.09
N GLN E 80 -3.31 17.45 2.28
CA GLN E 80 -2.24 16.64 2.80
C GLN E 80 -1.32 17.42 3.75
N SER E 81 -0.89 18.60 3.33
CA SER E 81 0.06 19.38 4.12
C SER E 81 -0.54 19.86 5.41
N LEU E 82 -1.84 20.14 5.38
CA LEU E 82 -2.53 20.63 6.58
C LEU E 82 -2.53 19.58 7.65
N VAL E 83 -2.79 18.34 7.24
CA VAL E 83 -2.82 17.21 8.15
C VAL E 83 -1.41 16.91 8.66
N ASP E 84 -0.40 17.09 7.82
CA ASP E 84 0.97 16.91 8.26
C ASP E 84 1.29 17.88 9.39
N ARG E 85 0.80 19.09 9.27
CA ARG E 85 1.14 20.16 10.19
C ARG E 85 0.48 20.03 11.55
N HIS E 86 -0.76 19.56 11.62
CA HIS E 86 -1.51 19.54 12.88
C HIS E 86 -1.87 18.13 13.31
N SER E 87 -1.27 17.64 14.38
CA SER E 87 -1.40 16.21 14.67
C SER E 87 -2.79 15.83 15.14
N ILE E 88 -3.54 16.77 15.70
CA ILE E 88 -4.90 16.46 16.09
C ILE E 88 -5.71 16.01 14.86
N LEU E 89 -5.34 16.50 13.68
CA LEU E 89 -6.05 16.14 12.48
C LEU E 89 -5.74 14.73 12.01
N ARG E 90 -4.71 14.10 12.55
CA ARG E 90 -4.39 12.74 12.21
C ARG E 90 -4.47 11.88 13.45
N THR E 91 -5.46 12.18 14.27
CA THR E 91 -5.74 11.47 15.49
C THR E 91 -6.98 10.64 15.33
N SER E 92 -6.93 9.44 15.87
CA SER E 92 -8.00 8.44 15.84
C SER E 92 -8.40 8.21 17.27
N PHE E 93 -9.67 7.94 17.52
CA PHE E 93 -10.16 7.78 18.90
C PHE E 93 -10.69 6.40 19.11
N VAL E 94 -10.47 5.83 20.29
CA VAL E 94 -10.93 4.47 20.58
C VAL E 94 -11.17 4.31 22.05
N GLU E 95 -11.96 3.32 22.45
CA GLU E 95 -12.10 3.03 23.87
C GLU E 95 -11.28 1.85 24.41
N HIS E 96 -10.76 2.02 25.60
CA HIS E 96 -9.98 0.97 26.27
C HIS E 96 -10.38 0.92 27.72
N GLU E 97 -10.96 -0.22 28.15
CA GLU E 97 -11.50 -0.40 29.51
C GLU E 97 -12.54 0.65 29.81
N GLY E 98 -13.39 0.93 28.82
CA GLY E 98 -14.44 1.93 28.94
C GLY E 98 -13.99 3.38 28.77
N HIS E 99 -12.68 3.63 28.67
CA HIS E 99 -12.11 4.99 28.61
C HIS E 99 -11.53 5.38 27.27
N PRO E 100 -11.80 6.60 26.85
CA PRO E 100 -11.41 6.99 25.50
C PRO E 100 -9.97 7.39 25.41
N ILE E 101 -9.25 6.90 24.43
CA ILE E 101 -7.88 7.31 24.15
C ILE E 101 -7.74 7.87 22.74
N GLN E 102 -6.66 8.61 22.51
CA GLN E 102 -6.34 9.09 21.18
C GLN E 102 -5.04 8.53 20.69
N LEU E 103 -5.07 8.05 19.46
CA LEU E 103 -3.89 7.56 18.77
C LEU E 103 -3.48 8.60 17.76
N VAL E 104 -2.26 9.07 17.86
CA VAL E 104 -1.76 10.06 16.95
C VAL E 104 -0.94 9.36 15.91
N LEU E 105 -1.40 9.43 14.66
CA LEU E 105 -0.75 8.75 13.55
C LEU E 105 0.21 9.65 12.82
N ALA E 106 1.23 9.04 12.22
CA ALA E 106 2.13 9.73 11.31
C ALA E 106 2.25 8.92 10.04
N ASN E 107 3.01 9.43 9.08
CA ASN E 107 3.10 8.82 7.73
C ASN E 107 1.71 8.55 7.15
N LEU E 108 0.83 9.52 7.32
CA LEU E 108 -0.57 9.34 7.01
C LEU E 108 -0.84 10.00 5.70
N ASP E 109 -1.24 9.20 4.72
CA ASP E 109 -1.57 9.69 3.41
C ASP E 109 -3.05 10.08 3.38
N VAL E 110 -3.32 11.33 3.03
CA VAL E 110 -4.68 11.84 2.96
C VAL E 110 -5.28 11.61 1.59
N LYS E 111 -6.43 10.95 1.55
CA LYS E 111 -7.11 10.64 0.30
C LYS E 111 -8.34 11.48 0.28
N VAL E 112 -8.46 12.30 -0.74
CA VAL E 112 -9.64 13.13 -0.87
C VAL E 112 -10.75 12.37 -1.58
N ARG E 113 -11.97 12.43 -1.04
CA ARG E 113 -13.15 11.89 -1.73
C ARG E 113 -13.53 12.89 -2.78
N GLU E 114 -13.62 12.46 -4.03
CA GLU E 114 -13.89 13.36 -5.15
C GLU E 114 -15.11 13.01 -5.93
N VAL E 115 -15.86 14.03 -6.28
CA VAL E 115 -17.07 13.86 -7.09
C VAL E 115 -17.02 14.78 -8.28
N GLN E 116 -17.15 14.22 -9.48
CA GLN E 116 -17.31 15.01 -10.69
C GLN E 116 -18.79 14.93 -11.04
N CYS E 117 -19.48 16.04 -10.87
CA CYS E 117 -20.92 16.11 -11.10
C CYS E 117 -21.35 16.07 -12.55
N TRP E 118 -22.62 15.76 -12.74
CA TRP E 118 -23.29 15.92 -14.01
C TRP E 118 -23.42 17.39 -14.32
N PRO E 119 -23.48 17.72 -15.62
CA PRO E 119 -23.80 19.11 -16.01
C PRO E 119 -25.12 19.55 -15.40
N GLY E 120 -25.15 20.77 -14.89
CA GLY E 120 -26.34 21.31 -14.24
C GLY E 120 -26.56 20.88 -12.80
N GLU E 121 -25.81 19.92 -12.29
CA GLU E 121 -25.98 19.45 -10.91
C GLU E 121 -25.34 20.48 -9.96
N ASP E 122 -26.03 20.85 -8.88
CA ASP E 122 -25.45 21.71 -7.84
C ASP E 122 -24.51 20.91 -6.88
N PRO E 123 -23.21 21.27 -6.81
CA PRO E 123 -22.23 20.61 -5.97
C PRO E 123 -22.62 20.58 -4.51
N MET E 124 -23.25 21.63 -4.03
CA MET E 124 -23.63 21.69 -2.64
C MET E 124 -24.75 20.70 -2.31
N GLU E 125 -25.67 20.48 -3.24
CA GLU E 125 -26.73 19.51 -3.02
C GLU E 125 -26.18 18.08 -2.93
N VAL E 126 -25.12 17.82 -3.67
CA VAL E 126 -24.43 16.56 -3.58
C VAL E 126 -23.80 16.36 -2.19
N CYS E 127 -23.10 17.36 -1.68
CA CYS E 127 -22.55 17.32 -0.31
C CYS E 127 -23.61 17.08 0.71
N LYS E 128 -24.68 17.85 0.63
CA LYS E 128 -25.81 17.69 1.55
C LYS E 128 -26.38 16.26 1.51
N ALA E 129 -26.48 15.69 0.34
CA ALA E 129 -26.95 14.32 0.20
C ALA E 129 -26.03 13.28 0.83
N LEU E 130 -24.73 13.43 0.63
CA LEU E 130 -23.77 12.55 1.29
C LEU E 130 -23.76 12.72 2.81
N TRP E 131 -23.90 13.95 3.25
CA TRP E 131 -23.96 14.24 4.66
C TRP E 131 -25.13 13.54 5.30
N ASP E 132 -26.35 13.78 4.81
CA ASP E 132 -27.56 13.23 5.43
C ASP E 132 -27.76 11.76 5.12
N GLY E 133 -27.19 11.27 4.03
CA GLY E 133 -27.40 9.91 3.62
C GLY E 133 -26.46 8.94 4.26
N LYS E 134 -25.24 9.36 4.58
CA LYS E 134 -24.32 8.41 5.21
C LYS E 134 -23.25 8.98 6.14
N ASP E 135 -22.78 10.19 5.88
CA ASP E 135 -21.66 10.73 6.65
C ASP E 135 -21.94 10.85 8.15
N TRP E 136 -23.02 11.50 8.56
CA TRP E 136 -23.36 11.52 9.99
C TRP E 136 -24.20 10.34 10.54
N PRO E 137 -25.13 9.79 9.75
CA PRO E 137 -25.84 8.65 10.36
C PRO E 137 -24.96 7.45 10.66
N THR E 138 -23.85 7.25 9.94
CA THR E 138 -22.98 6.08 10.23
C THR E 138 -21.73 6.46 10.96
N LEU E 139 -21.71 7.67 11.51
CA LEU E 139 -20.57 8.15 12.27
C LEU E 139 -20.36 7.31 13.52
N ASN E 140 -19.12 6.86 13.69
CA ASN E 140 -18.79 6.15 14.88
C ASN E 140 -17.37 6.47 15.26
N VAL E 141 -17.19 7.60 15.91
CA VAL E 141 -15.89 8.12 16.19
C VAL E 141 -15.07 7.15 17.04
N LEU E 142 -15.70 6.56 18.07
CA LEU E 142 -15.03 5.61 18.92
C LEU E 142 -14.68 4.25 18.31
N GLY E 143 -15.05 4.01 17.08
CA GLY E 143 -14.54 2.84 16.35
C GLY E 143 -13.16 2.99 15.78
N GLY E 144 -12.59 4.19 15.88
CA GLY E 144 -11.19 4.40 15.52
C GLY E 144 -10.88 4.90 14.13
N SER E 145 -11.90 5.04 13.31
CA SER E 145 -11.70 5.59 11.97
C SER E 145 -11.47 7.11 12.08
N LEU E 146 -10.55 7.66 11.31
CA LEU E 146 -10.16 9.06 11.40
C LEU E 146 -11.33 9.96 11.13
N PRO E 147 -11.66 10.82 12.10
CA PRO E 147 -12.78 11.69 11.84
C PRO E 147 -12.48 12.78 10.78
N VAL E 148 -11.23 13.23 10.67
CA VAL E 148 -10.91 14.28 9.73
C VAL E 148 -10.74 13.76 8.31
N ARG E 149 -11.62 14.20 7.40
CA ARG E 149 -11.63 13.75 6.02
C ARG E 149 -12.07 14.88 5.11
N PHE E 150 -11.56 14.86 3.89
CA PHE E 150 -11.84 15.89 2.93
C PHE E 150 -12.61 15.38 1.74
N THR E 151 -13.48 16.23 1.23
CA THR E 151 -14.26 15.94 0.04
C THR E 151 -14.12 17.12 -0.92
N LEU E 152 -14.03 16.82 -2.19
CA LEU E 152 -13.97 17.84 -3.22
C LEU E 152 -15.03 17.51 -4.29
N VAL E 153 -16.05 18.35 -4.40
CA VAL E 153 -17.13 18.16 -5.40
C VAL E 153 -17.10 19.23 -6.50
N SER E 154 -16.91 18.83 -7.75
CA SER E 154 -16.73 19.80 -8.86
C SER E 154 -17.76 19.67 -9.96
N CYS E 155 -18.17 20.82 -10.48
CA CYS E 155 -18.84 20.92 -11.76
C CYS E 155 -17.84 20.68 -12.86
N PRO E 156 -18.32 20.18 -14.01
CA PRO E 156 -17.42 20.06 -15.17
C PRO E 156 -16.87 21.42 -15.56
N GLY E 157 -15.57 21.49 -15.81
CA GLY E 157 -14.86 22.76 -16.01
C GLY E 157 -13.98 23.15 -14.81
N ASN E 158 -14.36 22.69 -13.61
CA ASN E 158 -13.63 23.01 -12.37
C ASN E 158 -13.57 24.49 -12.04
N GLU E 159 -14.64 25.23 -12.36
CA GLU E 159 -14.74 26.65 -12.05
C GLU E 159 -15.76 26.92 -10.95
N HIS E 160 -16.38 25.85 -10.45
CA HIS E 160 -17.33 25.92 -9.36
C HIS E 160 -17.10 24.60 -8.60
N VAL E 161 -16.58 24.72 -7.39
CA VAL E 161 -16.10 23.56 -6.65
C VAL E 161 -16.53 23.72 -5.20
N VAL E 162 -16.87 22.63 -4.53
CA VAL E 162 -17.09 22.71 -3.10
C VAL E 162 -16.11 21.84 -2.43
N LEU E 163 -15.38 22.44 -1.49
CA LEU E 163 -14.42 21.72 -0.67
C LEU E 163 -14.98 21.59 0.70
N THR E 164 -14.86 20.38 1.25
CA THR E 164 -15.43 20.06 2.56
C THR E 164 -14.38 19.45 3.49
N ILE E 165 -14.41 19.88 4.75
CA ILE E 165 -13.61 19.31 5.80
C ILE E 165 -14.58 18.81 6.86
N GLN E 166 -14.60 17.51 7.11
CA GLN E 166 -15.36 16.96 8.23
C GLN E 166 -14.48 16.73 9.42
N ILE E 167 -15.04 16.91 10.60
CA ILE E 167 -14.22 16.97 11.79
C ILE E 167 -15.05 16.83 13.05
N SER E 168 -14.50 16.17 14.05
CA SER E 168 -15.19 15.98 15.35
C SER E 168 -14.84 17.13 16.24
N HIS E 169 -15.75 17.55 17.10
CA HIS E 169 -15.51 18.72 17.95
C HIS E 169 -14.45 18.42 19.02
N SER E 170 -14.10 17.16 19.18
CA SER E 170 -12.97 16.78 20.02
C SER E 170 -11.65 17.21 19.41
N GLN E 171 -11.68 17.76 18.22
CA GLN E 171 -10.45 18.14 17.52
C GLN E 171 -10.30 19.63 17.26
N TRP E 172 -11.27 20.45 17.69
CA TRP E 172 -11.14 21.89 17.49
C TRP E 172 -11.88 22.65 18.54
N ASP E 173 -11.60 23.94 18.64
CA ASP E 173 -12.43 24.85 19.40
C ASP E 173 -12.49 26.23 18.75
N GLY E 174 -13.24 27.13 19.36
CA GLY E 174 -13.51 28.41 18.75
C GLY E 174 -12.30 29.31 18.57
N VAL E 175 -11.37 29.21 19.47
CA VAL E 175 -10.15 29.97 19.35
C VAL E 175 -9.31 29.52 18.17
N SER E 176 -9.28 28.22 17.93
CA SER E 176 -8.28 27.62 17.06
C SER E 176 -8.81 27.24 15.68
N ILE E 177 -10.10 27.01 15.53
CA ILE E 177 -10.64 26.71 14.19
C ILE E 177 -10.31 27.76 13.09
N PRO E 178 -10.30 29.07 13.41
CA PRO E 178 -9.82 30.01 12.36
C PRO E 178 -8.41 29.78 11.86
N LYS E 179 -7.59 29.22 12.70
CA LYS E 179 -6.23 28.92 12.32
C LYS E 179 -6.18 27.75 11.37
N LEU E 180 -7.14 26.86 11.43
CA LEU E 180 -7.19 25.80 10.47
C LEU E 180 -7.42 26.39 9.08
N PHE E 181 -8.37 27.31 8.97
CA PHE E 181 -8.65 27.96 7.70
C PHE E 181 -7.53 28.86 7.25
N SER E 182 -6.93 29.64 8.13
CA SER E 182 -5.84 30.53 7.67
C SER E 182 -4.60 29.75 7.28
N ASP E 183 -4.33 28.64 7.96
CA ASP E 183 -3.22 27.77 7.59
C ASP E 183 -3.47 27.11 6.23
N PHE E 184 -4.71 26.69 5.98
CA PHE E 184 -5.06 26.12 4.68
C PHE E 184 -4.78 27.15 3.58
N ALA E 185 -5.21 28.37 3.78
CA ALA E 185 -5.04 29.38 2.75
C ALA E 185 -3.57 29.67 2.49
N ALA E 186 -2.80 29.79 3.57
CA ALA E 186 -1.36 30.07 3.44
C ALA E 186 -0.70 28.95 2.68
N ILE E 187 -1.05 27.70 2.98
CA ILE E 187 -0.40 26.57 2.29
C ILE E 187 -0.78 26.56 0.82
N TYR E 188 -2.05 26.80 0.52
CA TYR E 188 -2.50 26.91 -0.87
C TYR E 188 -1.78 28.05 -1.60
N ASN E 189 -1.72 29.21 -0.95
CA ASN E 189 -1.06 30.39 -1.50
C ASN E 189 0.47 30.33 -1.47
N GLN E 190 1.03 29.28 -0.91
CA GLN E 190 2.48 29.13 -0.77
C GLN E 190 3.14 30.24 0.03
N THR E 191 2.44 30.71 1.05
CA THR E 191 2.92 31.63 2.03
C THR E 191 3.59 30.77 3.13
N PRO E 192 4.74 31.17 3.63
CA PRO E 192 5.35 30.40 4.75
C PRO E 192 4.58 30.49 6.09
N LEU E 193 4.72 29.47 6.91
CA LEU E 193 4.02 29.41 8.21
C LEU E 193 5.00 29.19 9.37
N PRO E 194 4.76 29.88 10.51
CA PRO E 194 5.63 29.62 11.68
C PRO E 194 5.37 28.23 12.20
N PRO E 195 6.32 27.67 12.94
CA PRO E 195 6.05 26.39 13.59
C PRO E 195 5.01 26.56 14.68
N THR E 196 4.37 25.44 15.02
CA THR E 196 3.30 25.43 15.99
C THR E 196 3.47 24.22 16.92
N SER E 197 2.65 24.13 17.96
CA SER E 197 2.54 22.91 18.76
C SER E 197 1.28 22.13 18.44
N ASP E 198 1.19 20.95 19.08
CA ASP E 198 0.18 19.95 18.92
C ASP E 198 -0.73 20.01 20.13
N PHE E 199 -1.90 19.40 20.00
CA PHE E 199 -2.74 19.20 21.16
C PHE E 199 -2.05 18.29 22.18
N ALA E 200 -1.27 17.33 21.71
CA ALA E 200 -0.57 16.46 22.66
C ALA E 200 0.33 17.26 23.60
N HIS E 201 1.02 18.26 23.08
CA HIS E 201 1.89 19.11 23.89
C HIS E 201 1.08 19.80 24.98
N TYR E 202 -0.16 20.13 24.69
CA TYR E 202 -0.99 20.76 25.70
C TYR E 202 -1.27 19.78 26.84
N LEU E 203 -1.52 18.52 26.51
CA LEU E 203 -1.79 17.51 27.53
C LEU E 203 -0.56 17.24 28.39
N TYR E 204 0.62 17.19 27.76
CA TYR E 204 1.87 16.98 28.51
C TYR E 204 2.12 18.15 29.43
N HIS E 205 1.85 19.37 28.96
CA HIS E 205 2.10 20.54 29.75
C HIS E 205 1.18 20.59 30.98
N ARG E 206 -0.10 20.28 30.83
CA ARG E 206 -0.98 20.23 32.00
C ARG E 206 -0.46 19.27 33.07
N VAL E 207 0.04 18.12 32.65
CA VAL E 207 0.46 17.10 33.59
C VAL E 207 1.74 17.52 34.31
N SER E 208 2.63 18.19 33.61
CA SER E 208 3.89 18.63 34.18
C SER E 208 3.72 19.72 35.24
N SER E 209 2.58 20.39 35.23
CA SER E 209 2.31 21.47 36.20
C SER E 209 1.51 20.96 37.42
N ALA E 210 1.02 19.74 37.34
CA ALA E 210 0.32 19.13 38.47
C ALA E 210 1.37 18.59 39.45
N ARG E 211 0.99 18.56 40.72
CA ARG E 211 1.86 18.08 41.80
C ARG E 211 1.52 16.64 42.04
N GLU E 212 2.51 15.86 42.48
CA GLU E 212 2.27 14.42 42.69
C GLU E 212 1.34 14.19 43.91
N ASP E 213 1.45 15.01 44.95
CA ASP E 213 0.50 14.94 46.07
C ASP E 213 -0.63 15.89 45.75
N VAL E 214 -1.85 15.37 45.68
CA VAL E 214 -2.96 16.14 45.10
C VAL E 214 -3.46 17.08 46.15
N GLN E 215 -3.25 16.80 47.41
CA GLN E 215 -3.73 17.88 48.24
C GLN E 215 -2.72 18.87 48.71
N GLN E 216 -1.56 18.82 48.09
CA GLN E 216 -0.65 19.97 48.07
C GLN E 216 -0.71 20.79 46.75
N ASP E 217 -1.69 20.49 45.90
CA ASP E 217 -1.83 21.18 44.61
C ASP E 217 -2.66 22.43 44.84
N PRO E 218 -2.08 23.60 44.57
CA PRO E 218 -2.80 24.87 44.78
C PRO E 218 -4.15 24.89 44.06
N THR E 219 -4.22 24.22 42.92
CA THR E 219 -5.45 24.14 42.14
C THR E 219 -6.56 23.40 42.84
N PHE E 220 -6.28 22.24 43.41
CA PHE E 220 -7.34 21.54 44.14
C PHE E 220 -7.63 22.17 45.51
N GLN E 221 -6.64 22.86 46.08
CA GLN E 221 -6.88 23.69 47.25
C GLN E 221 -7.81 24.83 46.88
N PHE E 222 -7.54 25.49 45.76
CA PHE E 222 -8.44 26.55 45.30
C PHE E 222 -9.88 26.08 45.15
N TRP E 223 -10.09 24.97 44.46
CA TRP E 223 -11.45 24.52 44.18
C TRP E 223 -12.17 24.10 45.45
N ARG E 224 -11.42 23.53 46.40
CA ARG E 224 -11.98 23.11 47.70
C ARG E 224 -12.55 24.31 48.44
N HIS E 225 -11.76 25.36 48.54
CA HIS E 225 -12.21 26.60 49.14
C HIS E 225 -13.35 27.24 48.32
N TYR E 226 -13.21 27.29 47.00
CA TYR E 226 -14.18 27.94 46.12
C TYR E 226 -15.56 27.32 46.23
N LEU E 227 -15.61 25.99 46.37
CA LEU E 227 -16.87 25.27 46.39
C LEU E 227 -17.34 24.88 47.80
N ASP E 228 -16.57 25.26 48.83
CA ASP E 228 -16.92 24.94 50.22
C ASP E 228 -18.35 25.33 50.61
N GLY E 229 -19.13 24.35 51.05
CA GLY E 229 -20.51 24.57 51.44
C GLY E 229 -21.48 24.74 50.30
N ALA E 230 -21.02 24.53 49.07
CA ALA E 230 -21.87 24.75 47.91
C ALA E 230 -22.68 23.52 47.60
N LYS E 231 -23.82 23.72 46.97
CA LYS E 231 -24.61 22.62 46.41
C LYS E 231 -24.92 22.92 44.95
N MET E 232 -24.89 21.88 44.13
CA MET E 232 -25.13 22.06 42.71
C MET E 232 -26.47 21.47 42.37
N ALA E 233 -27.42 22.35 42.18
CA ALA E 233 -28.77 21.91 41.93
C ALA E 233 -28.96 21.61 40.45
N VAL E 234 -29.96 20.80 40.17
CA VAL E 234 -30.37 20.46 38.83
C VAL E 234 -31.62 21.28 38.54
N PRO E 235 -31.49 22.35 37.77
CA PRO E 235 -32.68 23.16 37.48
C PRO E 235 -33.71 22.55 36.54
N PHE E 236 -33.36 21.57 35.72
CA PHE E 236 -34.31 20.92 34.79
C PHE E 236 -34.19 19.40 34.67
N ALA E 237 -35.32 18.67 34.71
CA ALA E 237 -35.40 17.19 34.77
C ALA E 237 -35.15 16.49 33.44
N GLN E 255 -35.84 14.00 21.48
CA GLN E 255 -35.40 14.95 20.41
C GLN E 255 -34.71 16.32 20.79
N THR E 256 -33.61 16.64 20.10
CA THR E 256 -32.83 17.86 20.36
C THR E 256 -33.56 19.12 19.85
N LEU E 257 -33.71 20.13 20.69
CA LEU E 257 -34.31 21.40 20.27
C LEU E 257 -33.40 22.60 20.48
N TRP E 258 -33.44 23.50 19.51
CA TRP E 258 -32.79 24.80 19.56
C TRP E 258 -33.82 25.91 19.60
N THR E 259 -33.65 26.85 20.51
CA THR E 259 -34.56 27.96 20.63
C THR E 259 -33.75 29.24 20.66
N PHE E 260 -34.16 30.23 19.86
CA PHE E 260 -33.42 31.48 19.71
C PHE E 260 -34.19 32.70 20.20
N LYS E 261 -33.47 33.70 20.70
CA LYS E 261 -34.06 35.00 21.03
C LYS E 261 -33.05 36.12 20.91
N GLY E 262 -33.28 37.04 19.97
CA GLY E 262 -32.44 38.22 19.80
C GLY E 262 -32.86 39.44 20.64
N ILE E 263 -31.88 40.19 21.12
CA ILE E 263 -32.11 41.48 21.74
C ILE E 263 -31.11 42.48 21.18
N VAL E 264 -31.36 43.76 21.45
CA VAL E 264 -30.45 44.83 21.06
C VAL E 264 -29.15 44.66 21.83
N PRO E 265 -28.00 44.88 21.17
CA PRO E 265 -26.75 44.59 21.90
C PRO E 265 -26.66 45.44 23.16
N PRO E 266 -26.47 44.81 24.32
CA PRO E 266 -26.40 45.52 25.60
C PRO E 266 -25.22 46.46 25.67
N THR E 267 -25.43 47.57 26.35
CA THR E 267 -24.38 48.52 26.65
C THR E 267 -23.70 48.03 27.92
N LEU E 268 -22.38 48.00 27.88
CA LEU E 268 -21.62 47.42 28.97
C LEU E 268 -21.28 48.48 30.01
N PRO E 269 -21.68 48.23 31.27
CA PRO E 269 -21.19 49.06 32.33
C PRO E 269 -19.67 49.07 32.35
N SER E 270 -19.10 50.16 32.86
CA SER E 270 -17.65 50.29 32.94
C SER E 270 -17.03 49.10 33.64
N GLY E 271 -15.99 48.54 33.02
CA GLY E 271 -15.19 47.45 33.56
C GLY E 271 -15.79 46.05 33.53
N ILE E 272 -16.92 45.88 32.86
CA ILE E 272 -17.66 44.62 32.86
C ILE E 272 -17.72 44.08 31.45
N THR E 273 -17.42 42.80 31.28
CA THR E 273 -17.45 42.18 29.98
C THR E 273 -18.85 41.67 29.71
N MET E 274 -19.13 41.41 28.43
CA MET E 274 -20.40 40.85 28.00
C MET E 274 -20.64 39.50 28.63
N ALA E 275 -19.61 38.67 28.70
CA ALA E 275 -19.74 37.34 29.30
C ALA E 275 -20.24 37.44 30.74
N THR E 276 -19.71 38.42 31.49
CA THR E 276 -20.09 38.60 32.87
C THR E 276 -21.60 38.96 32.94
N LEU E 277 -22.03 39.84 32.07
CA LEU E 277 -23.40 40.23 32.02
C LEU E 277 -24.34 39.04 31.80
N VAL E 278 -24.01 38.20 30.82
CA VAL E 278 -24.80 36.99 30.55
C VAL E 278 -24.82 36.05 31.75
N LYS E 279 -23.68 35.87 32.39
CA LYS E 279 -23.65 34.90 33.48
C LYS E 279 -24.36 35.40 34.74
N ALA E 280 -24.29 36.70 34.97
CA ALA E 280 -25.00 37.31 36.10
C ALA E 280 -26.47 37.15 35.90
N ALA E 281 -26.93 37.38 34.67
CA ALA E 281 -28.35 37.24 34.35
C ALA E 281 -28.83 35.84 34.60
N THR E 282 -28.01 34.87 34.18
CA THR E 282 -28.32 33.48 34.37
C THR E 282 -28.37 33.13 35.87
N ALA E 283 -27.43 33.67 36.64
CA ALA E 283 -27.40 33.46 38.09
C ALA E 283 -28.65 34.04 38.78
N LEU E 284 -29.02 35.27 38.45
CA LEU E 284 -30.20 35.87 39.01
C LEU E 284 -31.41 34.99 38.70
N PHE E 285 -31.53 34.56 37.44
CA PHE E 285 -32.64 33.72 37.05
C PHE E 285 -32.69 32.46 37.91
N LEU E 286 -31.55 31.79 38.07
CA LEU E 286 -31.51 30.54 38.78
C LEU E 286 -31.82 30.77 40.25
N SER E 287 -31.35 31.88 40.77
CA SER E 287 -31.65 32.29 42.13
C SER E 287 -33.17 32.20 42.40
N TYR E 288 -33.97 32.84 41.53
CA TYR E 288 -35.44 32.80 41.61
C TYR E 288 -36.02 31.45 41.26
N HIS E 289 -35.54 30.81 40.21
CA HIS E 289 -36.12 29.55 39.75
C HIS E 289 -35.97 28.43 40.76
N LEU E 290 -34.78 28.31 41.35
CA LEU E 290 -34.61 27.47 42.55
C LEU E 290 -35.04 28.41 43.66
N GLY E 291 -34.90 28.04 44.91
CA GLY E 291 -35.19 29.04 45.93
C GLY E 291 -33.93 29.33 46.67
N SER E 292 -32.94 29.89 45.98
CA SER E 292 -31.59 29.86 46.54
C SER E 292 -30.83 31.15 46.35
N ARG E 293 -30.00 31.46 47.34
CA ARG E 293 -29.13 32.61 47.27
C ARG E 293 -27.71 32.17 46.85
N ASP E 294 -27.48 30.86 46.81
CA ASP E 294 -26.16 30.33 46.48
C ASP E 294 -26.29 29.31 45.35
N VAL E 295 -25.90 29.72 44.14
CA VAL E 295 -26.09 28.89 42.96
C VAL E 295 -24.77 28.50 42.31
N VAL E 296 -24.76 27.28 41.80
CA VAL E 296 -23.66 26.76 41.03
C VAL E 296 -24.16 26.19 39.72
N PHE E 297 -23.58 26.65 38.63
CA PHE E 297 -23.84 26.07 37.31
C PHE E 297 -22.55 25.97 36.52
N GLY E 298 -22.61 25.35 35.36
CA GLY E 298 -21.42 25.20 34.56
C GLY E 298 -21.23 26.34 33.60
N HIS E 299 -20.00 26.57 33.21
CA HIS E 299 -19.76 27.45 32.09
C HIS E 299 -18.52 27.01 31.33
N THR E 300 -18.45 27.43 30.08
CA THR E 300 -17.36 27.05 29.19
C THR E 300 -16.21 28.07 29.29
N VAL E 301 -15.01 27.57 29.51
CA VAL E 301 -13.83 28.41 29.49
C VAL E 301 -12.85 27.86 28.46
N ASN E 302 -11.95 28.73 28.00
CA ASN E 302 -11.17 28.41 26.82
C ASN E 302 -9.95 27.54 27.09
N GLY E 303 -9.51 27.50 28.34
CA GLY E 303 -8.45 26.58 28.78
C GLY E 303 -7.04 26.91 28.32
N ARG E 304 -6.85 28.14 27.84
CA ARG E 304 -5.60 28.53 27.22
C ARG E 304 -4.82 29.57 28.02
N ASN E 305 -5.11 29.71 29.30
CA ASN E 305 -4.38 30.64 30.15
C ASN E 305 -3.21 29.92 30.85
N LEU E 306 -2.32 29.33 30.07
CA LEU E 306 -1.22 28.57 30.59
C LEU E 306 0.05 29.06 29.94
N PRO E 307 1.14 29.07 30.67
CA PRO E 307 2.42 29.52 30.14
C PRO E 307 3.12 28.47 29.25
N MET E 308 2.58 28.20 28.09
CA MET E 308 3.16 27.23 27.17
C MET E 308 3.28 27.85 25.80
N ASP E 309 4.30 27.48 25.03
CA ASP E 309 4.53 28.13 23.77
C ASP E 309 3.43 27.77 22.82
N ASN E 310 2.98 28.76 22.06
CA ASN E 310 1.93 28.63 21.04
C ASN E 310 0.59 28.23 21.58
N ILE E 311 0.32 28.48 22.85
CA ILE E 311 -0.93 28.00 23.38
C ILE E 311 -2.13 28.72 22.76
N GLU E 312 -1.92 29.92 22.24
CA GLU E 312 -2.99 30.69 21.63
C GLU E 312 -3.39 30.19 20.24
N SER E 313 -2.53 29.43 19.60
CA SER E 313 -2.73 29.07 18.21
C SER E 313 -2.83 27.55 17.94
N LEU E 314 -2.47 26.70 18.91
CA LEU E 314 -2.43 25.28 18.62
C LEU E 314 -3.82 24.75 18.31
N LEU E 315 -3.93 23.79 17.40
CA LEU E 315 -5.23 23.31 17.00
C LEU E 315 -5.68 22.15 17.90
N GLY E 316 -6.87 22.29 18.46
CA GLY E 316 -7.40 21.27 19.31
C GLY E 316 -8.52 21.78 20.16
N CYS E 317 -9.03 20.91 21.04
CA CYS E 317 -10.13 21.25 21.88
C CYS E 317 -9.62 21.39 23.30
N THR E 318 -9.21 22.61 23.64
CA THR E 318 -8.75 22.90 24.96
C THR E 318 -9.89 23.43 25.86
N LEU E 319 -11.08 23.59 25.32
CA LEU E 319 -12.24 24.00 26.11
C LEU E 319 -12.39 23.20 27.37
N ASN E 320 -12.96 23.82 28.38
CA ASN E 320 -13.30 23.14 29.58
C ASN E 320 -14.64 23.62 30.09
N PHE E 321 -15.36 22.74 30.76
CA PHE E 321 -16.63 23.06 31.35
C PHE E 321 -16.47 22.94 32.86
N VAL E 322 -16.54 24.07 33.55
CA VAL E 322 -16.23 24.12 34.96
C VAL E 322 -17.32 24.80 35.78
N PRO E 323 -17.29 24.59 37.10
CA PRO E 323 -18.28 25.25 37.96
C PRO E 323 -18.08 26.75 38.07
N LEU E 324 -19.18 27.47 38.03
CA LEU E 324 -19.20 28.85 38.39
C LEU E 324 -20.17 29.02 39.54
N ARG E 325 -19.73 29.68 40.60
CA ARG E 325 -20.54 29.87 41.79
C ARG E 325 -20.86 31.35 42.02
N VAL E 326 -22.14 31.65 42.15
CA VAL E 326 -22.57 33.00 42.43
C VAL E 326 -23.39 32.97 43.73
N THR E 327 -22.91 33.71 44.72
CA THR E 327 -23.49 33.77 46.04
C THR E 327 -24.04 35.16 46.31
N PHE E 328 -25.35 35.24 46.36
CA PHE E 328 -26.00 36.48 46.80
C PHE E 328 -25.90 36.59 48.33
N PRO E 329 -25.72 37.82 48.86
CA PRO E 329 -25.72 37.94 50.32
C PRO E 329 -27.09 37.60 50.95
N GLU E 330 -27.04 37.15 52.22
CA GLU E 330 -28.21 36.71 53.00
C GLU E 330 -29.17 37.83 53.28
N ASP E 331 -28.64 39.00 53.59
CA ASP E 331 -29.50 40.14 53.82
C ASP E 331 -29.65 40.68 52.41
N SER E 332 -28.53 41.23 51.92
CA SER E 332 -28.40 41.79 50.58
C SER E 332 -29.36 42.97 50.58
N THR E 333 -30.27 43.11 49.60
CA THR E 333 -31.08 44.37 49.48
C THR E 333 -30.25 45.66 49.46
N ASP E 334 -29.00 45.63 49.93
CA ASP E 334 -28.08 46.67 49.62
C ASP E 334 -27.52 46.44 48.21
N TRP E 335 -27.59 45.23 47.64
CA TRP E 335 -26.89 44.93 46.36
C TRP E 335 -27.54 45.53 45.15
N THR E 336 -26.71 46.22 44.37
CA THR E 336 -27.11 46.70 43.06
C THR E 336 -26.72 45.68 41.97
N VAL E 337 -27.21 45.92 40.76
CA VAL E 337 -26.81 45.15 39.61
C VAL E 337 -25.29 45.20 39.51
N MET E 338 -24.69 46.38 39.64
CA MET E 338 -23.24 46.48 39.59
C MET E 338 -22.55 45.57 40.59
N ASP E 339 -23.04 45.50 41.83
CA ASP E 339 -22.45 44.61 42.83
C ASP E 339 -22.48 43.17 42.35
N LEU E 340 -23.58 42.77 41.72
CA LEU E 340 -23.71 41.40 41.19
C LEU E 340 -22.73 41.15 40.01
N LEU E 341 -22.61 42.14 39.13
CA LEU E 341 -21.71 42.06 38.03
C LEU E 341 -20.26 41.94 38.52
N HIS E 342 -19.81 42.79 39.43
CA HIS E 342 -18.45 42.71 39.95
C HIS E 342 -18.20 41.40 40.65
N HIS E 343 -19.17 40.93 41.40
CA HIS E 343 -19.04 39.64 42.08
C HIS E 343 -18.91 38.50 41.07
N THR E 344 -19.81 38.48 40.08
CA THR E 344 -19.82 37.42 39.09
C THR E 344 -18.50 37.39 38.32
N GLN E 345 -18.03 38.56 37.88
CA GLN E 345 -16.78 38.66 37.18
C GLN E 345 -15.58 38.16 38.03
N THR E 346 -15.56 38.50 39.31
CA THR E 346 -14.52 38.05 40.21
C THR E 346 -14.56 36.54 40.42
N GLN E 347 -15.76 35.97 40.43
CA GLN E 347 -15.90 34.53 40.57
C GLN E 347 -15.39 33.76 39.34
N TYR E 348 -15.25 34.48 38.23
CA TYR E 348 -14.63 33.90 37.06
C TYR E 348 -13.14 34.10 37.15
N THR E 349 -12.70 35.33 37.41
CA THR E 349 -11.26 35.62 37.41
C THR E 349 -10.48 34.90 38.51
N ARG E 350 -11.12 34.63 39.64
CA ARG E 350 -10.49 33.86 40.70
C ARG E 350 -10.03 32.48 40.19
N ALA E 351 -10.77 31.91 39.27
CA ALA E 351 -10.52 30.57 38.80
C ALA E 351 -9.52 30.49 37.60
N LEU E 352 -9.06 31.63 37.10
CA LEU E 352 -8.29 31.66 35.84
C LEU E 352 -7.07 30.77 35.82
N SER E 353 -6.41 30.67 36.94
CA SER E 353 -5.20 29.90 37.05
C SER E 353 -5.51 28.41 37.30
N HIS E 354 -6.77 28.06 37.49
CA HIS E 354 -7.15 26.71 37.88
C HIS E 354 -8.25 26.08 36.99
N GLU E 355 -8.59 26.74 35.88
CA GLU E 355 -9.76 26.38 35.04
C GLU E 355 -9.45 25.27 34.07
N HIS E 356 -8.21 24.79 34.04
CA HIS E 356 -7.75 23.90 33.01
C HIS E 356 -7.76 22.41 33.40
N VAL E 357 -8.17 22.09 34.62
CA VAL E 357 -8.08 20.70 35.10
C VAL E 357 -9.38 19.98 34.85
N GLU E 358 -9.30 18.67 34.77
CA GLU E 358 -10.48 17.82 34.51
C GLU E 358 -11.55 18.08 35.57
N LEU E 359 -12.80 18.14 35.15
CA LEU E 359 -13.89 18.39 36.05
C LEU E 359 -14.03 17.25 37.08
N ARG E 360 -13.86 16.02 36.64
CA ARG E 360 -14.00 14.89 37.52
C ARG E 360 -12.89 14.90 38.58
N ASP E 361 -11.74 15.47 38.26
CA ASP E 361 -10.69 15.66 39.26
C ASP E 361 -11.06 16.75 40.26
N ILE E 362 -11.72 17.80 39.80
CA ILE E 362 -12.17 18.82 40.71
C ILE E 362 -13.11 18.21 41.71
N PHE E 363 -14.11 17.48 41.21
CA PHE E 363 -15.11 16.92 42.08
C PHE E 363 -14.50 15.88 43.02
N GLN E 364 -13.60 15.06 42.52
CA GLN E 364 -13.04 14.01 43.34
C GLN E 364 -12.14 14.54 44.43
N HIS E 365 -11.25 15.47 44.11
CA HIS E 365 -10.24 15.92 45.05
C HIS E 365 -10.62 17.12 45.88
N SER E 366 -11.70 17.80 45.52
CA SER E 366 -12.02 19.08 46.15
C SER E 366 -13.46 19.15 46.69
N THR E 367 -14.23 18.07 46.56
CA THR E 367 -15.58 18.02 47.09
C THR E 367 -15.90 16.66 47.64
N ASN E 368 -17.08 16.54 48.26
CA ASN E 368 -17.68 15.24 48.62
C ASN E 368 -18.41 14.64 47.47
N TRP E 369 -18.71 15.45 46.47
CA TRP E 369 -19.60 15.04 45.40
C TRP E 369 -19.01 13.87 44.61
N PRO E 370 -19.88 13.01 44.06
CA PRO E 370 -19.42 11.92 43.21
C PRO E 370 -18.66 12.47 42.01
N ALA E 371 -17.55 11.84 41.67
CA ALA E 371 -16.67 12.32 40.61
C ALA E 371 -17.37 12.47 39.25
N GLU E 372 -18.33 11.60 38.95
CA GLU E 372 -19.00 11.61 37.66
C GLU E 372 -20.27 12.44 37.71
N THR E 373 -20.40 13.30 38.70
CA THR E 373 -21.52 14.22 38.75
C THR E 373 -21.48 15.08 37.49
N PRO E 374 -22.56 15.07 36.70
CA PRO E 374 -22.64 15.92 35.52
C PRO E 374 -23.03 17.36 35.84
N LEU E 375 -22.58 18.29 35.01
CA LEU E 375 -23.13 19.62 35.00
C LEU E 375 -24.50 19.51 34.32
N SER E 376 -25.51 20.16 34.88
CA SER E 376 -26.84 20.10 34.29
C SER E 376 -27.21 21.38 33.57
N LEU E 377 -26.47 22.46 33.80
CA LEU E 377 -26.63 23.69 33.02
C LEU E 377 -25.26 24.20 32.64
N ILE E 378 -25.09 24.59 31.37
CA ILE E 378 -23.83 25.16 30.91
C ILE E 378 -24.08 26.40 30.09
N VAL E 379 -23.41 27.49 30.43
CA VAL E 379 -23.50 28.76 29.72
C VAL E 379 -22.22 28.98 28.94
N GLN E 380 -22.35 29.19 27.65
CA GLN E 380 -21.23 29.40 26.79
C GLN E 380 -21.33 30.73 26.07
N HIS E 381 -20.49 31.68 26.47
CA HIS E 381 -20.50 32.95 25.75
C HIS E 381 -19.52 32.89 24.61
N GLN E 382 -19.99 33.22 23.42
CA GLN E 382 -19.21 33.01 22.19
C GLN E 382 -18.44 34.26 21.75
N ASN E 383 -17.47 34.67 22.54
CA ASN E 383 -16.67 35.81 22.16
C ASN E 383 -15.45 35.40 21.33
N ILE E 384 -15.72 34.72 20.24
CA ILE E 384 -14.73 34.17 19.34
C ILE E 384 -15.21 34.51 17.95
N ASP E 385 -14.42 34.20 16.93
CA ASP E 385 -14.82 34.50 15.54
C ASP E 385 -16.11 33.82 15.18
N LEU E 386 -17.06 34.59 14.65
CA LEU E 386 -18.37 34.05 14.22
C LEU E 386 -18.49 33.96 12.71
N SER E 387 -17.54 34.58 12.00
CA SER E 387 -17.42 34.49 10.55
C SER E 387 -16.10 33.96 10.20
N PHE E 388 -15.99 33.38 9.02
CA PHE E 388 -14.74 32.81 8.58
C PHE E 388 -14.43 33.11 7.15
N SER E 389 -13.15 33.03 6.82
CA SER E 389 -12.65 33.30 5.49
C SER E 389 -11.62 32.29 5.09
N LEU E 390 -11.48 32.14 3.80
CA LEU E 390 -10.45 31.33 3.23
C LEU E 390 -9.98 32.07 1.99
N PRO E 391 -9.07 33.06 2.19
CA PRO E 391 -8.63 33.95 1.11
C PRO E 391 -7.62 33.28 0.14
N LEU E 392 -8.13 32.37 -0.68
CA LEU E 392 -7.33 31.73 -1.71
C LEU E 392 -7.06 32.69 -2.86
N ARG E 393 -5.83 32.68 -3.38
CA ARG E 393 -5.50 33.49 -4.53
C ARG E 393 -5.69 32.58 -5.72
N SER E 406 -8.50 35.49 -9.70
CA SER E 406 -9.33 35.95 -8.58
C SER E 406 -10.44 34.95 -8.20
N LEU E 407 -10.44 34.51 -6.93
CA LEU E 407 -11.35 33.45 -6.45
C LEU E 407 -12.39 33.93 -5.48
N ASP E 408 -13.64 33.61 -5.76
CA ASP E 408 -14.73 33.92 -4.86
C ASP E 408 -14.96 32.70 -3.94
N VAL E 409 -14.87 32.89 -2.63
CA VAL E 409 -14.92 31.79 -1.69
C VAL E 409 -15.93 32.03 -0.59
N GLN E 410 -17.00 31.23 -0.53
CA GLN E 410 -18.06 31.36 0.45
C GLN E 410 -18.11 30.19 1.42
N TYR E 411 -18.50 30.53 2.63
CA TYR E 411 -18.49 29.63 3.74
C TYR E 411 -19.87 29.15 4.03
N SER E 412 -19.98 27.87 4.40
CA SER E 412 -21.22 27.37 5.03
C SER E 412 -20.84 26.12 5.83
N LYS E 413 -21.76 25.60 6.61
CA LYS E 413 -21.46 24.42 7.36
C LYS E 413 -22.65 23.52 7.59
N PHE E 414 -22.37 22.25 7.85
CA PHE E 414 -23.37 21.33 8.41
C PHE E 414 -22.92 20.95 9.79
N ALA E 415 -23.86 20.67 10.68
CA ALA E 415 -23.51 20.39 12.05
C ALA E 415 -24.42 19.39 12.71
N ARG E 416 -23.87 18.52 13.55
CA ARG E 416 -24.65 17.70 14.47
C ARG E 416 -24.19 17.97 15.88
N PHE E 417 -25.14 17.99 16.80
CA PHE E 417 -24.89 18.16 18.21
C PHE E 417 -26.14 17.76 19.00
N ASP E 418 -26.02 16.74 19.85
CA ASP E 418 -27.18 16.24 20.61
C ASP E 418 -26.89 16.15 22.11
N PRO E 419 -27.37 17.12 22.89
CA PRO E 419 -27.19 17.02 24.35
C PRO E 419 -27.83 15.79 25.01
N LEU E 420 -27.29 15.41 26.16
CA LEU E 420 -27.88 14.35 26.99
C LEU E 420 -28.92 14.96 27.96
N ASP E 421 -28.65 14.99 29.25
CA ASP E 421 -29.60 15.56 30.22
C ASP E 421 -29.36 17.04 30.53
N GLU E 422 -28.23 17.60 30.09
CA GLU E 422 -27.90 18.96 30.42
C GLU E 422 -28.61 19.97 29.52
N VAL E 423 -28.70 21.19 30.00
CA VAL E 423 -29.19 22.28 29.17
C VAL E 423 -28.01 23.21 28.82
N TRP E 424 -27.93 23.64 27.56
CA TRP E 424 -26.91 24.58 27.14
C TRP E 424 -27.56 25.91 26.85
N ILE E 425 -26.92 26.98 27.29
CA ILE E 425 -27.29 28.33 26.87
C ILE E 425 -26.10 28.97 26.22
N PHE E 426 -26.25 29.29 24.95
CA PHE E 426 -25.22 29.93 24.15
C PHE E 426 -25.60 31.39 23.90
N THR E 427 -24.65 32.32 23.95
CA THR E 427 -24.90 33.70 23.60
C THR E 427 -23.93 34.14 22.52
N GLU E 428 -24.46 34.61 21.39
CA GLU E 428 -23.67 35.03 20.27
C GLU E 428 -23.79 36.53 20.13
N PRO E 429 -22.68 37.24 20.29
CA PRO E 429 -22.66 38.67 20.11
C PRO E 429 -22.41 39.08 18.66
N HIS E 430 -23.48 39.31 17.90
CA HIS E 430 -23.39 39.87 16.55
C HIS E 430 -23.45 41.40 16.55
N ALA E 431 -23.23 41.98 15.37
CA ALA E 431 -23.18 43.44 15.21
C ALA E 431 -24.52 44.11 15.52
N ASP E 432 -25.60 43.47 15.10
CA ASP E 432 -26.95 44.01 15.21
C ASP E 432 -27.75 43.44 16.37
N ARG E 433 -27.27 42.37 16.99
CA ARG E 433 -28.01 41.76 18.09
C ARG E 433 -27.12 40.89 18.98
N LEU E 434 -27.58 40.65 20.21
CA LEU E 434 -27.05 39.60 21.07
C LEU E 434 -28.05 38.46 21.00
N GLU E 435 -27.63 37.30 20.55
CA GLU E 435 -28.55 36.19 20.37
C GLU E 435 -28.38 35.17 21.47
N VAL E 436 -29.47 34.88 22.16
CA VAL E 436 -29.50 33.89 23.22
C VAL E 436 -30.09 32.61 22.69
N GLN E 437 -29.34 31.52 22.79
CA GLN E 437 -29.73 30.24 22.22
C GLN E 437 -29.79 29.21 23.31
N VAL E 438 -30.89 28.47 23.36
CA VAL E 438 -31.04 27.39 24.32
C VAL E 438 -31.03 26.11 23.52
N CYS E 439 -30.26 25.12 23.98
CA CYS E 439 -30.22 23.83 23.32
C CYS E 439 -30.32 22.74 24.35
N ALA E 440 -31.32 21.91 24.20
CA ALA E 440 -31.60 20.83 25.14
C ALA E 440 -32.51 19.83 24.50
N ASN E 441 -32.45 18.60 25.00
CA ASN E 441 -33.39 17.59 24.58
C ASN E 441 -34.80 17.98 25.03
N SER E 442 -35.81 17.66 24.21
CA SER E 442 -37.21 18.02 24.52
C SER E 442 -37.79 17.32 25.75
N ARG E 443 -37.25 16.16 26.13
CA ARG E 443 -37.72 15.50 27.36
C ARG E 443 -37.17 16.24 28.58
N VAL E 444 -36.22 17.15 28.41
CA VAL E 444 -35.67 17.92 29.54
C VAL E 444 -36.27 19.28 29.58
N LEU E 445 -36.46 19.86 28.40
CA LEU E 445 -36.92 21.22 28.29
C LEU E 445 -37.74 21.29 27.01
N GLY E 446 -39.07 21.28 27.17
CA GLY E 446 -40.01 21.32 26.05
C GLY E 446 -40.01 22.68 25.43
N GLN E 447 -40.62 22.79 24.25
CA GLN E 447 -40.51 23.99 23.47
C GLN E 447 -40.98 25.23 24.21
N GLU E 448 -42.02 25.09 25.01
CA GLU E 448 -42.61 26.23 25.65
C GLU E 448 -41.80 26.66 26.85
N GLN E 449 -41.23 25.69 27.53
CA GLN E 449 -40.33 25.95 28.65
C GLN E 449 -39.02 26.61 28.15
N ALA E 450 -38.53 26.15 27.01
CA ALA E 450 -37.32 26.69 26.43
C ALA E 450 -37.52 28.12 25.98
N THR E 451 -38.63 28.37 25.33
CA THR E 451 -38.96 29.70 24.88
C THR E 451 -39.02 30.65 26.07
N GLU E 452 -39.60 30.21 27.18
CA GLU E 452 -39.73 31.09 28.34
C GLU E 452 -38.34 31.31 28.95
N LEU E 453 -37.50 30.28 28.99
CA LEU E 453 -36.13 30.44 29.51
C LEU E 453 -35.31 31.47 28.70
N ALA E 454 -35.37 31.36 27.38
CA ALA E 454 -34.72 32.31 26.50
C ALA E 454 -35.26 33.72 26.71
N ASN E 455 -36.57 33.87 26.86
CA ASN E 455 -37.17 35.19 27.13
C ASN E 455 -36.74 35.79 28.46
N ASN E 456 -36.76 35.00 29.53
CA ASN E 456 -36.34 35.50 30.84
C ASN E 456 -34.90 35.96 30.90
N ILE E 457 -33.98 35.15 30.38
CA ILE E 457 -32.55 35.50 30.40
C ILE E 457 -32.37 36.77 29.57
N SER E 458 -32.96 36.83 28.39
CA SER E 458 -32.91 38.05 27.54
C SER E 458 -33.40 39.30 28.24
N ALA E 459 -34.53 39.19 28.91
CA ALA E 459 -35.13 40.31 29.58
C ALA E 459 -34.21 40.82 30.68
N ILE E 460 -33.65 39.89 31.46
CA ILE E 460 -32.77 40.29 32.56
C ILE E 460 -31.53 40.97 32.04
N ILE E 461 -31.00 40.47 30.94
CA ILE E 461 -29.79 41.05 30.36
C ILE E 461 -30.09 42.50 29.99
N THR E 462 -31.22 42.72 29.32
CA THR E 462 -31.59 44.07 28.91
C THR E 462 -31.81 44.97 30.14
N LYS E 463 -32.54 44.48 31.14
CA LYS E 463 -32.75 45.28 32.34
C LYS E 463 -31.44 45.68 33.01
N PHE E 464 -30.52 44.73 33.16
CA PHE E 464 -29.17 45.04 33.71
C PHE E 464 -28.48 46.13 32.90
N SER E 465 -28.60 46.05 31.58
CA SER E 465 -27.93 46.97 30.69
C SER E 465 -28.48 48.37 30.83
N THR E 466 -29.80 48.49 30.81
CA THR E 466 -30.44 49.81 30.83
C THR E 466 -30.37 50.52 32.19
N ASP E 467 -30.19 49.77 33.28
CA ASP E 467 -30.05 50.37 34.60
C ASP E 467 -29.13 49.61 35.57
N PRO E 468 -27.81 49.75 35.39
CA PRO E 468 -26.83 49.03 36.24
C PRO E 468 -26.78 49.49 37.70
N THR E 469 -27.23 50.73 37.97
CA THR E 469 -27.25 51.30 39.35
C THR E 469 -28.44 50.81 40.18
N ALA E 470 -29.45 50.23 39.52
CA ALA E 470 -30.62 49.69 40.19
C ALA E 470 -30.26 48.67 41.24
N ARG E 471 -31.12 48.54 42.22
CA ARG E 471 -30.96 47.54 43.27
C ARG E 471 -31.69 46.30 42.80
N LEU E 472 -31.23 45.12 43.20
CA LEU E 472 -31.85 43.87 42.74
C LEU E 472 -33.35 43.70 43.03
N LEU E 473 -33.95 44.54 43.88
CA LEU E 473 -35.42 44.58 43.99
C LEU E 473 -36.10 45.33 42.81
N GLN F 3 1.76 58.87 27.34
CA GLN F 3 3.04 58.64 26.57
C GLN F 3 3.94 57.52 27.16
N LEU F 4 4.51 56.68 26.29
CA LEU F 4 5.20 55.46 26.75
C LEU F 4 6.64 55.72 27.20
N SER F 5 6.92 55.32 28.43
CA SER F 5 8.13 55.75 29.12
C SER F 5 9.12 54.59 29.37
N THR F 6 8.63 53.37 29.64
CA THR F 6 9.53 52.22 29.88
C THR F 6 9.56 51.24 28.69
N ASP F 7 10.51 50.32 28.71
CA ASP F 7 10.62 49.31 27.67
C ASP F 7 9.49 48.30 27.73
N ALA F 8 9.02 48.02 28.94
CA ALA F 8 7.87 47.16 29.14
C ALA F 8 6.60 47.81 28.57
N GLU F 9 6.43 49.12 28.78
CA GLU F 9 5.27 49.82 28.24
C GLU F 9 5.28 49.76 26.70
N ARG F 10 6.45 49.91 26.09
CA ARG F 10 6.52 49.85 24.64
C ARG F 10 6.19 48.49 24.11
N GLU F 11 6.73 47.47 24.77
CA GLU F 11 6.52 46.12 24.29
C GLU F 11 5.03 45.72 24.44
N LEU F 12 4.46 46.10 25.56
CA LEU F 12 3.06 45.88 25.82
C LEU F 12 2.12 46.60 24.85
N ALA F 13 2.49 47.81 24.44
CA ALA F 13 1.69 48.57 23.49
C ALA F 13 1.65 47.90 22.12
N ASN F 14 2.80 47.38 21.71
CA ASN F 14 2.89 46.58 20.49
C ASN F 14 1.98 45.38 20.53
N ILE F 15 1.95 44.73 21.67
CA ILE F 15 1.07 43.59 21.85
C ILE F 15 -0.40 43.99 21.75
N TRP F 16 -0.78 45.08 22.42
CA TRP F 16 -2.17 45.56 22.37
C TRP F 16 -2.56 45.95 20.94
N ALA F 17 -1.64 46.56 20.23
CA ALA F 17 -1.88 46.92 18.85
C ALA F 17 -2.17 45.71 17.98
N THR F 18 -1.37 44.62 18.10
CA THR F 18 -1.61 43.45 17.23
C THR F 18 -2.91 42.73 17.69
N VAL F 19 -3.15 42.63 18.98
CA VAL F 19 -4.28 41.85 19.48
C VAL F 19 -5.62 42.57 19.26
N LEU F 20 -5.62 43.88 19.45
CA LEU F 20 -6.84 44.67 19.27
C LEU F 20 -6.97 45.21 17.85
N ASP F 21 -5.94 45.05 17.03
CA ASP F 21 -5.97 45.53 15.63
C ASP F 21 -6.25 47.02 15.57
N ILE F 22 -5.54 47.73 16.44
CA ILE F 22 -5.57 49.18 16.47
C ILE F 22 -4.15 49.68 16.25
N PRO F 23 -4.02 50.91 15.71
CA PRO F 23 -2.67 51.36 15.34
C PRO F 23 -1.86 51.83 16.55
N ILE F 24 -0.56 51.48 16.50
CA ILE F 24 0.33 51.64 17.66
C ILE F 24 0.39 53.07 18.13
N GLY F 25 0.40 54.00 17.17
CA GLY F 25 0.39 55.43 17.46
C GLY F 25 -0.74 55.96 18.33
N THR F 26 -1.83 55.21 18.48
CA THR F 26 -2.99 55.67 19.25
C THR F 26 -2.98 55.20 20.67
N ILE F 27 -1.93 54.48 21.05
CA ILE F 27 -1.95 53.85 22.37
C ILE F 27 -1.16 54.67 23.37
N SER F 28 -1.80 55.07 24.46
CA SER F 28 -1.11 55.79 25.50
C SER F 28 -1.01 54.92 26.73
N ALA F 29 -0.08 55.29 27.61
CA ALA F 29 0.18 54.55 28.83
C ALA F 29 -0.99 54.49 29.75
N SER F 30 -1.94 55.43 29.60
CA SER F 30 -3.12 55.46 30.47
C SER F 30 -4.33 54.72 29.89
N ASP F 31 -4.15 54.14 28.70
CA ASP F 31 -5.22 53.35 28.07
C ASP F 31 -5.63 52.09 28.85
N ASN F 32 -6.92 51.86 28.86
CA ASN F 32 -7.55 50.72 29.50
C ASN F 32 -7.92 49.64 28.45
N PHE F 33 -7.43 48.44 28.68
CA PHE F 33 -7.56 47.33 27.73
C PHE F 33 -9.00 47.06 27.31
N PHE F 34 -9.91 47.08 28.27
CA PHE F 34 -11.33 46.81 27.98
C PHE F 34 -12.02 47.99 27.31
N PHE F 35 -11.68 49.22 27.70
CA PHE F 35 -12.26 50.37 27.04
C PHE F 35 -11.82 50.45 25.58
N ARG F 36 -10.61 50.00 25.25
CA ARG F 36 -10.20 50.00 23.83
C ARG F 36 -10.78 48.80 23.06
N GLY F 37 -11.60 47.97 23.71
CA GLY F 37 -12.38 46.92 23.05
C GLY F 37 -11.99 45.48 23.35
N GLY F 38 -11.05 45.28 24.26
CA GLY F 38 -10.60 43.95 24.57
C GLY F 38 -11.60 43.19 25.39
N HIS F 39 -11.61 41.87 25.25
CA HIS F 39 -12.30 41.01 26.18
C HIS F 39 -11.40 39.84 26.62
N SER F 40 -12.00 38.83 27.25
CA SER F 40 -11.24 37.73 27.87
C SER F 40 -10.38 36.96 26.92
N ILE F 41 -10.86 36.71 25.73
CA ILE F 41 -10.06 36.03 24.72
C ILE F 41 -8.91 36.85 24.20
N ASP F 42 -9.13 38.15 23.99
CA ASP F 42 -8.03 39.05 23.61
C ASP F 42 -6.96 39.11 24.70
N ALA F 43 -7.41 39.07 25.96
CA ALA F 43 -6.52 39.03 27.09
C ALA F 43 -5.69 37.76 27.09
N MET F 44 -6.33 36.64 26.80
CA MET F 44 -5.57 35.41 26.65
C MET F 44 -4.47 35.52 25.55
N LYS F 45 -4.82 36.03 24.39
CA LYS F 45 -3.81 36.20 23.32
C LYS F 45 -2.70 37.17 23.72
N ALA F 46 -3.07 38.22 24.45
CA ALA F 46 -2.09 39.22 24.86
C ALA F 46 -1.08 38.61 25.80
N SER F 47 -1.59 37.85 26.75
CA SER F 47 -0.76 37.11 27.66
C SER F 47 0.19 36.15 26.94
N ALA F 48 -0.29 35.46 25.92
CA ALA F 48 0.59 34.54 25.15
C ALA F 48 1.64 35.29 24.35
N LEU F 49 1.27 36.39 23.73
CA LEU F 49 2.26 37.23 23.03
C LEU F 49 3.26 37.88 23.98
N GLY F 50 2.80 38.21 25.18
CA GLY F 50 3.68 38.60 26.29
C GLY F 50 4.80 37.62 26.56
N ARG F 51 4.45 36.36 26.76
CA ARG F 51 5.45 35.33 26.94
C ARG F 51 6.44 35.27 25.81
N ALA F 52 6.00 35.33 24.56
CA ALA F 52 6.93 35.27 23.43
C ALA F 52 7.86 36.47 23.36
N ALA F 53 7.49 37.58 23.97
CA ALA F 53 8.35 38.74 24.07
C ALA F 53 9.09 38.82 25.41
N GLY F 54 9.01 37.78 26.23
CA GLY F 54 9.78 37.72 27.47
C GLY F 54 9.16 38.41 28.64
N MET F 55 7.91 38.83 28.50
CA MET F 55 7.17 39.34 29.65
C MET F 55 6.32 38.23 30.14
N SER F 56 5.82 38.35 31.33
CA SER F 56 5.11 37.29 31.98
C SER F 56 3.94 37.86 32.79
N PHE F 57 2.73 37.69 32.27
CA PHE F 57 1.51 38.06 32.96
C PHE F 57 0.42 37.19 32.42
N GLY F 58 -0.58 36.97 33.25
CA GLY F 58 -1.69 36.14 32.84
C GLY F 58 -2.93 36.97 32.62
N VAL F 59 -4.00 36.29 32.24
CA VAL F 59 -5.25 36.97 32.02
C VAL F 59 -5.76 37.67 33.28
N ALA F 60 -5.56 37.08 34.45
CA ALA F 60 -6.04 37.69 35.72
C ALA F 60 -5.38 39.07 35.94
N ASP F 61 -4.10 39.17 35.58
CA ASP F 61 -3.36 40.40 35.74
C ASP F 61 -4.01 41.50 34.92
N ILE F 62 -4.54 41.15 33.75
CA ILE F 62 -5.15 42.15 32.89
C ILE F 62 -6.48 42.58 33.47
N PHE F 63 -7.23 41.67 34.08
CA PHE F 63 -8.47 42.11 34.77
C PHE F 63 -8.20 42.97 36.02
N ASP F 64 -7.12 42.66 36.75
CA ASP F 64 -6.76 43.40 37.95
C ASP F 64 -6.14 44.75 37.61
N HIS F 65 -5.33 44.80 36.55
CA HIS F 65 -4.56 45.97 36.19
C HIS F 65 -4.81 46.31 34.73
N PRO F 66 -6.00 46.80 34.41
CA PRO F 66 -6.35 46.98 33.01
C PRO F 66 -5.70 48.17 32.34
N VAL F 67 -5.05 49.04 33.09
CA VAL F 67 -4.40 50.20 32.50
C VAL F 67 -2.99 49.82 32.12
N LEU F 68 -2.55 50.27 30.95
CA LEU F 68 -1.31 49.76 30.38
C LEU F 68 -0.12 49.94 31.29
N SER F 69 0.07 51.14 31.80
CA SER F 69 1.24 51.44 32.65
C SER F 69 1.24 50.57 33.89
N GLU F 70 0.07 50.36 34.48
CA GLU F 70 -0.05 49.49 35.65
C GLU F 70 0.26 48.04 35.32
N LEU F 71 -0.18 47.57 34.16
CA LEU F 71 0.07 46.19 33.78
C LEU F 71 1.56 45.99 33.49
N ALA F 72 2.20 46.99 32.91
CA ALA F 72 3.63 46.92 32.65
C ALA F 72 4.51 46.77 33.88
N SER F 73 4.12 47.34 35.02
CA SER F 73 4.78 46.98 36.30
C SER F 73 4.71 45.46 36.55
N VAL F 74 3.65 45.02 37.23
CA VAL F 74 3.45 43.59 37.55
C VAL F 74 4.10 42.53 36.63
N GLU G 10 15.92 -37.69 39.56
CA GLU G 10 16.24 -39.03 38.92
C GLU G 10 15.01 -39.93 38.53
N PRO G 11 14.89 -40.28 37.24
CA PRO G 11 13.72 -41.02 36.71
C PRO G 11 13.49 -42.38 37.35
N PHE G 12 12.23 -42.70 37.54
CA PHE G 12 11.78 -43.95 38.18
C PHE G 12 11.96 -43.98 39.66
N SER G 13 12.46 -42.89 40.23
CA SER G 13 12.66 -42.86 41.67
C SER G 13 11.41 -42.74 42.47
N LEU G 14 10.27 -42.39 41.84
CA LEU G 14 8.96 -42.48 42.55
C LEU G 14 8.07 -43.61 42.08
N SER G 15 8.59 -44.47 41.22
CA SER G 15 7.78 -45.56 40.71
C SER G 15 7.28 -46.42 41.87
N PRO G 16 5.98 -46.67 41.96
CA PRO G 16 5.47 -47.50 43.06
C PRO G 16 5.63 -48.97 42.76
N ILE G 17 6.15 -49.31 41.58
CA ILE G 17 6.28 -50.69 41.26
C ILE G 17 7.71 -51.04 40.86
N LYS G 18 7.93 -52.33 40.91
CA LYS G 18 9.21 -52.96 40.73
C LYS G 18 9.85 -52.85 39.35
N ASP G 19 9.22 -53.35 38.33
CA ASP G 19 9.90 -53.46 37.04
C ASP G 19 9.10 -52.60 36.06
N PRO G 20 9.31 -51.29 36.11
CA PRO G 20 8.50 -50.42 35.23
C PRO G 20 8.62 -50.76 33.73
N GLN G 21 9.82 -51.11 33.27
CA GLN G 21 9.98 -51.47 31.87
C GLN G 21 9.10 -52.66 31.45
N ALA G 22 8.82 -53.58 32.37
CA ALA G 22 7.98 -54.75 32.01
C ALA G 22 6.56 -54.32 31.74
N LEU G 23 6.09 -53.31 32.44
CA LEU G 23 4.74 -52.79 32.21
C LEU G 23 4.59 -52.14 30.85
N HIS G 24 5.60 -51.41 30.45
CA HIS G 24 5.63 -50.82 29.11
C HIS G 24 5.61 -51.92 28.07
N LYS G 25 6.43 -52.94 28.26
CA LYS G 25 6.51 -54.02 27.28
C LYS G 25 5.15 -54.72 27.12
N GLU G 26 4.48 -54.95 28.23
CA GLU G 26 3.17 -55.56 28.21
C GLU G 26 2.17 -54.72 27.44
N LEU G 27 2.21 -53.42 27.63
CA LEU G 27 1.29 -52.51 26.90
C LEU G 27 1.59 -52.42 25.42
N CYS G 28 2.86 -52.49 25.05
CA CYS G 28 3.23 -52.60 23.64
C CYS G 28 2.69 -53.88 22.97
N SER G 29 2.78 -54.99 23.68
CA SER G 29 2.42 -56.26 23.12
C SER G 29 0.90 -56.42 22.95
N LYS G 30 0.13 -55.66 23.73
CA LYS G 30 -1.32 -55.62 23.52
C LYS G 30 -1.74 -54.48 22.59
N ASN G 31 -0.78 -53.88 21.89
CA ASN G 31 -1.03 -52.78 20.95
C ASN G 31 -1.81 -51.57 21.51
N VAL G 32 -1.61 -51.28 22.79
CA VAL G 32 -2.26 -50.15 23.41
C VAL G 32 -1.46 -48.88 23.15
N ILE G 33 -0.13 -49.00 23.14
CA ILE G 33 0.76 -47.89 22.84
C ILE G 33 1.71 -48.34 21.73
N PRO G 34 2.31 -47.41 21.03
CA PRO G 34 3.24 -47.78 19.94
C PRO G 34 4.47 -48.63 20.33
N VAL G 35 4.74 -49.66 19.53
CA VAL G 35 5.83 -50.61 19.81
C VAL G 35 7.24 -49.99 19.74
N THR G 36 7.42 -48.89 19.02
CA THR G 36 8.74 -48.25 18.98
C THR G 36 8.92 -47.16 20.07
N SER G 37 7.94 -46.98 20.96
CA SER G 37 8.08 -46.00 22.03
C SER G 37 8.98 -46.57 23.10
N THR G 38 9.59 -45.70 23.89
CA THR G 38 10.34 -46.09 25.08
C THR G 38 9.73 -45.51 26.33
N LEU G 39 10.06 -46.09 27.48
CA LEU G 39 9.55 -45.60 28.73
C LEU G 39 10.59 -44.66 29.33
N GLU G 40 10.27 -43.37 29.39
CA GLU G 40 11.14 -42.33 29.94
C GLU G 40 10.97 -42.25 31.47
N ASP G 41 9.77 -42.50 31.98
CA ASP G 41 9.56 -42.37 33.40
C ASP G 41 8.26 -43.10 33.79
N LEU G 42 8.06 -43.30 35.08
CA LEU G 42 6.82 -43.85 35.58
C LEU G 42 6.59 -43.30 36.95
N LEU G 43 5.44 -42.67 37.18
CA LEU G 43 5.14 -41.98 38.45
C LEU G 43 3.74 -42.25 38.89
N PRO G 44 3.42 -41.98 40.16
CA PRO G 44 2.03 -42.06 40.57
C PRO G 44 1.24 -40.96 39.89
N ALA G 45 -0.03 -41.23 39.64
CA ALA G 45 -0.96 -40.21 39.20
C ALA G 45 -1.47 -39.53 40.43
N THR G 46 -1.69 -38.22 40.37
CA THR G 46 -2.15 -37.54 41.55
C THR G 46 -3.61 -37.79 41.80
N GLN G 47 -4.06 -37.59 43.01
CA GLN G 47 -5.47 -37.71 43.33
C GLN G 47 -6.31 -36.79 42.44
N ALA G 48 -5.84 -35.57 42.20
CA ALA G 48 -6.58 -34.65 41.37
C ALA G 48 -6.67 -35.13 39.94
N GLN G 49 -5.57 -35.60 39.39
CA GLN G 49 -5.61 -36.20 38.08
C GLN G 49 -6.68 -37.28 38.02
N HIS G 50 -6.68 -38.10 39.05
CA HIS G 50 -7.65 -39.18 39.16
C HIS G 50 -9.12 -38.70 39.29
N VAL G 51 -9.34 -37.57 39.98
CA VAL G 51 -10.68 -37.03 40.10
C VAL G 51 -11.24 -36.76 38.73
N PHE G 52 -10.43 -36.17 37.88
CA PHE G 52 -10.86 -35.89 36.52
C PHE G 52 -11.06 -37.15 35.67
N ILE G 53 -10.17 -38.12 35.84
CA ILE G 53 -10.22 -39.31 35.03
C ILE G 53 -11.47 -40.11 35.38
N LYS G 54 -11.81 -40.17 36.65
CA LYS G 54 -13.02 -40.91 37.05
C LYS G 54 -14.31 -40.25 36.62
N ARG G 55 -14.27 -38.96 36.30
CA ARG G 55 -15.47 -38.25 35.88
C ARG G 55 -15.51 -38.05 34.38
N GLY G 56 -14.68 -38.77 33.65
CA GLY G 56 -14.69 -38.75 32.19
C GLY G 56 -14.36 -37.39 31.61
N THR G 57 -13.55 -36.59 32.33
CA THR G 57 -13.29 -35.23 31.91
C THR G 57 -12.38 -35.18 30.71
N PHE G 58 -12.93 -34.72 29.59
CA PHE G 58 -12.28 -34.90 28.30
C PHE G 58 -12.71 -33.79 27.37
N HIS G 59 -11.77 -33.23 26.63
CA HIS G 59 -12.00 -32.07 25.84
C HIS G 59 -11.48 -32.18 24.47
N SER G 60 -12.14 -31.48 23.54
CA SER G 60 -11.64 -31.30 22.21
C SER G 60 -11.51 -29.82 21.95
N TYR G 61 -10.28 -29.35 21.76
CA TYR G 61 -10.04 -27.97 21.45
C TYR G 61 -9.87 -27.86 19.96
N ASN G 62 -10.75 -27.08 19.35
CA ASN G 62 -10.93 -27.04 17.90
C ASN G 62 -10.54 -25.68 17.35
N TRP G 63 -9.74 -25.70 16.31
CA TRP G 63 -9.30 -24.50 15.65
C TRP G 63 -9.65 -24.52 14.18
N THR G 64 -10.58 -23.65 13.78
CA THR G 64 -10.93 -23.51 12.37
C THR G 64 -10.00 -22.51 11.73
N ILE G 65 -9.29 -22.95 10.71
CA ILE G 65 -8.26 -22.18 10.08
C ILE G 65 -8.60 -21.95 8.59
N LYS G 66 -8.74 -20.69 8.20
CA LYS G 66 -9.05 -20.31 6.79
C LYS G 66 -8.00 -19.38 6.17
N GLY G 67 -7.58 -19.68 4.96
CA GLY G 67 -6.64 -18.85 4.20
C GLY G 67 -5.81 -19.65 3.24
N ARG G 68 -5.18 -18.98 2.29
CA ARG G 68 -4.51 -19.65 1.15
C ARG G 68 -3.10 -20.11 1.54
N SER G 69 -2.53 -19.48 2.56
CA SER G 69 -1.14 -19.72 2.90
C SER G 69 -0.94 -20.89 3.87
N LEU G 70 -2.02 -21.55 4.31
CA LEU G 70 -1.95 -22.63 5.28
C LEU G 70 -1.08 -23.79 4.80
N ASN G 71 -0.20 -24.28 5.67
CA ASN G 71 0.74 -25.29 5.31
C ASN G 71 0.49 -26.58 6.11
N MET G 72 -0.03 -27.59 5.45
CA MET G 72 -0.50 -28.77 6.09
C MET G 72 0.63 -29.61 6.67
N ASP G 73 1.75 -29.69 5.96
CA ASP G 73 2.91 -30.42 6.47
C ASP G 73 3.41 -29.80 7.76
N ARG G 74 3.40 -28.49 7.80
CA ARG G 74 3.90 -27.78 8.96
C ARG G 74 2.94 -27.92 10.15
N LEU G 75 1.63 -28.02 9.90
CA LEU G 75 0.71 -28.31 10.97
C LEU G 75 0.99 -29.67 11.56
N ARG G 76 1.19 -30.68 10.71
CA ARG G 76 1.45 -32.02 11.18
C ARG G 76 2.70 -32.03 12.01
N GLU G 77 3.75 -31.41 11.53
CA GLU G 77 5.04 -31.42 12.24
C GLU G 77 4.92 -30.69 13.56
N THR G 78 4.11 -29.65 13.61
CA THR G 78 3.94 -28.89 14.81
C THR G 78 3.28 -29.75 15.91
N CYS G 79 2.28 -30.56 15.57
CA CYS G 79 1.72 -31.52 16.50
C CYS G 79 2.80 -32.43 17.07
N GLN G 80 3.66 -32.98 16.21
CA GLN G 80 4.75 -33.81 16.65
C GLN G 80 5.67 -33.05 17.63
N SER G 81 6.04 -31.83 17.27
CA SER G 81 6.98 -31.04 18.08
C SER G 81 6.41 -30.63 19.41
N LEU G 82 5.13 -30.36 19.41
CA LEU G 82 4.46 -30.00 20.64
C LEU G 82 4.55 -31.13 21.64
N VAL G 83 4.32 -32.33 21.17
CA VAL G 83 4.32 -33.50 22.03
C VAL G 83 5.74 -33.81 22.47
N ASP G 84 6.73 -33.59 21.61
CA ASP G 84 8.13 -33.76 22.01
C ASP G 84 8.50 -32.78 23.14
N ARG G 85 7.95 -31.57 23.12
CA ARG G 85 8.25 -30.58 24.10
C ARG G 85 7.62 -30.80 25.49
N HIS G 86 6.39 -31.33 25.55
CA HIS G 86 5.64 -31.43 26.82
C HIS G 86 5.33 -32.86 27.16
N SER G 87 5.98 -33.39 28.15
CA SER G 87 5.94 -34.83 28.39
C SER G 87 4.56 -35.27 28.88
N ILE G 88 3.79 -34.39 29.52
CA ILE G 88 2.44 -34.76 29.90
C ILE G 88 1.59 -35.16 28.67
N LEU G 89 1.91 -34.60 27.51
CA LEU G 89 1.19 -34.92 26.32
C LEU G 89 1.53 -36.29 25.77
N ARG G 90 2.60 -36.91 26.24
CA ARG G 90 2.95 -38.24 25.82
C ARG G 90 2.93 -39.17 27.00
N THR G 91 1.94 -38.94 27.86
CA THR G 91 1.75 -39.71 29.04
C THR G 91 0.52 -40.57 28.87
N SER G 92 0.63 -41.80 29.36
CA SER G 92 -0.42 -42.79 29.31
C SER G 92 -0.79 -43.08 30.77
N PHE G 93 -2.06 -43.40 31.04
CA PHE G 93 -2.50 -43.67 32.40
C PHE G 93 -3.03 -45.06 32.58
N VAL G 94 -2.76 -45.66 33.72
CA VAL G 94 -3.14 -47.04 33.97
C VAL G 94 -3.36 -47.26 35.46
N GLU G 95 -4.10 -48.28 35.83
CA GLU G 95 -4.19 -48.68 37.22
C GLU G 95 -3.45 -50.00 37.28
N HIS G 96 -2.50 -50.19 38.18
CA HIS G 96 -1.73 -51.46 38.23
C HIS G 96 -1.45 -51.89 39.67
N GLU G 97 -2.03 -53.03 40.06
CA GLU G 97 -1.97 -53.55 41.42
C GLU G 97 -2.53 -52.53 42.40
N GLY G 98 -3.62 -51.87 42.02
CA GLY G 98 -4.26 -50.84 42.83
C GLY G 98 -3.61 -49.47 42.82
N HIS G 99 -2.45 -49.34 42.20
CA HIS G 99 -1.75 -48.03 42.15
C HIS G 99 -2.16 -47.30 40.85
N PRO G 100 -2.71 -46.06 40.92
CA PRO G 100 -2.90 -45.31 39.64
C PRO G 100 -1.62 -44.66 39.22
N ILE G 101 -1.21 -44.87 37.98
CA ILE G 101 0.07 -44.37 37.55
C ILE G 101 0.13 -43.75 36.16
N GLN G 102 1.17 -42.98 35.93
CA GLN G 102 1.39 -42.42 34.62
C GLN G 102 2.71 -42.89 34.07
N LEU G 103 2.65 -43.28 32.80
CA LEU G 103 3.79 -43.71 32.05
C LEU G 103 4.13 -42.62 31.10
N VAL G 104 5.36 -42.13 31.19
CA VAL G 104 5.77 -41.09 30.32
C VAL G 104 6.57 -41.74 29.21
N LEU G 105 6.10 -41.59 27.97
CA LEU G 105 6.74 -42.19 26.83
C LEU G 105 7.64 -41.23 26.12
N ALA G 106 8.66 -41.79 25.43
CA ALA G 106 9.55 -41.03 24.54
C ALA G 106 9.66 -41.80 23.24
N ASN G 107 10.40 -41.25 22.28
CA ASN G 107 10.43 -41.78 20.92
C ASN G 107 9.04 -42.04 20.40
N LEU G 108 8.15 -41.09 20.63
CA LEU G 108 6.72 -41.27 20.35
C LEU G 108 6.38 -40.57 19.08
N ASP G 109 5.98 -41.34 18.08
CA ASP G 109 5.56 -40.77 16.78
C ASP G 109 4.09 -40.45 16.85
N VAL G 110 3.76 -39.20 16.59
CA VAL G 110 2.37 -38.74 16.65
C VAL G 110 1.73 -38.99 15.32
N LYS G 111 0.58 -39.65 15.34
CA LYS G 111 -0.19 -39.93 14.11
C LYS G 111 -1.46 -39.14 14.10
N VAL G 112 -1.58 -38.25 13.13
CA VAL G 112 -2.72 -37.40 13.05
C VAL G 112 -3.81 -38.19 12.35
N ARG G 113 -5.01 -38.20 12.92
CA ARG G 113 -6.20 -38.67 12.21
C ARG G 113 -6.60 -37.62 11.18
N GLU G 114 -6.69 -38.00 9.91
CA GLU G 114 -6.96 -37.02 8.86
C GLU G 114 -8.23 -37.35 8.11
N VAL G 115 -9.00 -36.33 7.80
CA VAL G 115 -10.18 -36.46 6.96
C VAL G 115 -10.08 -35.52 5.79
N GLN G 116 -10.18 -36.04 4.56
CA GLN G 116 -10.41 -35.20 3.39
C GLN G 116 -11.89 -35.24 3.00
N CYS G 117 -12.56 -34.12 3.21
CA CYS G 117 -14.01 -34.05 3.00
C CYS G 117 -14.43 -34.06 1.56
N TRP G 118 -15.70 -34.34 1.34
CA TRP G 118 -16.37 -34.07 0.05
C TRP G 118 -16.45 -32.56 -0.18
N PRO G 119 -16.45 -32.14 -1.45
CA PRO G 119 -16.85 -30.76 -1.76
C PRO G 119 -18.17 -30.35 -1.10
N GLY G 120 -18.19 -29.17 -0.52
CA GLY G 120 -19.38 -28.64 0.16
C GLY G 120 -19.59 -29.11 1.60
N GLU G 121 -18.85 -30.12 2.04
CA GLU G 121 -19.04 -30.70 3.37
C GLU G 121 -18.39 -29.76 4.42
N ASP G 122 -19.10 -29.43 5.52
CA ASP G 122 -18.56 -28.58 6.58
C ASP G 122 -17.64 -29.40 7.52
N PRO G 123 -16.34 -29.03 7.58
CA PRO G 123 -15.35 -29.74 8.37
C PRO G 123 -15.73 -29.83 9.85
N MET G 124 -16.37 -28.80 10.38
CA MET G 124 -16.75 -28.81 11.77
C MET G 124 -17.86 -29.82 12.07
N GLU G 125 -18.77 -30.02 11.12
CA GLU G 125 -19.84 -30.98 11.33
C GLU G 125 -19.26 -32.37 11.40
N VAL G 126 -18.21 -32.63 10.62
CA VAL G 126 -17.52 -33.91 10.62
C VAL G 126 -16.88 -34.16 11.97
N CYS G 127 -16.21 -33.16 12.53
CA CYS G 127 -15.65 -33.27 13.89
C CYS G 127 -16.71 -33.54 14.93
N LYS G 128 -17.79 -32.77 14.91
CA LYS G 128 -18.90 -32.97 15.85
C LYS G 128 -19.48 -34.39 15.76
N ALA G 129 -19.61 -34.90 14.55
CA ALA G 129 -20.09 -36.25 14.36
C ALA G 129 -19.16 -37.31 14.92
N LEU G 130 -17.87 -37.13 14.72
CA LEU G 130 -16.90 -38.06 15.28
C LEU G 130 -16.88 -38.01 16.80
N TRP G 131 -17.00 -36.79 17.32
CA TRP G 131 -17.01 -36.56 18.77
C TRP G 131 -18.16 -37.27 19.46
N ASP G 132 -19.38 -36.98 19.03
CA ASP G 132 -20.57 -37.62 19.59
C ASP G 132 -20.81 -39.07 19.21
N GLY G 133 -20.30 -39.48 18.06
CA GLY G 133 -20.50 -40.80 17.60
C GLY G 133 -19.55 -41.82 18.18
N LYS G 134 -18.31 -41.44 18.47
CA LYS G 134 -17.36 -42.44 18.99
C LYS G 134 -16.26 -41.95 19.92
N ASP G 135 -15.79 -40.75 19.72
CA ASP G 135 -14.63 -40.27 20.47
C ASP G 135 -14.84 -40.28 21.97
N TRP G 136 -15.93 -39.68 22.46
CA TRP G 136 -16.18 -39.73 23.90
C TRP G 136 -16.95 -40.94 24.39
N PRO G 137 -17.91 -41.45 23.60
CA PRO G 137 -18.60 -42.62 24.15
C PRO G 137 -17.71 -43.85 24.31
N THR G 138 -16.63 -43.99 23.56
CA THR G 138 -15.71 -45.14 23.74
C THR G 138 -14.40 -44.79 24.47
N LEU G 139 -14.36 -43.62 25.09
CA LEU G 139 -13.20 -43.19 25.84
C LEU G 139 -12.88 -44.13 27.00
N ASN G 140 -11.64 -44.56 27.09
CA ASN G 140 -11.21 -45.36 28.21
C ASN G 140 -9.78 -45.00 28.61
N VAL G 141 -9.64 -43.90 29.34
CA VAL G 141 -8.34 -43.41 29.67
C VAL G 141 -7.48 -44.46 30.43
N LEU G 142 -8.07 -45.13 31.42
CA LEU G 142 -7.32 -46.04 32.26
C LEU G 142 -6.97 -47.34 31.59
N GLY G 143 -7.38 -47.52 30.34
CA GLY G 143 -6.88 -48.61 29.53
C GLY G 143 -5.46 -48.40 29.04
N GLY G 144 -4.90 -47.20 29.22
CA GLY G 144 -3.50 -46.92 28.88
C GLY G 144 -3.23 -46.31 27.54
N SER G 145 -4.26 -46.16 26.74
CA SER G 145 -4.10 -45.56 25.40
C SER G 145 -3.88 -44.07 25.62
N LEU G 146 -3.00 -43.45 24.85
CA LEU G 146 -2.71 -42.04 24.98
C LEU G 146 -3.94 -41.19 24.78
N PRO G 147 -4.32 -40.41 25.78
CA PRO G 147 -5.46 -39.52 25.59
C PRO G 147 -5.21 -38.37 24.59
N VAL G 148 -3.99 -37.87 24.49
CA VAL G 148 -3.73 -36.75 23.60
C VAL G 148 -3.62 -37.23 22.16
N ARG G 149 -4.55 -36.78 21.31
CA ARG G 149 -4.59 -37.15 19.89
C ARG G 149 -5.12 -35.97 19.04
N PHE G 150 -4.58 -35.86 17.84
CA PHE G 150 -4.87 -34.78 16.94
C PHE G 150 -5.66 -35.26 15.73
N THR G 151 -6.54 -34.40 15.25
CA THR G 151 -7.32 -34.64 14.08
C THR G 151 -7.21 -33.40 13.17
N LEU G 152 -7.10 -33.64 11.88
CA LEU G 152 -7.04 -32.59 10.91
C LEU G 152 -8.10 -32.86 9.80
N VAL G 153 -9.12 -32.03 9.72
CA VAL G 153 -10.21 -32.21 8.78
C VAL G 153 -10.17 -31.10 7.74
N SER G 154 -9.94 -31.44 6.48
CA SER G 154 -9.80 -30.44 5.41
C SER G 154 -10.86 -30.51 4.30
N CYS G 155 -11.28 -29.34 3.83
CA CYS G 155 -11.96 -29.21 2.55
C CYS G 155 -10.97 -29.39 1.42
N PRO G 156 -11.43 -29.82 0.26
CA PRO G 156 -10.55 -29.87 -0.91
C PRO G 156 -10.04 -28.46 -1.26
N GLY G 157 -8.73 -28.37 -1.54
CA GLY G 157 -8.03 -27.08 -1.65
C GLY G 157 -7.19 -26.72 -0.42
N ASN G 158 -7.55 -27.24 0.75
CA ASN G 158 -6.85 -26.97 2.01
C ASN G 158 -6.80 -25.51 2.44
N GLU G 159 -7.87 -24.78 2.18
CA GLU G 159 -7.99 -23.40 2.56
C GLU G 159 -8.97 -23.22 3.70
N HIS G 160 -9.58 -24.31 4.11
CA HIS G 160 -10.54 -24.30 5.19
C HIS G 160 -10.32 -25.64 5.89
N VAL G 161 -9.82 -25.58 7.10
CA VAL G 161 -9.32 -26.74 7.79
C VAL G 161 -9.75 -26.64 9.23
N VAL G 162 -10.07 -27.75 9.84
CA VAL G 162 -10.27 -27.77 11.27
C VAL G 162 -9.23 -28.65 11.92
N LEU G 163 -8.50 -28.08 12.87
CA LEU G 163 -7.53 -28.82 13.65
C LEU G 163 -8.08 -29.05 15.02
N THR G 164 -7.94 -30.27 15.50
CA THR G 164 -8.49 -30.67 16.80
C THR G 164 -7.44 -31.31 17.69
N ILE G 165 -7.46 -30.95 18.97
CA ILE G 165 -6.62 -31.58 20.01
C ILE G 165 -7.55 -32.12 21.06
N GLN G 166 -7.53 -33.42 21.25
CA GLN G 166 -8.26 -34.06 22.34
C GLN G 166 -7.33 -34.34 23.48
N ILE G 167 -7.85 -34.20 24.68
CA ILE G 167 -7.00 -34.22 25.86
C ILE G 167 -7.81 -34.44 27.13
N SER G 168 -7.22 -35.16 28.06
CA SER G 168 -7.86 -35.47 29.33
C SER G 168 -7.54 -34.33 30.27
N HIS G 169 -8.45 -34.00 31.17
CA HIS G 169 -8.21 -32.91 32.10
C HIS G 169 -7.09 -33.25 33.12
N SER G 170 -6.71 -34.51 33.20
CA SER G 170 -5.55 -34.89 33.99
C SER G 170 -4.25 -34.36 33.39
N GLN G 171 -4.32 -33.71 32.23
CA GLN G 171 -3.12 -33.28 31.52
C GLN G 171 -3.06 -31.80 31.32
N TRP G 172 -4.02 -31.04 31.84
CA TRP G 172 -3.93 -29.58 31.73
C TRP G 172 -4.67 -28.91 32.87
N ASP G 173 -4.41 -27.63 33.04
CA ASP G 173 -5.26 -26.78 33.90
C ASP G 173 -5.38 -25.37 33.35
N GLY G 174 -6.17 -24.55 34.01
CA GLY G 174 -6.49 -23.22 33.48
C GLY G 174 -5.31 -22.29 33.32
N VAL G 175 -4.36 -22.41 34.22
CA VAL G 175 -3.20 -21.60 34.14
C VAL G 175 -2.38 -21.94 32.91
N SER G 176 -2.30 -23.21 32.58
CA SER G 176 -1.26 -23.72 31.64
C SER G 176 -1.78 -24.01 30.25
N ILE G 177 -3.07 -24.30 30.13
CA ILE G 177 -3.63 -24.55 28.80
C ILE G 177 -3.32 -23.43 27.76
N PRO G 178 -3.31 -22.14 28.15
CA PRO G 178 -2.94 -21.12 27.12
C PRO G 178 -1.56 -21.30 26.58
N LYS G 179 -0.69 -21.89 27.37
CA LYS G 179 0.68 -22.13 26.95
C LYS G 179 0.73 -23.21 25.90
N LEU G 180 -0.21 -24.14 25.95
CA LEU G 180 -0.25 -25.15 24.93
C LEU G 180 -0.52 -24.48 23.60
N PHE G 181 -1.49 -23.58 23.57
CA PHE G 181 -1.82 -22.89 22.33
C PHE G 181 -0.73 -21.94 21.89
N SER G 182 -0.14 -21.18 22.80
CA SER G 182 0.92 -20.24 22.37
C SER G 182 2.17 -20.96 21.93
N ASP G 183 2.47 -22.10 22.50
CA ASP G 183 3.60 -22.93 22.05
C ASP G 183 3.33 -23.53 20.67
N PHE G 184 2.12 -24.01 20.43
CA PHE G 184 1.75 -24.50 19.12
C PHE G 184 1.98 -23.40 18.06
N ALA G 185 1.51 -22.19 18.33
CA ALA G 185 1.64 -21.12 17.35
C ALA G 185 3.10 -20.77 17.10
N ALA G 186 3.88 -20.70 18.16
CA ALA G 186 5.29 -20.39 18.02
C ALA G 186 6.02 -21.44 17.21
N ILE G 187 5.71 -22.72 17.42
CA ILE G 187 6.38 -23.75 16.68
C ILE G 187 5.98 -23.71 15.20
N TYR G 188 4.69 -23.48 14.94
CA TYR G 188 4.20 -23.33 13.57
C TYR G 188 4.88 -22.16 12.89
N ASN G 189 4.91 -21.03 13.57
CA ASN G 189 5.52 -19.81 13.08
C ASN G 189 7.02 -19.81 13.08
N GLN G 190 7.65 -20.86 13.62
CA GLN G 190 9.12 -20.95 13.73
C GLN G 190 9.71 -19.80 14.55
N THR G 191 9.00 -19.42 15.60
CA THR G 191 9.42 -18.49 16.63
C THR G 191 10.13 -19.31 17.71
N PRO G 192 11.24 -18.79 18.27
CA PRO G 192 11.94 -19.60 19.29
C PRO G 192 11.17 -19.68 20.63
N LEU G 193 11.39 -20.77 21.36
CA LEU G 193 10.74 -20.99 22.65
C LEU G 193 11.75 -21.25 23.76
N PRO G 194 11.52 -20.67 24.93
CA PRO G 194 12.43 -20.96 26.06
C PRO G 194 12.23 -22.39 26.51
N PRO G 195 13.23 -22.97 27.18
CA PRO G 195 13.02 -24.31 27.76
C PRO G 195 12.01 -24.23 28.89
N THR G 196 11.40 -25.37 29.19
CA THR G 196 10.34 -25.45 30.18
C THR G 196 10.57 -26.68 31.04
N SER G 197 9.80 -26.85 32.08
CA SER G 197 9.75 -28.12 32.80
C SER G 197 8.50 -28.95 32.44
N ASP G 198 8.48 -30.16 32.99
CA ASP G 198 7.47 -31.19 32.81
C ASP G 198 6.58 -31.22 34.05
N PHE G 199 5.43 -31.84 33.91
CA PHE G 199 4.62 -32.15 35.06
C PHE G 199 5.38 -33.12 35.98
N ALA G 200 6.18 -34.02 35.43
CA ALA G 200 6.98 -34.93 36.29
C ALA G 200 7.88 -34.16 37.26
N HIS G 201 8.52 -33.08 36.78
CA HIS G 201 9.36 -32.23 37.64
C HIS G 201 8.56 -31.63 38.79
N TYR G 202 7.28 -31.33 38.56
CA TYR G 202 6.44 -30.82 39.64
C TYR G 202 6.25 -31.87 40.70
N LEU G 203 6.06 -33.13 40.29
CA LEU G 203 5.86 -34.21 41.25
C LEU G 203 7.13 -34.48 42.07
N TYR G 204 8.30 -34.45 41.41
CA TYR G 204 9.57 -34.65 42.10
C TYR G 204 9.81 -33.54 43.07
N HIS G 205 9.48 -32.31 42.67
CA HIS G 205 9.67 -31.18 43.56
C HIS G 205 8.80 -31.27 44.82
N ARG G 206 7.54 -31.65 44.68
CA ARG G 206 6.67 -31.82 45.86
C ARG G 206 7.28 -32.80 46.85
N VAL G 207 7.84 -33.88 46.34
CA VAL G 207 8.31 -34.93 47.23
C VAL G 207 9.57 -34.49 47.94
N SER G 208 10.42 -33.74 47.26
CA SER G 208 11.68 -33.30 47.86
C SER G 208 11.46 -32.34 49.03
N SER G 209 10.29 -31.73 49.09
CA SER G 209 9.99 -30.75 50.12
C SER G 209 9.26 -31.40 51.31
N ALA G 210 8.84 -32.64 51.15
CA ALA G 210 8.17 -33.39 52.21
C ALA G 210 9.24 -34.03 53.12
N ARG G 211 8.88 -34.27 54.37
CA ARG G 211 9.81 -34.90 55.33
C ARG G 211 9.51 -36.33 55.40
N GLU G 212 10.53 -37.14 55.70
CA GLU G 212 10.39 -38.60 55.72
C GLU G 212 9.52 -39.06 56.92
N ASP G 213 9.66 -38.38 58.05
CA ASP G 213 8.62 -38.54 59.03
C ASP G 213 7.46 -37.78 58.36
N VAL G 214 6.26 -38.02 58.86
CA VAL G 214 5.11 -37.18 58.54
C VAL G 214 4.61 -36.36 59.73
N GLN G 215 4.91 -36.82 60.94
CA GLN G 215 4.53 -36.11 62.17
C GLN G 215 5.36 -34.83 62.42
N GLN G 216 6.49 -34.73 61.73
CA GLN G 216 7.38 -33.57 61.82
C GLN G 216 7.23 -32.63 60.61
N ASP G 217 6.27 -32.92 59.72
CA ASP G 217 6.08 -32.10 58.53
C ASP G 217 5.23 -30.91 58.91
N PRO G 218 5.80 -29.70 58.80
CA PRO G 218 5.00 -28.48 59.07
C PRO G 218 3.62 -28.43 58.36
N THR G 219 3.54 -28.97 57.15
CA THR G 219 2.31 -29.03 56.40
C THR G 219 1.23 -29.85 57.09
N PHE G 220 1.57 -31.05 57.57
CA PHE G 220 0.53 -31.87 58.23
C PHE G 220 0.26 -31.38 59.63
N GLN G 221 1.23 -30.71 60.22
CA GLN G 221 1.00 -29.99 61.48
C GLN G 221 0.02 -28.87 61.21
N PHE G 222 0.23 -28.13 60.13
CA PHE G 222 -0.68 -27.03 59.80
C PHE G 222 -2.10 -27.53 59.65
N TRP G 223 -2.29 -28.58 58.85
CA TRP G 223 -3.67 -29.04 58.58
C TRP G 223 -4.32 -29.57 59.83
N ARG G 224 -3.52 -30.19 60.70
CA ARG G 224 -4.03 -30.74 61.98
C ARG G 224 -4.63 -29.63 62.84
N HIS G 225 -3.88 -28.56 63.01
CA HIS G 225 -4.34 -27.39 63.71
C HIS G 225 -5.51 -26.73 62.98
N TYR G 226 -5.39 -26.56 61.66
CA TYR G 226 -6.42 -25.90 60.85
C TYR G 226 -7.78 -26.57 60.94
N LEU G 227 -7.78 -27.90 60.98
CA LEU G 227 -9.02 -28.69 60.97
C LEU G 227 -9.44 -29.21 62.36
N ASP G 228 -8.66 -28.89 63.40
CA ASP G 228 -8.96 -29.30 64.79
C ASP G 228 -10.41 -28.97 65.22
N GLY G 229 -11.14 -30.00 65.63
CA GLY G 229 -12.52 -29.85 66.07
C GLY G 229 -13.51 -29.64 64.94
N ALA G 230 -13.07 -29.73 63.68
CA ALA G 230 -13.95 -29.48 62.54
C ALA G 230 -14.72 -30.71 62.15
N LYS G 231 -15.89 -30.50 61.55
CA LYS G 231 -16.67 -31.55 60.91
C LYS G 231 -16.92 -31.16 59.53
N MET G 232 -16.90 -32.15 58.64
CA MET G 232 -17.24 -31.89 57.24
C MET G 232 -18.59 -32.49 56.89
N ALA G 233 -19.58 -31.63 56.81
CA ALA G 233 -20.91 -32.08 56.56
C ALA G 233 -21.12 -32.26 55.08
N VAL G 234 -22.11 -33.09 54.75
CA VAL G 234 -22.54 -33.32 53.40
C VAL G 234 -23.84 -32.54 53.19
N PRO G 235 -23.76 -31.39 52.50
CA PRO G 235 -24.99 -30.60 52.32
C PRO G 235 -26.05 -31.18 51.39
N PHE G 236 -25.68 -32.07 50.47
CA PHE G 236 -26.63 -32.68 49.51
C PHE G 236 -26.44 -34.19 49.24
N ALA G 237 -27.54 -34.94 49.22
CA ALA G 237 -27.54 -36.43 49.15
C ALA G 237 -27.09 -37.06 47.81
N GLN G 255 -28.44 -38.44 35.70
CA GLN G 255 -27.92 -37.48 34.71
C GLN G 255 -27.23 -36.14 35.18
N THR G 256 -26.15 -35.72 34.50
CA THR G 256 -25.41 -34.51 34.84
C THR G 256 -26.17 -33.25 34.45
N LEU G 257 -26.34 -32.30 35.36
CA LEU G 257 -27.01 -31.03 35.05
C LEU G 257 -26.14 -29.81 35.32
N TRP G 258 -26.23 -28.85 34.42
CA TRP G 258 -25.64 -27.55 34.57
C TRP G 258 -26.70 -26.48 34.73
N THR G 259 -26.55 -25.60 35.72
CA THR G 259 -27.49 -24.52 35.97
C THR G 259 -26.75 -23.20 36.12
N PHE G 260 -27.20 -22.17 35.40
CA PHE G 260 -26.48 -20.90 35.29
C PHE G 260 -27.27 -19.73 35.86
N LYS G 261 -26.56 -18.75 36.41
CA LYS G 261 -27.18 -17.53 36.88
C LYS G 261 -26.19 -16.36 36.82
N GLY G 262 -26.49 -15.37 35.98
CA GLY G 262 -25.68 -14.15 35.88
C GLY G 262 -26.12 -13.04 36.85
N ILE G 263 -25.16 -12.29 37.35
CA ILE G 263 -25.43 -11.07 38.08
C ILE G 263 -24.49 -9.98 37.58
N VAL G 264 -24.77 -8.72 37.96
CA VAL G 264 -23.89 -7.58 37.63
C VAL G 264 -22.55 -7.78 38.37
N PRO G 265 -21.42 -7.45 37.73
CA PRO G 265 -20.16 -7.76 38.41
C PRO G 265 -20.10 -7.02 39.75
N PRO G 266 -19.86 -7.75 40.84
CA PRO G 266 -19.81 -7.16 42.15
C PRO G 266 -18.66 -6.17 42.27
N THR G 267 -18.87 -5.14 43.10
CA THR G 267 -17.83 -4.17 43.43
C THR G 267 -17.10 -4.76 44.61
N LEU G 268 -15.78 -4.72 44.52
CA LEU G 268 -14.95 -5.36 45.53
C LEU G 268 -14.61 -4.39 46.66
N PRO G 269 -14.97 -4.75 47.89
CA PRO G 269 -14.46 -4.00 49.02
C PRO G 269 -12.95 -3.96 48.99
N SER G 270 -12.41 -2.91 49.56
CA SER G 270 -11.00 -2.71 49.61
C SER G 270 -10.29 -3.92 50.20
N GLY G 271 -9.26 -4.38 49.50
CA GLY G 271 -8.40 -5.52 49.94
C GLY G 271 -8.95 -6.95 49.80
N ILE G 272 -10.11 -7.10 49.14
CA ILE G 272 -10.79 -8.36 49.06
C ILE G 272 -10.85 -8.78 47.60
N THR G 273 -10.51 -10.03 47.33
CA THR G 273 -10.60 -10.56 45.98
C THR G 273 -12.00 -11.07 45.70
N MET G 274 -12.31 -11.21 44.42
CA MET G 274 -13.56 -11.79 43.99
C MET G 274 -13.75 -13.21 44.49
N ALA G 275 -12.70 -14.00 44.44
CA ALA G 275 -12.79 -15.35 44.96
C ALA G 275 -13.25 -15.37 46.41
N THR G 276 -12.71 -14.48 47.22
CA THR G 276 -13.05 -14.43 48.65
C THR G 276 -14.55 -14.15 48.78
N LEU G 277 -15.04 -13.22 47.97
CA LEU G 277 -16.43 -12.86 48.00
C LEU G 277 -17.34 -14.08 47.72
N VAL G 278 -17.01 -14.81 46.68
CA VAL G 278 -17.74 -16.01 46.33
C VAL G 278 -17.71 -17.06 47.45
N LYS G 279 -16.56 -17.24 48.08
CA LYS G 279 -16.45 -18.29 49.07
C LYS G 279 -17.14 -17.91 50.39
N ALA G 280 -17.11 -16.63 50.73
CA ALA G 280 -17.78 -16.15 51.92
C ALA G 280 -19.28 -16.31 51.73
N ALA G 281 -19.77 -15.99 50.54
CA ALA G 281 -21.17 -16.18 50.24
C ALA G 281 -21.58 -17.61 50.43
N THR G 282 -20.75 -18.51 49.94
CA THR G 282 -21.04 -19.93 49.99
C THR G 282 -21.07 -20.38 51.44
N ALA G 283 -20.16 -19.85 52.24
CA ALA G 283 -20.05 -20.20 53.65
C ALA G 283 -21.26 -19.73 54.42
N LEU G 284 -21.68 -18.50 54.18
CA LEU G 284 -22.89 -18.00 54.81
C LEU G 284 -24.07 -18.87 54.46
N PHE G 285 -24.21 -19.20 53.18
CA PHE G 285 -25.30 -20.06 52.74
C PHE G 285 -25.28 -21.38 53.48
N LEU G 286 -24.12 -22.02 53.55
CA LEU G 286 -24.02 -23.32 54.19
C LEU G 286 -24.29 -23.23 55.67
N SER G 287 -23.85 -22.14 56.28
CA SER G 287 -24.10 -21.88 57.69
C SER G 287 -25.58 -22.05 58.00
N TYR G 288 -26.41 -21.38 57.19
CA TYR G 288 -27.85 -21.49 57.34
C TYR G 288 -28.45 -22.80 56.89
N HIS G 289 -27.98 -23.33 55.76
CA HIS G 289 -28.54 -24.56 55.21
C HIS G 289 -28.33 -25.74 56.14
N LEU G 290 -27.13 -25.86 56.70
CA LEU G 290 -26.90 -26.79 57.79
C LEU G 290 -27.33 -25.98 58.98
N GLY G 291 -27.15 -26.44 60.19
CA GLY G 291 -27.43 -25.53 61.31
C GLY G 291 -26.15 -25.28 62.03
N SER G 292 -25.20 -24.65 61.36
CA SER G 292 -23.84 -24.67 61.88
C SER G 292 -23.12 -23.35 61.73
N ARG G 293 -22.27 -23.11 62.69
CA ARG G 293 -21.48 -21.93 62.76
C ARG G 293 -20.05 -22.23 62.28
N ASP G 294 -19.75 -23.53 62.10
CA ASP G 294 -18.42 -23.98 61.71
C ASP G 294 -18.55 -24.90 60.50
N VAL G 295 -18.21 -24.39 59.32
CA VAL G 295 -18.43 -25.11 58.08
C VAL G 295 -17.12 -25.41 57.37
N VAL G 296 -17.09 -26.59 56.76
CA VAL G 296 -15.98 -27.01 55.94
C VAL G 296 -16.48 -27.51 54.59
N PHE G 297 -15.94 -26.93 53.52
CA PHE G 297 -16.25 -27.38 52.16
C PHE G 297 -14.98 -27.34 51.33
N GLY G 298 -15.06 -27.86 50.12
CA GLY G 298 -13.88 -27.94 49.29
C GLY G 298 -13.76 -26.72 48.43
N HIS G 299 -12.54 -26.46 48.01
CA HIS G 299 -12.34 -25.47 46.96
C HIS G 299 -11.10 -25.79 46.16
N THR G 300 -11.06 -25.23 44.97
CA THR G 300 -10.01 -25.50 44.02
C THR G 300 -8.91 -24.47 44.17
N VAL G 301 -7.67 -24.94 44.26
CA VAL G 301 -6.53 -24.06 44.29
C VAL G 301 -5.58 -24.47 43.19
N ASN G 302 -4.73 -23.55 42.79
CA ASN G 302 -3.96 -23.75 41.57
C ASN G 302 -2.72 -24.59 41.75
N GLY G 303 -2.25 -24.70 42.99
CA GLY G 303 -1.15 -25.60 43.31
C GLY G 303 0.23 -25.18 42.82
N ARG G 304 0.36 -23.91 42.42
CA ARG G 304 1.58 -23.43 41.80
C ARG G 304 2.34 -22.38 42.67
N ASN G 305 2.06 -22.35 43.98
CA ASN G 305 2.81 -21.48 44.89
C ASN G 305 4.04 -22.17 45.48
N LEU G 306 4.92 -22.63 44.63
CA LEU G 306 6.07 -23.41 45.06
C LEU G 306 7.28 -22.81 44.41
N PRO G 307 8.40 -22.79 45.12
CA PRO G 307 9.63 -22.24 44.58
C PRO G 307 10.36 -23.18 43.61
N MET G 308 9.80 -23.40 42.43
CA MET G 308 10.39 -24.29 41.44
C MET G 308 10.43 -23.55 40.11
N ASP G 309 11.46 -23.79 39.31
CA ASP G 309 11.63 -23.08 38.07
C ASP G 309 10.50 -23.45 37.12
N ASN G 310 9.97 -22.43 36.43
CA ASN G 310 8.93 -22.57 35.45
C ASN G 310 7.61 -23.05 36.00
N ILE G 311 7.37 -22.90 37.28
CA ILE G 311 6.16 -23.47 37.80
C ILE G 311 4.91 -22.78 37.27
N GLU G 312 5.06 -21.55 36.83
CA GLU G 312 3.94 -20.78 36.32
C GLU G 312 3.53 -21.21 34.91
N SER G 313 4.40 -21.88 34.18
CA SER G 313 4.15 -22.16 32.78
C SER G 313 4.10 -23.66 32.42
N LEU G 314 4.52 -24.55 33.31
CA LEU G 314 4.66 -25.95 32.92
C LEU G 314 3.30 -26.55 32.63
N LEU G 315 3.21 -27.45 31.65
CA LEU G 315 1.92 -27.96 31.26
C LEU G 315 1.53 -29.19 32.09
N GLY G 316 0.35 -29.13 32.69
CA GLY G 316 -0.12 -30.22 33.46
C GLY G 316 -1.26 -29.78 34.35
N CYS G 317 -1.73 -30.71 35.16
CA CYS G 317 -2.82 -30.46 36.05
C CYS G 317 -2.29 -30.38 37.50
N THR G 318 -1.89 -29.17 37.93
CA THR G 318 -1.39 -28.96 39.27
C THR G 318 -2.49 -28.56 40.20
N LEU G 319 -3.71 -28.44 39.69
CA LEU G 319 -4.88 -28.14 40.54
C LEU G 319 -4.97 -29.05 41.74
N ASN G 320 -5.53 -28.51 42.82
CA ASN G 320 -5.83 -29.31 43.96
C ASN G 320 -7.17 -28.89 44.56
N PHE G 321 -7.84 -29.84 45.19
CA PHE G 321 -9.13 -29.63 45.82
C PHE G 321 -8.94 -29.87 47.31
N VAL G 322 -9.02 -28.79 48.10
CA VAL G 322 -8.64 -28.87 49.49
C VAL G 322 -9.75 -28.31 50.38
N PRO G 323 -9.70 -28.63 51.68
CA PRO G 323 -10.66 -28.07 52.60
C PRO G 323 -10.48 -26.57 52.82
N LEU G 324 -11.61 -25.88 52.87
CA LEU G 324 -11.66 -24.51 53.35
C LEU G 324 -12.61 -24.48 54.53
N ARG G 325 -12.16 -23.91 55.64
CA ARG G 325 -12.97 -23.85 56.85
C ARG G 325 -13.31 -22.41 57.20
N VAL G 326 -14.60 -22.16 57.39
CA VAL G 326 -15.07 -20.86 57.81
C VAL G 326 -15.85 -21.02 59.11
N THR G 327 -15.36 -20.35 60.15
CA THR G 327 -15.90 -20.42 61.50
C THR G 327 -16.49 -19.07 61.91
N PHE G 328 -17.81 -19.03 61.99
CA PHE G 328 -18.49 -17.85 62.52
C PHE G 328 -18.34 -17.85 64.06
N PRO G 329 -18.23 -16.66 64.67
CA PRO G 329 -18.16 -16.64 66.13
C PRO G 329 -19.49 -17.01 66.77
N GLU G 330 -19.43 -17.49 68.02
CA GLU G 330 -20.64 -17.83 68.82
C GLU G 330 -21.59 -16.63 69.00
N ASP G 331 -20.96 -15.48 69.30
CA ASP G 331 -21.54 -14.09 69.51
C ASP G 331 -22.70 -13.61 68.61
N SER G 332 -22.46 -13.74 67.31
CA SER G 332 -23.32 -13.16 66.27
C SER G 332 -23.13 -11.66 66.32
N THR G 333 -24.14 -10.79 66.09
CA THR G 333 -24.09 -9.37 66.56
C THR G 333 -22.85 -8.58 66.09
N ASP G 334 -21.68 -9.16 66.31
CA ASP G 334 -20.47 -8.38 66.18
C ASP G 334 -20.19 -8.22 64.73
N TRP G 335 -20.31 -9.35 64.02
CA TRP G 335 -19.67 -9.48 62.74
C TRP G 335 -20.40 -8.80 61.62
N THR G 336 -19.62 -8.02 60.88
CA THR G 336 -20.07 -7.46 59.63
C THR G 336 -19.69 -8.36 58.47
N VAL G 337 -20.22 -8.04 57.30
CA VAL G 337 -19.80 -8.67 56.07
C VAL G 337 -18.28 -8.56 55.95
N MET G 338 -17.73 -7.37 56.15
CA MET G 338 -16.26 -7.22 56.06
C MET G 338 -15.52 -8.20 56.96
N ASP G 339 -16.00 -8.38 58.19
CA ASP G 339 -15.34 -9.30 59.10
C ASP G 339 -15.33 -10.71 58.51
N LEU G 340 -16.43 -11.12 57.89
CA LEU G 340 -16.51 -12.41 57.27
C LEU G 340 -15.54 -12.54 56.08
N LEU G 341 -15.48 -11.47 55.27
CA LEU G 341 -14.61 -11.45 54.12
C LEU G 341 -13.15 -11.56 54.55
N HIS G 342 -12.72 -10.79 55.54
CA HIS G 342 -11.34 -10.85 55.99
C HIS G 342 -11.03 -12.21 56.57
N HIS G 343 -11.97 -12.77 57.32
CA HIS G 343 -11.78 -14.07 57.91
C HIS G 343 -11.63 -15.13 56.78
N THR G 344 -12.54 -15.11 55.82
CA THR G 344 -12.55 -16.08 54.76
C THR G 344 -11.25 -16.01 53.98
N GLN G 345 -10.84 -14.81 53.64
CA GLN G 345 -9.60 -14.62 52.89
C GLN G 345 -8.38 -15.13 53.65
N THR G 346 -8.34 -14.89 54.94
CA THR G 346 -7.26 -15.38 55.79
C THR G 346 -7.24 -16.91 55.87
N GLN G 347 -8.42 -17.52 55.88
CA GLN G 347 -8.51 -18.97 55.91
C GLN G 347 -8.03 -19.62 54.61
N TYR G 348 -7.91 -18.83 53.56
CA TYR G 348 -7.30 -19.29 52.35
C TYR G 348 -5.82 -19.03 52.42
N THR G 349 -5.42 -17.81 52.73
CA THR G 349 -3.99 -17.47 52.72
C THR G 349 -3.15 -18.24 53.73
N ARG G 350 -3.75 -18.63 54.86
CA ARG G 350 -3.07 -19.46 55.88
C ARG G 350 -2.61 -20.76 55.27
N ALA G 351 -3.36 -21.27 54.30
CA ALA G 351 -3.04 -22.55 53.67
C ALA G 351 -2.05 -22.49 52.46
N LEU G 352 -1.60 -21.32 52.07
CA LEU G 352 -0.90 -21.15 50.79
C LEU G 352 0.35 -21.97 50.64
N SER G 353 1.06 -22.14 51.73
CA SER G 353 2.26 -22.94 51.72
C SER G 353 1.99 -24.43 51.77
N HIS G 354 0.74 -24.81 52.02
CA HIS G 354 0.40 -26.18 52.34
C HIS G 354 -0.67 -26.79 51.43
N GLU G 355 -1.06 -26.07 50.39
CA GLU G 355 -2.25 -26.38 49.58
C GLU G 355 -1.92 -27.41 48.51
N HIS G 356 -0.67 -27.83 48.42
CA HIS G 356 -0.21 -28.62 47.31
C HIS G 356 -0.17 -30.14 47.57
N VAL G 357 -0.51 -30.59 48.79
CA VAL G 357 -0.38 -32.00 49.18
C VAL G 357 -1.67 -32.74 48.91
N GLU G 358 -1.56 -34.05 48.73
CA GLU G 358 -2.72 -34.90 48.40
C GLU G 358 -3.75 -34.79 49.50
N LEU G 359 -5.01 -34.71 49.11
CA LEU G 359 -6.11 -34.59 50.06
C LEU G 359 -6.20 -35.81 50.99
N ARG G 360 -5.98 -36.99 50.45
CA ARG G 360 -6.05 -38.22 51.25
C ARG G 360 -4.91 -38.26 52.27
N ASP G 361 -3.79 -37.64 51.94
CA ASP G 361 -2.73 -37.45 52.96
C ASP G 361 -3.11 -36.44 54.06
N ILE G 362 -3.83 -35.41 53.71
CA ILE G 362 -4.29 -34.48 54.69
C ILE G 362 -5.20 -35.21 55.67
N PHE G 363 -6.18 -35.91 55.14
CA PHE G 363 -7.15 -36.58 55.98
C PHE G 363 -6.49 -37.69 56.81
N GLN G 364 -5.59 -38.44 56.22
CA GLN G 364 -4.95 -39.51 56.94
C GLN G 364 -4.04 -39.03 58.07
N HIS G 365 -3.18 -38.05 57.80
CA HIS G 365 -2.14 -37.67 58.72
C HIS G 365 -2.56 -36.54 59.67
N SER G 366 -3.67 -35.86 59.40
CA SER G 366 -4.01 -34.65 60.13
C SER G 366 -5.41 -34.68 60.68
N THR G 367 -6.15 -35.77 60.47
CA THR G 367 -7.50 -35.91 61.03
C THR G 367 -7.76 -37.36 61.48
N ASN G 368 -8.92 -37.55 62.13
CA ASN G 368 -9.48 -38.91 62.41
C ASN G 368 -10.26 -39.41 61.26
N TRP G 369 -10.59 -38.53 60.33
CA TRP G 369 -11.48 -38.89 59.24
C TRP G 369 -10.87 -39.99 58.36
N PRO G 370 -11.73 -40.83 57.78
CA PRO G 370 -11.24 -41.82 56.80
C PRO G 370 -10.53 -41.13 55.62
N ALA G 371 -9.41 -41.70 55.20
CA ALA G 371 -8.57 -41.10 54.15
C ALA G 371 -9.29 -40.86 52.83
N GLU G 372 -10.22 -41.74 52.48
CA GLU G 372 -10.93 -41.64 51.22
C GLU G 372 -12.22 -40.85 51.36
N THR G 373 -12.35 -40.10 52.43
CA THR G 373 -13.50 -39.23 52.58
C THR G 373 -13.55 -38.25 51.41
N PRO G 374 -14.66 -38.22 50.66
CA PRO G 374 -14.77 -37.29 49.52
C PRO G 374 -15.24 -35.90 49.98
N LEU G 375 -14.82 -34.88 49.24
CA LEU G 375 -15.42 -33.57 49.35
C LEU G 375 -16.78 -33.66 48.71
N SER G 376 -17.80 -33.09 49.34
CA SER G 376 -19.13 -33.15 48.77
C SER G 376 -19.59 -31.84 48.17
N LEU G 377 -18.89 -30.76 48.47
CA LEU G 377 -19.09 -29.49 47.79
C LEU G 377 -17.74 -28.87 47.42
N ILE G 378 -17.61 -28.39 46.18
CA ILE G 378 -16.40 -27.75 45.74
C ILE G 378 -16.70 -26.46 45.01
N VAL G 379 -16.04 -25.39 45.43
CA VAL G 379 -16.18 -24.09 44.79
C VAL G 379 -14.93 -23.78 43.98
N GLN G 380 -15.10 -23.47 42.68
CA GLN G 380 -13.98 -23.02 41.84
C GLN G 380 -14.20 -21.67 41.31
N HIS G 381 -13.37 -20.74 41.72
CA HIS G 381 -13.44 -19.45 41.09
C HIS G 381 -12.48 -19.40 39.89
N GLN G 382 -12.99 -19.00 38.73
CA GLN G 382 -12.24 -19.07 37.47
C GLN G 382 -11.53 -17.78 37.12
N ASN G 383 -10.56 -17.39 37.93
CA ASN G 383 -9.77 -16.21 37.63
C ASN G 383 -8.56 -16.54 36.74
N ILE G 384 -8.85 -17.13 35.60
CA ILE G 384 -7.84 -17.55 34.60
C ILE G 384 -8.33 -17.07 33.25
N ASP G 385 -7.57 -17.30 32.19
CA ASP G 385 -8.04 -16.99 30.83
C ASP G 385 -9.32 -17.69 30.45
N LEU G 386 -10.30 -16.91 29.99
CA LEU G 386 -11.58 -17.45 29.56
C LEU G 386 -11.71 -17.45 28.03
N SER G 387 -10.81 -16.73 27.33
CA SER G 387 -10.75 -16.69 25.85
C SER G 387 -9.34 -17.10 25.35
N PHE G 388 -9.23 -17.66 24.14
CA PHE G 388 -7.98 -18.20 23.60
C PHE G 388 -7.70 -17.78 22.18
N SER G 389 -6.43 -17.78 21.81
CA SER G 389 -5.99 -17.44 20.45
C SER G 389 -4.90 -18.39 19.98
N LEU G 390 -4.80 -18.49 18.66
CA LEU G 390 -3.77 -19.30 18.03
C LEU G 390 -3.33 -18.51 16.82
N PRO G 391 -2.45 -17.53 17.05
CA PRO G 391 -2.06 -16.56 16.03
C PRO G 391 -1.06 -17.14 15.02
N LEU G 392 -1.56 -18.02 14.16
CA LEU G 392 -0.75 -18.60 13.08
C LEU G 392 -0.50 -17.54 12.01
N ARG G 393 0.71 -17.43 11.51
CA ARG G 393 0.97 -16.48 10.43
C ARG G 393 0.53 -17.04 9.06
N SER G 406 -1.78 -14.49 5.39
CA SER G 406 -2.72 -14.11 6.45
C SER G 406 -3.87 -15.12 6.78
N LEU G 407 -3.88 -15.63 8.04
CA LEU G 407 -4.77 -16.73 8.45
C LEU G 407 -5.82 -16.33 9.47
N ASP G 408 -7.06 -16.64 9.18
CA ASP G 408 -8.15 -16.43 10.09
C ASP G 408 -8.35 -17.70 10.94
N VAL G 409 -8.25 -17.57 12.25
CA VAL G 409 -8.27 -18.73 13.14
C VAL G 409 -9.28 -18.57 14.26
N GLN G 410 -10.33 -19.41 14.29
CA GLN G 410 -11.37 -19.34 15.32
C GLN G 410 -11.35 -20.56 16.25
N TYR G 411 -11.74 -20.30 17.48
CA TYR G 411 -11.69 -21.26 18.53
C TYR G 411 -13.08 -21.77 18.82
N SER G 412 -13.16 -23.07 19.13
CA SER G 412 -14.35 -23.63 19.79
C SER G 412 -13.94 -24.90 20.51
N LYS G 413 -14.85 -25.48 21.28
CA LYS G 413 -14.49 -26.69 21.99
C LYS G 413 -15.66 -27.59 22.23
N PHE G 414 -15.35 -28.87 22.45
CA PHE G 414 -16.31 -29.82 22.93
C PHE G 414 -15.81 -30.30 24.26
N ALA G 415 -16.73 -30.68 25.16
CA ALA G 415 -16.37 -31.02 26.50
C ALA G 415 -17.25 -32.08 27.11
N ARG G 416 -16.67 -33.01 27.87
CA ARG G 416 -17.41 -33.88 28.78
C ARG G 416 -16.92 -33.69 30.19
N PHE G 417 -17.86 -33.80 31.13
CA PHE G 417 -17.57 -33.77 32.54
C PHE G 417 -18.77 -34.30 33.32
N ASP G 418 -18.60 -35.35 34.11
CA ASP G 418 -19.73 -35.95 34.87
C ASP G 418 -19.44 -36.18 36.34
N PRO G 419 -19.97 -35.30 37.20
CA PRO G 419 -19.68 -35.47 38.64
C PRO G 419 -20.25 -36.77 39.22
N LEU G 420 -19.66 -37.21 40.32
CA LEU G 420 -20.18 -38.37 41.09
C LEU G 420 -21.20 -37.86 42.13
N ASP G 421 -20.90 -37.92 43.42
CA ASP G 421 -21.85 -37.47 44.44
C ASP G 421 -21.67 -36.00 44.82
N GLU G 422 -20.58 -35.38 44.40
CA GLU G 422 -20.31 -34.03 44.84
C GLU G 422 -21.10 -33.00 44.05
N VAL G 423 -21.24 -31.82 44.62
CA VAL G 423 -21.74 -30.66 43.90
C VAL G 423 -20.61 -29.68 43.61
N TRP G 424 -20.56 -29.17 42.39
CA TRP G 424 -19.55 -28.15 41.99
C TRP G 424 -20.23 -26.81 41.79
N ILE G 425 -19.65 -25.76 42.35
CA ILE G 425 -20.05 -24.39 42.05
C ILE G 425 -18.88 -23.68 41.39
N PHE G 426 -19.07 -23.30 40.13
CA PHE G 426 -18.08 -22.55 39.35
C PHE G 426 -18.51 -21.09 39.25
N THR G 427 -17.58 -20.14 39.34
CA THR G 427 -17.89 -18.72 39.12
C THR G 427 -16.97 -18.16 38.05
N GLU G 428 -17.56 -17.63 36.98
CA GLU G 428 -16.81 -17.08 35.88
C GLU G 428 -16.96 -15.57 35.88
N PRO G 429 -15.87 -14.85 36.07
CA PRO G 429 -15.89 -13.40 36.05
C PRO G 429 -15.68 -12.82 34.65
N HIS G 430 -16.77 -12.54 33.96
CA HIS G 430 -16.68 -11.88 32.67
C HIS G 430 -16.72 -10.37 32.85
N ALA G 431 -16.51 -9.67 31.75
CA ALA G 431 -16.56 -8.20 31.72
C ALA G 431 -17.94 -7.62 32.10
N ASP G 432 -19.00 -8.24 31.61
CA ASP G 432 -20.36 -7.74 31.76
C ASP G 432 -21.13 -8.43 32.90
N ARG G 433 -20.62 -9.55 33.41
CA ARG G 433 -21.34 -10.30 34.42
C ARG G 433 -20.41 -11.22 35.20
N LEU G 434 -20.86 -11.60 36.40
CA LEU G 434 -20.31 -12.70 37.16
C LEU G 434 -21.28 -13.85 37.02
N GLU G 435 -20.82 -14.96 36.46
CA GLU G 435 -21.72 -16.09 36.21
C GLU G 435 -21.49 -17.18 37.22
N VAL G 436 -22.56 -17.56 37.91
CA VAL G 436 -22.54 -18.62 38.87
C VAL G 436 -23.08 -19.88 38.22
N GLN G 437 -22.29 -20.95 38.23
CA GLN G 437 -22.65 -22.21 37.59
C GLN G 437 -22.67 -23.33 38.60
N VAL G 438 -23.75 -24.09 38.64
CA VAL G 438 -23.83 -25.25 39.51
C VAL G 438 -23.81 -26.48 38.60
N CYS G 439 -23.00 -27.46 38.95
CA CYS G 439 -22.94 -28.68 38.20
C CYS G 439 -23.00 -29.85 39.16
N ALA G 440 -24.00 -30.70 38.97
CA ALA G 440 -24.18 -31.87 39.82
C ALA G 440 -25.05 -32.87 39.12
N ASN G 441 -24.93 -34.12 39.53
CA ASN G 441 -25.85 -35.14 39.05
C ASN G 441 -27.27 -34.83 39.56
N SER G 442 -28.28 -35.10 38.73
CA SER G 442 -29.69 -34.85 39.11
C SER G 442 -30.21 -35.66 40.28
N ARG G 443 -29.60 -36.80 40.56
CA ARG G 443 -29.95 -37.56 41.76
C ARG G 443 -29.48 -36.89 43.04
N VAL G 444 -28.55 -35.97 42.93
CA VAL G 444 -27.99 -35.29 44.10
C VAL G 444 -28.63 -33.93 44.22
N LEU G 445 -28.88 -33.29 43.10
CA LEU G 445 -29.41 -31.97 43.09
C LEU G 445 -30.26 -31.81 41.84
N GLY G 446 -31.58 -31.89 42.04
CA GLY G 446 -32.54 -31.80 40.94
C GLY G 446 -32.61 -30.38 40.44
N GLN G 447 -33.23 -30.20 39.28
CA GLN G 447 -33.19 -28.92 38.58
C GLN G 447 -33.70 -27.76 39.42
N GLU G 448 -34.72 -28.00 40.24
CA GLU G 448 -35.31 -26.94 41.02
C GLU G 448 -34.44 -26.56 42.19
N GLN G 449 -33.85 -27.57 42.80
CA GLN G 449 -32.96 -27.36 43.92
C GLN G 449 -31.70 -26.61 43.43
N ALA G 450 -31.22 -26.96 42.24
CA ALA G 450 -30.01 -26.35 41.68
C ALA G 450 -30.26 -24.91 41.33
N THR G 451 -31.41 -24.67 40.72
CA THR G 451 -31.82 -23.29 40.40
C THR G 451 -31.87 -22.46 41.68
N GLU G 452 -32.38 -23.01 42.77
CA GLU G 452 -32.53 -22.26 44.03
C GLU G 452 -31.14 -22.02 44.65
N LEU G 453 -30.25 -23.01 44.59
CA LEU G 453 -28.88 -22.84 45.08
C LEU G 453 -28.11 -21.74 44.33
N ALA G 454 -28.21 -21.76 43.00
CA ALA G 454 -27.62 -20.71 42.19
C ALA G 454 -28.19 -19.34 42.56
N ASN G 455 -29.52 -19.25 42.74
CA ASN G 455 -30.17 -17.97 43.09
C ASN G 455 -29.75 -17.45 44.47
N ASN G 456 -29.71 -18.32 45.47
CA ASN G 456 -29.25 -17.91 46.81
C ASN G 456 -27.79 -17.43 46.87
N ILE G 457 -26.87 -18.17 46.26
CA ILE G 457 -25.47 -17.75 46.27
C ILE G 457 -25.37 -16.40 45.56
N SER G 458 -26.01 -16.25 44.40
CA SER G 458 -25.98 -15.00 43.66
C SER G 458 -26.48 -13.85 44.48
N ALA G 459 -27.58 -14.07 45.16
CA ALA G 459 -28.23 -13.01 45.92
C ALA G 459 -27.30 -12.55 47.06
N ILE G 460 -26.70 -13.51 47.75
CA ILE G 460 -25.78 -13.17 48.82
C ILE G 460 -24.56 -12.42 48.32
N ILE G 461 -24.05 -12.81 47.16
CA ILE G 461 -22.90 -12.14 46.61
C ILE G 461 -23.26 -10.66 46.40
N THR G 462 -24.42 -10.42 45.79
CA THR G 462 -24.84 -9.05 45.45
C THR G 462 -25.07 -8.26 46.74
N LYS G 463 -25.76 -8.85 47.70
CA LYS G 463 -25.96 -8.18 48.96
C LYS G 463 -24.62 -7.79 49.65
N PHE G 464 -23.66 -8.70 49.70
CA PHE G 464 -22.32 -8.40 50.24
C PHE G 464 -21.68 -7.23 49.51
N SER G 465 -21.82 -7.21 48.21
CA SER G 465 -21.21 -6.18 47.38
C SER G 465 -21.81 -4.80 47.65
N THR G 466 -23.13 -4.72 47.67
CA THR G 466 -23.82 -3.45 47.78
C THR G 466 -23.74 -2.86 49.20
N ASP G 467 -23.52 -3.70 50.22
CA ASP G 467 -23.35 -3.22 51.59
C ASP G 467 -22.38 -4.03 52.47
N PRO G 468 -21.07 -3.83 52.27
CA PRO G 468 -20.05 -4.55 53.04
C PRO G 468 -19.99 -4.22 54.53
N THR G 469 -20.48 -3.04 54.92
CA THR G 469 -20.47 -2.57 56.31
C THR G 469 -21.62 -3.16 57.12
N ALA G 470 -22.62 -3.72 56.44
CA ALA G 470 -23.77 -4.37 57.10
C ALA G 470 -23.35 -5.48 58.06
N ARG G 471 -24.18 -5.73 59.08
CA ARG G 471 -23.96 -6.88 59.99
C ARG G 471 -24.64 -8.05 59.40
N LEU G 472 -24.14 -9.22 59.71
CA LEU G 472 -24.71 -10.44 59.16
C LEU G 472 -26.23 -10.70 59.36
N LEU G 473 -26.91 -9.96 60.25
CA LEU G 473 -28.39 -9.93 60.29
C LEU G 473 -29.03 -8.82 59.40
N LYS H 2 4.26 8.93 43.88
CA LYS H 2 5.48 8.52 44.70
C LYS H 2 6.57 7.67 44.01
N GLN H 3 7.77 8.22 43.89
CA GLN H 3 8.78 7.66 42.99
C GLN H 3 9.46 6.38 43.52
N LEU H 4 9.88 5.54 42.59
CA LEU H 4 10.60 4.32 42.92
C LEU H 4 12.04 4.64 43.27
N SER H 5 12.45 4.14 44.41
CA SER H 5 13.60 4.59 45.11
C SER H 5 14.72 3.53 45.19
N THR H 6 14.37 2.27 45.38
CA THR H 6 15.37 1.18 45.44
C THR H 6 15.37 0.32 44.19
N ASP H 7 16.39 -0.51 44.06
CA ASP H 7 16.50 -1.44 42.93
C ASP H 7 15.44 -2.54 43.00
N ALA H 8 15.10 -2.97 44.20
CA ALA H 8 14.04 -3.93 44.43
C ALA H 8 12.69 -3.35 44.03
N GLU H 9 12.45 -2.08 44.35
CA GLU H 9 11.21 -1.44 43.94
C GLU H 9 11.11 -1.39 42.42
N ARG H 10 12.21 -1.12 41.74
CA ARG H 10 12.17 -1.03 40.28
C ARG H 10 11.91 -2.38 39.66
N GLU H 11 12.58 -3.42 40.17
CA GLU H 11 12.43 -4.77 39.58
C GLU H 11 10.99 -5.25 39.84
N LEU H 12 10.46 -4.98 41.02
CA LEU H 12 9.12 -5.36 41.35
C LEU H 12 8.07 -4.64 40.51
N ALA H 13 8.32 -3.38 40.21
CA ALA H 13 7.38 -2.62 39.40
C ALA H 13 7.29 -3.20 37.99
N ASN H 14 8.44 -3.56 37.44
CA ASN H 14 8.49 -4.22 36.13
C ASN H 14 7.69 -5.51 36.14
N ILE H 15 7.78 -6.25 37.22
CA ILE H 15 7.01 -7.45 37.38
C ILE H 15 5.51 -7.15 37.41
N TRP H 16 5.10 -6.18 38.20
CA TRP H 16 3.68 -5.80 38.29
C TRP H 16 3.16 -5.32 36.94
N ALA H 17 3.99 -4.59 36.21
CA ALA H 17 3.59 -4.14 34.91
C ALA H 17 3.28 -5.29 33.96
N THR H 18 4.14 -6.32 33.92
CA THR H 18 3.94 -7.40 32.96
C THR H 18 2.73 -8.23 33.44
N VAL H 19 2.60 -8.44 34.74
CA VAL H 19 1.60 -9.37 35.28
C VAL H 19 0.20 -8.77 35.34
N LEU H 20 0.10 -7.52 35.73
CA LEU H 20 -1.17 -6.79 35.65
C LEU H 20 -0.99 -6.36 34.23
N ASP H 21 -1.89 -5.72 33.56
CA ASP H 21 -1.38 -5.56 32.19
C ASP H 21 -1.22 -4.08 32.04
N ILE H 22 -0.34 -3.44 32.82
CA ILE H 22 -0.41 -1.98 32.97
C ILE H 22 0.94 -1.35 32.69
N PRO H 23 0.94 -0.11 32.20
CA PRO H 23 2.23 0.49 31.85
C PRO H 23 3.09 0.89 33.06
N ILE H 24 4.39 0.65 32.92
CA ILE H 24 5.36 0.83 34.01
C ILE H 24 5.34 2.23 34.58
N GLY H 25 5.21 3.24 33.71
CA GLY H 25 5.15 4.64 34.11
C GLY H 25 4.04 5.04 35.04
N THR H 26 3.01 4.21 35.18
CA THR H 26 1.88 4.50 36.09
C THR H 26 2.03 3.91 37.49
N ILE H 27 3.15 3.26 37.75
CA ILE H 27 3.27 2.51 38.99
C ILE H 27 4.06 3.33 39.98
N SER H 28 3.48 3.58 41.13
CA SER H 28 4.20 4.24 42.20
C SER H 28 4.49 3.26 43.34
N ALA H 29 5.47 3.63 44.16
CA ALA H 29 5.85 2.83 45.30
C ALA H 29 4.76 2.60 46.31
N SER H 30 3.75 3.45 46.34
CA SER H 30 2.65 3.33 47.31
C SER H 30 1.46 2.54 46.73
N ASP H 31 1.58 2.08 45.49
CA ASP H 31 0.51 1.27 44.86
C ASP H 31 0.25 -0.05 45.56
N ASN H 32 -1.03 -0.39 45.64
CA ASN H 32 -1.50 -1.62 46.22
C ASN H 32 -1.87 -2.64 45.11
N PHE H 33 -1.28 -3.81 45.19
CA PHE H 33 -1.41 -4.83 44.16
C PHE H 33 -2.87 -5.09 43.81
N PHE H 34 -3.70 -5.21 44.83
CA PHE H 34 -5.09 -5.59 44.63
C PHE H 34 -5.92 -4.41 44.11
N PHE H 35 -5.63 -3.19 44.60
CA PHE H 35 -6.28 -1.96 44.13
C PHE H 35 -5.97 -1.76 42.64
N ARG H 36 -4.78 -2.15 42.17
CA ARG H 36 -4.49 -2.08 40.74
C ARG H 36 -5.03 -3.27 39.92
N GLY H 37 -5.79 -4.17 40.55
CA GLY H 37 -6.55 -5.23 39.85
C GLY H 37 -6.00 -6.65 39.97
N GLY H 38 -4.96 -6.84 40.78
CA GLY H 38 -4.35 -8.15 40.91
C GLY H 38 -5.24 -9.05 41.73
N HIS H 39 -5.18 -10.35 41.43
CA HIS H 39 -5.79 -11.35 42.28
C HIS H 39 -4.80 -12.52 42.53
N SER H 40 -5.30 -13.63 43.08
CA SER H 40 -4.42 -14.70 43.57
C SER H 40 -3.53 -15.29 42.48
N ILE H 41 -4.08 -15.45 41.28
CA ILE H 41 -3.35 -16.01 40.19
C ILE H 41 -2.29 -15.06 39.66
N ASP H 42 -2.61 -13.78 39.58
CA ASP H 42 -1.60 -12.79 39.24
C ASP H 42 -0.45 -12.81 40.28
N ALA H 43 -0.80 -12.99 41.55
CA ALA H 43 0.18 -13.02 42.63
C ALA H 43 1.10 -14.21 42.43
N MET H 44 0.54 -15.33 42.05
CA MET H 44 1.34 -16.48 41.80
C MET H 44 2.35 -16.20 40.67
N LYS H 45 1.90 -15.61 39.57
CA LYS H 45 2.80 -15.28 38.48
C LYS H 45 3.86 -14.30 38.90
N ALA H 46 3.48 -13.33 39.74
CA ALA H 46 4.40 -12.28 40.18
C ALA H 46 5.50 -12.93 40.95
N SER H 47 5.10 -13.83 41.81
CA SER H 47 6.05 -14.57 42.64
C SER H 47 7.04 -15.37 41.82
N ALA H 48 6.56 -16.01 40.78
CA ALA H 48 7.44 -16.78 39.89
C ALA H 48 8.39 -15.89 39.11
N LEU H 49 7.89 -14.76 38.61
CA LEU H 49 8.75 -13.81 37.92
C LEU H 49 9.77 -13.20 38.87
N GLY H 50 9.36 -13.01 40.13
CA GLY H 50 10.26 -12.59 41.19
C GLY H 50 11.49 -13.51 41.28
N ARG H 51 11.24 -14.82 41.36
CA ARG H 51 12.32 -15.84 41.43
C ARG H 51 13.25 -15.67 40.27
N ALA H 52 12.71 -15.52 39.08
CA ALA H 52 13.56 -15.40 37.91
C ALA H 52 14.39 -14.12 37.89
N ALA H 53 13.96 -13.10 38.62
CA ALA H 53 14.74 -11.86 38.75
C ALA H 53 15.58 -11.81 40.04
N GLY H 54 15.67 -12.91 40.76
CA GLY H 54 16.51 -13.00 41.92
C GLY H 54 15.89 -12.47 43.19
N MET H 55 14.60 -12.17 43.17
CA MET H 55 13.90 -11.80 44.37
C MET H 55 13.13 -13.00 44.82
N SER H 56 12.73 -12.99 46.07
CA SER H 56 12.19 -14.17 46.69
C SER H 56 11.07 -13.77 47.62
N PHE H 57 9.85 -14.05 47.16
CA PHE H 57 8.64 -13.84 47.92
C PHE H 57 7.58 -14.73 47.35
N GLY H 58 6.64 -15.11 48.19
CA GLY H 58 5.56 -15.99 47.76
C GLY H 58 4.25 -15.23 47.72
N VAL H 59 3.20 -15.96 47.39
CA VAL H 59 1.90 -15.37 47.30
C VAL H 59 1.43 -14.81 48.63
N ALA H 60 1.77 -15.47 49.73
CA ALA H 60 1.35 -14.99 51.07
C ALA H 60 1.94 -13.62 51.39
N ASP H 61 3.16 -13.41 50.98
CA ASP H 61 3.84 -12.13 51.19
C ASP H 61 3.08 -10.99 50.49
N ILE H 62 2.48 -11.29 49.34
CA ILE H 62 1.73 -10.29 48.62
C ILE H 62 0.43 -10.00 49.34
N PHE H 63 -0.24 -11.00 49.90
CA PHE H 63 -1.44 -10.71 50.71
C PHE H 63 -1.15 -9.95 52.02
N ASP H 64 -0.02 -10.26 52.63
CA ASP H 64 0.41 -9.57 53.85
C ASP H 64 0.92 -8.15 53.60
N HIS H 65 1.66 -7.96 52.50
CA HIS H 65 2.30 -6.72 52.19
C HIS H 65 1.92 -6.30 50.79
N PRO H 66 0.66 -5.91 50.63
CA PRO H 66 0.12 -5.54 49.32
C PRO H 66 0.74 -4.30 48.67
N VAL H 67 1.37 -3.43 49.45
CA VAL H 67 1.89 -2.18 48.92
C VAL H 67 3.30 -2.42 48.39
N LEU H 68 3.61 -1.84 47.23
CA LEU H 68 4.83 -2.20 46.52
C LEU H 68 6.08 -1.99 47.37
N SER H 69 6.22 -0.82 47.98
CA SER H 69 7.42 -0.50 48.75
C SER H 69 7.59 -1.46 49.92
N GLU H 70 6.50 -1.81 50.59
CA GLU H 70 6.56 -2.80 51.64
C GLU H 70 6.94 -4.21 51.19
N LEU H 71 6.41 -4.63 50.04
CA LEU H 71 6.73 -5.95 49.51
C LEU H 71 8.19 -5.99 49.10
N ALA H 72 8.71 -4.87 48.58
CA ALA H 72 10.13 -4.80 48.21
C ALA H 72 11.13 -4.97 49.34
N SER H 73 10.77 -4.56 50.56
CA SER H 73 11.40 -5.10 51.81
C SER H 73 10.79 -6.48 51.94
N VAL H 74 11.40 -7.42 52.61
CA VAL H 74 10.91 -8.83 52.59
C VAL H 74 11.36 -9.42 51.19
N ALA H 75 12.48 -10.12 51.13
CA ALA H 75 13.14 -10.39 49.84
C ALA H 75 14.50 -11.25 49.85
N VAL H 76 15.09 -11.42 48.66
CA VAL H 76 16.27 -12.27 48.35
C VAL H 76 16.53 -13.54 49.21
N GLU I 10 24.03 -32.78 30.59
CA GLU I 10 24.28 -33.82 31.67
C GLU I 10 25.72 -33.84 32.32
N PRO I 11 25.82 -33.60 33.65
CA PRO I 11 27.11 -33.45 34.32
C PRO I 11 27.94 -34.69 34.21
N PHE I 12 29.24 -34.49 34.06
CA PHE I 12 30.24 -35.56 33.96
C PHE I 12 30.28 -36.16 32.57
N SER I 13 29.42 -35.71 31.67
CA SER I 13 29.39 -36.30 30.34
C SER I 13 30.62 -35.97 29.52
N LEU I 14 31.40 -34.97 29.90
CA LEU I 14 32.66 -34.70 29.18
C LEU I 14 33.87 -35.09 30.01
N SER I 15 33.65 -35.71 31.15
CA SER I 15 34.77 -36.16 32.00
C SER I 15 35.71 -37.13 31.30
N PRO I 16 37.02 -36.87 31.32
CA PRO I 16 37.96 -37.80 30.63
C PRO I 16 38.41 -38.90 31.58
N ILE I 17 37.86 -38.92 32.79
CA ILE I 17 38.16 -39.88 33.83
C ILE I 17 36.95 -40.70 34.15
N LYS I 18 37.17 -42.01 34.37
CA LYS I 18 36.09 -42.93 34.71
C LYS I 18 35.43 -42.63 36.02
N ASP I 19 36.17 -42.48 37.11
CA ASP I 19 35.53 -42.35 38.42
C ASP I 19 35.85 -40.96 38.97
N PRO I 20 35.11 -39.94 38.50
CA PRO I 20 35.41 -38.59 38.94
C PRO I 20 35.29 -38.40 40.46
N GLN I 21 34.29 -39.01 41.08
CA GLN I 21 34.14 -38.92 42.55
C GLN I 21 35.36 -39.43 43.32
N ALA I 22 36.05 -40.43 42.80
CA ALA I 22 37.23 -40.93 43.49
C ALA I 22 38.34 -39.89 43.51
N LEU I 23 38.45 -39.10 42.44
CA LEU I 23 39.48 -38.08 42.38
C LEU I 23 39.23 -37.01 43.45
N HIS I 24 37.97 -36.64 43.63
CA HIS I 24 37.61 -35.66 44.60
C HIS I 24 37.91 -36.17 45.98
N LYS I 25 37.54 -37.42 46.24
CA LYS I 25 37.84 -38.02 47.55
C LYS I 25 39.37 -38.05 47.85
N GLU I 26 40.18 -38.40 46.86
CA GLU I 26 41.62 -38.36 47.00
C GLU I 26 42.14 -36.97 47.34
N LEU I 27 41.61 -35.93 46.69
CA LEU I 27 42.05 -34.58 46.96
C LEU I 27 41.63 -34.11 48.35
N CYS I 28 40.45 -34.52 48.81
CA CYS I 28 40.02 -34.22 50.16
C CYS I 28 40.93 -34.83 51.22
N SER I 29 41.35 -36.08 50.98
CA SER I 29 42.15 -36.81 51.94
C SER I 29 43.59 -36.27 52.01
N LYS I 30 44.08 -35.62 50.97
CA LYS I 30 45.37 -34.92 51.04
C LYS I 30 45.23 -33.46 51.48
N ASN I 31 44.05 -33.09 51.99
CA ASN I 31 43.78 -31.71 52.42
C ASN I 31 44.05 -30.58 51.40
N VAL I 32 43.83 -30.87 50.13
CA VAL I 32 44.04 -29.89 49.10
C VAL I 32 42.77 -29.03 48.96
N ILE I 33 41.61 -29.66 49.10
CA ILE I 33 40.33 -28.99 49.01
C ILE I 33 39.52 -29.38 50.25
N PRO I 34 38.52 -28.60 50.62
CA PRO I 34 37.76 -28.86 51.83
C PRO I 34 37.01 -30.19 51.85
N VAL I 35 37.08 -30.86 52.99
CA VAL I 35 36.50 -32.20 53.15
C VAL I 35 34.96 -32.22 53.08
N THR I 36 34.30 -31.09 53.37
CA THR I 36 32.84 -31.05 53.26
C THR I 36 32.34 -30.62 51.87
N SER I 37 33.24 -30.39 50.92
CA SER I 37 32.83 -30.04 49.56
C SER I 37 32.32 -31.25 48.82
N THR I 38 31.48 -31.02 47.81
CA THR I 38 31.03 -32.08 46.90
C THR I 38 31.45 -31.78 45.49
N LEU I 39 31.49 -32.82 44.65
CA LEU I 39 31.89 -32.66 43.24
C LEU I 39 30.65 -32.53 42.40
N GLU I 40 30.46 -31.35 41.84
CA GLU I 40 29.28 -31.02 41.03
C GLU I 40 29.55 -31.41 39.58
N ASP I 41 30.80 -31.30 39.11
CA ASP I 41 31.08 -31.62 37.73
C ASP I 41 32.56 -31.77 37.52
N LEU I 42 32.96 -32.27 36.37
CA LEU I 42 34.36 -32.45 36.04
C LEU I 42 34.48 -32.39 34.55
N LEU I 43 35.32 -31.50 34.03
CA LEU I 43 35.45 -31.27 32.60
C LEU I 43 36.89 -31.04 32.19
N PRO I 44 37.20 -31.17 30.89
CA PRO I 44 38.54 -30.81 30.45
C PRO I 44 38.72 -29.31 30.55
N ALA I 45 39.94 -28.90 30.80
CA ALA I 45 40.30 -27.50 30.78
C ALA I 45 40.57 -27.14 29.32
N THR I 46 40.22 -25.93 28.89
CA THR I 46 40.45 -25.55 27.51
C THR I 46 41.87 -25.23 27.26
N GLN I 47 42.27 -25.27 26.00
CA GLN I 47 43.62 -24.90 25.61
C GLN I 47 43.95 -23.47 26.06
N ALA I 48 43.00 -22.55 25.91
CA ALA I 48 43.20 -21.17 26.37
C ALA I 48 43.36 -21.04 27.88
N GLN I 49 42.53 -21.74 28.65
CA GLN I 49 42.74 -21.84 30.10
C GLN I 49 44.15 -22.29 30.41
N HIS I 50 44.59 -23.30 29.69
CA HIS I 50 45.94 -23.87 29.88
C HIS I 50 47.07 -22.91 29.49
N VAL I 51 46.87 -22.13 28.43
CA VAL I 51 47.85 -21.15 28.06
C VAL I 51 48.15 -20.27 29.26
N PHE I 52 47.09 -19.84 29.94
CA PHE I 52 47.27 -18.94 31.06
C PHE I 52 47.93 -19.63 32.25
N ILE I 53 47.52 -20.86 32.50
CA ILE I 53 47.99 -21.58 33.65
C ILE I 53 49.48 -21.86 33.50
N LYS I 54 49.93 -22.20 32.29
CA LYS I 54 51.34 -22.47 32.06
C LYS I 54 52.19 -21.21 32.17
N ARG I 55 51.60 -20.04 32.04
CA ARG I 55 52.38 -18.79 32.09
C ARG I 55 52.25 -18.11 33.47
N GLY I 56 51.71 -18.83 34.45
CA GLY I 56 51.56 -18.32 35.81
C GLY I 56 50.66 -17.10 35.92
N THR I 57 49.67 -17.00 35.05
CA THR I 57 48.84 -15.80 35.00
C THR I 57 47.90 -15.75 36.20
N PHE I 58 48.12 -14.75 37.05
CA PHE I 58 47.50 -14.74 38.34
C PHE I 58 47.36 -13.31 38.79
N HIS I 59 46.22 -12.98 39.36
CA HIS I 59 45.92 -11.60 39.69
C HIS I 59 45.39 -11.45 41.10
N SER I 60 45.66 -10.29 41.68
CA SER I 60 44.99 -9.86 42.90
C SER I 60 44.25 -8.54 42.62
N TYR I 61 42.94 -8.55 42.72
CA TYR I 61 42.13 -7.38 42.49
C TYR I 61 41.82 -6.83 43.84
N ASN I 62 42.25 -5.61 44.07
CA ASN I 62 42.31 -5.02 45.37
C ASN I 62 41.35 -3.81 45.43
N TRP I 63 40.53 -3.78 46.46
CA TRP I 63 39.61 -2.70 46.68
C TRP I 63 39.85 -2.05 48.04
N THR I 64 40.33 -0.82 48.04
CA THR I 64 40.47 -0.03 49.25
C THR I 64 39.17 0.69 49.56
N ILE I 65 38.60 0.38 50.70
CA ILE I 65 37.30 0.85 51.10
C ILE I 65 37.41 1.73 52.37
N LYS I 66 36.99 3.00 52.28
CA LYS I 66 37.03 3.94 53.41
C LYS I 66 35.66 4.56 53.74
N GLY I 67 35.31 4.57 55.03
CA GLY I 67 34.08 5.15 55.51
C GLY I 67 33.61 4.49 56.80
N ARG I 68 32.68 5.12 57.49
CA ARG I 68 32.25 4.61 58.80
C ARG I 68 31.20 3.52 58.71
N SER I 69 30.50 3.49 57.59
CA SER I 69 29.30 2.62 57.49
C SER I 69 29.63 1.20 57.01
N LEU I 70 30.90 0.92 56.77
CA LEU I 70 31.30 -0.37 56.25
C LEU I 70 30.90 -1.50 57.16
N ASN I 71 30.36 -2.56 56.59
CA ASN I 71 29.89 -3.67 57.37
C ASN I 71 30.68 -4.95 57.06
N MET I 72 31.54 -5.34 58.01
CA MET I 72 32.51 -6.39 57.79
C MET I 72 31.86 -7.77 57.65
N ASP I 73 30.82 -8.04 58.41
CA ASP I 73 30.06 -9.31 58.28
C ASP I 73 29.43 -9.45 56.89
N ARG I 74 28.90 -8.35 56.36
CA ARG I 74 28.28 -8.37 55.09
C ARG I 74 29.29 -8.52 53.97
N LEU I 75 30.50 -7.96 54.14
CA LEU I 75 31.56 -8.24 53.19
C LEU I 75 31.87 -9.72 53.16
N ARG I 76 32.01 -10.33 54.33
CA ARG I 76 32.37 -11.74 54.40
C ARG I 76 31.30 -12.60 53.73
N GLU I 77 30.05 -12.32 54.03
CA GLU I 77 28.95 -13.08 53.44
C GLU I 77 28.88 -12.90 51.95
N THR I 78 29.22 -11.72 51.48
CA THR I 78 29.18 -11.44 50.05
C THR I 78 30.18 -12.31 49.29
N CYS I 79 31.39 -12.46 49.82
CA CYS I 79 32.39 -13.37 49.24
C CYS I 79 31.83 -14.79 49.11
N GLN I 80 31.20 -15.28 50.16
CA GLN I 80 30.55 -16.58 50.13
C GLN I 80 29.48 -16.64 49.02
N SER I 81 28.63 -15.63 48.95
CA SER I 81 27.53 -15.63 47.97
C SER I 81 28.00 -15.50 46.56
N LEU I 82 29.07 -14.77 46.37
CA LEU I 82 29.63 -14.61 45.05
C LEU I 82 30.10 -15.97 44.50
N VAL I 83 30.76 -16.74 45.36
CA VAL I 83 31.30 -18.04 44.97
C VAL I 83 30.17 -19.04 44.75
N ASP I 84 29.10 -18.96 45.55
CA ASP I 84 27.90 -19.78 45.33
C ASP I 84 27.29 -19.53 43.94
N ARG I 85 27.32 -18.29 43.50
CA ARG I 85 26.71 -17.91 42.25
C ARG I 85 27.49 -18.32 41.00
N HIS I 86 28.82 -18.27 41.04
CA HIS I 86 29.64 -18.49 39.82
C HIS I 86 30.53 -19.72 40.00
N SER I 87 30.23 -20.78 39.27
CA SER I 87 30.87 -22.02 39.56
C SER I 87 32.35 -22.02 39.14
N ILE I 88 32.73 -21.20 38.17
CA ILE I 88 34.15 -21.09 37.84
C ILE I 88 34.96 -20.65 39.08
N LEU I 89 34.32 -19.91 39.98
CA LEU I 89 35.03 -19.45 41.18
C LEU I 89 35.22 -20.54 42.22
N ARG I 90 34.54 -21.66 42.08
CA ARG I 90 34.75 -22.79 42.96
C ARG I 90 35.22 -24.00 42.14
N THR I 91 36.10 -23.72 41.19
CA THR I 91 36.70 -24.68 40.38
C THR I 91 38.15 -24.85 40.81
N SER I 92 38.59 -26.10 40.80
CA SER I 92 39.95 -26.53 41.10
C SER I 92 40.54 -27.16 39.84
N PHE I 93 41.84 -27.01 39.61
CA PHE I 93 42.47 -27.51 38.38
C PHE I 93 43.51 -28.54 38.72
N VAL I 94 43.61 -29.59 37.91
CA VAL I 94 44.55 -30.66 38.18
C VAL I 94 44.98 -31.30 36.88
N GLU I 95 46.10 -31.98 36.87
CA GLU I 95 46.50 -32.77 35.68
C GLU I 95 46.18 -34.27 35.73
N HIS I 96 45.74 -34.80 34.59
CA HIS I 96 45.47 -36.23 34.46
C HIS I 96 46.01 -36.70 33.14
N GLU I 97 47.02 -37.57 33.19
CA GLU I 97 47.73 -38.05 32.00
C GLU I 97 48.33 -36.90 31.21
N GLY I 98 48.91 -35.95 31.93
CA GLY I 98 49.53 -34.77 31.33
C GLY I 98 48.55 -33.69 30.90
N HIS I 99 47.23 -33.94 30.98
CA HIS I 99 46.18 -32.99 30.54
C HIS I 99 45.38 -32.35 31.66
N PRO I 100 45.13 -31.06 31.54
CA PRO I 100 44.50 -30.33 32.64
C PRO I 100 42.99 -30.49 32.68
N ILE I 101 42.43 -30.79 33.84
CA ILE I 101 40.99 -30.87 34.01
C ILE I 101 40.50 -29.93 35.11
N GLN I 102 39.21 -29.61 35.10
CA GLN I 102 38.64 -28.75 36.13
C GLN I 102 37.58 -29.49 36.88
N LEU I 103 37.67 -29.39 38.20
CA LEU I 103 36.73 -29.95 39.12
C LEU I 103 35.90 -28.83 39.63
N VAL I 104 34.60 -28.94 39.47
CA VAL I 104 33.71 -27.94 39.92
C VAL I 104 33.13 -28.41 41.23
N LEU I 105 33.40 -27.64 42.30
CA LEU I 105 32.95 -27.99 43.62
C LEU I 105 31.67 -27.33 43.98
N ALA I 106 30.90 -27.96 44.87
CA ALA I 106 29.72 -27.32 45.50
C ALA I 106 29.83 -27.52 47.01
N ASN I 107 28.86 -26.99 47.75
CA ASN I 107 28.91 -26.99 49.23
C ASN I 107 30.26 -26.50 49.72
N LEU I 108 30.72 -25.43 49.09
CA LEU I 108 32.05 -24.93 49.35
C LEU I 108 31.97 -23.74 50.26
N ASP I 109 32.53 -23.90 51.46
CA ASP I 109 32.57 -22.86 52.46
C ASP I 109 33.80 -21.96 52.19
N VAL I 110 33.57 -20.67 51.97
CA VAL I 110 34.63 -19.74 51.69
C VAL I 110 35.19 -19.17 52.99
N LYS I 111 36.49 -19.28 53.19
CA LYS I 111 37.16 -18.77 54.40
C LYS I 111 38.00 -17.58 54.02
N VAL I 112 37.69 -16.44 54.57
CA VAL I 112 38.41 -15.24 54.25
C VAL I 112 39.67 -15.19 55.13
N ARG I 113 40.82 -14.93 54.52
CA ARG I 113 42.04 -14.63 55.24
C ARG I 113 41.92 -13.21 55.78
N GLU I 114 42.05 -13.05 57.10
CA GLU I 114 41.86 -11.73 57.71
C GLU I 114 43.10 -11.25 58.43
N VAL I 115 43.38 -9.97 58.27
CA VAL I 115 44.46 -9.32 58.99
C VAL I 115 43.93 -8.10 59.71
N GLN I 116 44.17 -8.04 61.02
CA GLN I 116 43.95 -6.81 61.79
C GLN I 116 45.31 -6.17 62.03
N CYS I 117 45.53 -5.05 61.38
CA CYS I 117 46.80 -4.35 61.42
C CYS I 117 47.09 -3.64 62.71
N TRP I 118 48.37 -3.33 62.90
CA TRP I 118 48.82 -2.44 63.97
C TRP I 118 48.35 -1.03 63.65
N PRO I 119 48.22 -0.20 64.70
CA PRO I 119 47.93 1.22 64.45
C PRO I 119 49.01 1.84 63.59
N GLY I 120 48.60 2.65 62.63
CA GLY I 120 49.56 3.29 61.72
C GLY I 120 50.06 2.44 60.57
N GLU I 121 49.77 1.13 60.57
CA GLU I 121 50.20 0.25 59.49
C GLU I 121 49.29 0.46 58.25
N ASP I 122 49.87 0.60 57.05
CA ASP I 122 49.10 0.71 55.81
C ASP I 122 48.63 -0.69 55.35
N PRO I 123 47.30 -0.91 55.33
CA PRO I 123 46.71 -2.18 54.85
C PRO I 123 47.21 -2.63 53.49
N MET I 124 47.43 -1.70 52.58
CA MET I 124 47.88 -2.07 51.24
C MET I 124 49.32 -2.61 51.23
N GLU I 125 50.17 -2.07 52.09
CA GLU I 125 51.54 -2.56 52.18
C GLU I 125 51.56 -4.01 52.70
N VAL I 126 50.61 -4.34 53.58
CA VAL I 126 50.46 -5.70 54.10
C VAL I 126 50.07 -6.67 52.97
N CYS I 127 49.10 -6.29 52.13
CA CYS I 127 48.74 -7.07 50.96
C CYS I 127 49.91 -7.28 50.03
N LYS I 128 50.61 -6.21 49.71
CA LYS I 128 51.75 -6.28 48.83
C LYS I 128 52.81 -7.25 49.39
N ALA I 129 53.03 -7.20 50.69
CA ALA I 129 54.00 -8.09 51.33
C ALA I 129 53.60 -9.55 51.25
N LEU I 130 52.32 -9.83 51.47
CA LEU I 130 51.81 -11.19 51.34
C LEU I 130 51.86 -11.69 49.88
N TRP I 131 51.57 -10.78 48.96
CA TRP I 131 51.63 -11.09 47.54
C TRP I 131 53.02 -11.50 47.12
N ASP I 132 54.00 -10.65 47.33
CA ASP I 132 55.37 -10.91 46.93
C ASP I 132 56.08 -11.95 47.77
N GLY I 133 55.69 -12.10 49.03
CA GLY I 133 56.38 -12.97 49.94
C GLY I 133 55.94 -14.39 49.84
N LYS I 134 54.68 -14.65 49.49
CA LYS I 134 54.24 -16.02 49.38
C LYS I 134 53.12 -16.34 48.38
N ASP I 135 52.20 -15.43 48.18
CA ASP I 135 51.02 -15.75 47.40
C ASP I 135 51.37 -16.15 45.96
N TRP I 136 52.12 -15.36 45.22
CA TRP I 136 52.52 -15.80 43.87
C TRP I 136 53.78 -16.69 43.78
N PRO I 137 54.81 -16.44 44.62
CA PRO I 137 55.95 -17.37 44.48
C PRO I 137 55.61 -18.85 44.77
N THR I 138 54.62 -19.15 45.60
CA THR I 138 54.28 -20.54 45.91
C THR I 138 53.03 -21.01 45.18
N LEU I 139 52.58 -20.24 44.19
CA LEU I 139 51.43 -20.58 43.42
C LEU I 139 51.66 -21.89 42.68
N ASN I 140 50.71 -22.80 42.80
CA ASN I 140 50.77 -24.03 42.04
C ASN I 140 49.37 -24.44 41.66
N VAL I 141 48.83 -23.82 40.62
CA VAL I 141 47.42 -23.99 40.27
C VAL I 141 47.09 -25.45 39.97
N LEU I 142 47.96 -26.12 39.25
CA LEU I 142 47.76 -27.52 38.89
C LEU I 142 47.89 -28.52 40.04
N GLY I 143 48.22 -28.06 41.24
CA GLY I 143 48.15 -28.91 42.42
C GLY I 143 46.76 -29.09 42.96
N GLY I 144 45.78 -28.35 42.43
CA GLY I 144 44.38 -28.56 42.76
C GLY I 144 43.80 -27.70 43.83
N SER I 145 44.61 -26.90 44.46
CA SER I 145 44.10 -25.98 45.47
C SER I 145 43.32 -24.85 44.77
N LEU I 146 42.21 -24.43 45.33
CA LEU I 146 41.35 -23.39 44.70
C LEU I 146 42.05 -22.05 44.48
N PRO I 147 42.15 -21.62 43.24
CA PRO I 147 42.89 -20.40 43.03
C PRO I 147 42.13 -19.18 43.56
N VAL I 148 40.81 -19.23 43.58
CA VAL I 148 40.07 -18.07 44.03
C VAL I 148 39.99 -18.03 45.55
N ARG I 149 40.55 -16.96 46.14
CA ARG I 149 40.60 -16.76 47.59
C ARG I 149 40.49 -15.29 47.91
N PHE I 150 39.89 -14.99 49.04
CA PHE I 150 39.69 -13.61 49.50
C PHE I 150 40.49 -13.27 50.76
N THR I 151 40.96 -12.04 50.80
CA THR I 151 41.69 -11.50 51.92
C THR I 151 41.04 -10.15 52.32
N LEU I 152 40.95 -9.91 53.61
CA LEU I 152 40.39 -8.69 54.16
C LEU I 152 41.35 -8.10 55.21
N VAL I 153 41.95 -6.96 54.89
CA VAL I 153 42.95 -6.36 55.74
C VAL I 153 42.43 -5.06 56.32
N SER I 154 42.32 -4.97 57.63
CA SER I 154 41.71 -3.77 58.27
C SER I 154 42.62 -3.04 59.23
N CYS I 155 42.53 -1.72 59.21
CA CYS I 155 43.00 -0.85 60.28
C CYS I 155 42.08 -0.98 61.47
N PRO I 156 42.62 -0.75 62.66
CA PRO I 156 41.75 -0.74 63.85
C PRO I 156 40.69 0.35 63.71
N GLY I 157 39.44 0.00 64.01
CA GLY I 157 38.27 0.87 63.73
C GLY I 157 37.43 0.40 62.56
N ASN I 158 38.05 -0.32 61.63
CA ASN I 158 37.37 -0.82 60.42
C ASN I 158 36.77 0.26 59.51
N GLU I 159 37.44 1.40 59.44
CA GLU I 159 37.05 2.49 58.56
C GLU I 159 37.99 2.66 57.40
N HIS I 160 39.03 1.82 57.33
CA HIS I 160 39.95 1.76 56.20
C HIS I 160 40.30 0.28 56.04
N VAL I 161 39.86 -0.31 54.94
CA VAL I 161 39.93 -1.75 54.77
C VAL I 161 40.40 -2.02 53.36
N VAL I 162 41.18 -3.05 53.14
CA VAL I 162 41.46 -3.50 51.79
C VAL I 162 40.91 -4.89 51.62
N LEU I 163 40.08 -5.05 50.60
CA LEU I 163 39.54 -6.35 50.21
C LEU I 163 40.25 -6.83 48.95
N THR I 164 40.69 -8.09 48.95
CA THR I 164 41.46 -8.67 47.81
C THR I 164 40.80 -9.94 47.33
N ILE I 165 40.74 -10.07 46.03
CA ILE I 165 40.31 -11.29 45.36
C ILE I 165 41.44 -11.76 44.52
N GLN I 166 41.93 -12.95 44.79
CA GLN I 166 42.95 -13.56 43.95
C GLN I 166 42.32 -14.55 43.02
N ILE I 167 42.86 -14.67 41.81
CA ILE I 167 42.22 -15.43 40.78
C ILE I 167 43.17 -15.74 39.63
N SER I 168 42.99 -16.90 39.03
CA SER I 168 43.79 -17.34 37.88
C SER I 168 43.10 -16.86 36.63
N HIS I 169 43.86 -16.53 35.61
CA HIS I 169 43.27 -16.00 34.39
C HIS I 169 42.52 -17.06 33.63
N SER I 170 42.67 -18.32 34.05
CA SER I 170 41.83 -19.38 33.51
C SER I 170 40.38 -19.28 33.98
N GLN I 171 40.08 -18.31 34.85
CA GLN I 171 38.77 -18.18 35.41
C GLN I 171 38.04 -16.89 35.03
N TRP I 172 38.66 -16.03 34.24
CA TRP I 172 38.00 -14.78 33.87
C TRP I 172 38.49 -14.29 32.54
N ASP I 173 37.74 -13.38 31.96
CA ASP I 173 38.24 -12.60 30.82
C ASP I 173 37.71 -11.17 30.84
N GLY I 174 38.11 -10.38 29.87
CA GLY I 174 37.84 -8.96 29.90
C GLY I 174 36.39 -8.59 29.80
N VAL I 175 35.64 -9.39 29.07
CA VAL I 175 34.22 -9.15 28.99
C VAL I 175 33.49 -9.38 30.31
N SER I 176 33.92 -10.39 31.07
CA SER I 176 33.15 -10.89 32.16
C SER I 176 33.66 -10.44 33.54
N ILE I 177 34.95 -10.11 33.66
CA ILE I 177 35.45 -9.61 34.95
C ILE I 177 34.67 -8.43 35.55
N PRO I 178 34.19 -7.43 34.73
CA PRO I 178 33.30 -6.40 35.34
C PRO I 178 32.07 -6.93 36.01
N LYS I 179 31.58 -8.06 35.53
CA LYS I 179 30.43 -8.68 36.14
C LYS I 179 30.72 -9.26 37.49
N LEU I 180 31.92 -9.71 37.70
CA LEU I 180 32.29 -10.20 39.00
C LEU I 180 32.19 -9.06 39.99
N PHE I 181 32.71 -7.89 39.63
CA PHE I 181 32.63 -6.74 40.52
C PHE I 181 31.23 -6.22 40.66
N SER I 182 30.47 -6.12 39.57
CA SER I 182 29.08 -5.60 39.72
C SER I 182 28.21 -6.55 40.50
N ASP I 183 28.45 -7.87 40.38
CA ASP I 183 27.68 -8.86 41.15
C ASP I 183 28.05 -8.78 42.62
N PHE I 184 29.34 -8.62 42.93
CA PHE I 184 29.76 -8.40 44.29
C PHE I 184 29.03 -7.20 44.90
N ALA I 185 29.04 -6.08 44.20
CA ALA I 185 28.38 -4.87 44.74
C ALA I 185 26.86 -5.08 44.95
N ALA I 186 26.21 -5.71 43.99
CA ALA I 186 24.78 -5.96 44.08
C ALA I 186 24.46 -6.86 45.24
N ILE I 187 25.28 -7.88 45.48
CA ILE I 187 25.03 -8.77 46.61
C ILE I 187 25.25 -8.05 47.94
N TYR I 188 26.32 -7.26 48.02
CA TYR I 188 26.57 -6.45 49.21
C TYR I 188 25.40 -5.47 49.45
N ASN I 189 25.01 -4.76 48.40
CA ASN I 189 23.91 -3.80 48.45
C ASN I 189 22.54 -4.41 48.52
N GLN I 190 22.43 -5.73 48.44
CA GLN I 190 21.14 -6.42 48.46
C GLN I 190 20.20 -6.01 47.34
N THR I 191 20.80 -5.75 46.19
CA THR I 191 20.14 -5.50 44.96
C THR I 191 19.91 -6.88 44.33
N PRO I 192 18.72 -7.12 43.74
CA PRO I 192 18.48 -8.44 43.15
C PRO I 192 19.32 -8.71 41.89
N LEU I 193 19.64 -9.98 41.66
CA LEU I 193 20.40 -10.42 40.51
C LEU I 193 19.64 -11.50 39.71
N PRO I 194 19.62 -11.36 38.40
CA PRO I 194 19.04 -12.45 37.59
C PRO I 194 19.89 -13.71 37.70
N PRO I 195 19.30 -14.89 37.46
CA PRO I 195 20.13 -16.08 37.27
C PRO I 195 21.08 -15.98 36.07
N THR I 196 22.15 -16.75 36.10
CA THR I 196 23.21 -16.72 35.07
C THR I 196 23.62 -18.15 34.73
N SER I 197 24.45 -18.33 33.72
CA SER I 197 25.05 -19.61 33.46
C SER I 197 26.50 -19.66 33.97
N ASP I 198 27.08 -20.86 33.84
CA ASP I 198 28.39 -21.26 34.26
C ASP I 198 29.29 -21.35 33.07
N PHE I 199 30.58 -21.33 33.33
CA PHE I 199 31.54 -21.64 32.29
C PHE I 199 31.32 -23.08 31.78
N ALA I 200 30.93 -24.00 32.67
CA ALA I 200 30.69 -25.37 32.24
C ALA I 200 29.64 -25.42 31.14
N HIS I 201 28.57 -24.63 31.25
CA HIS I 201 27.53 -24.57 30.23
C HIS I 201 28.11 -24.15 28.91
N TYR I 202 29.11 -23.27 28.92
CA TYR I 202 29.76 -22.83 27.67
C TYR I 202 30.47 -24.00 27.02
N LEU I 203 31.11 -24.84 27.82
CA LEU I 203 31.82 -25.99 27.26
C LEU I 203 30.87 -27.02 26.69
N TYR I 204 29.76 -27.27 27.37
CA TYR I 204 28.75 -28.19 26.88
C TYR I 204 28.15 -27.69 25.59
N HIS I 205 27.89 -26.38 25.50
CA HIS I 205 27.29 -25.80 24.32
C HIS I 205 28.20 -25.91 23.13
N ARG I 206 29.49 -25.65 23.29
CA ARG I 206 30.43 -25.86 22.18
C ARG I 206 30.41 -27.28 21.63
N VAL I 207 30.34 -28.26 22.52
CA VAL I 207 30.42 -29.66 22.10
C VAL I 207 29.13 -30.07 21.39
N SER I 208 28.00 -29.55 21.87
CA SER I 208 26.69 -29.86 21.33
C SER I 208 26.50 -29.31 19.88
N SER I 209 27.31 -28.34 19.49
CA SER I 209 27.24 -27.76 18.15
C SER I 209 28.24 -28.41 17.17
N ALA I 210 29.16 -29.22 17.70
CA ALA I 210 30.13 -29.91 16.86
C ALA I 210 29.48 -31.15 16.26
N ARG I 211 29.95 -31.55 15.09
CA ARG I 211 29.43 -32.71 14.40
C ARG I 211 30.31 -33.88 14.74
N GLU I 212 29.74 -35.07 14.78
CA GLU I 212 30.49 -36.24 15.21
C GLU I 212 31.53 -36.64 14.14
N ASP I 213 31.21 -36.46 12.84
CA ASP I 213 32.21 -36.60 11.80
C ASP I 213 32.88 -35.25 11.56
N VAL I 214 34.17 -35.19 11.73
CA VAL I 214 34.88 -33.94 11.80
C VAL I 214 35.12 -33.37 10.38
N GLN I 215 35.12 -34.26 9.38
CA GLN I 215 35.17 -33.95 7.94
C GLN I 215 33.96 -33.20 7.45
N GLN I 216 32.85 -33.40 8.17
CA GLN I 216 31.55 -32.78 7.82
C GLN I 216 31.22 -31.53 8.62
N ASP I 217 32.16 -31.07 9.45
CA ASP I 217 31.91 -29.91 10.30
C ASP I 217 32.24 -28.66 9.46
N PRO I 218 31.24 -27.81 9.23
CA PRO I 218 31.46 -26.55 8.52
C PRO I 218 32.62 -25.73 9.06
N THR I 219 32.83 -25.78 10.38
CA THR I 219 33.93 -25.08 11.03
C THR I 219 35.29 -25.56 10.58
N PHE I 220 35.50 -26.86 10.54
CA PHE I 220 36.83 -27.33 10.09
C PHE I 220 36.98 -27.24 8.58
N GLN I 221 35.85 -27.29 7.86
CA GLN I 221 35.86 -27.01 6.42
C GLN I 221 36.25 -25.54 6.21
N PHE I 222 35.68 -24.64 7.00
CA PHE I 222 36.06 -23.24 6.91
C PHE I 222 37.55 -23.05 7.13
N TRP I 223 38.10 -23.59 8.22
CA TRP I 223 39.52 -23.34 8.53
C TRP I 223 40.43 -23.93 7.48
N ARG I 224 40.04 -25.08 6.91
CA ARG I 224 40.82 -25.72 5.85
C ARG I 224 40.96 -24.81 4.65
N HIS I 225 39.83 -24.29 4.19
CA HIS I 225 39.85 -23.33 3.09
C HIS I 225 40.58 -22.05 3.48
N TYR I 226 40.31 -21.53 4.68
CA TYR I 226 40.91 -20.26 5.14
C TYR I 226 42.43 -20.30 5.17
N LEU I 227 42.99 -21.45 5.57
CA LEU I 227 44.43 -21.62 5.75
C LEU I 227 45.13 -22.32 4.59
N ASP I 228 44.38 -22.72 3.57
CA ASP I 228 44.93 -23.41 2.41
C ASP I 228 46.13 -22.70 1.80
N GLY I 229 47.25 -23.40 1.72
CA GLY I 229 48.47 -22.86 1.14
C GLY I 229 49.19 -21.88 2.03
N ALA I 230 48.74 -21.73 3.28
CA ALA I 230 49.35 -20.77 4.17
C ALA I 230 50.53 -21.37 4.90
N LYS I 231 51.45 -20.52 5.28
CA LYS I 231 52.55 -20.92 6.13
C LYS I 231 52.62 -19.98 7.33
N MET I 232 52.89 -20.52 8.51
CA MET I 232 52.96 -19.69 9.72
C MET I 232 54.38 -19.53 10.14
N ALA I 233 54.93 -18.35 9.86
CA ALA I 233 56.32 -18.08 10.16
C ALA I 233 56.48 -17.63 11.62
N VAL I 234 57.69 -17.82 12.13
CA VAL I 234 58.08 -17.42 13.44
C VAL I 234 58.91 -16.16 13.31
N PRO I 235 58.33 -14.99 13.59
CA PRO I 235 59.08 -13.75 13.38
C PRO I 235 60.17 -13.47 14.39
N PHE I 236 60.15 -14.11 15.57
CA PHE I 236 61.21 -13.91 16.59
C PHE I 236 61.66 -15.18 17.34
N ALA I 237 62.97 -15.37 17.52
CA ALA I 237 63.56 -16.62 18.09
C ALA I 237 63.26 -16.96 19.57
N GLN I 255 64.18 -13.43 31.38
CA GLN I 255 63.24 -12.47 32.06
C GLN I 255 62.11 -11.82 31.18
N THR I 256 60.91 -11.71 31.75
CA THR I 256 59.74 -11.12 31.07
C THR I 256 59.87 -9.60 30.96
N LEU I 257 59.72 -9.04 29.77
CA LEU I 257 59.81 -7.59 29.57
C LEU I 257 58.56 -7.00 28.98
N TRP I 258 58.17 -5.85 29.51
CA TRP I 258 57.10 -5.03 28.98
C TRP I 258 57.63 -3.74 28.41
N THR I 259 57.20 -3.38 27.20
CA THR I 259 57.62 -2.16 26.56
C THR I 259 56.40 -1.40 26.07
N PHE I 260 56.33 -0.11 26.37
CA PHE I 260 55.16 0.71 26.09
C PHE I 260 55.44 1.84 25.10
N LYS I 261 54.44 2.18 24.30
CA LYS I 261 54.53 3.34 23.41
C LYS I 261 53.15 3.92 23.15
N GLY I 262 52.95 5.16 23.59
CA GLY I 262 51.73 5.89 23.32
C GLY I 262 51.72 6.68 22.01
N ILE I 263 50.57 6.75 21.36
CA ILE I 263 50.35 7.68 20.27
C ILE I 263 49.01 8.38 20.44
N VAL I 264 48.79 9.43 19.66
CA VAL I 264 47.51 10.15 19.67
C VAL I 264 46.43 9.21 19.13
N PRO I 265 45.23 9.22 19.74
CA PRO I 265 44.25 8.23 19.27
C PRO I 265 43.98 8.39 17.76
N PRO I 266 44.16 7.33 16.99
CA PRO I 266 43.94 7.38 15.56
C PRO I 266 42.50 7.72 15.21
N THR I 267 42.32 8.43 14.10
CA THR I 267 41.00 8.67 13.51
C THR I 267 40.67 7.49 12.62
N LEU I 268 39.46 6.98 12.78
CA LEU I 268 39.08 5.76 12.11
C LEU I 268 38.45 6.06 10.76
N PRO I 269 38.99 5.46 9.71
CA PRO I 269 38.35 5.56 8.43
C PRO I 269 36.95 5.01 8.55
N SER I 270 36.06 5.49 7.69
CA SER I 270 34.67 5.03 7.65
C SER I 270 34.62 3.53 7.53
N GLY I 271 33.80 2.93 8.40
CA GLY I 271 33.54 1.48 8.43
C GLY I 271 34.62 0.56 8.97
N ILE I 272 35.67 1.12 9.58
CA ILE I 272 36.81 0.34 10.05
C ILE I 272 36.94 0.49 11.57
N THR I 273 37.09 -0.64 12.25
CA THR I 273 37.27 -0.61 13.69
C THR I 273 38.75 -0.38 14.05
N MET I 274 38.98 0.05 15.28
CA MET I 274 40.32 0.25 15.80
C MET I 274 41.13 -1.06 15.78
N ALA I 275 40.47 -2.17 16.13
CA ALA I 275 41.15 -3.47 16.10
C ALA I 275 41.70 -3.76 14.74
N THR I 276 40.92 -3.45 13.72
CA THR I 276 41.32 -3.73 12.33
C THR I 276 42.58 -2.93 12.01
N LEU I 277 42.58 -1.68 12.42
CA LEU I 277 43.70 -0.82 12.17
C LEU I 277 44.99 -1.38 12.76
N VAL I 278 44.91 -1.78 14.01
CA VAL I 278 46.05 -2.38 14.70
C VAL I 278 46.52 -3.68 14.02
N LYS I 279 45.61 -4.52 13.60
CA LYS I 279 46.01 -5.76 12.98
C LYS I 279 46.58 -5.59 11.56
N ALA I 280 46.06 -4.62 10.82
CA ALA I 280 46.57 -4.33 9.50
C ALA I 280 47.98 -3.79 9.60
N ALA I 281 48.21 -2.93 10.57
CA ALA I 281 49.54 -2.39 10.83
C ALA I 281 50.51 -3.51 11.12
N THR I 282 50.09 -4.46 11.95
CA THR I 282 50.94 -5.57 12.35
C THR I 282 51.24 -6.43 11.12
N ALA I 283 50.25 -6.64 10.26
CA ALA I 283 50.42 -7.43 9.05
C ALA I 283 51.40 -6.78 8.09
N LEU I 284 51.26 -5.48 7.89
CA LEU I 284 52.18 -4.77 7.01
C LEU I 284 53.58 -4.92 7.54
N PHE I 285 53.76 -4.71 8.85
CA PHE I 285 55.06 -4.83 9.45
C PHE I 285 55.64 -6.22 9.18
N LEU I 286 54.86 -7.26 9.39
CA LEU I 286 55.35 -8.61 9.25
C LEU I 286 55.68 -8.91 7.82
N SER I 287 54.88 -8.37 6.92
CA SER I 287 55.12 -8.48 5.49
C SER I 287 56.55 -8.10 5.14
N TYR I 288 56.97 -6.92 5.61
CA TYR I 288 58.35 -6.44 5.42
C TYR I 288 59.38 -7.20 6.25
N HIS I 289 59.08 -7.47 7.51
CA HIS I 289 60.04 -8.11 8.39
C HIS I 289 60.41 -9.52 7.95
N LEU I 290 59.42 -10.30 7.56
CA LEU I 290 59.66 -11.55 6.85
C LEU I 290 59.81 -11.07 5.42
N GLY I 291 59.92 -11.95 4.45
CA GLY I 291 59.89 -11.44 3.08
C GLY I 291 58.66 -12.01 2.41
N SER I 292 57.49 -11.62 2.88
CA SER I 292 56.32 -12.38 2.51
C SER I 292 55.13 -11.50 2.23
N ARG I 293 54.33 -11.99 1.32
CA ARG I 293 53.13 -11.34 0.91
C ARG I 293 51.92 -12.03 1.58
N ASP I 294 52.18 -13.18 2.21
CA ASP I 294 51.14 -13.97 2.84
C ASP I 294 51.57 -14.28 4.27
N VAL I 295 50.95 -13.58 5.23
CA VAL I 295 51.33 -13.70 6.64
C VAL I 295 50.19 -14.23 7.51
N VAL I 296 50.59 -15.06 8.48
CA VAL I 296 49.71 -15.61 9.45
C VAL I 296 50.29 -15.36 10.84
N PHE I 297 49.47 -14.77 11.70
CA PHE I 297 49.82 -14.58 13.11
C PHE I 297 48.58 -14.81 13.95
N GLY I 298 48.78 -14.85 15.26
CA GLY I 298 47.68 -15.11 16.14
C GLY I 298 47.00 -13.83 16.56
N HIS I 299 45.73 -13.96 16.95
CA HIS I 299 45.08 -12.85 17.64
C HIS I 299 44.03 -13.36 18.57
N THR I 300 43.67 -12.50 19.52
CA THR I 300 42.77 -12.89 20.58
C THR I 300 41.35 -12.50 20.22
N VAL I 301 40.43 -13.45 20.35
CA VAL I 301 39.05 -13.19 20.11
C VAL I 301 38.27 -13.55 21.35
N ASN I 302 37.07 -12.99 21.48
CA ASN I 302 36.36 -13.08 22.73
C ASN I 302 35.57 -14.38 22.93
N GLY I 303 35.30 -15.09 21.84
CA GLY I 303 34.71 -16.43 21.93
C GLY I 303 33.25 -16.49 22.36
N ARG I 304 32.57 -15.34 22.31
CA ARG I 304 31.22 -15.24 22.81
C ARG I 304 30.17 -14.95 21.70
N ASN I 305 30.51 -15.26 20.46
CA ASN I 305 29.55 -15.14 19.35
C ASN I 305 28.79 -16.45 19.11
N LEU I 306 28.12 -16.94 20.12
CA LEU I 306 27.42 -18.22 20.05
C LEU I 306 26.00 -18.04 20.55
N PRO I 307 25.05 -18.75 19.96
CA PRO I 307 23.67 -18.62 20.35
C PRO I 307 23.33 -19.41 21.63
N MET I 308 23.82 -18.94 22.79
CA MET I 308 23.55 -19.60 24.07
C MET I 308 23.08 -18.56 25.06
N ASP I 309 22.22 -18.94 25.98
CA ASP I 309 21.69 -18.00 26.93
C ASP I 309 22.78 -17.51 27.84
N ASN I 310 22.75 -16.19 28.10
CA ASN I 310 23.68 -15.52 28.98
C ASN I 310 25.11 -15.55 28.54
N ILE I 311 25.38 -15.75 27.27
CA ILE I 311 26.75 -15.89 26.88
C ILE I 311 27.53 -14.61 27.04
N GLU I 312 26.85 -13.48 27.02
CA GLU I 312 27.52 -12.20 27.17
C GLU I 312 27.96 -11.90 28.61
N SER I 313 27.39 -12.59 29.59
CA SER I 313 27.60 -12.24 30.97
C SER I 313 28.22 -13.36 31.84
N LEU I 314 28.27 -14.60 31.37
CA LEU I 314 28.75 -15.68 32.20
C LEU I 314 30.21 -15.51 32.56
N LEU I 315 30.59 -15.92 33.76
CA LEU I 315 31.95 -15.67 34.21
C LEU I 315 32.86 -16.81 33.79
N GLY I 316 33.95 -16.46 33.14
CA GLY I 316 34.91 -17.47 32.75
C GLY I 316 35.85 -16.96 31.70
N CYS I 317 36.72 -17.83 31.23
CA CYS I 317 37.70 -17.48 30.23
C CYS I 317 37.30 -18.10 28.91
N THR I 318 36.48 -17.39 28.13
CA THR I 318 36.05 -17.87 26.84
C THR I 318 36.95 -17.37 25.74
N LEU I 319 37.94 -16.56 26.07
CA LEU I 319 38.94 -16.10 25.08
C LEU I 319 39.49 -17.22 24.25
N ASN I 320 39.87 -16.89 23.03
CA ASN I 320 40.55 -17.80 22.20
C ASN I 320 41.64 -17.11 21.43
N PHE I 321 42.68 -17.87 21.13
CA PHE I 321 43.80 -17.37 20.32
C PHE I 321 43.80 -18.15 19.02
N VAL I 322 43.49 -17.45 17.93
CA VAL I 322 43.30 -18.11 16.65
C VAL I 322 44.11 -17.48 15.53
N PRO I 323 44.27 -18.20 14.41
CA PRO I 323 45.03 -17.64 13.29
C PRO I 323 44.28 -16.51 12.57
N LEU I 324 45.03 -15.48 12.23
CA LEU I 324 44.56 -14.44 11.34
C LEU I 324 45.50 -14.41 10.15
N ARG I 325 44.94 -14.45 8.96
CA ARG I 325 45.72 -14.49 7.74
C ARG I 325 45.49 -13.26 6.90
N VAL I 326 46.57 -12.58 6.55
CA VAL I 326 46.50 -11.40 5.70
C VAL I 326 47.37 -11.66 4.47
N THR I 327 46.72 -11.64 3.31
CA THR I 327 47.35 -11.93 2.04
C THR I 327 47.36 -10.69 1.18
N PHE I 328 48.55 -10.13 0.96
CA PHE I 328 48.72 -9.05 0.02
C PHE I 328 48.68 -9.64 -1.40
N PRO I 329 48.09 -8.90 -2.36
CA PRO I 329 48.11 -9.43 -3.73
C PRO I 329 49.53 -9.52 -4.30
N GLU I 330 49.72 -10.45 -5.25
CA GLU I 330 51.02 -10.73 -5.90
C GLU I 330 51.50 -9.54 -6.70
N ASP I 331 50.58 -8.84 -7.35
CA ASP I 331 50.98 -7.66 -8.14
C ASP I 331 51.29 -6.36 -7.35
N SER I 332 50.89 -6.26 -6.08
CA SER I 332 51.15 -5.09 -5.22
C SER I 332 50.39 -3.97 -5.95
N THR I 333 51.05 -2.90 -6.45
CA THR I 333 50.43 -1.94 -7.47
C THR I 333 49.12 -1.31 -7.01
N ASP I 334 48.21 -2.19 -6.62
CA ASP I 334 46.80 -1.88 -6.66
C ASP I 334 46.50 -1.13 -5.39
N TRP I 335 47.03 -1.71 -4.33
CA TRP I 335 46.39 -1.57 -3.02
C TRP I 335 46.69 -0.30 -2.30
N THR I 336 45.61 0.33 -1.83
CA THR I 336 45.70 1.41 -0.86
C THR I 336 45.65 0.86 0.58
N VAL I 337 45.89 1.73 1.55
CA VAL I 337 45.65 1.44 2.94
C VAL I 337 44.22 0.94 3.13
N MET I 338 43.24 1.65 2.58
CA MET I 338 41.84 1.21 2.70
C MET I 338 41.64 -0.20 2.24
N ASP I 339 42.25 -0.57 1.13
CA ASP I 339 42.08 -1.93 0.62
C ASP I 339 42.59 -2.94 1.63
N LEU I 340 43.70 -2.61 2.28
CA LEU I 340 44.28 -3.49 3.28
C LEU I 340 43.36 -3.57 4.51
N LEU I 341 42.81 -2.43 4.91
CA LEU I 341 41.92 -2.38 6.04
C LEU I 341 40.65 -3.19 5.81
N HIS I 342 40.02 -3.04 4.67
CA HIS I 342 38.83 -3.85 4.37
C HIS I 342 39.17 -5.33 4.31
N HIS I 343 40.31 -5.65 3.73
CA HIS I 343 40.72 -7.05 3.61
C HIS I 343 40.93 -7.64 5.01
N THR I 344 41.68 -6.92 5.85
CA THR I 344 42.00 -7.39 7.17
C THR I 344 40.74 -7.60 7.97
N GLN I 345 39.85 -6.64 7.93
CA GLN I 345 38.60 -6.74 8.64
C GLN I 345 37.75 -7.92 8.19
N THR I 346 37.72 -8.16 6.89
CA THR I 346 36.99 -9.30 6.35
C THR I 346 37.61 -10.63 6.77
N GLN I 347 38.92 -10.67 6.88
CA GLN I 347 39.61 -11.88 7.34
C GLN I 347 39.35 -12.21 8.81
N TYR I 348 38.88 -11.22 9.55
CA TYR I 348 38.39 -11.44 10.90
C TYR I 348 36.94 -11.87 10.84
N THR I 349 36.10 -11.11 10.16
CA THR I 349 34.65 -11.41 10.17
C THR I 349 34.28 -12.74 9.52
N ARG I 350 35.06 -13.19 8.53
CA ARG I 350 34.84 -14.51 7.93
C ARG I 350 34.87 -15.61 8.98
N ALA I 351 35.70 -15.42 10.00
CA ALA I 351 35.91 -16.45 11.02
C ALA I 351 34.91 -16.42 12.19
N LEU I 352 34.03 -15.44 12.24
CA LEU I 352 33.23 -15.18 13.43
C LEU I 352 32.44 -16.35 13.92
N SER I 353 31.95 -17.15 13.00
CA SER I 353 31.17 -18.34 13.36
C SER I 353 32.02 -19.52 13.76
N HIS I 354 33.32 -19.40 13.58
CA HIS I 354 34.21 -20.53 13.71
C HIS I 354 35.38 -20.29 14.69
N GLU I 355 35.36 -19.17 15.41
CA GLU I 355 36.51 -18.70 16.20
C GLU I 355 36.56 -19.34 17.56
N HIS I 356 35.59 -20.19 17.87
CA HIS I 356 35.42 -20.70 19.21
C HIS I 356 36.00 -22.10 19.48
N VAL I 357 36.60 -22.71 18.46
CA VAL I 357 37.08 -24.09 18.57
C VAL I 357 38.53 -24.11 18.97
N GLU I 358 38.94 -25.20 19.60
CA GLU I 358 40.30 -25.32 20.09
C GLU I 358 41.26 -25.13 18.93
N LEU I 359 42.35 -24.42 19.18
CA LEU I 359 43.38 -24.20 18.19
C LEU I 359 44.02 -25.52 17.73
N ARG I 360 44.29 -26.44 18.64
CA ARG I 360 44.91 -27.71 18.29
C ARG I 360 43.95 -28.54 17.43
N ASP I 361 42.65 -28.37 17.59
CA ASP I 361 41.69 -28.99 16.67
C ASP I 361 41.69 -28.34 15.27
N ILE I 362 41.88 -27.03 15.22
CA ILE I 362 42.02 -26.39 13.94
C ILE I 362 43.21 -26.98 13.21
N PHE I 363 44.35 -27.01 13.87
CA PHE I 363 45.58 -27.46 13.23
C PHE I 363 45.50 -28.94 12.85
N GLN I 364 44.90 -29.76 13.70
CA GLN I 364 44.82 -31.20 13.46
C GLN I 364 43.89 -31.51 12.29
N HIS I 365 42.70 -30.92 12.28
CA HIS I 365 41.67 -31.30 11.32
C HIS I 365 41.62 -30.48 10.06
N SER I 366 42.35 -29.37 10.01
CA SER I 366 42.23 -28.45 8.89
C SER I 366 43.58 -28.10 8.26
N THR I 367 44.67 -28.64 8.76
CA THR I 367 46.00 -28.39 8.20
C THR I 367 46.87 -29.65 8.23
N ASN I 368 48.04 -29.56 7.60
CA ASN I 368 49.11 -30.58 7.77
C ASN I 368 49.92 -30.32 8.98
N TRP I 369 49.81 -29.13 9.53
CA TRP I 369 50.70 -28.70 10.59
C TRP I 369 50.52 -29.59 11.83
N PRO I 370 51.61 -29.77 12.60
CA PRO I 370 51.50 -30.49 13.88
C PRO I 370 50.49 -29.80 14.80
N ALA I 371 49.66 -30.60 15.47
CA ALA I 371 48.58 -30.10 16.33
C ALA I 371 49.05 -29.16 17.44
N GLU I 372 50.24 -29.39 17.99
CA GLU I 372 50.75 -28.61 19.10
C GLU I 372 51.60 -27.45 18.61
N THR I 373 51.49 -27.12 17.34
CA THR I 373 52.19 -25.94 16.82
C THR I 373 51.75 -24.69 17.59
N PRO I 374 52.69 -23.96 18.17
CA PRO I 374 52.35 -22.75 18.92
C PRO I 374 52.24 -21.53 18.01
N LEU I 375 51.39 -20.59 18.42
CA LEU I 375 51.39 -19.27 17.84
C LEU I 375 52.63 -18.57 18.38
N SER I 376 53.35 -17.85 17.54
CA SER I 376 54.55 -17.16 18.00
C SER I 376 54.35 -15.67 18.13
N LEU I 377 53.27 -15.15 17.57
CA LEU I 377 52.92 -13.77 17.72
C LEU I 377 51.42 -13.68 17.96
N ILE I 378 51.03 -12.92 18.98
CA ILE I 378 49.63 -12.75 19.26
C ILE I 378 49.31 -11.28 19.49
N VAL I 379 48.30 -10.78 18.77
CA VAL I 379 47.86 -9.40 18.92
C VAL I 379 46.53 -9.35 19.64
N GLN I 380 46.49 -8.62 20.74
CA GLN I 380 45.29 -8.52 21.53
C GLN I 380 44.82 -7.07 21.62
N HIS I 381 43.73 -6.74 20.93
CA HIS I 381 43.21 -5.39 21.06
C HIS I 381 42.23 -5.36 22.27
N GLN I 382 42.44 -4.44 23.19
CA GLN I 382 41.70 -4.40 24.43
C GLN I 382 40.49 -3.49 24.37
N ASN I 383 39.50 -3.82 23.57
CA ASN I 383 38.30 -3.03 23.51
C ASN I 383 37.28 -3.53 24.52
N ILE I 384 37.70 -3.54 25.77
CA ILE I 384 36.89 -3.96 26.90
C ILE I 384 37.07 -2.91 27.99
N ASP I 385 36.36 -3.03 29.11
CA ASP I 385 36.53 -2.09 30.21
C ASP I 385 37.98 -2.03 30.68
N LEU I 386 38.51 -0.82 30.77
CA LEU I 386 39.85 -0.60 31.29
C LEU I 386 39.89 -0.01 32.71
N SER I 387 38.73 0.48 33.18
CA SER I 387 38.58 0.98 34.54
C SER I 387 37.42 0.21 35.20
N PHE I 388 37.46 0.09 36.53
CA PHE I 388 36.48 -0.70 37.26
C PHE I 388 35.93 0.02 38.46
N SER I 389 34.73 -0.36 38.87
CA SER I 389 34.10 0.22 40.04
C SER I 389 33.48 -0.90 40.88
N LEU I 390 33.31 -0.57 42.14
CA LEU I 390 32.65 -1.42 43.08
C LEU I 390 31.81 -0.49 43.96
N PRO I 391 30.62 -0.11 43.48
CA PRO I 391 29.81 0.94 44.10
C PRO I 391 29.04 0.43 45.34
N LEU I 392 29.77 0.21 46.42
CA LEU I 392 29.16 -0.23 47.68
C LEU I 392 28.44 0.93 48.34
N ARG I 393 27.25 0.70 48.88
CA ARG I 393 26.46 1.79 49.54
C ARG I 393 26.69 2.05 51.03
N SER I 406 28.31 6.59 53.47
CA SER I 406 28.83 6.80 52.11
C SER I 406 30.27 6.24 52.03
N LEU I 407 30.54 5.36 51.05
CA LEU I 407 31.81 4.62 50.98
C LEU I 407 32.67 4.99 49.80
N ASP I 408 33.91 5.33 50.09
CA ASP I 408 34.87 5.62 49.07
C ASP I 408 35.62 4.33 48.72
N VAL I 409 35.57 3.93 47.46
CA VAL I 409 36.13 2.66 47.05
C VAL I 409 37.09 2.79 45.87
N GLN I 410 38.37 2.51 46.08
CA GLN I 410 39.36 2.60 45.00
C GLN I 410 39.93 1.24 44.58
N TYR I 411 40.25 1.17 43.31
CA TYR I 411 40.70 -0.02 42.66
C TYR I 411 42.20 -0.01 42.46
N SER I 412 42.83 -1.17 42.65
CA SER I 412 44.19 -1.39 42.17
C SER I 412 44.39 -2.91 41.97
N LYS I 413 45.51 -3.31 41.38
CA LYS I 413 45.74 -4.74 41.20
C LYS I 413 47.20 -5.12 41.25
N PHE I 414 47.46 -6.38 41.56
CA PHE I 414 48.75 -6.98 41.34
C PHE I 414 48.57 -8.02 40.27
N ALA I 415 49.60 -8.26 39.48
CA ALA I 415 49.50 -9.19 38.36
C ALA I 415 50.78 -9.96 38.09
N ARG I 416 50.68 -11.23 37.75
CA ARG I 416 51.78 -11.96 37.18
C ARG I 416 51.36 -12.44 35.80
N PHE I 417 52.32 -12.45 34.88
CA PHE I 417 52.15 -13.00 33.56
C PHE I 417 53.53 -13.19 32.92
N ASP I 418 53.86 -14.41 32.54
CA ASP I 418 55.18 -14.70 31.95
C ASP I 418 55.11 -15.50 30.65
N PRO I 419 55.32 -14.85 29.52
CA PRO I 419 55.26 -15.58 28.26
C PRO I 419 56.34 -16.63 28.10
N LEU I 420 56.08 -17.62 27.25
CA LEU I 420 57.06 -18.63 26.87
C LEU I 420 57.86 -18.11 25.65
N ASP I 421 57.67 -18.71 24.46
CA ASP I 421 58.44 -18.28 23.30
C ASP I 421 57.72 -17.25 22.47
N GLU I 422 56.43 -17.05 22.73
CA GLU I 422 55.63 -16.15 21.88
C GLU I 422 55.81 -14.67 22.24
N VAL I 423 55.49 -13.81 21.31
CA VAL I 423 55.49 -12.38 21.56
C VAL I 423 54.04 -11.91 21.58
N TRP I 424 53.70 -11.07 22.55
CA TRP I 424 52.36 -10.50 22.68
C TRP I 424 52.41 -9.04 22.37
N ILE I 425 51.47 -8.57 21.56
CA ILE I 425 51.29 -7.15 21.35
C ILE I 425 49.89 -6.80 21.80
N PHE I 426 49.79 -5.99 22.83
CA PHE I 426 48.54 -5.52 23.38
C PHE I 426 48.34 -4.07 22.94
N THR I 427 47.12 -3.69 22.60
CA THR I 427 46.80 -2.26 22.35
C THR I 427 45.65 -1.84 23.27
N GLU I 428 45.90 -0.80 24.05
CA GLU I 428 44.90 -0.26 24.94
C GLU I 428 44.41 1.09 24.45
N PRO I 429 43.13 1.18 24.10
CA PRO I 429 42.54 2.46 23.67
C PRO I 429 42.05 3.30 24.83
N HIS I 430 42.87 4.21 25.34
CA HIS I 430 42.44 5.19 26.35
C HIS I 430 41.89 6.47 25.72
N ALA I 431 41.36 7.34 26.56
CA ALA I 431 40.79 8.61 26.12
C ALA I 431 41.80 9.56 25.46
N ASP I 432 42.99 9.61 26.02
CA ASP I 432 44.05 10.53 25.58
C ASP I 432 45.10 9.88 24.71
N ARG I 433 45.11 8.55 24.62
CA ARG I 433 46.13 7.87 23.80
C ARG I 433 45.73 6.45 23.43
N LEU I 434 46.36 5.93 22.38
CA LEU I 434 46.34 4.52 22.07
C LEU I 434 47.69 3.98 22.51
N GLU I 435 47.69 3.05 23.46
CA GLU I 435 48.94 2.53 23.99
C GLU I 435 49.26 1.14 23.39
N VAL I 436 50.43 1.02 22.77
CA VAL I 436 50.92 -0.21 22.22
C VAL I 436 51.90 -0.81 23.19
N GLN I 437 51.63 -2.04 23.60
CA GLN I 437 52.43 -2.74 24.61
C GLN I 437 52.97 -4.01 24.02
N VAL I 438 54.27 -4.21 24.17
CA VAL I 438 54.89 -5.45 23.74
C VAL I 438 55.29 -6.21 25.00
N CYS I 439 54.97 -7.50 25.04
CA CYS I 439 55.38 -8.32 26.15
C CYS I 439 55.99 -9.59 25.63
N ALA I 440 57.22 -9.84 26.04
CA ALA I 440 57.92 -11.05 25.62
C ALA I 440 59.09 -11.29 26.55
N ASN I 441 59.53 -12.54 26.59
CA ASN I 441 60.76 -12.89 27.30
C ASN I 441 61.94 -12.22 26.62
N SER I 442 62.90 -11.74 27.42
CA SER I 442 64.09 -11.05 26.88
C SER I 442 64.99 -11.93 25.99
N ARG I 443 64.94 -13.25 26.17
CA ARG I 443 65.72 -14.16 25.34
C ARG I 443 65.05 -14.27 23.93
N VAL I 444 63.81 -13.82 23.78
CA VAL I 444 63.14 -13.82 22.47
C VAL I 444 63.17 -12.44 21.84
N LEU I 445 63.07 -11.40 22.67
CA LEU I 445 62.98 -10.05 22.17
C LEU I 445 63.60 -9.15 23.22
N GLY I 446 64.85 -8.73 22.97
CA GLY I 446 65.59 -7.90 23.90
C GLY I 446 65.02 -6.50 23.92
N GLN I 447 65.43 -5.72 24.90
CA GLN I 447 64.83 -4.41 25.12
C GLN I 447 64.89 -3.48 23.91
N GLU I 448 65.98 -3.51 23.16
CA GLU I 448 66.10 -2.56 22.05
C GLU I 448 65.29 -3.04 20.85
N GLN I 449 65.17 -4.34 20.70
CA GLN I 449 64.35 -4.90 19.63
C GLN I 449 62.87 -4.64 19.93
N ALA I 450 62.50 -4.75 21.20
CA ALA I 450 61.10 -4.56 21.62
C ALA I 450 60.72 -3.13 21.45
N THR I 451 61.62 -2.24 21.85
CA THR I 451 61.38 -0.82 21.65
C THR I 451 61.16 -0.49 20.17
N GLU I 452 61.95 -1.11 19.30
CA GLU I 452 61.82 -0.83 17.88
C GLU I 452 60.51 -1.38 17.33
N LEU I 453 60.13 -2.57 17.76
CA LEU I 453 58.87 -3.16 17.33
C LEU I 453 57.68 -2.27 17.72
N ALA I 454 57.66 -1.81 18.97
CA ALA I 454 56.62 -0.90 19.43
C ALA I 454 56.60 0.38 18.63
N ASN I 455 57.77 0.94 18.34
CA ASN I 455 57.86 2.17 17.53
C ASN I 455 57.34 1.97 16.09
N ASN I 456 57.74 0.88 15.44
CA ASN I 456 57.27 0.62 14.09
C ASN I 456 55.77 0.43 13.96
N ILE I 457 55.19 -0.39 14.85
CA ILE I 457 53.76 -0.64 14.80
C ILE I 457 53.03 0.69 15.04
N SER I 458 53.46 1.46 16.05
CA SER I 458 52.89 2.77 16.31
C SER I 458 52.93 3.70 15.13
N ALA I 459 54.07 3.76 14.47
CA ALA I 459 54.27 4.65 13.32
C ALA I 459 53.35 4.29 12.17
N ILE I 460 53.24 2.99 11.90
CA ILE I 460 52.35 2.52 10.82
C ILE I 460 50.90 2.83 11.13
N ILE I 461 50.50 2.65 12.39
CA ILE I 461 49.13 2.94 12.79
C ILE I 461 48.83 4.41 12.51
N THR I 462 49.72 5.30 12.92
CA THR I 462 49.52 6.73 12.71
C THR I 462 49.49 7.07 11.22
N LYS I 463 50.44 6.54 10.46
CA LYS I 463 50.44 6.79 9.04
C LYS I 463 49.14 6.35 8.36
N PHE I 464 48.66 5.14 8.66
CA PHE I 464 47.36 4.66 8.15
C PHE I 464 46.24 5.64 8.49
N SER I 465 46.27 6.16 9.71
CA SER I 465 45.22 7.03 10.21
C SER I 465 45.20 8.34 9.44
N THR I 466 46.38 8.95 9.30
CA THR I 466 46.49 10.28 8.71
C THR I 466 46.29 10.28 7.17
N ASP I 467 46.51 9.12 6.51
CA ASP I 467 46.29 9.02 5.05
C ASP I 467 45.81 7.65 4.56
N PRO I 468 44.51 7.34 4.78
CA PRO I 468 43.94 6.06 4.39
C PRO I 468 43.88 5.80 2.86
N THR I 469 43.88 6.88 2.08
CA THR I 469 43.80 6.80 0.60
C THR I 469 45.16 6.51 -0.04
N ALA I 470 46.25 6.66 0.72
CA ALA I 470 47.60 6.35 0.25
C ALA I 470 47.75 4.91 -0.26
N ARG I 471 48.70 4.69 -1.17
CA ARG I 471 49.01 3.32 -1.62
C ARG I 471 50.08 2.76 -0.73
N LEU I 472 50.12 1.45 -0.63
CA LEU I 472 51.05 0.76 0.26
C LEU I 472 52.55 0.99 0.06
N LEU I 473 53.00 1.55 -1.05
CA LEU I 473 54.40 2.00 -1.14
C LEU I 473 54.50 3.36 -0.39
N ASP I 474 54.80 3.26 0.94
CA ASP I 474 54.87 4.31 1.98
C ASP I 474 56.17 5.13 1.98
N GLN J 3 13.01 7.19 10.95
CA GLN J 3 11.85 6.84 11.87
C GLN J 3 11.42 5.34 11.80
N LEU J 4 11.14 4.75 12.96
CA LEU J 4 11.05 3.29 13.07
C LEU J 4 9.66 2.76 12.68
N SER J 5 9.65 1.82 11.76
CA SER J 5 8.44 1.43 11.04
C SER J 5 8.01 -0.02 11.34
N THR J 6 8.94 -0.93 11.58
CA THR J 6 8.57 -2.33 11.90
C THR J 6 8.79 -2.66 13.38
N ASP J 7 8.27 -3.80 13.80
CA ASP J 7 8.50 -4.28 15.16
C ASP J 7 9.95 -4.70 15.43
N ALA J 8 10.59 -5.25 14.39
CA ALA J 8 11.98 -5.61 14.45
C ALA J 8 12.86 -4.35 14.62
N GLU J 9 12.53 -3.28 13.90
CA GLU J 9 13.28 -2.05 14.02
C GLU J 9 13.16 -1.51 15.46
N ARG J 10 11.97 -1.59 16.06
CA ARG J 10 11.79 -1.06 17.40
C ARG J 10 12.57 -1.85 18.41
N GLU J 11 12.52 -3.16 18.27
CA GLU J 11 13.18 -4.02 19.23
C GLU J 11 14.70 -3.82 19.14
N LEU J 12 15.19 -3.72 17.92
CA LEU J 12 16.60 -3.50 17.68
C LEU J 12 17.09 -2.15 18.21
N ALA J 13 16.26 -1.12 18.10
CA ALA J 13 16.63 0.21 18.58
C ALA J 13 16.77 0.23 20.08
N ASN J 14 15.87 -0.44 20.76
CA ASN J 14 16.02 -0.63 22.18
C ASN J 14 17.30 -1.38 22.58
N ILE J 15 17.67 -2.39 21.80
CA ILE J 15 18.92 -3.08 22.02
C ILE J 15 20.12 -2.15 21.85
N TRP J 16 20.12 -1.38 20.77
CA TRP J 16 21.21 -0.41 20.54
C TRP J 16 21.30 0.64 21.65
N ALA J 17 20.15 1.09 22.11
CA ALA J 17 20.12 2.03 23.19
C ALA J 17 20.77 1.49 24.46
N THR J 18 20.47 0.26 24.84
CA THR J 18 21.08 -0.31 26.04
C THR J 18 22.58 -0.51 25.84
N VAL J 19 22.97 -1.01 24.69
CA VAL J 19 24.32 -1.50 24.49
C VAL J 19 25.25 -0.33 24.28
N LEU J 20 24.79 0.69 23.55
CA LEU J 20 25.58 1.87 23.33
C LEU J 20 25.37 2.93 24.43
N ASP J 21 24.41 2.75 25.34
CA ASP J 21 24.13 3.73 26.40
C ASP J 21 23.78 5.11 25.83
N ILE J 22 22.93 5.09 24.83
CA ILE J 22 22.43 6.28 24.20
C ILE J 22 20.92 6.24 24.30
N PRO J 23 20.29 7.42 24.32
CA PRO J 23 18.85 7.43 24.54
C PRO J 23 18.06 6.98 23.29
N ILE J 24 17.01 6.21 23.55
CA ILE J 24 16.20 5.58 22.51
C ILE J 24 15.63 6.58 21.50
N GLY J 25 15.19 7.73 21.99
CA GLY J 25 14.65 8.80 21.15
C GLY J 25 15.59 9.35 20.08
N THR J 26 16.89 9.10 20.19
CA THR J 26 17.85 9.59 19.20
C THR J 26 18.13 8.63 18.09
N ILE J 27 17.50 7.47 18.12
CA ILE J 27 17.88 6.42 17.19
C ILE J 27 16.94 6.40 15.99
N SER J 28 17.50 6.55 14.80
CA SER J 28 16.69 6.45 13.61
C SER J 28 17.02 5.19 12.86
N ALA J 29 16.09 4.81 11.98
CA ALA J 29 16.24 3.62 11.17
C ALA J 29 17.43 3.63 10.24
N SER J 30 17.93 4.81 9.91
CA SER J 30 19.10 4.94 9.04
C SER J 30 20.45 5.00 9.80
N ASP J 31 20.40 4.95 11.13
CA ASP J 31 21.61 4.97 11.94
C ASP J 31 22.53 3.76 11.69
N ASN J 32 23.82 4.06 11.69
CA ASN J 32 24.87 3.08 11.54
C ASN J 32 25.52 2.72 12.91
N PHE J 33 25.54 1.43 13.22
CA PHE J 33 26.01 0.94 14.53
C PHE J 33 27.40 1.43 14.92
N PHE J 34 28.31 1.39 13.98
CA PHE J 34 29.68 1.85 14.23
C PHE J 34 29.79 3.38 14.33
N PHE J 35 29.08 4.12 13.48
CA PHE J 35 29.13 5.55 13.55
C PHE J 35 28.57 6.04 14.88
N ARG J 36 27.58 5.36 15.46
CA ARG J 36 27.09 5.76 16.80
C ARG J 36 27.99 5.31 17.95
N GLY J 37 29.13 4.70 17.63
CA GLY J 37 30.17 4.36 18.61
C GLY J 37 30.37 2.89 18.95
N GLY J 38 29.66 2.00 18.28
CA GLY J 38 29.78 0.57 18.57
C GLY J 38 31.05 -0.04 18.01
N HIS J 39 31.55 -1.08 18.67
CA HIS J 39 32.60 -1.90 18.12
C HIS J 39 32.27 -3.39 18.23
N SER J 40 33.26 -4.25 18.03
CA SER J 40 33.04 -5.69 17.99
C SER J 40 32.43 -6.26 19.25
N ILE J 41 32.86 -5.82 20.40
CA ILE J 41 32.29 -6.29 21.64
C ILE J 41 30.88 -5.83 21.90
N ASP J 42 30.58 -4.57 21.55
CA ASP J 42 29.20 -4.09 21.62
C ASP J 42 28.30 -4.91 20.70
N ALA J 43 28.83 -5.28 19.55
CA ALA J 43 28.10 -6.08 18.60
C ALA J 43 27.79 -7.44 19.17
N MET J 44 28.77 -8.02 19.88
CA MET J 44 28.54 -9.27 20.52
C MET J 44 27.40 -9.15 21.53
N LYS J 45 27.40 -8.10 22.33
CA LYS J 45 26.33 -7.93 23.32
C LYS J 45 24.98 -7.72 22.66
N ALA J 46 24.98 -6.98 21.56
CA ALA J 46 23.74 -6.67 20.86
C ALA J 46 23.15 -7.96 20.33
N SER J 47 24.01 -8.78 19.77
CA SER J 47 23.60 -10.08 19.26
C SER J 47 23.02 -10.97 20.35
N ALA J 48 23.62 -10.96 21.54
CA ALA J 48 23.08 -11.73 22.68
C ALA J 48 21.76 -11.21 23.17
N LEU J 49 21.61 -9.90 23.25
CA LEU J 49 20.33 -9.31 23.66
C LEU J 49 19.27 -9.54 22.58
N GLY J 50 19.69 -9.57 21.32
CA GLY J 50 18.84 -10.00 20.22
C GLY J 50 18.20 -11.35 20.48
N ARG J 51 19.03 -12.33 20.77
CA ARG J 51 18.52 -13.64 21.04
C ARG J 51 17.52 -13.65 22.16
N ALA J 52 17.80 -12.98 23.25
CA ALA J 52 16.87 -12.97 24.38
C ALA J 52 15.52 -12.31 24.00
N ALA J 53 15.52 -11.48 22.97
CA ALA J 53 14.29 -10.83 22.50
C ALA J 53 13.69 -11.57 21.32
N GLY J 54 14.21 -12.76 21.00
CA GLY J 54 13.65 -13.58 19.96
C GLY J 54 14.09 -13.25 18.56
N MET J 55 15.05 -12.36 18.42
CA MET J 55 15.61 -12.07 17.11
C MET J 55 16.86 -12.90 17.02
N SER J 56 17.37 -13.03 15.83
CA SER J 56 18.46 -13.91 15.58
C SER J 56 19.38 -13.27 14.54
N PHE J 57 20.51 -12.79 15.00
CA PHE J 57 21.57 -12.28 14.16
C PHE J 57 22.88 -12.36 14.94
N GLY J 58 23.97 -12.50 14.24
CA GLY J 58 25.27 -12.62 14.86
C GLY J 58 26.07 -11.37 14.63
N VAL J 59 27.28 -11.37 15.17
CA VAL J 59 28.16 -10.26 15.01
C VAL J 59 28.46 -9.98 13.51
N ALA J 60 28.61 -11.03 12.70
CA ALA J 60 28.95 -10.84 11.28
C ALA J 60 27.87 -10.04 10.58
N ASP J 61 26.62 -10.32 10.96
CA ASP J 61 25.48 -9.63 10.37
C ASP J 61 25.54 -8.13 10.63
N ILE J 62 26.06 -7.75 11.78
CA ILE J 62 26.20 -6.35 12.11
C ILE J 62 27.32 -5.71 11.30
N PHE J 63 28.41 -6.43 11.04
CA PHE J 63 29.46 -5.89 10.15
C PHE J 63 28.99 -5.78 8.68
N ASP J 64 28.18 -6.73 8.23
CA ASP J 64 27.66 -6.71 6.87
C ASP J 64 26.54 -5.69 6.67
N HIS J 65 25.71 -5.53 7.69
CA HIS J 65 24.53 -4.68 7.61
C HIS J 65 24.49 -3.72 8.78
N PRO J 66 25.40 -2.76 8.75
CA PRO J 66 25.60 -1.83 9.87
C PRO J 66 24.44 -0.85 10.11
N VAL J 67 23.54 -0.73 9.14
CA VAL J 67 22.43 0.22 9.25
C VAL J 67 21.24 -0.48 9.87
N LEU J 68 20.56 0.21 10.79
CA LEU J 68 19.55 -0.45 11.63
C LEU J 68 18.47 -1.12 10.80
N SER J 69 17.89 -0.39 9.84
CA SER J 69 16.78 -0.92 9.05
C SER J 69 17.22 -2.16 8.26
N GLU J 70 18.43 -2.14 7.74
CA GLU J 70 18.96 -3.30 7.02
C GLU J 70 19.22 -4.49 7.93
N LEU J 71 19.73 -4.24 9.13
CA LEU J 71 19.96 -5.32 10.08
C LEU J 71 18.66 -5.93 10.55
N ALA J 72 17.63 -5.10 10.72
CA ALA J 72 16.30 -5.61 11.06
C ALA J 72 15.67 -6.57 10.05
N SER J 73 15.90 -6.38 8.76
CA SER J 73 15.45 -7.37 7.75
C SER J 73 16.02 -8.76 7.84
N VAL J 74 17.21 -8.93 8.42
CA VAL J 74 17.83 -10.23 8.64
C VAL J 74 17.32 -10.92 9.94
N GLU K 10 17.57 29.34 -21.99
CA GLU K 10 18.57 28.24 -21.78
C GLU K 10 18.85 27.37 -23.07
N PRO K 11 20.05 27.48 -23.66
CA PRO K 11 20.37 26.82 -24.95
C PRO K 11 20.19 25.29 -25.05
N PHE K 12 19.67 24.83 -26.19
CA PHE K 12 19.38 23.44 -26.47
C PHE K 12 18.13 22.94 -25.79
N SER K 13 17.48 23.79 -25.03
CA SER K 13 16.30 23.35 -24.30
C SER K 13 15.11 23.08 -25.20
N LEU K 14 15.14 23.54 -26.44
CA LEU K 14 14.07 23.19 -27.40
C LEU K 14 14.52 22.25 -28.46
N SER K 15 15.73 21.72 -28.34
CA SER K 15 16.23 20.80 -29.34
C SER K 15 15.32 19.60 -29.42
N PRO K 16 14.85 19.25 -30.62
CA PRO K 16 13.99 18.07 -30.76
C PRO K 16 14.77 16.79 -30.85
N ILE K 17 16.09 16.89 -30.82
CA ILE K 17 16.87 15.69 -30.89
C ILE K 17 17.83 15.58 -29.71
N LYS K 18 18.25 14.34 -29.59
CA LYS K 18 19.15 13.87 -28.68
C LYS K 18 20.49 14.30 -29.36
N ASP K 19 21.49 14.44 -28.57
CA ASP K 19 22.83 14.73 -29.08
C ASP K 19 23.07 15.80 -30.20
N PRO K 20 22.70 17.05 -29.94
CA PRO K 20 22.88 18.10 -30.95
C PRO K 20 24.33 18.27 -31.39
N GLN K 21 25.27 18.18 -30.48
CA GLN K 21 26.68 18.26 -30.90
C GLN K 21 27.10 17.24 -31.94
N ALA K 22 26.53 16.05 -31.90
CA ALA K 22 26.91 15.00 -32.86
C ALA K 22 26.48 15.38 -34.26
N LEU K 23 25.36 16.08 -34.36
CA LEU K 23 24.93 16.56 -35.67
C LEU K 23 25.86 17.62 -36.27
N HIS K 24 26.35 18.53 -35.43
CA HIS K 24 27.32 19.50 -35.87
C HIS K 24 28.60 18.83 -36.32
N LYS K 25 29.07 17.86 -35.56
CA LYS K 25 30.30 17.19 -35.93
C LYS K 25 30.17 16.48 -37.27
N GLU K 26 29.03 15.84 -37.49
CA GLU K 26 28.77 15.18 -38.76
C GLU K 26 28.80 16.16 -39.92
N LEU K 27 28.19 17.34 -39.76
CA LEU K 27 28.18 18.34 -40.81
C LEU K 27 29.56 18.92 -41.08
N CYS K 28 30.37 19.07 -40.04
CA CYS K 28 31.77 19.46 -40.23
C CYS K 28 32.58 18.45 -41.07
N SER K 29 32.38 17.17 -40.78
CA SER K 29 33.16 16.11 -41.40
C SER K 29 32.78 15.91 -42.85
N LYS K 30 31.57 16.30 -43.24
CA LYS K 30 31.20 16.34 -44.65
C LYS K 30 31.47 17.71 -45.32
N ASN K 31 32.23 18.57 -44.65
CA ASN K 31 32.60 19.90 -45.17
C ASN K 31 31.44 20.82 -45.59
N VAL K 32 30.32 20.68 -44.95
CA VAL K 32 29.17 21.50 -45.27
C VAL K 32 29.28 22.82 -44.53
N ILE K 33 29.81 22.80 -43.31
CA ILE K 33 30.01 24.01 -42.51
C ILE K 33 31.47 24.00 -42.02
N PRO K 34 31.99 25.15 -41.61
CA PRO K 34 33.41 25.21 -41.25
C PRO K 34 33.81 24.39 -40.03
N VAL K 35 34.94 23.71 -40.14
CA VAL K 35 35.39 22.78 -39.09
C VAL K 35 35.75 23.47 -37.78
N THR K 36 36.08 24.75 -37.82
CA THR K 36 36.40 25.49 -36.59
C THR K 36 35.19 26.18 -35.96
N SER K 37 34.01 26.01 -36.55
CA SER K 37 32.79 26.57 -35.93
C SER K 37 32.39 25.74 -34.71
N THR K 38 31.65 26.35 -33.80
CA THR K 38 31.04 25.64 -32.70
C THR K 38 29.51 25.72 -32.81
N LEU K 39 28.80 24.83 -32.11
CA LEU K 39 27.36 24.85 -32.07
C LEU K 39 26.91 25.60 -30.83
N GLU K 40 26.30 26.74 -31.03
CA GLU K 40 25.81 27.60 -29.94
C GLU K 40 24.39 27.17 -29.53
N ASP K 41 23.56 26.71 -30.47
CA ASP K 41 22.21 26.34 -30.13
C ASP K 41 21.64 25.48 -31.23
N LEU K 42 20.50 24.83 -30.95
CA LEU K 42 19.81 24.05 -31.97
C LEU K 42 18.34 24.12 -31.64
N LEU K 43 17.51 24.56 -32.58
CA LEU K 43 16.10 24.75 -32.35
C LEU K 43 15.28 24.23 -33.50
N PRO K 44 13.98 24.02 -33.30
CA PRO K 44 13.13 23.77 -34.47
C PRO K 44 13.02 24.99 -35.37
N ALA K 45 12.87 24.73 -36.65
CA ALA K 45 12.60 25.77 -37.61
C ALA K 45 11.10 25.97 -37.59
N THR K 46 10.64 27.22 -37.71
CA THR K 46 9.23 27.47 -37.65
C THR K 46 8.56 27.05 -38.95
N GLN K 47 7.26 26.81 -38.90
CA GLN K 47 6.52 26.51 -40.08
C GLN K 47 6.67 27.60 -41.13
N ALA K 48 6.63 28.86 -40.72
CA ALA K 48 6.83 29.98 -41.65
C ALA K 48 8.22 29.97 -42.31
N GLN K 49 9.26 29.77 -41.51
CA GLN K 49 10.58 29.61 -42.06
C GLN K 49 10.59 28.50 -43.14
N HIS K 50 9.96 27.38 -42.81
CA HIS K 50 9.86 26.22 -43.72
C HIS K 50 9.03 26.53 -45.00
N VAL K 51 8.00 27.35 -44.88
CA VAL K 51 7.24 27.75 -46.07
C VAL K 51 8.20 28.38 -47.07
N PHE K 52 9.04 29.29 -46.59
CA PHE K 52 9.92 30.01 -47.47
C PHE K 52 11.04 29.13 -48.04
N ILE K 53 11.56 28.25 -47.21
CA ILE K 53 12.58 27.35 -47.65
C ILE K 53 12.07 26.38 -48.72
N LYS K 54 10.87 25.85 -48.59
CA LYS K 54 10.31 24.96 -49.60
C LYS K 54 10.02 25.64 -50.91
N ARG K 55 9.89 26.95 -50.91
CA ARG K 55 9.56 27.69 -52.11
C ARG K 55 10.78 28.37 -52.71
N GLY K 56 11.96 27.98 -52.26
CA GLY K 56 13.20 28.51 -52.81
C GLY K 56 13.37 30.01 -52.63
N THR K 57 12.78 30.57 -51.58
CA THR K 57 12.78 32.01 -51.40
C THR K 57 14.15 32.54 -50.95
N PHE K 58 14.79 33.30 -51.84
CA PHE K 58 16.21 33.58 -51.74
C PHE K 58 16.48 34.89 -52.44
N HIS K 59 17.27 35.72 -51.80
CA HIS K 59 17.49 37.07 -52.26
C HIS K 59 18.95 37.44 -52.30
N SER K 60 19.26 38.35 -53.21
CA SER K 60 20.54 38.98 -53.23
C SER K 60 20.32 40.46 -53.11
N TYR K 61 20.80 41.05 -52.02
CA TYR K 61 20.72 42.46 -51.82
C TYR K 61 22.03 43.05 -52.22
N ASN K 62 22.00 43.92 -53.23
CA ASN K 62 23.18 44.41 -53.96
C ASN K 62 23.39 45.91 -53.74
N TRP K 63 24.58 46.29 -53.37
CA TRP K 63 24.91 47.64 -53.13
C TRP K 63 26.07 48.06 -54.01
N THR K 64 25.80 48.91 -55.00
CA THR K 64 26.84 49.50 -55.83
C THR K 64 27.42 50.72 -55.12
N ILE K 65 28.71 50.67 -54.82
CA ILE K 65 29.42 51.70 -54.07
C ILE K 65 30.50 52.36 -54.95
N LYS K 66 30.38 53.67 -55.16
CA LYS K 66 31.36 54.46 -55.96
C LYS K 66 31.98 55.60 -55.21
N GLY K 67 33.30 55.73 -55.30
CA GLY K 67 34.02 56.83 -54.67
C GLY K 67 35.44 56.44 -54.33
N ARG K 68 36.29 57.42 -54.06
CA ARG K 68 37.74 57.16 -53.88
C ARG K 68 38.04 56.73 -52.45
N SER K 69 37.15 57.04 -51.51
CA SER K 69 37.45 56.82 -50.09
C SER K 69 37.05 55.43 -49.58
N LEU K 70 36.50 54.60 -50.46
CA LEU K 70 36.05 53.28 -50.07
C LEU K 70 37.19 52.45 -49.49
N ASN K 71 36.91 51.78 -48.39
CA ASN K 71 37.91 50.96 -47.72
C ASN K 71 37.54 49.47 -47.71
N MET K 72 38.24 48.68 -48.51
CA MET K 72 37.87 47.29 -48.77
C MET K 72 38.08 46.38 -47.58
N ASP K 73 39.12 46.62 -46.81
CA ASP K 73 39.34 45.89 -45.58
C ASP K 73 38.21 46.11 -44.59
N ARG K 74 37.76 47.35 -44.49
CA ARG K 74 36.72 47.70 -43.56
C ARG K 74 35.35 47.11 -44.01
N LEU K 75 35.11 47.01 -45.31
CA LEU K 75 33.94 46.29 -45.81
C LEU K 75 33.97 44.82 -45.43
N ARG K 76 35.10 44.15 -45.62
CA ARG K 76 35.26 42.74 -45.24
C ARG K 76 35.04 42.56 -43.76
N GLU K 77 35.65 43.39 -42.91
CA GLU K 77 35.49 43.26 -41.48
C GLU K 77 34.05 43.54 -41.05
N THR K 78 33.36 44.43 -41.74
CA THR K 78 31.99 44.74 -41.41
C THR K 78 31.07 43.53 -41.64
N CYS K 79 31.25 42.83 -42.75
CA CYS K 79 30.57 41.56 -42.97
C CYS K 79 30.76 40.58 -41.80
N GLN K 80 31.99 40.42 -41.36
CA GLN K 80 32.30 39.56 -40.23
C GLN K 80 31.56 40.03 -38.95
N SER K 81 31.62 41.32 -38.65
CA SER K 81 31.00 41.85 -37.47
C SER K 81 29.51 41.78 -37.49
N LEU K 82 28.94 41.94 -38.66
CA LEU K 82 27.50 41.87 -38.80
C LEU K 82 27.01 40.45 -38.41
N VAL K 83 27.72 39.44 -38.88
CA VAL K 83 27.35 38.07 -38.63
C VAL K 83 27.58 37.74 -37.17
N ASP K 84 28.62 38.31 -36.55
CA ASP K 84 28.85 38.11 -35.11
C ASP K 84 27.71 38.66 -34.29
N ARG K 85 27.16 39.79 -34.73
CA ARG K 85 26.06 40.43 -34.01
C ARG K 85 24.69 39.72 -34.09
N HIS K 86 24.36 39.14 -35.24
CA HIS K 86 23.00 38.56 -35.49
C HIS K 86 23.05 37.07 -35.72
N SER K 87 22.59 36.29 -34.76
CA SER K 87 22.81 34.86 -34.83
C SER K 87 21.99 34.16 -35.92
N ILE K 88 20.86 34.74 -36.33
CA ILE K 88 20.15 34.20 -37.49
C ILE K 88 21.05 34.16 -38.75
N LEU K 89 22.01 35.08 -38.83
CA LEU K 89 22.88 35.12 -40.00
C LEU K 89 23.90 34.01 -40.00
N ARG K 90 24.09 33.36 -38.85
CA ARG K 90 25.04 32.28 -38.75
C ARG K 90 24.32 31.01 -38.37
N THR K 91 23.12 30.89 -38.94
CA THR K 91 22.27 29.75 -38.78
C THR K 91 22.24 28.91 -40.05
N SER K 92 22.29 27.60 -39.86
CA SER K 92 22.27 26.61 -40.90
C SER K 92 20.98 25.84 -40.72
N PHE K 93 20.38 25.36 -41.80
CA PHE K 93 19.09 24.64 -41.77
C PHE K 93 19.17 23.24 -42.31
N VAL K 94 18.50 22.30 -41.65
CA VAL K 94 18.64 20.90 -42.00
C VAL K 94 17.36 20.19 -41.67
N GLU K 95 17.09 19.06 -42.30
CA GLU K 95 15.96 18.21 -41.90
C GLU K 95 16.61 17.00 -41.28
N HIS K 96 16.22 16.59 -40.08
CA HIS K 96 16.88 15.44 -39.46
C HIS K 96 15.88 14.57 -38.74
N GLU K 97 15.73 13.33 -39.23
CA GLU K 97 14.71 12.38 -38.72
C GLU K 97 13.31 12.95 -38.84
N GLY K 98 13.05 13.65 -39.93
CA GLY K 98 11.81 14.35 -40.17
C GLY K 98 11.62 15.71 -39.51
N HIS K 99 12.50 16.10 -38.60
CA HIS K 99 12.35 17.37 -37.86
C HIS K 99 13.09 18.49 -38.63
N PRO K 100 12.40 19.57 -39.04
CA PRO K 100 13.20 20.69 -39.61
C PRO K 100 13.82 21.49 -38.51
N ILE K 101 15.12 21.73 -38.60
CA ILE K 101 15.81 22.45 -37.54
C ILE K 101 16.82 23.50 -37.97
N GLN K 102 17.15 24.40 -37.04
CA GLN K 102 18.19 25.38 -37.25
C GLN K 102 19.31 25.19 -36.27
N LEU K 103 20.54 25.19 -36.81
CA LEU K 103 21.76 25.11 -36.04
C LEU K 103 22.37 26.48 -36.02
N VAL K 104 22.57 27.01 -34.82
CA VAL K 104 23.13 28.32 -34.67
C VAL K 104 24.58 28.14 -34.37
N LEU K 105 25.42 28.64 -35.27
CA LEU K 105 26.87 28.48 -35.14
C LEU K 105 27.53 29.70 -34.49
N ALA K 106 28.65 29.46 -33.83
CA ALA K 106 29.51 30.51 -33.31
C ALA K 106 30.94 30.21 -33.72
N ASN K 107 31.87 31.10 -33.35
CA ASN K 107 33.26 31.05 -33.88
C ASN K 107 33.29 30.87 -35.37
N LEU K 108 32.43 31.62 -36.06
CA LEU K 108 32.22 31.43 -37.47
C LEU K 108 32.98 32.52 -38.19
N ASP K 109 33.95 32.10 -38.98
CA ASP K 109 34.68 32.98 -39.79
C ASP K 109 33.94 33.21 -41.11
N VAL K 110 33.64 34.46 -41.44
CA VAL K 110 32.99 34.79 -42.69
C VAL K 110 34.00 34.93 -43.83
N LYS K 111 33.78 34.21 -44.93
CA LYS K 111 34.68 34.26 -46.11
C LYS K 111 33.94 34.92 -47.24
N VAL K 112 34.44 36.08 -47.66
CA VAL K 112 33.81 36.81 -48.70
C VAL K 112 34.25 36.21 -50.04
N ARG K 113 33.31 35.94 -50.93
CA ARG K 113 33.62 35.61 -52.32
C ARG K 113 34.03 36.89 -53.04
N GLU K 114 35.24 36.92 -53.60
CA GLU K 114 35.76 38.16 -54.20
C GLU K 114 36.06 38.00 -55.67
N VAL K 115 35.69 39.01 -56.44
CA VAL K 115 36.00 39.06 -57.87
C VAL K 115 36.74 40.34 -58.19
N GLN K 116 37.93 40.22 -58.79
CA GLN K 116 38.64 41.38 -59.36
C GLN K 116 38.42 41.34 -60.84
N CYS K 117 37.61 42.26 -61.35
CA CYS K 117 37.22 42.31 -62.76
C CYS K 117 38.34 42.76 -63.70
N TRP K 118 38.16 42.44 -64.97
CA TRP K 118 38.94 43.04 -66.05
C TRP K 118 38.64 44.53 -66.13
N PRO K 119 39.62 45.33 -66.61
CA PRO K 119 39.30 46.72 -67.01
C PRO K 119 38.11 46.80 -67.94
N GLY K 120 37.20 47.73 -67.65
CA GLY K 120 36.02 47.92 -68.49
C GLY K 120 34.86 46.99 -68.21
N GLU K 121 35.06 45.95 -67.40
CA GLU K 121 33.99 44.97 -67.10
C GLU K 121 33.04 45.61 -66.06
N ASP K 122 31.73 45.53 -66.28
CA ASP K 122 30.71 46.02 -65.31
C ASP K 122 30.52 45.01 -64.15
N PRO K 123 30.83 45.42 -62.90
CA PRO K 123 30.72 44.58 -61.72
C PRO K 123 29.33 44.01 -61.53
N MET K 124 28.30 44.77 -61.88
CA MET K 124 26.96 44.30 -61.72
C MET K 124 26.59 43.18 -62.70
N GLU K 125 27.12 43.25 -63.91
CA GLU K 125 26.86 42.18 -64.89
C GLU K 125 27.50 40.87 -64.43
N VAL K 126 28.63 40.96 -63.73
CA VAL K 126 29.29 39.79 -63.14
C VAL K 126 28.42 39.16 -62.06
N CYS K 127 27.88 39.97 -61.15
CA CYS K 127 26.91 39.49 -60.14
C CYS K 127 25.70 38.82 -60.75
N LYS K 128 25.10 39.47 -61.71
CA LYS K 128 23.93 38.93 -62.39
C LYS K 128 24.27 37.57 -63.01
N ALA K 129 25.45 37.46 -63.62
CA ALA K 129 25.84 36.22 -64.25
C ALA K 129 26.01 35.10 -63.25
N LEU K 130 26.62 35.41 -62.11
CA LEU K 130 26.80 34.41 -61.05
C LEU K 130 25.45 34.00 -60.47
N TRP K 131 24.56 34.97 -60.32
CA TRP K 131 23.22 34.74 -59.78
C TRP K 131 22.43 33.77 -60.61
N ASP K 132 22.29 34.07 -61.90
CA ASP K 132 21.56 33.20 -62.83
C ASP K 132 22.27 31.95 -63.25
N GLY K 133 23.59 31.97 -63.23
CA GLY K 133 24.33 30.82 -63.69
C GLY K 133 24.49 29.73 -62.66
N LYS K 134 24.60 30.09 -61.38
CA LYS K 134 24.81 29.06 -60.36
C LYS K 134 24.23 29.31 -58.98
N ASP K 135 24.20 30.57 -58.53
CA ASP K 135 23.85 30.86 -57.15
C ASP K 135 22.44 30.36 -56.79
N TRP K 136 21.41 30.70 -57.58
CA TRP K 136 20.09 30.17 -57.31
C TRP K 136 19.78 28.82 -57.93
N PRO K 137 20.28 28.52 -59.13
CA PRO K 137 19.93 27.18 -59.64
C PRO K 137 20.53 26.02 -58.82
N THR K 138 21.65 26.21 -58.13
CA THR K 138 22.20 25.13 -57.27
C THR K 138 21.95 25.33 -55.76
N LEU K 139 21.03 26.24 -55.41
CA LEU K 139 20.68 26.48 -54.03
C LEU K 139 20.11 25.22 -53.40
N ASN K 140 20.63 24.86 -52.24
CA ASN K 140 20.05 23.77 -51.46
C ASN K 140 20.13 24.09 -49.98
N VAL K 141 19.20 24.89 -49.50
CA VAL K 141 19.24 25.36 -48.14
C VAL K 141 19.22 24.21 -47.10
N LEU K 142 18.39 23.21 -47.33
CA LEU K 142 18.24 22.10 -46.41
C LEU K 142 19.39 21.13 -46.41
N GLY K 143 20.38 21.35 -47.28
CA GLY K 143 21.63 20.62 -47.18
C GLY K 143 22.51 21.09 -46.05
N GLY K 144 22.18 22.22 -45.41
CA GLY K 144 22.89 22.67 -44.20
C GLY K 144 23.99 23.66 -44.40
N SER K 145 24.27 23.99 -45.64
CA SER K 145 25.26 25.01 -45.95
C SER K 145 24.65 26.37 -45.56
N LEU K 146 25.45 27.26 -44.96
CA LEU K 146 24.96 28.61 -44.56
C LEU K 146 24.40 29.42 -45.70
N PRO K 147 23.13 29.80 -45.62
CA PRO K 147 22.56 30.59 -46.72
C PRO K 147 23.10 32.01 -46.79
N VAL K 148 23.48 32.59 -45.67
CA VAL K 148 24.02 33.94 -45.70
C VAL K 148 25.47 33.97 -46.15
N ARG K 149 25.71 34.61 -47.31
CA ARG K 149 27.04 34.73 -47.91
C ARG K 149 27.23 36.06 -48.57
N PHE K 150 28.44 36.57 -48.50
CA PHE K 150 28.78 37.86 -49.07
C PHE K 150 29.67 37.72 -50.29
N THR K 151 29.45 38.59 -51.25
CA THR K 151 30.28 38.71 -52.44
C THR K 151 30.73 40.17 -52.58
N LEU K 152 31.97 40.36 -52.98
CA LEU K 152 32.51 41.67 -53.25
C LEU K 152 33.13 41.67 -54.65
N VAL K 153 32.54 42.42 -55.57
CA VAL K 153 33.03 42.50 -56.96
C VAL K 153 33.61 43.88 -57.26
N SER K 154 34.91 43.96 -57.58
CA SER K 154 35.57 45.27 -57.77
C SER K 154 36.18 45.48 -59.16
N CYS K 155 36.06 46.71 -59.65
CA CYS K 155 36.87 47.20 -60.76
C CYS K 155 38.27 47.48 -60.27
N PRO K 156 39.25 47.38 -61.16
CA PRO K 156 40.62 47.78 -60.79
C PRO K 156 40.64 49.26 -60.37
N GLY K 157 41.32 49.55 -59.25
CA GLY K 157 41.26 50.84 -58.59
C GLY K 157 40.41 50.85 -57.31
N ASN K 158 39.43 49.95 -57.25
CA ASN K 158 38.51 49.84 -56.09
C ASN K 158 37.71 51.11 -55.80
N GLU K 159 37.32 51.81 -56.85
CA GLU K 159 36.46 53.00 -56.75
C GLU K 159 35.05 52.73 -57.26
N HIS K 160 34.82 51.51 -57.71
CA HIS K 160 33.52 51.08 -58.18
C HIS K 160 33.43 49.61 -57.77
N VAL K 161 32.54 49.31 -56.84
CA VAL K 161 32.50 48.03 -56.19
C VAL K 161 31.06 47.63 -56.04
N VAL K 162 30.76 46.35 -56.16
CA VAL K 162 29.41 45.88 -55.80
C VAL K 162 29.55 44.92 -54.66
N LEU K 163 28.83 45.20 -53.58
CA LEU K 163 28.74 44.31 -52.44
C LEU K 163 27.39 43.62 -52.46
N THR K 164 27.41 42.32 -52.22
CA THR K 164 26.21 41.51 -52.26
C THR K 164 26.03 40.69 -51.01
N ILE K 165 24.80 40.65 -50.50
CA ILE K 165 24.40 39.79 -49.37
C ILE K 165 23.33 38.85 -49.87
N GLN K 166 23.62 37.55 -49.89
CA GLN K 166 22.60 36.55 -50.23
C GLN K 166 22.01 36.00 -48.95
N ILE K 167 20.72 35.73 -48.99
CA ILE K 167 20.02 35.38 -47.75
C ILE K 167 18.71 34.67 -48.05
N SER K 168 18.37 33.70 -47.21
CA SER K 168 17.10 32.97 -47.32
C SER K 168 16.05 33.76 -46.58
N HIS K 169 14.83 33.73 -47.07
CA HIS K 169 13.74 34.49 -46.43
C HIS K 169 13.37 33.94 -45.06
N SER K 170 13.85 32.72 -44.75
CA SER K 170 13.71 32.20 -43.43
C SER K 170 14.52 32.99 -42.42
N GLN K 171 15.32 33.97 -42.87
CA GLN K 171 16.23 34.69 -42.01
C GLN K 171 15.93 36.15 -41.88
N TRP K 172 14.88 36.64 -42.53
CA TRP K 172 14.56 38.03 -42.43
C TRP K 172 13.08 38.26 -42.67
N ASP K 173 12.60 39.46 -42.30
CA ASP K 173 11.30 39.90 -42.70
C ASP K 173 11.28 41.40 -42.90
N GLY K 174 10.13 41.92 -43.32
CA GLY K 174 10.05 43.31 -43.78
C GLY K 174 10.31 44.34 -42.69
N VAL K 175 9.91 44.00 -41.50
CA VAL K 175 10.15 44.86 -40.38
C VAL K 175 11.63 44.98 -40.03
N SER K 176 12.37 43.88 -40.13
CA SER K 176 13.72 43.78 -39.59
C SER K 176 14.85 43.93 -40.65
N ILE K 177 14.58 43.65 -41.92
CA ILE K 177 15.62 43.79 -42.93
C ILE K 177 16.28 45.20 -42.95
N PRO K 178 15.51 46.29 -42.73
CA PRO K 178 16.21 47.62 -42.71
C PRO K 178 17.26 47.72 -41.64
N LYS K 179 17.07 46.97 -40.58
CA LYS K 179 18.02 46.96 -39.51
C LYS K 179 19.30 46.26 -39.88
N LEU K 180 19.22 45.30 -40.78
CA LEU K 180 20.44 44.67 -41.25
C LEU K 180 21.30 45.73 -41.96
N PHE K 181 20.68 46.53 -42.83
CA PHE K 181 21.41 47.55 -43.56
C PHE K 181 21.87 48.67 -42.67
N SER K 182 21.03 49.17 -41.77
CA SER K 182 21.50 50.24 -40.90
C SER K 182 22.58 49.77 -39.95
N ASP K 183 22.55 48.52 -39.50
CA ASP K 183 23.62 47.98 -38.65
C ASP K 183 24.95 47.83 -39.43
N PHE K 184 24.87 47.36 -40.67
CA PHE K 184 26.02 47.34 -41.52
C PHE K 184 26.65 48.73 -41.62
N ALA K 185 25.85 49.75 -41.93
CA ALA K 185 26.39 51.09 -42.12
C ALA K 185 27.05 51.60 -40.83
N ALA K 186 26.40 51.38 -39.71
CA ALA K 186 26.93 51.83 -38.44
C ALA K 186 28.23 51.15 -38.12
N ILE K 187 28.33 49.87 -38.38
CA ILE K 187 29.58 49.19 -38.10
C ILE K 187 30.70 49.73 -39.01
N TYR K 188 30.39 49.91 -40.30
CA TYR K 188 31.36 50.44 -41.25
C TYR K 188 31.81 51.84 -40.83
N ASN K 189 30.84 52.67 -40.47
CA ASN K 189 31.08 54.04 -40.00
C ASN K 189 31.60 54.16 -38.59
N GLN K 190 31.74 53.04 -37.88
CA GLN K 190 32.13 53.04 -36.48
C GLN K 190 31.25 53.89 -35.55
N THR K 191 29.96 53.84 -35.83
CA THR K 191 28.91 54.41 -35.01
C THR K 191 28.50 53.34 -34.00
N PRO K 192 28.23 53.72 -32.76
CA PRO K 192 27.89 52.69 -31.78
C PRO K 192 26.51 52.09 -32.00
N LEU K 193 26.34 50.84 -31.58
CA LEU K 193 25.08 50.14 -31.70
C LEU K 193 24.58 49.66 -30.32
N PRO K 194 23.29 49.85 -30.06
CA PRO K 194 22.72 49.19 -28.86
C PRO K 194 22.74 47.67 -28.96
N PRO K 195 22.72 46.97 -27.81
CA PRO K 195 22.56 45.51 -27.88
C PRO K 195 21.17 45.14 -28.42
N THR K 196 21.06 43.93 -28.94
CA THR K 196 19.83 43.45 -29.55
C THR K 196 19.58 42.01 -29.09
N SER K 197 18.43 41.44 -29.44
CA SER K 197 18.19 40.00 -29.27
C SER K 197 18.33 39.26 -30.60
N ASP K 198 18.27 37.95 -30.50
CA ASP K 198 18.40 37.02 -31.62
C ASP K 198 17.01 36.36 -31.90
N PHE K 199 16.86 35.78 -33.08
CA PHE K 199 15.66 35.07 -33.43
C PHE K 199 15.42 33.90 -32.47
N ALA K 200 16.46 33.29 -31.98
CA ALA K 200 16.32 32.24 -30.97
C ALA K 200 15.55 32.72 -29.74
N HIS K 201 15.86 33.92 -29.25
CA HIS K 201 15.15 34.51 -28.08
C HIS K 201 13.66 34.66 -28.36
N TYR K 202 13.28 34.96 -29.60
CA TYR K 202 11.88 35.01 -29.97
C TYR K 202 11.25 33.63 -29.80
N LEU K 203 11.94 32.58 -30.21
CA LEU K 203 11.38 31.25 -30.11
C LEU K 203 11.22 30.80 -28.66
N TYR K 204 12.18 31.14 -27.84
CA TYR K 204 12.12 30.80 -26.40
C TYR K 204 10.98 31.57 -25.73
N HIS K 205 10.78 32.82 -26.12
CA HIS K 205 9.72 33.63 -25.54
C HIS K 205 8.33 33.12 -25.91
N ARG K 206 8.11 32.74 -27.17
CA ARG K 206 6.84 32.09 -27.54
C ARG K 206 6.52 30.87 -26.70
N VAL K 207 7.52 30.03 -26.45
CA VAL K 207 7.27 28.79 -25.74
C VAL K 207 6.97 29.06 -24.26
N SER K 208 7.65 30.03 -23.66
CA SER K 208 7.43 30.34 -22.26
C SER K 208 6.02 30.91 -21.99
N SER K 209 5.34 31.41 -23.01
CA SER K 209 4.00 31.97 -22.85
C SER K 209 2.89 30.93 -23.15
N ALA K 210 3.28 29.77 -23.70
CA ALA K 210 2.34 28.70 -23.93
C ALA K 210 2.11 27.92 -22.62
N ARG K 211 0.93 27.34 -22.50
CA ARG K 211 0.57 26.55 -21.33
C ARG K 211 0.85 25.09 -21.65
N GLU K 212 1.18 24.30 -20.62
CA GLU K 212 1.54 22.90 -20.84
C GLU K 212 0.30 22.04 -21.23
N ASP K 213 -0.89 22.34 -20.68
CA ASP K 213 -2.15 21.75 -21.16
C ASP K 213 -2.71 22.63 -22.27
N VAL K 214 -2.89 22.08 -23.46
CA VAL K 214 -3.15 22.90 -24.65
C VAL K 214 -4.61 23.26 -24.67
N GLN K 215 -5.47 22.51 -24.01
CA GLN K 215 -6.79 23.17 -24.02
C GLN K 215 -7.17 24.00 -22.87
N GLN K 216 -6.20 24.32 -22.03
CA GLN K 216 -6.31 25.44 -21.12
C GLN K 216 -5.59 26.72 -21.67
N ASP K 217 -5.09 26.68 -22.91
CA ASP K 217 -4.38 27.80 -23.50
C ASP K 217 -5.41 28.75 -24.10
N PRO K 218 -5.46 29.97 -23.60
CA PRO K 218 -6.41 30.95 -24.14
C PRO K 218 -6.32 31.09 -25.66
N THR K 219 -5.11 30.94 -26.20
CA THR K 219 -4.87 31.07 -27.62
C THR K 219 -5.58 30.01 -28.41
N PHE K 220 -5.49 28.76 -27.99
CA PHE K 220 -6.19 27.70 -28.74
C PHE K 220 -7.70 27.70 -28.47
N GLN K 221 -8.09 28.22 -27.30
CA GLN K 221 -9.50 28.48 -27.02
C GLN K 221 -10.00 29.56 -27.97
N PHE K 222 -9.21 30.62 -28.13
CA PHE K 222 -9.60 31.69 -29.04
C PHE K 222 -9.81 31.15 -30.47
N TRP K 223 -8.85 30.39 -30.98
CA TRP K 223 -8.94 29.95 -32.37
C TRP K 223 -10.10 28.97 -32.58
N ARG K 224 -10.37 28.15 -31.56
CA ARG K 224 -11.51 27.22 -31.59
C ARG K 224 -12.83 27.97 -31.77
N HIS K 225 -13.04 28.99 -30.96
CA HIS K 225 -14.21 29.83 -31.08
C HIS K 225 -14.20 30.59 -32.41
N TYR K 226 -13.06 31.16 -32.77
CA TYR K 226 -12.96 32.00 -33.97
C TYR K 226 -13.32 31.25 -35.23
N LEU K 227 -12.94 29.96 -35.28
CA LEU K 227 -13.12 29.14 -36.48
C LEU K 227 -14.32 28.21 -36.41
N ASP K 228 -15.06 28.23 -35.30
CA ASP K 228 -16.20 27.34 -35.08
C ASP K 228 -17.20 27.39 -36.23
N GLY K 229 -17.47 26.22 -36.81
CA GLY K 229 -18.40 26.13 -37.93
C GLY K 229 -17.87 26.64 -39.24
N ALA K 230 -16.59 26.98 -39.31
CA ALA K 230 -16.02 27.55 -40.53
C ALA K 230 -15.55 26.45 -41.45
N LYS K 231 -15.54 26.76 -42.74
CA LYS K 231 -14.92 25.88 -43.73
C LYS K 231 -13.92 26.69 -44.52
N MET K 232 -12.80 26.06 -44.85
CA MET K 232 -11.79 26.72 -45.65
C MET K 232 -11.78 26.17 -47.05
N ALA K 233 -12.34 26.94 -47.97
CA ALA K 233 -12.46 26.49 -49.32
C ALA K 233 -11.16 26.77 -50.07
N VAL K 234 -10.98 26.03 -51.15
CA VAL K 234 -9.91 26.23 -52.06
C VAL K 234 -10.44 26.95 -53.28
N PRO K 235 -10.18 28.25 -53.40
CA PRO K 235 -10.70 28.96 -54.57
C PRO K 235 -10.07 28.65 -55.93
N PHE K 236 -8.83 28.12 -55.97
CA PHE K 236 -8.14 27.80 -57.25
C PHE K 236 -7.33 26.50 -57.25
N ALA K 237 -7.46 25.69 -58.32
CA ALA K 237 -6.92 24.29 -58.39
C ALA K 237 -5.39 24.12 -58.42
N GLN K 255 5.18 26.57 -64.14
CA GLN K 255 5.85 27.88 -64.08
C GLN K 255 5.23 29.04 -63.18
N THR K 256 6.08 29.74 -62.42
CA THR K 256 5.65 30.83 -61.54
C THR K 256 5.31 32.07 -62.34
N LEU K 257 4.13 32.67 -62.11
CA LEU K 257 3.76 33.93 -62.76
C LEU K 257 3.44 35.05 -61.78
N TRP K 258 3.90 36.25 -62.13
CA TRP K 258 3.56 37.49 -61.44
C TRP K 258 2.72 38.40 -62.33
N THR K 259 1.63 38.92 -61.79
CA THR K 259 0.73 39.79 -62.54
C THR K 259 0.46 41.03 -61.72
N PHE K 260 0.61 42.19 -62.33
CA PHE K 260 0.55 43.47 -61.63
C PHE K 260 -0.63 44.31 -62.09
N LYS K 261 -1.16 45.14 -61.20
CA LYS K 261 -2.19 46.11 -61.55
C LYS K 261 -2.17 47.30 -60.60
N GLY K 262 -1.86 48.48 -61.13
CA GLY K 262 -1.86 49.71 -60.35
C GLY K 262 -3.21 50.42 -60.35
N ILE K 263 -3.55 51.05 -59.22
CA ILE K 263 -4.68 51.95 -59.14
C ILE K 263 -4.25 53.20 -58.38
N VAL K 264 -5.10 54.24 -58.44
CA VAL K 264 -4.85 55.50 -57.71
C VAL K 264 -4.95 55.17 -56.22
N PRO K 265 -4.07 55.76 -55.38
CA PRO K 265 -4.14 55.35 -53.96
C PRO K 265 -5.52 55.62 -53.38
N PRO K 266 -6.18 54.60 -52.82
CA PRO K 266 -7.50 54.74 -52.26
C PRO K 266 -7.52 55.73 -51.10
N THR K 267 -8.63 56.44 -50.98
CA THR K 267 -8.88 57.31 -49.84
C THR K 267 -9.47 56.43 -48.75
N LEU K 268 -8.94 56.57 -47.55
CA LEU K 268 -9.33 55.71 -46.46
C LEU K 268 -10.51 56.28 -45.71
N PRO K 269 -11.59 55.51 -45.60
CA PRO K 269 -12.63 55.91 -44.70
C PRO K 269 -12.08 56.09 -43.30
N SER K 270 -12.73 56.95 -42.54
CA SER K 270 -12.33 57.22 -41.18
C SER K 270 -12.21 55.91 -40.37
N GLY K 271 -11.08 55.76 -39.66
CA GLY K 271 -10.80 54.64 -38.75
C GLY K 271 -10.43 53.29 -39.38
N ILE K 272 -10.21 53.27 -40.70
CA ILE K 272 -9.98 52.05 -41.44
C ILE K 272 -8.59 52.10 -42.05
N THR K 273 -7.82 51.04 -41.86
CA THR K 273 -6.49 50.95 -42.44
C THR K 273 -6.56 50.42 -43.88
N MET K 274 -5.48 50.68 -44.61
CA MET K 274 -5.38 50.23 -46.00
C MET K 274 -5.42 48.71 -46.08
N ALA K 275 -4.76 48.05 -45.13
CA ALA K 275 -4.81 46.60 -45.08
C ALA K 275 -6.23 46.07 -45.01
N THR K 276 -7.06 46.72 -44.20
CA THR K 276 -8.45 46.28 -44.00
C THR K 276 -9.19 46.38 -45.33
N LEU K 277 -8.97 47.49 -46.02
CA LEU K 277 -9.61 47.72 -47.30
C LEU K 277 -9.29 46.60 -48.28
N VAL K 278 -8.01 46.27 -48.40
CA VAL K 278 -7.56 45.19 -49.28
C VAL K 278 -8.16 43.84 -48.89
N LYS K 279 -8.24 43.55 -47.61
CA LYS K 279 -8.76 42.25 -47.19
C LYS K 279 -10.26 42.15 -47.34
N ALA K 280 -10.96 43.26 -47.15
CA ALA K 280 -12.41 43.28 -47.33
C ALA K 280 -12.74 43.05 -48.79
N ALA K 281 -11.97 43.69 -49.67
CA ALA K 281 -12.15 43.54 -51.09
C ALA K 281 -11.99 42.11 -51.49
N THR K 282 -10.96 41.48 -50.93
CA THR K 282 -10.68 40.09 -51.23
C THR K 282 -11.82 39.23 -50.75
N ALA K 283 -12.34 39.52 -49.57
CA ALA K 283 -13.44 38.74 -48.98
C ALA K 283 -14.71 38.84 -49.83
N LEU K 284 -15.05 40.05 -50.24
CA LEU K 284 -16.20 40.23 -51.09
C LEU K 284 -16.03 39.42 -52.36
N PHE K 285 -14.87 39.53 -52.99
CA PHE K 285 -14.59 38.78 -54.19
C PHE K 285 -14.79 37.29 -53.96
N LEU K 286 -14.22 36.77 -52.89
CA LEU K 286 -14.32 35.33 -52.63
C LEU K 286 -15.77 34.92 -52.36
N SER K 287 -16.49 35.81 -51.69
CA SER K 287 -17.88 35.57 -51.40
C SER K 287 -18.63 35.20 -52.69
N TYR K 288 -18.45 36.02 -53.72
CA TYR K 288 -19.08 35.79 -55.03
C TYR K 288 -18.45 34.64 -55.80
N HIS K 289 -17.12 34.54 -55.78
CA HIS K 289 -16.43 33.51 -56.55
C HIS K 289 -16.76 32.08 -56.08
N LEU K 290 -16.80 31.88 -54.77
CA LEU K 290 -17.38 30.67 -54.18
C LEU K 290 -18.84 31.03 -54.12
N GLY K 291 -19.69 30.21 -53.52
CA GLY K 291 -21.06 30.70 -53.34
C GLY K 291 -21.31 30.80 -51.86
N SER K 292 -20.60 31.70 -51.19
CA SER K 292 -20.57 31.62 -49.75
C SER K 292 -20.65 32.97 -49.07
N ARG K 293 -21.30 32.95 -47.90
CA ARG K 293 -21.42 34.12 -47.05
C ARG K 293 -20.33 34.06 -45.97
N ASP K 294 -19.68 32.91 -45.83
CA ASP K 294 -18.71 32.69 -44.77
C ASP K 294 -17.41 32.20 -45.41
N VAL K 295 -16.43 33.10 -45.50
CA VAL K 295 -15.15 32.79 -46.14
C VAL K 295 -13.96 32.81 -45.18
N VAL K 296 -13.04 31.89 -45.41
CA VAL K 296 -11.78 31.85 -44.70
C VAL K 296 -10.61 31.77 -45.67
N PHE K 297 -9.67 32.70 -45.54
CA PHE K 297 -8.46 32.69 -46.32
C PHE K 297 -7.27 33.08 -45.46
N GLY K 298 -6.06 32.94 -46.00
CA GLY K 298 -4.89 33.23 -45.21
C GLY K 298 -4.47 34.67 -45.35
N HIS K 299 -3.78 35.16 -44.33
CA HIS K 299 -3.12 36.45 -44.48
C HIS K 299 -1.86 36.52 -43.61
N THR K 300 -0.97 37.41 -44.00
CA THR K 300 0.31 37.51 -43.39
C THR K 300 0.26 38.52 -42.26
N VAL K 301 0.75 38.11 -41.10
CA VAL K 301 0.87 39.02 -39.98
C VAL K 301 2.31 39.05 -39.49
N ASN K 302 2.68 40.12 -38.79
CA ASN K 302 4.09 40.35 -38.53
C ASN K 302 4.67 39.58 -37.40
N GLY K 303 3.80 39.10 -36.52
CA GLY K 303 4.24 38.24 -35.42
C GLY K 303 5.02 38.90 -34.27
N ARG K 304 4.97 40.25 -34.20
CA ARG K 304 5.79 40.99 -33.26
C ARG K 304 4.99 41.72 -32.19
N ASN K 305 3.74 41.31 -31.96
CA ASN K 305 2.92 41.90 -30.92
C ASN K 305 3.07 41.12 -29.59
N LEU K 306 4.28 41.01 -29.10
CA LEU K 306 4.55 40.24 -27.92
C LEU K 306 5.35 41.11 -26.99
N PRO K 307 5.16 40.95 -25.69
CA PRO K 307 5.91 41.73 -24.70
C PRO K 307 7.33 41.21 -24.43
N MET K 308 8.22 41.35 -25.41
CA MET K 308 9.60 40.88 -25.26
C MET K 308 10.51 42.01 -25.65
N ASP K 309 11.66 42.11 -25.01
CA ASP K 309 12.59 43.18 -25.29
C ASP K 309 13.13 43.04 -26.69
N ASN K 310 13.21 44.19 -27.37
CA ASN K 310 13.76 44.31 -28.71
C ASN K 310 12.96 43.57 -29.74
N ILE K 311 11.71 43.25 -29.48
CA ILE K 311 10.98 42.50 -30.45
C ILE K 311 10.77 43.27 -31.78
N GLU K 312 10.78 44.59 -31.72
CA GLU K 312 10.58 45.39 -32.92
C GLU K 312 11.81 45.43 -33.82
N SER K 313 12.98 45.09 -33.30
CA SER K 313 14.22 45.28 -34.04
C SER K 313 15.00 43.97 -34.31
N LEU K 314 14.66 42.86 -33.66
CA LEU K 314 15.48 41.67 -33.81
C LEU K 314 15.45 41.11 -35.19
N LEU K 315 16.56 40.58 -35.67
CA LEU K 315 16.60 40.13 -37.05
C LEU K 315 16.10 38.70 -37.16
N GLY K 316 15.15 38.48 -38.05
CA GLY K 316 14.64 37.15 -38.27
C GLY K 316 13.31 37.19 -38.97
N CYS K 317 12.73 36.02 -39.18
CA CYS K 317 11.48 35.90 -39.86
C CYS K 317 10.42 35.54 -38.84
N THR K 318 9.79 36.55 -38.28
CA THR K 318 8.74 36.35 -37.31
C THR K 318 7.39 36.34 -37.97
N LEU K 319 7.35 36.57 -39.27
CA LEU K 319 6.09 36.51 -40.01
C LEU K 319 5.29 35.28 -39.65
N ASN K 320 3.98 35.41 -39.75
CA ASN K 320 3.12 34.23 -39.71
C ASN K 320 2.02 34.32 -40.75
N PHE K 321 1.54 33.16 -41.19
CA PHE K 321 0.43 33.07 -42.12
C PHE K 321 -0.71 32.41 -41.39
N VAL K 322 -1.78 33.17 -41.14
CA VAL K 322 -2.86 32.70 -40.31
C VAL K 322 -4.24 32.86 -40.97
N PRO K 323 -5.26 32.14 -40.45
CA PRO K 323 -6.61 32.29 -40.99
C PRO K 323 -7.24 33.64 -40.67
N LEU K 324 -7.90 34.21 -41.68
CA LEU K 324 -8.77 35.35 -41.51
C LEU K 324 -10.17 34.95 -41.97
N ARG K 325 -11.14 35.17 -41.11
CA ARG K 325 -12.53 34.77 -41.38
C ARG K 325 -13.45 35.98 -41.52
N VAL K 326 -14.16 36.06 -42.64
CA VAL K 326 -15.09 37.14 -42.89
C VAL K 326 -16.45 36.53 -43.17
N THR K 327 -17.41 36.87 -42.30
CA THR K 327 -18.75 36.31 -42.30
C THR K 327 -19.77 37.39 -42.64
N PHE K 328 -20.34 37.31 -43.83
CA PHE K 328 -21.44 38.20 -44.20
C PHE K 328 -22.72 37.72 -43.50
N PRO K 329 -23.60 38.66 -43.05
CA PRO K 329 -24.81 38.21 -42.39
C PRO K 329 -25.75 37.53 -43.38
N GLU K 330 -26.63 36.70 -42.83
CA GLU K 330 -27.78 36.18 -43.58
C GLU K 330 -28.69 37.37 -44.02
N ASP K 331 -28.78 38.42 -43.19
CA ASP K 331 -29.28 39.82 -43.52
C ASP K 331 -29.01 40.22 -44.99
N SER K 332 -27.71 40.29 -45.29
CA SER K 332 -27.16 40.82 -46.56
C SER K 332 -27.61 42.29 -46.75
N THR K 333 -28.86 42.39 -47.21
CA THR K 333 -29.60 43.60 -47.62
C THR K 333 -29.17 44.96 -47.06
N ASP K 334 -29.05 45.05 -45.73
CA ASP K 334 -28.72 46.31 -45.10
C ASP K 334 -27.23 46.59 -44.87
N TRP K 335 -26.28 45.66 -45.09
CA TRP K 335 -24.84 45.96 -44.87
C TRP K 335 -24.30 46.94 -45.92
N THR K 336 -23.63 47.98 -45.42
CA THR K 336 -22.85 48.88 -46.27
C THR K 336 -21.39 48.39 -46.38
N VAL K 337 -20.65 49.04 -47.25
CA VAL K 337 -19.22 48.87 -47.32
C VAL K 337 -18.62 49.12 -45.95
N MET K 338 -18.98 50.21 -45.31
CA MET K 338 -18.43 50.49 -43.97
C MET K 338 -18.65 49.34 -43.00
N ASP K 339 -19.81 48.73 -43.02
CA ASP K 339 -20.07 47.61 -42.13
C ASP K 339 -19.09 46.49 -42.38
N LEU K 340 -18.80 46.24 -43.65
CA LEU K 340 -17.88 45.18 -44.01
C LEU K 340 -16.44 45.52 -43.56
N LEU K 341 -16.07 46.78 -43.75
CA LEU K 341 -14.76 47.24 -43.34
C LEU K 341 -14.59 47.11 -41.84
N HIS K 342 -15.54 47.57 -41.05
CA HIS K 342 -15.43 47.45 -39.58
C HIS K 342 -15.37 45.99 -39.15
N HIS K 343 -16.17 45.16 -39.79
CA HIS K 343 -16.20 43.73 -39.45
C HIS K 343 -14.84 43.07 -39.77
N THR K 344 -14.35 43.34 -40.99
CA THR K 344 -13.09 42.78 -41.41
C THR K 344 -11.96 43.21 -40.45
N GLN K 345 -11.90 44.50 -40.15
CA GLN K 345 -10.87 45.02 -39.24
C GLN K 345 -10.92 44.40 -37.85
N THR K 346 -12.11 44.20 -37.34
CA THR K 346 -12.29 43.53 -36.06
C THR K 346 -11.86 42.06 -36.09
N GLN K 347 -12.11 41.40 -37.22
CA GLN K 347 -11.68 40.00 -37.39
C GLN K 347 -10.15 39.81 -37.44
N TYR K 348 -9.43 40.91 -37.68
CA TYR K 348 -7.99 40.93 -37.56
C TYR K 348 -7.62 41.25 -36.12
N THR K 349 -8.17 42.34 -35.56
CA THR K 349 -7.74 42.77 -34.23
C THR K 349 -8.07 41.77 -33.13
N ARG K 350 -9.14 41.00 -33.30
CA ARG K 350 -9.48 39.96 -32.33
C ARG K 350 -8.33 38.97 -32.16
N ALA K 351 -7.56 38.75 -33.24
CA ALA K 351 -6.52 37.73 -33.24
C ALA K 351 -5.15 38.23 -32.79
N LEU K 352 -5.02 39.51 -32.46
CA LEU K 352 -3.71 40.12 -32.25
C LEU K 352 -2.87 39.47 -31.20
N SER K 353 -3.51 39.02 -30.15
CA SER K 353 -2.81 38.39 -29.05
C SER K 353 -2.50 36.93 -29.33
N HIS K 354 -2.99 36.39 -30.45
CA HIS K 354 -2.93 34.95 -30.71
C HIS K 354 -2.34 34.59 -32.06
N GLU K 355 -1.82 35.59 -32.76
CA GLU K 355 -1.42 35.45 -34.18
C GLU K 355 -0.05 34.84 -34.33
N HIS K 356 0.60 34.54 -33.23
CA HIS K 356 2.00 34.18 -33.24
C HIS K 356 2.28 32.68 -33.17
N VAL K 357 1.24 31.86 -33.08
CA VAL K 357 1.42 30.41 -32.90
C VAL K 357 1.43 29.69 -34.23
N GLU K 358 2.08 28.53 -34.27
CA GLU K 358 2.22 27.73 -35.51
C GLU K 358 0.83 27.40 -36.07
N LEU K 359 0.69 27.51 -37.38
CA LEU K 359 -0.58 27.26 -38.04
C LEU K 359 -1.03 25.82 -37.86
N ARG K 360 -0.09 24.89 -37.89
CA ARG K 360 -0.43 23.49 -37.74
C ARG K 360 -0.92 23.22 -36.32
N ASP K 361 -0.45 24.00 -35.34
CA ASP K 361 -0.98 23.91 -33.98
C ASP K 361 -2.39 24.49 -33.85
N ILE K 362 -2.69 25.55 -34.58
CA ILE K 362 -4.03 26.06 -34.62
C ILE K 362 -4.96 24.97 -35.16
N PHE K 363 -4.62 24.38 -36.31
CA PHE K 363 -5.48 23.41 -36.96
C PHE K 363 -5.62 22.15 -36.12
N GLN K 364 -4.54 21.70 -35.51
CA GLN K 364 -4.59 20.50 -34.72
C GLN K 364 -5.40 20.67 -33.44
N HIS K 365 -5.18 21.73 -32.70
CA HIS K 365 -5.77 21.88 -31.36
C HIS K 365 -7.08 22.64 -31.34
N SER K 366 -7.44 23.29 -32.42
CA SER K 366 -8.60 24.18 -32.43
C SER K 366 -9.58 23.86 -33.54
N THR K 367 -9.32 22.83 -34.35
CA THR K 367 -10.26 22.43 -35.40
C THR K 367 -10.30 20.92 -35.55
N ASN K 368 -11.22 20.45 -36.39
CA ASN K 368 -11.28 19.08 -36.89
C ASN K 368 -10.33 18.86 -38.04
N TRP K 369 -9.90 19.95 -38.65
CA TRP K 369 -9.15 19.88 -39.90
C TRP K 369 -7.81 19.19 -39.72
N PRO K 370 -7.33 18.53 -40.79
CA PRO K 370 -5.98 17.93 -40.74
C PRO K 370 -4.93 19.00 -40.46
N ALA K 371 -3.98 18.67 -39.59
CA ALA K 371 -2.94 19.63 -39.17
C ALA K 371 -2.12 20.23 -40.32
N GLU K 372 -1.88 19.44 -41.36
CA GLU K 372 -1.06 19.88 -42.47
C GLU K 372 -1.89 20.49 -43.57
N THR K 373 -3.13 20.86 -43.27
CA THR K 373 -3.93 21.56 -44.23
C THR K 373 -3.22 22.86 -44.64
N PRO K 374 -2.97 23.03 -45.94
CA PRO K 374 -2.37 24.27 -46.42
C PRO K 374 -3.39 25.40 -46.61
N LEU K 375 -2.92 26.63 -46.45
CA LEU K 375 -3.65 27.80 -46.89
C LEU K 375 -3.55 27.83 -48.43
N SER K 376 -4.65 28.10 -49.11
CA SER K 376 -4.65 28.10 -50.57
C SER K 376 -4.71 29.50 -51.12
N LEU K 377 -5.05 30.48 -50.29
CA LEU K 377 -4.96 31.88 -50.67
C LEU K 377 -4.34 32.67 -49.53
N ILE K 378 -3.37 33.54 -49.85
CA ILE K 378 -2.74 34.38 -48.83
C ILE K 378 -2.63 35.82 -49.31
N VAL K 379 -3.11 36.76 -48.49
CA VAL K 379 -3.04 38.17 -48.80
C VAL K 379 -2.00 38.82 -47.90
N GLN K 380 -1.04 39.51 -48.50
CA GLN K 380 -0.04 40.26 -47.75
C GLN K 380 -0.10 41.69 -48.08
N HIS K 381 -0.44 42.50 -47.12
CA HIS K 381 -0.34 43.89 -47.34
C HIS K 381 1.06 44.37 -46.89
N GLN K 382 1.76 45.07 -47.76
CA GLN K 382 3.14 45.48 -47.51
C GLN K 382 3.27 46.86 -46.89
N ASN K 383 2.82 47.03 -45.66
CA ASN K 383 2.98 48.32 -45.00
C ASN K 383 4.28 48.41 -44.20
N ILE K 384 5.38 48.23 -44.92
CA ILE K 384 6.73 48.20 -44.36
C ILE K 384 7.58 49.02 -45.30
N ASP K 385 8.86 49.23 -44.97
CA ASP K 385 9.78 49.94 -45.89
C ASP K 385 9.90 49.30 -47.27
N LEU K 386 9.68 50.10 -48.30
CA LEU K 386 9.76 49.63 -49.69
C LEU K 386 11.03 50.13 -50.39
N SER K 387 11.73 51.09 -49.78
CA SER K 387 13.05 51.60 -50.25
C SER K 387 14.11 51.45 -49.13
N PHE K 388 15.39 51.32 -49.51
CA PHE K 388 16.48 51.08 -48.55
C PHE K 388 17.72 51.91 -48.80
N SER K 389 18.50 52.10 -47.75
CA SER K 389 19.71 52.91 -47.79
C SER K 389 20.83 52.27 -47.03
N LEU K 390 22.04 52.62 -47.44
CA LEU K 390 23.23 52.16 -46.78
C LEU K 390 24.16 53.35 -46.79
N PRO K 391 23.97 54.27 -45.83
CA PRO K 391 24.70 55.56 -45.80
C PRO K 391 26.14 55.41 -45.29
N LEU K 392 27.01 54.82 -46.13
CA LEU K 392 28.41 54.68 -45.81
C LEU K 392 29.12 56.02 -45.94
N ARG K 393 30.00 56.36 -45.00
CA ARG K 393 30.74 57.63 -45.09
C ARG K 393 31.88 57.54 -46.08
N SER K 406 33.43 60.96 -49.75
CA SER K 406 31.97 60.89 -50.01
C SER K 406 31.59 59.72 -50.95
N LEU K 407 30.66 58.84 -50.49
CA LEU K 407 30.35 57.60 -51.21
C LEU K 407 28.96 57.55 -51.77
N ASP K 408 28.85 57.25 -53.04
CA ASP K 408 27.59 57.09 -53.69
C ASP K 408 27.18 55.62 -53.62
N VAL K 409 26.02 55.34 -53.02
CA VAL K 409 25.61 53.96 -52.76
C VAL K 409 24.20 53.67 -53.28
N GLN K 410 24.08 52.80 -54.29
CA GLN K 410 22.79 52.46 -54.88
C GLN K 410 22.37 51.02 -54.60
N TYR K 411 21.06 50.84 -54.46
CA TYR K 411 20.45 49.62 -54.04
C TYR K 411 19.82 48.94 -55.23
N SER K 412 19.95 47.63 -55.28
CA SER K 412 19.14 46.83 -56.19
C SER K 412 19.10 45.40 -55.60
N LYS K 413 18.26 44.55 -56.17
CA LYS K 413 18.17 43.20 -55.68
C LYS K 413 17.84 42.22 -56.73
N PHE K 414 18.18 40.97 -56.45
CA PHE K 414 17.68 39.84 -57.23
C PHE K 414 16.85 39.03 -56.27
N ALA K 415 15.85 38.34 -56.81
CA ALA K 415 14.94 37.58 -55.95
C ALA K 415 14.40 36.31 -56.61
N ARG K 416 14.28 35.21 -55.86
CA ARG K 416 13.53 34.04 -56.28
C ARG K 416 12.42 33.78 -55.28
N PHE K 417 11.31 33.30 -55.80
CA PHE K 417 10.17 32.89 -55.00
C PHE K 417 9.19 32.05 -55.86
N ASP K 418 8.93 30.81 -55.48
CA ASP K 418 8.11 29.89 -56.30
C ASP K 418 7.01 29.23 -55.51
N PRO K 419 5.78 29.72 -55.62
CA PRO K 419 4.71 29.11 -54.89
C PRO K 419 4.42 27.69 -55.28
N LEU K 420 3.83 26.93 -54.35
CA LEU K 420 3.35 25.58 -54.61
C LEU K 420 1.92 25.64 -55.16
N ASP K 421 0.91 25.19 -54.40
CA ASP K 421 -0.49 25.23 -54.90
C ASP K 421 -1.23 26.50 -54.52
N GLU K 422 -0.67 27.30 -53.63
CA GLU K 422 -1.38 28.45 -53.12
C GLU K 422 -1.29 29.63 -54.04
N VAL K 423 -2.21 30.57 -53.87
CA VAL K 423 -2.13 31.83 -54.58
C VAL K 423 -1.80 32.93 -53.60
N TRP K 424 -0.92 33.84 -53.99
CA TRP K 424 -0.54 34.98 -53.16
C TRP K 424 -1.05 36.24 -53.78
N ILE K 425 -1.60 37.12 -52.96
CA ILE K 425 -1.93 38.47 -53.39
C ILE K 425 -1.17 39.45 -52.50
N PHE K 426 -0.28 40.21 -53.11
CA PHE K 426 0.49 41.22 -52.43
C PHE K 426 -0.04 42.59 -52.81
N THR K 427 -0.08 43.53 -51.86
CA THR K 427 -0.45 44.91 -52.16
C THR K 427 0.64 45.83 -51.66
N GLU K 428 1.18 46.65 -52.55
CA GLU K 428 2.25 47.59 -52.22
C GLU K 428 1.71 49.00 -52.30
N PRO K 429 1.69 49.69 -51.16
CA PRO K 429 1.26 51.06 -51.13
C PRO K 429 2.38 52.06 -51.40
N HIS K 430 2.52 52.46 -52.66
CA HIS K 430 3.47 53.51 -53.02
C HIS K 430 2.82 54.89 -52.93
N ALA K 431 3.64 55.92 -53.09
CA ALA K 431 3.18 57.31 -53.05
C ALA K 431 2.18 57.65 -54.16
N ASP K 432 2.43 57.13 -55.37
CA ASP K 432 1.65 57.44 -56.56
C ASP K 432 0.60 56.38 -56.92
N ARG K 433 0.69 55.19 -56.32
CA ARG K 433 -0.24 54.11 -56.66
C ARG K 433 -0.31 53.06 -55.55
N LEU K 434 -1.41 52.30 -55.56
CA LEU K 434 -1.51 51.07 -54.80
C LEU K 434 -1.36 49.97 -55.82
N GLU K 435 -0.34 49.13 -55.66
CA GLU K 435 -0.09 48.08 -56.62
C GLU K 435 -0.56 46.73 -56.10
N VAL K 436 -1.40 46.07 -56.89
CA VAL K 436 -1.89 44.75 -56.55
C VAL K 436 -1.14 43.72 -57.37
N GLN K 437 -0.54 42.76 -56.69
CA GLN K 437 0.30 41.77 -57.32
C GLN K 437 -0.23 40.41 -57.02
N VAL K 438 -0.39 39.60 -58.06
CA VAL K 438 -0.81 38.21 -57.89
C VAL K 438 0.36 37.33 -58.26
N CYS K 439 0.64 36.33 -57.44
CA CYS K 439 1.72 35.43 -57.71
C CYS K 439 1.27 34.02 -57.48
N ALA K 440 1.36 33.21 -58.53
CA ALA K 440 0.93 31.82 -58.44
C ALA K 440 1.54 31.04 -59.57
N ASN K 441 1.63 29.73 -59.38
CA ASN K 441 2.03 28.85 -60.45
C ASN K 441 0.98 28.87 -61.58
N SER K 442 1.41 28.80 -62.83
CA SER K 442 0.50 28.86 -63.99
C SER K 442 -0.46 27.66 -64.08
N ARG K 443 -0.12 26.52 -63.48
CA ARG K 443 -1.01 25.37 -63.45
C ARG K 443 -2.16 25.63 -62.46
N VAL K 444 -2.03 26.61 -61.58
CA VAL K 444 -3.08 26.94 -60.63
C VAL K 444 -3.89 28.14 -61.11
N LEU K 445 -3.21 29.08 -61.75
CA LEU K 445 -3.82 30.30 -62.15
C LEU K 445 -3.09 30.80 -63.39
N GLY K 446 -3.71 30.59 -64.55
CA GLY K 446 -3.14 30.95 -65.84
C GLY K 446 -3.17 32.44 -66.01
N GLN K 447 -2.43 32.93 -67.00
CA GLN K 447 -2.23 34.36 -67.16
C GLN K 447 -3.52 35.16 -67.27
N GLU K 448 -4.54 34.60 -67.94
CA GLU K 448 -5.77 35.35 -68.18
C GLU K 448 -6.61 35.35 -66.91
N GLN K 449 -6.58 34.25 -66.17
CA GLN K 449 -7.30 34.15 -64.89
C GLN K 449 -6.66 35.11 -63.85
N ALA K 450 -5.33 35.18 -63.87
CA ALA K 450 -4.59 36.01 -62.94
C ALA K 450 -4.86 37.47 -63.22
N THR K 451 -4.84 37.81 -64.49
CA THR K 451 -5.12 39.19 -64.91
C THR K 451 -6.51 39.60 -64.46
N GLU K 452 -7.47 38.69 -64.59
CA GLU K 452 -8.84 39.01 -64.21
C GLU K 452 -8.98 39.12 -62.67
N LEU K 453 -8.28 38.26 -61.92
CA LEU K 453 -8.26 38.36 -60.46
C LEU K 453 -7.70 39.72 -59.98
N ALA K 454 -6.56 40.12 -60.53
CA ALA K 454 -5.97 41.41 -60.20
C ALA K 454 -6.91 42.53 -60.55
N ASN K 455 -7.57 42.46 -61.70
CA ASN K 455 -8.52 43.49 -62.10
C ASN K 455 -9.74 43.57 -61.16
N ASN K 456 -10.32 42.43 -60.80
CA ASN K 456 -11.46 42.43 -59.90
C ASN K 456 -11.17 42.98 -58.52
N ILE K 457 -10.07 42.55 -57.92
CA ILE K 457 -9.71 43.04 -56.58
C ILE K 457 -9.51 44.54 -56.68
N SER K 458 -8.76 45.00 -57.69
CA SER K 458 -8.49 46.44 -57.87
C SER K 458 -9.75 47.25 -57.99
N ALA K 459 -10.66 46.75 -58.80
CA ALA K 459 -11.92 47.44 -59.04
C ALA K 459 -12.73 47.57 -57.75
N ILE K 460 -12.81 46.49 -56.97
CA ILE K 460 -13.56 46.51 -55.72
C ILE K 460 -12.92 47.50 -54.75
N ILE K 461 -11.59 47.53 -54.71
CA ILE K 461 -10.91 48.41 -53.80
C ILE K 461 -11.30 49.86 -54.14
N THR K 462 -11.25 50.20 -55.41
CA THR K 462 -11.58 51.55 -55.85
C THR K 462 -13.05 51.87 -55.55
N LYS K 463 -13.95 50.94 -55.87
CA LYS K 463 -15.39 51.16 -55.58
C LYS K 463 -15.63 51.39 -54.09
N PHE K 464 -15.02 50.58 -53.22
CA PHE K 464 -15.10 50.80 -51.76
C PHE K 464 -14.61 52.20 -51.37
N SER K 465 -13.50 52.61 -51.97
CA SER K 465 -12.88 53.90 -51.65
C SER K 465 -13.77 55.10 -52.03
N THR K 466 -14.29 55.07 -53.26
CA THR K 466 -15.06 56.20 -53.79
C THR K 466 -16.45 56.29 -53.17
N ASP K 467 -16.99 55.18 -52.64
CA ASP K 467 -18.31 55.20 -51.98
C ASP K 467 -18.48 54.23 -50.79
N PRO K 468 -17.92 54.59 -49.62
CA PRO K 468 -17.99 53.72 -48.44
C PRO K 468 -19.38 53.58 -47.81
N THR K 469 -20.27 54.54 -48.09
CA THR K 469 -21.66 54.54 -47.58
C THR K 469 -22.59 53.66 -48.42
N ALA K 470 -22.18 53.27 -49.62
CA ALA K 470 -22.94 52.34 -50.46
C ALA K 470 -23.26 51.02 -49.77
N ARG K 471 -24.36 50.40 -50.18
CA ARG K 471 -24.72 49.09 -49.69
C ARG K 471 -24.12 48.05 -50.61
N LEU K 472 -23.80 46.89 -50.08
CA LEU K 472 -23.12 45.87 -50.87
C LEU K 472 -23.93 45.47 -52.12
N LEU K 473 -23.74 46.21 -53.22
CA LEU K 473 -24.43 45.98 -54.53
C LEU K 473 -23.59 45.09 -55.51
N LEU L 4 -1.08 66.49 -23.74
CA LEU L 4 -0.73 67.82 -23.18
C LEU L 4 -0.89 67.97 -21.68
N SER L 5 -1.63 67.12 -20.94
CA SER L 5 -2.02 67.40 -19.56
C SER L 5 -1.38 66.46 -18.51
N THR L 6 -1.27 65.17 -18.81
CA THR L 6 -0.62 64.20 -17.89
C THR L 6 0.77 63.79 -18.37
N ASP L 7 1.50 63.12 -17.49
CA ASP L 7 2.84 62.61 -17.84
C ASP L 7 2.78 61.45 -18.83
N ALA L 8 1.73 60.65 -18.74
CA ALA L 8 1.46 59.59 -19.70
C ALA L 8 1.16 60.17 -21.10
N GLU L 9 0.38 61.25 -21.16
CA GLU L 9 0.09 61.89 -22.44
C GLU L 9 1.37 62.42 -23.07
N ARG L 10 2.27 62.99 -22.27
CA ARG L 10 3.53 63.51 -22.82
C ARG L 10 4.41 62.40 -23.34
N GLU L 11 4.53 61.33 -22.57
CA GLU L 11 5.39 60.23 -22.95
C GLU L 11 4.86 59.58 -24.24
N LEU L 12 3.55 59.40 -24.30
CA LEU L 12 2.91 58.83 -25.46
C LEU L 12 3.04 59.69 -26.72
N ALA L 13 2.99 61.01 -26.56
CA ALA L 13 3.13 61.92 -27.68
C ALA L 13 4.51 61.82 -28.28
N ASN L 14 5.52 61.71 -27.43
CA ASN L 14 6.91 61.49 -27.85
C ASN L 14 7.03 60.22 -28.65
N ILE L 15 6.36 59.19 -28.20
CA ILE L 15 6.33 57.92 -28.92
C ILE L 15 5.69 58.09 -30.29
N TRP L 16 4.54 58.76 -30.35
CA TRP L 16 3.86 58.97 -31.63
C TRP L 16 4.72 59.80 -32.58
N ALA L 17 5.37 60.80 -32.04
CA ALA L 17 6.24 61.61 -32.85
C ALA L 17 7.36 60.79 -33.50
N THR L 18 8.04 59.92 -32.76
CA THR L 18 9.15 59.15 -33.34
C THR L 18 8.57 58.11 -34.33
N VAL L 19 7.44 57.51 -34.02
CA VAL L 19 6.92 56.39 -34.81
C VAL L 19 6.20 56.85 -36.08
N LEU L 20 5.43 57.91 -35.98
CA LEU L 20 4.78 58.51 -37.14
C LEU L 20 5.63 59.64 -37.41
N ASP L 21 6.34 59.68 -38.49
CA ASP L 21 7.45 60.64 -38.50
C ASP L 21 7.05 62.15 -38.38
N ILE L 22 6.49 62.62 -37.25
CA ILE L 22 5.87 63.93 -37.19
C ILE L 22 6.38 64.73 -36.00
N PRO L 23 6.37 66.07 -36.09
CA PRO L 23 6.97 66.85 -35.01
C PRO L 23 6.08 66.92 -33.77
N ILE L 24 6.74 66.84 -32.63
CA ILE L 24 6.06 66.73 -31.33
C ILE L 24 5.08 67.87 -31.08
N GLY L 25 5.46 69.07 -31.48
CA GLY L 25 4.64 70.27 -31.31
C GLY L 25 3.29 70.24 -32.00
N THR L 26 3.07 69.34 -32.95
CA THR L 26 1.80 69.25 -33.67
C THR L 26 0.82 68.28 -33.05
N ILE L 27 1.19 67.67 -31.93
CA ILE L 27 0.39 66.57 -31.41
C ILE L 27 -0.47 67.07 -30.28
N SER L 28 -1.79 66.91 -30.42
CA SER L 28 -2.69 67.25 -29.35
C SER L 28 -3.30 66.01 -28.73
N ALA L 29 -3.81 66.17 -27.52
CA ALA L 29 -4.39 65.06 -26.78
C ALA L 29 -5.58 64.44 -27.44
N SER L 30 -6.23 65.15 -28.36
CA SER L 30 -7.43 64.65 -29.06
C SER L 30 -7.09 64.01 -30.39
N ASP L 31 -5.80 63.98 -30.74
CA ASP L 31 -5.35 63.34 -31.98
C ASP L 31 -5.64 61.83 -32.02
N ASN L 32 -6.05 61.41 -33.20
CA ASN L 32 -6.30 60.03 -33.50
C ASN L 32 -5.09 59.40 -34.23
N PHE L 33 -4.57 58.30 -33.70
CA PHE L 33 -3.39 57.61 -34.26
C PHE L 33 -3.51 57.32 -35.77
N PHE L 34 -4.65 56.81 -36.19
CA PHE L 34 -4.86 56.44 -37.58
C PHE L 34 -5.04 57.67 -38.47
N PHE L 35 -5.75 58.70 -37.97
CA PHE L 35 -5.96 59.96 -38.73
C PHE L 35 -4.62 60.62 -38.98
N ARG L 36 -3.67 60.50 -38.05
CA ARG L 36 -2.35 61.08 -38.28
C ARG L 36 -1.44 60.19 -39.14
N GLY L 37 -1.96 59.08 -39.65
CA GLY L 37 -1.25 58.25 -40.64
C GLY L 37 -0.74 56.89 -40.14
N GLY L 38 -1.03 56.51 -38.90
CA GLY L 38 -0.53 55.29 -38.33
C GLY L 38 -1.26 54.12 -38.87
N HIS L 39 -0.56 52.99 -38.95
CA HIS L 39 -1.21 51.74 -39.27
C HIS L 39 -0.76 50.65 -38.31
N SER L 40 -1.08 49.40 -38.63
CA SER L 40 -0.81 48.29 -37.72
C SER L 40 0.65 48.11 -37.31
N ILE L 41 1.55 48.29 -38.25
CA ILE L 41 2.97 48.18 -37.95
C ILE L 41 3.51 49.32 -37.11
N ASP L 42 3.05 50.52 -37.36
CA ASP L 42 3.38 51.65 -36.53
C ASP L 42 2.88 51.41 -35.10
N ALA L 43 1.70 50.80 -35.00
CA ALA L 43 1.11 50.51 -33.70
C ALA L 43 1.97 49.51 -32.94
N MET L 44 2.45 48.51 -33.65
CA MET L 44 3.34 47.57 -33.04
C MET L 44 4.60 48.27 -32.49
N LYS L 45 5.20 49.16 -33.28
CA LYS L 45 6.39 49.87 -32.80
C LYS L 45 6.09 50.77 -31.64
N ALA L 46 4.93 51.42 -31.68
CA ALA L 46 4.54 52.32 -30.61
C ALA L 46 4.43 51.53 -29.32
N SER L 47 3.79 50.37 -29.41
CA SER L 47 3.64 49.48 -28.26
C SER L 47 4.97 49.03 -27.67
N ALA L 48 5.92 48.70 -28.52
CA ALA L 48 7.25 48.35 -28.03
C ALA L 48 7.98 49.51 -27.38
N LEU L 49 7.91 50.69 -27.98
CA LEU L 49 8.53 51.86 -27.38
C LEU L 49 7.84 52.22 -26.07
N GLY L 50 6.53 51.99 -26.00
CA GLY L 50 5.78 52.10 -24.74
C GLY L 50 6.40 51.28 -23.62
N ARG L 51 6.63 50.00 -23.87
CA ARG L 51 7.27 49.07 -22.91
C ARG L 51 8.62 49.61 -22.44
N ALA L 52 9.46 50.05 -23.35
CA ALA L 52 10.74 50.61 -22.95
C ALA L 52 10.64 51.88 -22.07
N ALA L 53 9.54 52.62 -22.17
CA ALA L 53 9.33 53.84 -21.37
C ALA L 53 8.50 53.55 -20.13
N GLY L 54 8.25 52.28 -19.84
CA GLY L 54 7.50 51.90 -18.66
C GLY L 54 5.99 52.02 -18.75
N MET L 55 5.46 52.26 -19.95
CA MET L 55 4.02 52.15 -20.17
C MET L 55 3.75 50.79 -20.77
N SER L 56 2.50 50.37 -20.72
CA SER L 56 2.14 49.03 -21.10
C SER L 56 0.80 49.06 -21.81
N PHE L 57 0.86 48.88 -23.12
CA PHE L 57 -0.32 48.74 -23.95
C PHE L 57 0.09 47.96 -25.19
N GLY L 58 -0.86 47.26 -25.77
CA GLY L 58 -0.59 46.48 -26.95
C GLY L 58 -1.25 47.11 -28.16
N VAL L 59 -1.08 46.47 -29.30
CA VAL L 59 -1.64 46.95 -30.55
C VAL L 59 -3.16 47.00 -30.49
N ALA L 60 -3.79 46.04 -29.83
CA ALA L 60 -5.28 46.04 -29.69
C ALA L 60 -5.80 47.31 -28.96
N ASP L 61 -5.06 47.74 -27.94
CA ASP L 61 -5.42 48.94 -27.19
C ASP L 61 -5.45 50.15 -28.10
N ILE L 62 -4.55 50.20 -29.07
CA ILE L 62 -4.49 51.33 -30.00
C ILE L 62 -5.67 51.28 -30.94
N PHE L 63 -6.07 50.09 -31.37
CA PHE L 63 -7.29 50.00 -32.22
C PHE L 63 -8.57 50.34 -31.44
N ASP L 64 -8.63 49.94 -30.17
CA ASP L 64 -9.80 50.22 -29.33
C ASP L 64 -9.85 51.69 -28.90
N HIS L 65 -8.69 52.27 -28.63
CA HIS L 65 -8.58 53.60 -28.06
C HIS L 65 -7.63 54.41 -28.88
N PRO L 66 -8.05 54.78 -30.06
CA PRO L 66 -7.20 55.48 -31.02
C PRO L 66 -6.79 56.87 -30.62
N VAL L 67 -7.55 57.50 -29.74
CA VAL L 67 -7.32 58.89 -29.38
C VAL L 67 -6.30 58.94 -28.26
N LEU L 68 -5.36 59.87 -28.37
CA LEU L 68 -4.18 59.85 -27.49
C LEU L 68 -4.55 59.86 -26.03
N SER L 69 -5.41 60.80 -25.63
CA SER L 69 -5.78 60.94 -24.21
C SER L 69 -6.44 59.68 -23.68
N GLU L 70 -7.29 59.05 -24.48
CA GLU L 70 -7.89 57.78 -24.10
C GLU L 70 -6.90 56.63 -23.99
N LEU L 71 -5.94 56.57 -24.91
CA LEU L 71 -4.93 55.53 -24.85
C LEU L 71 -4.03 55.72 -23.63
N ALA L 72 -3.71 56.97 -23.30
CA ALA L 72 -2.98 57.27 -22.09
C ALA L 72 -4.06 57.02 -21.03
N SER L 73 -3.81 56.30 -19.96
CA SER L 73 -4.95 55.91 -19.01
C SER L 73 -5.51 54.51 -19.22
N VAL L 74 -5.31 53.94 -20.40
CA VAL L 74 -5.24 52.49 -20.54
C VAL L 74 -3.84 52.06 -20.05
N ALA L 75 -2.87 52.96 -20.20
CA ALA L 75 -1.83 53.23 -19.15
C ALA L 75 -0.92 52.13 -18.62
N VAL L 76 -1.50 51.10 -18.00
CA VAL L 76 -0.77 50.27 -17.04
C VAL L 76 0.76 50.21 -17.26
N GLU M 10 16.99 16.50 18.65
CA GLU M 10 17.04 15.52 19.83
C GLU M 10 18.45 15.32 20.48
N PRO M 11 18.56 15.64 21.78
CA PRO M 11 19.85 15.64 22.47
C PRO M 11 20.64 14.31 22.46
N PHE M 12 21.95 14.41 22.33
CA PHE M 12 22.88 13.30 22.26
C PHE M 12 22.87 12.60 20.94
N SER M 13 22.03 13.03 20.02
CA SER M 13 21.95 12.35 18.73
C SER M 13 23.15 12.57 17.86
N LEU M 14 23.98 13.58 18.14
CA LEU M 14 25.26 13.73 17.40
C LEU M 14 26.48 13.32 18.23
N SER M 15 26.27 12.76 19.41
CA SER M 15 27.38 12.38 20.23
C SER M 15 28.25 11.39 19.48
N PRO M 16 29.55 11.65 19.35
CA PRO M 16 30.43 10.69 18.67
C PRO M 16 30.86 9.54 19.56
N ILE M 17 30.43 9.55 20.83
CA ILE M 17 30.82 8.47 21.71
C ILE M 17 29.58 7.79 22.33
N LYS M 18 29.85 6.60 22.83
CA LYS M 18 28.88 5.72 23.40
C LYS M 18 28.14 6.16 24.66
N ASP M 19 28.84 6.41 25.73
CA ASP M 19 28.17 6.62 27.02
C ASP M 19 28.49 8.04 27.47
N PRO M 20 27.76 9.02 26.92
CA PRO M 20 28.12 10.39 27.29
C PRO M 20 28.01 10.68 28.79
N GLN M 21 26.99 10.16 29.46
CA GLN M 21 26.87 10.39 30.90
C GLN M 21 28.09 9.93 31.68
N ALA M 22 28.78 8.89 31.22
CA ALA M 22 29.95 8.39 31.95
C ALA M 22 31.08 9.41 31.88
N LEU M 23 31.17 10.13 30.78
CA LEU M 23 32.21 11.14 30.64
C LEU M 23 31.99 12.31 31.58
N HIS M 24 30.74 12.71 31.75
CA HIS M 24 30.39 13.74 32.71
C HIS M 24 30.73 13.27 34.12
N LYS M 25 30.37 12.04 34.46
CA LYS M 25 30.65 11.51 35.81
C LYS M 25 32.15 11.53 36.09
N GLU M 26 32.94 11.13 35.12
CA GLU M 26 34.39 11.12 35.25
C GLU M 26 34.94 12.52 35.51
N LEU M 27 34.42 13.51 34.78
CA LEU M 27 34.87 14.89 34.98
C LEU M 27 34.46 15.45 36.33
N CYS M 28 33.28 15.08 36.81
CA CYS M 28 32.87 15.48 38.16
C CYS M 28 33.79 14.90 39.24
N SER M 29 34.18 13.65 39.08
CA SER M 29 34.95 12.95 40.09
C SER M 29 36.40 13.46 40.15
N LYS M 30 36.90 14.03 39.05
CA LYS M 30 38.20 14.70 39.09
C LYS M 30 38.09 16.18 39.43
N ASN M 31 36.93 16.62 39.89
CA ASN M 31 36.69 18.02 40.26
C ASN M 31 37.03 19.08 39.16
N VAL M 32 36.82 18.71 37.92
CA VAL M 32 37.02 19.63 36.83
C VAL M 32 35.76 20.50 36.62
N ILE M 33 34.59 19.91 36.82
CA ILE M 33 33.32 20.62 36.68
C ILE M 33 32.49 20.33 37.94
N PRO M 34 31.50 21.17 38.23
CA PRO M 34 30.75 20.99 39.47
C PRO M 34 29.98 19.66 39.58
N VAL M 35 30.05 19.05 40.76
CA VAL M 35 29.42 17.75 41.02
C VAL M 35 27.89 17.77 40.96
N THR M 36 27.26 18.92 41.18
CA THR M 36 25.81 18.99 41.08
C THR M 36 25.30 19.38 39.67
N SER M 37 26.21 19.55 38.71
CA SER M 37 25.79 19.83 37.33
C SER M 37 25.25 18.56 36.67
N THR M 38 24.42 18.72 35.65
CA THR M 38 23.94 17.60 34.83
C THR M 38 24.37 17.78 33.42
N LEU M 39 24.39 16.70 32.66
CA LEU M 39 24.78 16.76 31.24
C LEU M 39 23.52 16.88 30.38
N GLU M 40 23.34 18.04 29.76
CA GLU M 40 22.15 18.38 28.95
C GLU M 40 22.40 17.88 27.53
N ASP M 41 23.64 17.91 27.06
CA ASP M 41 23.92 17.46 25.69
C ASP M 41 25.41 17.23 25.49
N LEU M 42 25.77 16.59 24.40
CA LEU M 42 27.16 16.37 24.08
C LEU M 42 27.25 16.33 22.57
N LEU M 43 28.10 17.19 22.00
CA LEU M 43 28.24 17.30 20.54
C LEU M 43 29.67 17.41 20.14
N PRO M 44 29.97 17.18 18.86
CA PRO M 44 31.30 17.47 18.41
C PRO M 44 31.56 18.98 18.48
N ALA M 45 32.81 19.35 18.72
CA ALA M 45 33.24 20.71 18.59
C ALA M 45 33.54 20.94 17.12
N THR M 46 33.23 22.12 16.59
CA THR M 46 33.49 22.35 15.18
C THR M 46 34.95 22.58 14.94
N GLN M 47 35.37 22.37 13.71
CA GLN M 47 36.75 22.63 13.35
C GLN M 47 37.13 24.09 13.67
N ALA M 48 36.23 25.03 13.41
CA ALA M 48 36.50 26.44 13.71
C ALA M 48 36.65 26.70 15.21
N GLN M 49 35.77 26.11 16.01
CA GLN M 49 35.94 26.18 17.46
C GLN M 49 37.34 25.68 17.86
N HIS M 50 37.75 24.57 17.26
CA HIS M 50 39.05 23.97 17.55
C HIS M 50 40.22 24.83 17.06
N VAL M 51 40.06 25.52 15.94
CA VAL M 51 41.09 26.43 15.49
C VAL M 51 41.42 27.44 16.61
N PHE M 52 40.38 28.00 17.22
CA PHE M 52 40.58 29.00 18.23
C PHE M 52 41.17 28.43 19.48
N ILE M 53 40.70 27.23 19.84
CA ILE M 53 41.14 26.62 21.07
C ILE M 53 42.63 26.26 20.97
N LYS M 54 43.08 25.75 19.83
CA LYS M 54 44.48 25.43 19.66
C LYS M 54 45.39 26.66 19.66
N ARG M 55 44.85 27.84 19.41
CA ARG M 55 45.66 29.05 19.35
C ARG M 55 45.52 29.87 20.60
N GLY M 56 44.97 29.27 21.65
CA GLY M 56 44.83 29.92 22.95
C GLY M 56 43.96 31.17 22.93
N THR M 57 42.99 31.23 22.03
CA THR M 57 42.22 32.45 21.84
C THR M 57 41.26 32.65 23.00
N PHE M 58 41.49 33.72 23.77
CA PHE M 58 40.87 33.87 25.07
C PHE M 58 40.82 35.33 25.39
N HIS M 59 39.69 35.78 25.91
CA HIS M 59 39.41 37.19 26.10
C HIS M 59 38.87 37.47 27.46
N SER M 60 39.17 38.68 27.93
CA SER M 60 38.53 39.20 29.13
C SER M 60 37.84 40.49 28.73
N TYR M 61 36.54 40.49 28.80
CA TYR M 61 35.78 41.68 28.52
C TYR M 61 35.48 42.34 29.85
N ASN M 62 35.97 43.57 29.99
CA ASN M 62 35.99 44.29 31.28
C ASN M 62 35.06 45.50 31.23
N TRP M 63 34.23 45.62 32.24
CA TRP M 63 33.35 46.75 32.37
C TRP M 63 33.62 47.47 33.69
N THR M 64 34.15 48.70 33.59
CA THR M 64 34.26 49.58 34.78
C THR M 64 32.96 50.32 34.98
N ILE M 65 32.37 50.11 36.15
CA ILE M 65 31.09 50.68 36.51
C ILE M 65 31.22 51.62 37.72
N LYS M 66 30.82 52.88 37.55
CA LYS M 66 30.86 53.89 38.62
C LYS M 66 29.51 54.53 38.88
N GLY M 67 29.15 54.64 40.16
CA GLY M 67 27.92 55.34 40.56
C GLY M 67 27.39 54.80 41.86
N ARG M 68 26.52 55.56 42.48
CA ARG M 68 26.07 55.28 43.87
C ARG M 68 24.92 54.22 43.86
N SER M 69 24.24 54.07 42.72
CA SER M 69 23.05 53.20 42.65
C SER M 69 23.38 51.73 42.31
N LEU M 70 24.64 51.39 42.09
CA LEU M 70 25.03 50.05 41.66
C LEU M 70 24.58 48.99 42.66
N ASN M 71 24.01 47.91 42.15
CA ASN M 71 23.52 46.85 43.00
C ASN M 71 24.27 45.53 42.79
N MET M 72 25.06 45.17 43.77
CA MET M 72 26.01 44.06 43.65
C MET M 72 25.33 42.71 43.58
N ASP M 73 24.26 42.54 44.34
CA ASP M 73 23.51 41.30 44.32
C ASP M 73 22.89 41.08 42.96
N ARG M 74 22.41 42.15 42.36
CA ARG M 74 21.80 42.07 41.06
C ARG M 74 22.85 41.79 39.96
N LEU M 75 24.07 42.29 40.10
CA LEU M 75 25.14 41.94 39.17
C LEU M 75 25.46 40.47 39.23
N ARG M 76 25.59 39.93 40.43
CA ARG M 76 25.82 38.50 40.64
C ARG M 76 24.72 37.65 40.03
N GLU M 77 23.46 37.99 40.31
CA GLU M 77 22.34 37.25 39.77
C GLU M 77 22.30 37.33 38.24
N THR M 78 22.71 38.46 37.69
CA THR M 78 22.66 38.65 36.26
C THR M 78 23.63 37.68 35.58
N CYS M 79 24.82 37.52 36.14
CA CYS M 79 25.80 36.53 35.64
C CYS M 79 25.17 35.13 35.60
N GLN M 80 24.50 34.75 36.66
CA GLN M 80 23.84 33.47 36.73
C GLN M 80 22.78 33.37 35.62
N SER M 81 21.94 34.41 35.47
CA SER M 81 20.86 34.37 34.51
C SER M 81 21.36 34.34 33.09
N LEU M 82 22.47 35.01 32.85
CA LEU M 82 23.01 35.06 31.52
C LEU M 82 23.44 33.66 31.10
N VAL M 83 24.06 32.94 32.01
CA VAL M 83 24.56 31.60 31.74
C VAL M 83 23.38 30.63 31.58
N ASP M 84 22.31 30.83 32.36
CA ASP M 84 21.10 30.02 32.21
C ASP M 84 20.51 30.19 30.81
N ARG M 85 20.56 31.39 30.28
CA ARG M 85 19.97 31.69 29.00
C ARG M 85 20.75 31.15 27.81
N HIS M 86 22.09 31.15 27.86
CA HIS M 86 22.91 30.81 26.69
C HIS M 86 23.77 29.57 26.95
N SER M 87 23.43 28.45 26.32
CA SER M 87 24.03 27.18 26.71
C SER M 87 25.49 27.10 26.31
N ILE M 88 25.91 27.86 25.30
CA ILE M 88 27.33 27.89 24.97
C ILE M 88 28.17 28.39 26.18
N LEU M 89 27.58 29.22 27.02
CA LEU M 89 28.30 29.74 28.13
C LEU M 89 28.49 28.70 29.22
N ARG M 90 27.76 27.59 29.16
CA ARG M 90 27.88 26.52 30.15
C ARG M 90 28.33 25.25 29.48
N THR M 91 29.21 25.44 28.51
CA THR M 91 29.79 24.40 27.76
C THR M 91 31.24 24.22 28.13
N SER M 92 31.64 22.96 28.23
CA SER M 92 32.97 22.54 28.61
C SER M 92 33.54 21.79 27.39
N PHE M 93 34.84 21.88 27.16
CA PHE M 93 35.47 21.28 25.99
C PHE M 93 36.52 20.26 26.35
N VAL M 94 36.60 19.19 25.59
CA VAL M 94 37.47 18.08 25.93
C VAL M 94 37.85 17.35 24.66
N GLU M 95 38.94 16.63 24.68
CA GLU M 95 39.29 15.73 23.56
C GLU M 95 39.11 14.35 24.12
N HIS M 96 38.40 13.46 23.45
CA HIS M 96 38.19 12.12 23.98
C HIS M 96 38.26 11.08 22.88
N GLU M 97 39.28 10.21 22.94
CA GLU M 97 39.55 9.17 21.92
C GLU M 97 39.77 9.80 20.55
N GLY M 98 40.45 10.94 20.52
CA GLY M 98 40.65 11.69 19.30
C GLY M 98 39.51 12.58 18.80
N HIS M 99 38.33 12.50 19.42
CA HIS M 99 37.20 13.33 19.04
C HIS M 99 37.21 14.64 19.90
N PRO M 100 37.27 15.83 19.28
CA PRO M 100 37.04 17.04 20.10
C PRO M 100 35.57 17.23 20.34
N ILE M 101 35.18 17.40 21.59
CA ILE M 101 33.78 17.55 21.88
C ILE M 101 33.38 18.64 22.88
N GLN M 102 32.11 18.98 22.85
CA GLN M 102 31.54 19.92 23.76
C GLN M 102 30.49 19.26 24.65
N LEU M 103 30.60 19.52 25.95
CA LEU M 103 29.63 19.05 26.92
C LEU M 103 28.83 20.22 27.36
N VAL M 104 27.52 20.15 27.16
CA VAL M 104 26.66 21.22 27.57
C VAL M 104 26.08 20.85 28.92
N LEU M 105 26.38 21.66 29.94
CA LEU M 105 25.91 21.41 31.27
C LEU M 105 24.66 22.17 31.59
N ALA M 106 23.90 21.63 32.52
CA ALA M 106 22.73 22.32 33.12
C ALA M 106 22.81 22.19 34.63
N ASN M 107 21.86 22.81 35.34
CA ASN M 107 21.92 22.91 36.83
C ASN M 107 23.28 23.43 37.29
N LEU M 108 23.77 24.44 36.57
CA LEU M 108 25.11 24.93 36.73
C LEU M 108 25.02 26.20 37.54
N ASP M 109 25.59 26.15 38.74
CA ASP M 109 25.67 27.33 39.59
C ASP M 109 26.90 28.14 39.25
N VAL M 110 26.70 29.41 38.91
CA VAL M 110 27.83 30.29 38.58
C VAL M 110 28.43 30.90 39.85
N LYS M 111 29.73 30.74 40.03
CA LYS M 111 30.43 31.30 41.20
C LYS M 111 31.30 32.44 40.75
N VAL M 112 30.99 33.64 41.21
CA VAL M 112 31.75 34.81 40.81
C VAL M 112 33.02 34.87 41.67
N ARG M 113 34.18 35.05 41.04
CA ARG M 113 35.39 35.36 41.76
C ARG M 113 35.27 36.81 42.21
N GLU M 114 35.39 37.07 43.50
CA GLU M 114 35.24 38.42 44.04
C GLU M 114 36.48 38.93 44.71
N VAL M 115 36.79 40.20 44.48
CA VAL M 115 37.88 40.88 45.17
C VAL M 115 37.40 42.14 45.81
N GLN M 116 37.60 42.27 47.13
CA GLN M 116 37.36 43.52 47.84
C GLN M 116 38.69 44.17 48.07
N CYS M 117 38.94 45.26 47.34
CA CYS M 117 40.21 45.95 47.36
C CYS M 117 40.49 46.72 48.63
N TRP M 118 41.78 47.01 48.84
CA TRP M 118 42.21 47.99 49.84
C TRP M 118 41.68 49.37 49.42
N PRO M 119 41.44 50.25 50.40
CA PRO M 119 41.32 51.71 50.07
C PRO M 119 42.45 52.27 49.19
N GLY M 120 42.09 53.02 48.15
CA GLY M 120 43.07 53.56 47.22
C GLY M 120 43.56 52.64 46.12
N GLU M 121 43.24 51.34 46.20
CA GLU M 121 43.71 50.39 45.20
C GLU M 121 42.84 50.53 43.92
N ASP M 122 43.44 50.58 42.73
CA ASP M 122 42.72 50.58 41.45
C ASP M 122 42.24 49.18 41.06
N PRO M 123 40.91 48.98 40.95
CA PRO M 123 40.30 47.70 40.62
C PRO M 123 40.82 47.16 39.30
N MET M 124 41.08 48.03 38.34
CA MET M 124 41.53 47.56 37.04
C MET M 124 42.95 46.99 37.09
N GLU M 125 43.78 47.54 37.96
CA GLU M 125 45.17 47.07 38.07
C GLU M 125 45.18 45.69 38.68
N VAL M 126 44.21 45.43 39.56
CA VAL M 126 44.03 44.11 40.12
C VAL M 126 43.66 43.09 39.04
N CYS M 127 42.69 43.44 38.17
CA CYS M 127 42.30 42.56 37.04
C CYS M 127 43.45 42.28 36.12
N LYS M 128 44.18 43.32 35.75
CA LYS M 128 45.35 43.17 34.90
C LYS M 128 46.38 42.22 35.53
N ALA M 129 46.59 42.36 36.82
CA ALA M 129 47.54 41.51 37.49
C ALA M 129 47.12 40.05 37.49
N LEU M 130 45.84 39.81 37.75
CA LEU M 130 45.33 38.44 37.73
C LEU M 130 45.41 37.86 36.33
N TRP M 131 45.13 38.69 35.33
CA TRP M 131 45.17 38.28 33.94
C TRP M 131 46.55 37.80 33.56
N ASP M 132 47.54 38.65 33.74
CA ASP M 132 48.92 38.33 33.33
C ASP M 132 49.62 37.37 34.27
N GLY M 133 49.21 37.34 35.51
CA GLY M 133 49.86 36.50 36.47
C GLY M 133 49.40 35.06 36.47
N LYS M 134 48.12 34.81 36.17
CA LYS M 134 47.65 33.44 36.17
C LYS M 134 46.55 33.06 35.20
N ASP M 135 45.64 33.99 34.90
CA ASP M 135 44.43 33.63 34.17
C ASP M 135 44.76 33.08 32.78
N TRP M 136 45.57 33.77 31.99
CA TRP M 136 45.96 33.20 30.69
C TRP M 136 47.17 32.27 30.69
N PRO M 137 48.20 32.53 31.52
CA PRO M 137 49.31 31.57 31.48
C PRO M 137 48.94 30.15 31.90
N THR M 138 47.94 29.95 32.74
CA THR M 138 47.54 28.59 33.16
C THR M 138 46.27 28.07 32.46
N LEU M 139 45.86 28.76 31.42
CA LEU M 139 44.65 28.38 30.71
C LEU M 139 44.80 27.00 30.08
N ASN M 140 43.83 26.15 30.31
CA ASN M 140 43.83 24.87 29.65
C ASN M 140 42.39 24.50 29.28
N VAL M 141 41.91 25.02 28.16
CA VAL M 141 40.51 24.81 27.78
C VAL M 141 40.17 23.33 27.59
N LEU M 142 41.05 22.56 26.96
CA LEU M 142 40.80 21.16 26.66
C LEU M 142 40.89 20.24 27.84
N GLY M 143 41.24 20.79 28.99
CA GLY M 143 41.14 20.03 30.22
C GLY M 143 39.71 19.88 30.68
N GLY M 144 38.76 20.61 30.07
CA GLY M 144 37.34 20.47 30.42
C GLY M 144 36.77 21.42 31.43
N SER M 145 37.60 22.25 32.00
CA SER M 145 37.14 23.26 32.95
C SER M 145 36.36 24.34 32.15
N LEU M 146 35.24 24.84 32.68
CA LEU M 146 34.45 25.86 32.00
C LEU M 146 35.22 27.14 31.70
N PRO M 147 35.35 27.49 30.42
CA PRO M 147 36.08 28.70 30.12
C PRO M 147 35.35 30.00 30.53
N VAL M 148 34.04 30.00 30.53
CA VAL M 148 33.34 31.20 30.90
C VAL M 148 33.31 31.37 32.41
N ARG M 149 33.93 32.45 32.89
CA ARG M 149 33.99 32.77 34.33
C ARG M 149 33.91 34.27 34.53
N PHE M 150 33.29 34.64 35.63
CA PHE M 150 33.09 36.03 35.96
C PHE M 150 33.94 36.44 37.17
N THR M 151 34.43 37.69 37.14
CA THR M 151 35.13 38.31 38.26
C THR M 151 34.52 39.68 38.57
N LEU M 152 34.41 39.98 39.84
CA LEU M 152 33.86 41.26 40.28
C LEU M 152 34.85 41.88 41.29
N VAL M 153 35.46 42.99 40.92
CA VAL M 153 36.45 43.64 41.74
C VAL M 153 35.92 44.96 42.22
N SER M 154 35.78 45.15 43.53
CA SER M 154 35.21 46.39 44.07
C SER M 154 36.13 47.17 45.00
N CYS M 155 36.06 48.50 44.91
CA CYS M 155 36.53 49.40 45.95
C CYS M 155 35.58 49.36 47.14
N PRO M 156 36.09 49.65 48.33
CA PRO M 156 35.20 49.82 49.50
C PRO M 156 34.18 50.96 49.27
N GLY M 157 32.91 50.70 49.60
CA GLY M 157 31.79 51.56 49.20
C GLY M 157 30.95 51.00 48.04
N ASN M 158 31.58 50.21 47.16
CA ASN M 158 30.91 49.63 45.99
C ASN M 158 30.34 50.66 45.02
N GLU M 159 31.04 51.77 44.84
CA GLU M 159 30.69 52.80 43.87
C GLU M 159 31.66 52.85 42.68
N HIS M 160 32.66 51.98 42.70
CA HIS M 160 33.60 51.84 41.63
C HIS M 160 33.92 50.33 41.59
N VAL M 161 33.51 49.68 40.51
CA VAL M 161 33.55 48.25 40.43
C VAL M 161 34.02 47.87 39.05
N VAL M 162 34.78 46.80 38.95
CA VAL M 162 35.08 46.25 37.63
C VAL M 162 34.49 44.89 37.53
N LEU M 163 33.67 44.68 36.50
CA LEU M 163 33.11 43.38 36.18
C LEU M 163 33.80 42.79 34.96
N THR M 164 34.15 41.52 35.04
CA THR M 164 34.93 40.85 34.00
C THR M 164 34.31 39.55 33.58
N ILE M 165 34.28 39.33 32.29
CA ILE M 165 33.80 38.08 31.69
C ILE M 165 34.96 37.51 30.89
N GLN M 166 35.43 36.34 31.26
CA GLN M 166 36.41 35.64 30.49
C GLN M 166 35.74 34.59 29.64
N ILE M 167 36.26 34.37 28.44
CA ILE M 167 35.57 33.55 27.46
C ILE M 167 36.51 33.13 26.35
N SER M 168 36.32 31.90 25.89
CA SER M 168 37.10 31.35 24.79
C SER M 168 36.46 31.76 23.50
N HIS M 169 37.23 31.98 22.46
CA HIS M 169 36.66 32.40 21.18
C HIS M 169 35.84 31.28 20.52
N SER M 170 35.93 30.07 21.05
CA SER M 170 35.08 29.01 20.59
C SER M 170 33.65 29.20 21.03
N GLN M 171 33.40 30.24 21.82
CA GLN M 171 32.08 30.47 22.38
C GLN M 171 31.42 31.77 21.92
N TRP M 172 32.06 32.52 21.05
CA TRP M 172 31.44 33.74 20.54
C TRP M 172 31.97 34.08 19.16
N ASP M 173 31.26 34.96 18.48
CA ASP M 173 31.77 35.60 17.27
C ASP M 173 31.29 37.04 17.15
N GLY M 174 31.77 37.73 16.14
CA GLY M 174 31.56 39.18 16.03
C GLY M 174 30.09 39.56 15.93
N VAL M 175 29.30 38.72 15.29
CA VAL M 175 27.91 39.01 15.10
C VAL M 175 27.17 38.93 16.41
N SER M 176 27.57 37.99 17.26
CA SER M 176 26.76 37.64 18.40
C SER M 176 27.26 38.21 19.72
N ILE M 177 28.55 38.53 19.84
CA ILE M 177 29.07 39.09 21.11
C ILE M 177 28.33 40.33 21.60
N PRO M 178 27.89 41.25 20.69
CA PRO M 178 27.06 42.37 21.21
C PRO M 178 25.79 41.94 21.91
N LYS M 179 25.26 40.79 21.53
CA LYS M 179 24.08 40.28 22.15
C LYS M 179 24.35 39.78 23.54
N LEU M 180 25.57 39.33 23.81
CA LEU M 180 25.91 38.94 25.17
C LEU M 180 25.83 40.17 26.08
N PHE M 181 26.38 41.29 25.63
CA PHE M 181 26.34 42.52 26.44
C PHE M 181 24.96 43.11 26.53
N SER M 182 24.20 43.15 25.41
CA SER M 182 22.83 43.71 25.49
C SER M 182 21.92 42.83 26.32
N ASP M 183 22.11 41.52 26.30
CA ASP M 183 21.33 40.62 27.16
C ASP M 183 21.67 40.78 28.64
N PHE M 184 22.96 40.93 28.94
CA PHE M 184 23.38 41.24 30.32
C PHE M 184 22.68 42.53 30.81
N ALA M 185 22.70 43.58 30.00
CA ALA M 185 22.10 44.83 30.44
C ALA M 185 20.60 44.70 30.67
N ALA M 186 19.94 44.04 29.75
CA ALA M 186 18.52 43.86 29.85
C ALA M 186 18.16 43.07 31.09
N ILE M 187 18.91 42.02 31.39
CA ILE M 187 18.59 41.24 32.58
C ILE M 187 18.83 42.07 33.84
N TYR M 188 19.93 42.83 33.88
CA TYR M 188 20.24 43.70 35.02
C TYR M 188 19.13 44.75 35.20
N ASN M 189 18.76 45.37 34.10
CA ASN M 189 17.69 46.36 34.08
C ASN M 189 16.29 45.82 34.21
N GLN M 190 16.12 44.49 34.21
CA GLN M 190 14.80 43.86 34.24
C GLN M 190 13.91 44.30 33.06
N THR M 191 14.54 44.43 31.89
CA THR M 191 13.90 44.63 30.59
C THR M 191 13.62 43.27 29.99
N PRO M 192 12.49 43.10 29.28
CA PRO M 192 12.15 41.73 28.82
C PRO M 192 12.99 41.31 27.64
N LEU M 193 13.23 40.00 27.54
CA LEU M 193 13.99 39.41 26.46
C LEU M 193 13.17 38.33 25.73
N PRO M 194 13.20 38.37 24.41
CA PRO M 194 12.60 37.26 23.67
C PRO M 194 13.37 35.95 23.90
N PRO M 195 12.72 34.80 23.70
CA PRO M 195 13.47 33.52 23.69
C PRO M 195 14.46 33.47 22.50
N THR M 196 15.50 32.65 22.65
CA THR M 196 16.57 32.56 21.64
C THR M 196 16.91 31.12 21.45
N SER M 197 17.77 30.83 20.49
CA SER M 197 18.33 29.48 20.35
C SER M 197 19.73 29.39 20.90
N ASP M 198 20.26 28.17 20.89
CA ASP M 198 21.57 27.77 21.37
C ASP M 198 22.48 27.57 20.19
N PHE M 199 23.78 27.52 20.46
CA PHE M 199 24.71 27.03 19.47
C PHE M 199 24.44 25.57 19.11
N ALA M 200 23.99 24.76 20.07
CA ALA M 200 23.68 23.36 19.76
C ALA M 200 22.62 23.24 18.66
N HIS M 201 21.58 24.08 18.72
CA HIS M 201 20.56 24.12 17.68
C HIS M 201 21.15 24.42 16.30
N TYR M 202 22.18 25.26 16.25
CA TYR M 202 22.86 25.51 14.98
C TYR M 202 23.49 24.24 14.43
N LEU M 203 24.15 23.45 15.30
CA LEU M 203 24.81 22.26 14.85
C LEU M 203 23.78 21.21 14.36
N TYR M 204 22.65 21.09 15.05
CA TYR M 204 21.59 20.17 14.64
C TYR M 204 20.98 20.58 13.31
N HIS M 205 20.81 21.89 13.12
CA HIS M 205 20.30 22.41 11.87
C HIS M 205 21.24 22.15 10.67
N ARG M 206 22.53 22.34 10.84
CA ARG M 206 23.46 21.98 9.77
C ARG M 206 23.33 20.53 9.36
N VAL M 207 23.20 19.64 10.34
CA VAL M 207 23.21 18.21 10.06
C VAL M 207 21.92 17.80 9.36
N SER M 208 20.81 18.41 9.73
CA SER M 208 19.54 18.10 9.10
C SER M 208 19.48 18.46 7.59
N SER M 209 20.37 19.32 7.13
CA SER M 209 20.42 19.68 5.73
C SER M 209 21.44 18.83 4.95
N ALA M 210 22.28 18.07 5.64
CA ALA M 210 23.28 17.21 4.99
C ALA M 210 22.69 15.85 4.61
N ARG M 211 23.24 15.24 3.57
CA ARG M 211 22.71 13.99 3.04
C ARG M 211 23.58 12.87 3.38
N GLU M 212 23.01 11.69 3.53
CA GLU M 212 23.79 10.55 3.97
C GLU M 212 24.73 10.05 2.89
N ASP M 213 24.33 10.14 1.63
CA ASP M 213 25.26 9.92 0.53
C ASP M 213 25.92 11.23 0.19
N VAL M 214 27.24 11.28 0.31
CA VAL M 214 27.95 12.56 0.29
C VAL M 214 28.13 12.99 -1.16
N GLN M 215 28.09 12.04 -2.10
CA GLN M 215 28.20 12.37 -3.52
C GLN M 215 26.88 12.91 -4.08
N GLN M 216 25.80 12.84 -3.31
CA GLN M 216 24.52 13.47 -3.68
C GLN M 216 24.20 14.77 -2.94
N ASP M 217 25.18 15.26 -2.17
CA ASP M 217 25.04 16.51 -1.42
C ASP M 217 25.41 17.69 -2.32
N PRO M 218 24.46 18.58 -2.58
CA PRO M 218 24.70 19.73 -3.49
C PRO M 218 25.92 20.56 -3.06
N THR M 219 26.14 20.61 -1.75
CA THR M 219 27.27 21.32 -1.18
C THR M 219 28.61 20.72 -1.56
N PHE M 220 28.78 19.40 -1.46
CA PHE M 220 30.08 18.82 -1.85
C PHE M 220 30.24 18.74 -3.36
N GLN M 221 29.11 18.69 -4.08
CA GLN M 221 29.13 18.84 -5.53
C GLN M 221 29.62 20.23 -5.88
N PHE M 222 29.07 21.24 -5.19
CA PHE M 222 29.50 22.61 -5.45
C PHE M 222 31.00 22.78 -5.24
N TRP M 223 31.51 22.32 -4.10
CA TRP M 223 32.94 22.53 -3.80
C TRP M 223 33.84 21.78 -4.76
N ARG M 224 33.41 20.60 -5.19
CA ARG M 224 34.16 19.81 -6.16
C ARG M 224 34.35 20.59 -7.46
N HIS M 225 33.25 21.11 -8.00
CA HIS M 225 33.31 21.95 -9.20
C HIS M 225 34.10 23.24 -8.94
N TYR M 226 33.83 23.90 -7.80
CA TYR M 226 34.49 25.16 -7.46
C TYR M 226 36.01 25.07 -7.40
N LEU M 227 36.51 23.95 -6.90
CA LEU M 227 37.94 23.77 -6.67
C LEU M 227 38.61 22.91 -7.73
N ASP M 228 37.85 22.45 -8.72
CA ASP M 228 38.39 21.60 -9.79
C ASP M 228 39.65 22.19 -10.47
N GLY M 229 40.74 21.43 -10.47
CA GLY M 229 41.97 21.85 -11.06
C GLY M 229 42.73 22.88 -10.25
N ALA M 230 42.27 23.18 -9.03
CA ALA M 230 42.90 24.23 -8.24
C ALA M 230 44.05 23.67 -7.43
N LYS M 231 45.01 24.52 -7.11
CA LYS M 231 46.09 24.18 -6.21
C LYS M 231 46.14 25.23 -5.12
N MET M 232 46.39 24.80 -3.88
CA MET M 232 46.49 25.76 -2.77
C MET M 232 47.92 25.92 -2.34
N ALA M 233 48.51 27.04 -2.71
CA ALA M 233 49.91 27.27 -2.41
C ALA M 233 50.05 27.84 -1.01
N VAL M 234 51.26 27.67 -0.48
CA VAL M 234 51.65 28.21 0.81
C VAL M 234 52.52 29.44 0.54
N PRO M 235 51.96 30.64 0.63
CA PRO M 235 52.79 31.82 0.37
C PRO M 235 53.90 32.13 1.35
N PHE M 236 53.84 31.64 2.60
CA PHE M 236 54.88 31.92 3.60
C PHE M 236 55.26 30.70 4.46
N ALA M 237 56.57 30.50 4.65
CA ALA M 237 57.20 29.31 5.28
C ALA M 237 57.21 29.32 6.83
N GLN M 255 57.71 33.91 18.32
CA GLN M 255 56.76 34.92 18.87
C GLN M 255 55.67 35.50 17.93
N THR M 256 54.48 35.74 18.48
CA THR M 256 53.35 36.29 17.72
C THR M 256 53.57 37.77 17.43
N LEU M 257 53.44 38.22 16.18
CA LEU M 257 53.57 39.64 15.85
C LEU M 257 52.32 40.21 15.19
N TRP M 258 51.96 41.42 15.59
CA TRP M 258 50.92 42.22 14.96
C TRP M 258 51.52 43.43 14.27
N THR M 259 51.14 43.68 13.03
CA THR M 259 51.63 44.81 12.27
C THR M 259 50.43 45.56 11.66
N PHE M 260 50.39 46.88 11.85
CA PHE M 260 49.24 47.70 11.45
C PHE M 260 49.58 48.69 10.33
N LYS M 261 48.60 49.03 9.50
CA LYS M 261 48.75 50.06 8.48
C LYS M 261 47.41 50.68 8.11
N GLY M 262 47.25 51.96 8.40
CA GLY M 262 46.02 52.70 8.07
C GLY M 262 46.08 53.37 6.71
N ILE M 263 44.94 53.40 6.02
CA ILE M 263 44.79 54.18 4.82
C ILE M 263 43.45 54.94 4.88
N VAL M 264 43.28 55.89 3.98
CA VAL M 264 42.04 56.66 3.89
C VAL M 264 40.94 55.69 3.44
N PRO M 265 39.72 55.80 4.02
CA PRO M 265 38.72 54.82 3.63
C PRO M 265 38.49 54.84 2.11
N PRO M 266 38.66 53.69 1.46
CA PRO M 266 38.46 53.58 0.03
C PRO M 266 37.02 53.89 -0.38
N THR M 267 36.90 54.49 -1.57
CA THR M 267 35.62 54.80 -2.18
C THR M 267 35.24 53.54 -2.96
N LEU M 268 34.02 53.09 -2.76
CA LEU M 268 33.58 51.83 -3.32
C LEU M 268 32.99 51.99 -4.70
N PRO M 269 33.54 51.28 -5.69
CA PRO M 269 32.89 51.23 -6.98
C PRO M 269 31.48 50.72 -6.84
N SER M 270 30.63 51.15 -7.76
CA SER M 270 29.24 50.78 -7.74
C SER M 270 29.09 49.26 -7.69
N GLY M 271 28.24 48.80 -6.76
CA GLY M 271 27.91 47.37 -6.59
C GLY M 271 28.95 46.47 -5.91
N ILE M 272 30.01 47.04 -5.36
CA ILE M 272 31.12 46.30 -4.82
C ILE M 272 31.24 46.60 -3.34
N THR M 273 31.38 45.54 -2.54
CA THR M 273 31.52 45.71 -1.10
C THR M 273 32.98 45.92 -0.75
N MET M 274 33.19 46.47 0.44
CA MET M 274 34.54 46.68 0.95
C MET M 274 35.29 45.36 1.08
N ALA M 275 34.61 44.32 1.58
CA ALA M 275 35.24 43.01 1.71
C ALA M 275 35.79 42.52 0.36
N THR M 276 35.02 42.74 -0.71
CA THR M 276 35.44 42.31 -2.04
C THR M 276 36.72 43.02 -2.42
N LEU M 277 36.76 44.31 -2.14
CA LEU M 277 37.92 45.11 -2.46
C LEU M 277 39.17 44.56 -1.78
N VAL M 278 39.05 44.28 -0.49
CA VAL M 278 40.18 43.73 0.27
C VAL M 278 40.63 42.38 -0.25
N LYS M 279 39.68 41.53 -0.61
CA LYS M 279 40.05 40.19 -1.08
C LYS M 279 40.62 40.20 -2.47
N ALA M 280 40.12 41.08 -3.33
CA ALA M 280 40.70 41.23 -4.67
C ALA M 280 42.13 41.71 -4.59
N ALA M 281 42.38 42.68 -3.71
CA ALA M 281 43.72 43.18 -3.50
C ALA M 281 44.66 42.08 -3.08
N THR M 282 44.19 41.25 -2.15
CA THR M 282 44.98 40.16 -1.63
C THR M 282 45.27 39.16 -2.75
N ALA M 283 44.27 38.90 -3.59
CA ALA M 283 44.43 37.98 -4.73
C ALA M 283 45.44 38.48 -5.76
N LEU M 284 45.34 39.77 -6.12
CA LEU M 284 46.33 40.36 -7.02
C LEU M 284 47.72 40.22 -6.44
N PHE M 285 47.87 40.55 -5.17
CA PHE M 285 49.17 40.44 -4.52
C PHE M 285 49.70 39.02 -4.62
N LEU M 286 48.86 38.03 -4.31
CA LEU M 286 49.31 36.64 -4.29
C LEU M 286 49.63 36.16 -5.69
N SER M 287 48.87 36.65 -6.65
CA SER M 287 49.14 36.38 -8.06
C SER M 287 50.60 36.67 -8.41
N TYR M 288 51.07 37.87 -8.05
CA TYR M 288 52.46 38.28 -8.27
C TYR M 288 53.44 37.58 -7.36
N HIS M 289 53.11 37.44 -6.08
CA HIS M 289 54.03 36.87 -5.10
C HIS M 289 54.36 35.39 -5.36
N LEU M 290 53.34 34.62 -5.70
CA LEU M 290 53.54 33.30 -6.31
C LEU M 290 53.73 33.62 -7.78
N GLY M 291 53.83 32.64 -8.67
CA GLY M 291 53.84 33.02 -10.07
C GLY M 291 52.62 32.45 -10.72
N SER M 292 51.44 32.93 -10.30
CA SER M 292 50.24 32.17 -10.63
C SER M 292 49.07 33.05 -11.01
N ARG M 293 48.27 32.51 -11.92
CA ARG M 293 47.11 33.17 -12.46
C ARG M 293 45.86 32.55 -11.74
N ASP M 294 46.07 31.48 -10.98
CA ASP M 294 44.99 30.80 -10.25
C ASP M 294 45.37 30.61 -8.77
N VAL M 295 44.77 31.42 -7.90
CA VAL M 295 45.12 31.42 -6.48
C VAL M 295 43.97 31.02 -5.58
N VAL M 296 44.32 30.30 -4.52
CA VAL M 296 43.39 29.90 -3.50
C VAL M 296 43.94 30.23 -2.13
N PHE M 297 43.16 30.95 -1.34
CA PHE M 297 43.53 31.28 0.02
C PHE M 297 42.29 31.20 0.89
N GLY M 298 42.46 31.33 2.19
CA GLY M 298 41.33 31.21 3.08
C GLY M 298 40.68 32.55 3.35
N HIS M 299 39.41 32.51 3.72
CA HIS M 299 38.80 33.69 4.27
C HIS M 299 37.72 33.33 5.26
N THR M 300 37.39 34.29 6.13
CA THR M 300 36.44 34.07 7.19
C THR M 300 35.04 34.48 6.76
N VAL M 301 34.08 33.60 6.98
CA VAL M 301 32.71 33.87 6.68
C VAL M 301 31.90 33.67 7.93
N ASN M 302 30.74 34.29 7.98
CA ASN M 302 30.01 34.36 9.22
C ASN M 302 29.18 33.14 9.55
N GLY M 303 28.88 32.34 8.54
CA GLY M 303 28.21 31.06 8.74
C GLY M 303 26.76 31.12 9.14
N ARG M 304 26.16 32.29 8.96
CA ARG M 304 24.78 32.52 9.43
C ARG M 304 23.76 32.72 8.28
N ASN M 305 24.10 32.28 7.09
CA ASN M 305 23.16 32.31 5.95
C ASN M 305 22.33 31.04 5.83
N LEU M 306 21.60 30.71 6.87
CA LEU M 306 20.87 29.47 6.90
C LEU M 306 19.47 29.80 7.37
N PRO M 307 18.49 29.07 6.85
CA PRO M 307 17.11 29.34 7.20
C PRO M 307 16.73 28.69 8.53
N MET M 308 17.24 29.22 9.63
CA MET M 308 16.91 28.73 10.96
C MET M 308 16.46 29.89 11.81
N ASP M 309 15.53 29.66 12.72
CA ASP M 309 15.04 30.71 13.59
C ASP M 309 16.14 31.19 14.49
N ASN M 310 16.19 32.51 14.65
CA ASN M 310 17.15 33.21 15.52
C ASN M 310 18.61 33.04 15.12
N ILE M 311 18.87 32.71 13.87
CA ILE M 311 20.25 32.46 13.52
C ILE M 311 21.10 33.74 13.60
N GLU M 312 20.46 34.89 13.48
CA GLU M 312 21.18 36.15 13.53
C GLU M 312 21.59 36.55 14.94
N SER M 313 20.97 35.98 15.96
CA SER M 313 21.16 36.42 17.30
C SER M 313 21.70 35.35 18.28
N LEU M 314 21.73 34.08 17.89
CA LEU M 314 22.18 33.06 18.81
C LEU M 314 23.65 33.19 19.18
N LEU M 315 24.02 32.88 20.41
CA LEU M 315 25.38 33.12 20.85
C LEU M 315 26.23 31.92 20.58
N GLY M 316 27.34 32.15 19.91
CA GLY M 316 28.26 31.07 19.61
C GLY M 316 29.19 31.46 18.52
N CYS M 317 30.04 30.51 18.15
CA CYS M 317 31.04 30.76 17.11
C CYS M 317 30.60 30.00 15.89
N THR M 318 29.81 30.67 15.05
CA THR M 318 29.38 30.09 13.78
C THR M 318 30.36 30.42 12.66
N LEU M 319 31.40 31.20 12.92
CA LEU M 319 32.40 31.51 11.90
C LEU M 319 32.89 30.26 11.20
N ASN M 320 33.32 30.45 9.97
CA ASN M 320 34.00 29.42 9.25
C ASN M 320 35.12 30.00 8.43
N PHE M 321 36.15 29.18 8.20
CA PHE M 321 37.30 29.55 7.39
C PHE M 321 37.30 28.64 6.18
N VAL M 322 37.01 29.22 5.02
CA VAL M 322 36.81 28.44 3.81
C VAL M 322 37.66 28.92 2.65
N PRO M 323 37.80 28.08 1.61
CA PRO M 323 38.60 28.49 0.45
C PRO M 323 37.92 29.56 -0.39
N LEU M 324 38.71 30.52 -0.82
CA LEU M 324 38.28 31.46 -1.82
C LEU M 324 39.25 31.32 -2.99
N ARG M 325 38.70 31.14 -4.18
CA ARG M 325 39.48 30.97 -5.40
C ARG M 325 39.31 32.14 -6.37
N VAL M 326 40.43 32.74 -6.77
CA VAL M 326 40.42 33.82 -7.73
C VAL M 326 41.30 33.42 -8.91
N THR M 327 40.68 33.34 -10.08
CA THR M 327 41.31 32.88 -11.31
C THR M 327 41.38 34.00 -12.31
N PHE M 328 42.60 34.48 -12.55
CA PHE M 328 42.81 35.50 -13.57
C PHE M 328 42.80 34.80 -14.94
N PRO M 329 42.28 35.48 -15.97
CA PRO M 329 42.32 34.85 -17.29
C PRO M 329 43.74 34.70 -17.81
N GLU M 330 43.93 33.70 -18.68
CA GLU M 330 45.25 33.34 -19.26
C GLU M 330 45.79 34.46 -20.12
N ASP M 331 44.92 35.13 -20.86
CA ASP M 331 45.37 36.25 -21.71
C ASP M 331 45.71 37.59 -20.99
N SER M 332 45.24 37.80 -19.76
CA SER M 332 45.51 39.02 -18.96
C SER M 332 44.89 40.34 -19.51
N THR M 333 45.70 41.09 -20.28
CA THR M 333 45.27 42.13 -21.22
C THR M 333 43.78 42.54 -21.21
N ASP M 334 42.89 41.58 -21.02
CA ASP M 334 41.45 41.88 -21.05
C ASP M 334 40.99 42.70 -19.83
N TRP M 335 41.43 42.23 -18.66
CA TRP M 335 40.75 42.54 -17.40
C TRP M 335 41.11 43.92 -16.82
N THR M 336 40.06 44.65 -16.46
CA THR M 336 40.17 45.83 -15.60
C THR M 336 40.05 45.46 -14.12
N VAL M 337 40.32 46.44 -13.27
CA VAL M 337 40.09 46.29 -11.85
C VAL M 337 38.64 45.88 -11.65
N MET M 338 37.70 46.56 -12.29
CA MET M 338 36.28 46.21 -12.12
C MET M 338 36.03 44.74 -12.43
N ASP M 339 36.64 44.23 -13.49
CA ASP M 339 36.43 42.83 -13.86
C ASP M 339 36.90 41.90 -12.72
N LEU M 340 38.03 42.26 -12.11
CA LEU M 340 38.54 41.49 -10.99
C LEU M 340 37.60 41.57 -9.78
N LEU M 341 37.07 42.75 -9.53
CA LEU M 341 36.19 42.96 -8.41
C LEU M 341 34.92 42.15 -8.60
N HIS M 342 34.29 42.24 -9.77
CA HIS M 342 33.07 41.46 -9.99
C HIS M 342 33.33 39.95 -9.90
N HIS M 343 34.47 39.51 -10.42
CA HIS M 343 34.83 38.12 -10.37
C HIS M 343 34.99 37.69 -8.91
N THR M 344 35.76 38.46 -8.14
CA THR M 344 36.06 38.12 -6.77
C THR M 344 34.77 38.04 -5.98
N GLN M 345 33.92 39.04 -6.15
CA GLN M 345 32.64 39.06 -5.45
C GLN M 345 31.75 37.87 -5.80
N THR M 346 31.70 37.50 -7.06
CA THR M 346 30.96 36.32 -7.49
C THR M 346 31.54 35.00 -6.92
N GLN M 347 32.85 34.91 -6.81
CA GLN M 347 33.49 33.77 -6.21
C GLN M 347 33.17 33.62 -4.70
N TYR M 348 32.70 34.70 -4.07
CA TYR M 348 32.22 34.64 -2.71
C TYR M 348 30.75 34.25 -2.74
N THR M 349 29.95 34.96 -3.52
CA THR M 349 28.49 34.73 -3.48
C THR M 349 28.09 33.35 -3.99
N ARG M 350 28.88 32.77 -4.91
CA ARG M 350 28.61 31.40 -5.37
C ARG M 350 28.61 30.40 -4.21
N ALA M 351 29.42 30.68 -3.18
CA ALA M 351 29.57 29.79 -2.06
C ALA M 351 28.58 30.00 -0.91
N LEU M 352 27.70 30.99 -1.00
CA LEU M 352 26.91 31.43 0.13
C LEU M 352 26.05 30.34 0.74
N SER M 353 25.51 29.48 -0.10
CA SER M 353 24.68 28.36 0.36
C SER M 353 25.50 27.18 0.90
N HIS M 354 26.81 27.21 0.71
CA HIS M 354 27.67 26.10 0.99
C HIS M 354 28.83 26.40 1.96
N GLU M 355 28.83 27.60 2.56
CA GLU M 355 30.01 28.12 3.30
C GLU M 355 30.02 27.59 4.74
N HIS M 356 29.01 26.82 5.11
CA HIS M 356 28.79 26.48 6.49
C HIS M 356 29.32 25.10 6.88
N VAL M 357 29.91 24.35 5.95
CA VAL M 357 30.34 22.96 6.23
C VAL M 357 31.79 22.94 6.67
N GLU M 358 32.17 21.88 7.39
CA GLU M 358 33.53 21.74 7.90
C GLU M 358 34.53 21.72 6.76
N LEU M 359 35.66 22.38 6.96
CA LEU M 359 36.67 22.49 5.95
C LEU M 359 37.26 21.14 5.62
N ARG M 360 37.47 20.31 6.62
CA ARG M 360 38.05 19.01 6.41
C ARG M 360 37.09 18.12 5.61
N ASP M 361 35.79 18.35 5.75
CA ASP M 361 34.84 17.68 4.90
C ASP M 361 34.88 18.18 3.45
N ILE M 362 35.13 19.47 3.24
CA ILE M 362 35.28 19.98 1.91
C ILE M 362 36.48 19.28 1.27
N PHE M 363 37.60 19.27 1.95
CA PHE M 363 38.81 18.71 1.38
C PHE M 363 38.70 17.20 1.16
N GLN M 364 38.10 16.50 2.10
CA GLN M 364 37.95 15.08 1.96
C GLN M 364 36.97 14.66 0.82
N HIS M 365 35.80 15.26 0.76
CA HIS M 365 34.76 14.83 -0.15
C HIS M 365 34.77 15.52 -1.51
N SER M 366 35.52 16.59 -1.65
CA SER M 366 35.43 17.40 -2.86
C SER M 366 36.80 17.61 -3.51
N THR M 367 37.86 17.08 -2.93
CA THR M 367 39.19 17.23 -3.52
C THR M 367 39.97 15.93 -3.38
N ASN M 368 41.15 15.90 -4.01
CA ASN M 368 42.19 14.89 -3.78
C ASN M 368 43.09 15.26 -2.59
N TRP M 369 42.98 16.50 -2.09
CA TRP M 369 43.87 17.00 -1.04
C TRP M 369 43.66 16.27 0.29
N PRO M 370 44.74 16.17 1.09
CA PRO M 370 44.60 15.56 2.42
C PRO M 370 43.61 16.36 3.26
N ALA M 371 42.75 15.66 4.00
CA ALA M 371 41.68 16.29 4.77
C ALA M 371 42.16 17.32 5.79
N GLU M 372 43.33 17.09 6.38
CA GLU M 372 43.87 17.97 7.42
C GLU M 372 44.80 19.05 6.83
N THR M 373 44.73 19.25 5.52
CA THR M 373 45.46 20.34 4.90
C THR M 373 45.03 21.66 5.57
N PRO M 374 46.00 22.42 6.12
CA PRO M 374 45.69 23.70 6.72
C PRO M 374 45.60 24.83 5.70
N LEU M 375 44.79 25.83 6.00
CA LEU M 375 44.84 27.11 5.28
C LEU M 375 46.10 27.81 5.75
N SER M 376 46.88 28.37 4.84
CA SER M 376 48.09 29.07 5.22
C SER M 376 47.95 30.60 5.18
N LEU M 377 46.90 31.11 4.54
CA LEU M 377 46.57 32.51 4.59
C LEU M 377 45.08 32.64 4.80
N ILE M 378 44.70 33.54 5.72
CA ILE M 378 43.28 33.81 5.96
C ILE M 378 43.01 35.30 6.05
N VAL M 379 42.04 35.76 5.28
CA VAL M 379 41.67 37.16 5.27
C VAL M 379 40.34 37.30 5.99
N GLN M 380 40.27 38.17 7.01
CA GLN M 380 39.00 38.50 7.69
C GLN M 380 38.65 39.94 7.57
N HIS M 381 37.57 40.22 6.90
CA HIS M 381 37.12 41.54 6.91
C HIS M 381 36.15 41.73 8.07
N GLN M 382 36.38 42.76 8.89
CA GLN M 382 35.60 42.97 10.10
C GLN M 382 34.44 43.93 9.93
N ASN M 383 33.45 43.54 9.14
CA ASN M 383 32.26 44.35 9.00
C ASN M 383 31.21 44.03 10.03
N ILE M 384 31.60 44.14 11.28
CA ILE M 384 30.76 43.85 12.46
C ILE M 384 30.92 45.01 13.43
N ASP M 385 30.19 45.03 14.55
CA ASP M 385 30.44 46.02 15.60
C ASP M 385 31.87 46.07 16.11
N LEU M 386 32.44 47.28 16.09
CA LEU M 386 33.80 47.49 16.58
C LEU M 386 33.80 48.18 17.95
N SER M 387 32.67 48.73 18.38
CA SER M 387 32.50 49.38 19.73
C SER M 387 31.33 48.73 20.51
N PHE M 388 31.38 48.75 21.85
CA PHE M 388 30.41 48.07 22.69
C PHE M 388 29.92 48.89 23.86
N SER M 389 28.74 48.55 24.33
CA SER M 389 28.08 49.25 25.43
C SER M 389 27.44 48.29 26.37
N LEU M 390 27.26 48.74 27.59
CA LEU M 390 26.52 47.99 28.58
C LEU M 390 25.71 49.03 29.36
N PRO M 391 24.56 49.43 28.82
CA PRO M 391 23.75 50.54 29.37
C PRO M 391 22.97 50.15 30.63
N LEU M 392 23.69 49.97 31.73
CA LEU M 392 23.07 49.65 33.01
C LEU M 392 22.37 50.88 33.57
N ARG M 393 21.16 50.71 34.12
CA ARG M 393 20.50 51.76 34.83
C ARG M 393 20.91 51.39 36.28
N SER M 406 22.17 56.80 38.23
CA SER M 406 22.80 56.90 36.88
C SER M 406 24.23 56.34 36.88
N LEU M 407 24.51 55.38 35.96
CA LEU M 407 25.75 54.60 36.01
C LEU M 407 26.64 54.86 34.83
N ASP M 408 27.90 55.17 35.13
CA ASP M 408 28.90 55.37 34.11
C ASP M 408 29.62 54.04 33.86
N VAL M 409 29.60 53.57 32.61
CA VAL M 409 30.09 52.23 32.30
C VAL M 409 31.07 52.26 31.15
N GLN M 410 32.34 51.95 31.39
CA GLN M 410 33.37 51.93 30.34
C GLN M 410 33.88 50.51 30.00
N TYR M 411 34.22 50.34 28.74
CA TYR M 411 34.59 49.08 28.16
C TYR M 411 36.07 49.02 27.97
N SER M 412 36.65 47.87 28.24
CA SER M 412 38.01 47.56 27.78
C SER M 412 38.15 46.05 27.74
N LYS M 413 39.25 45.58 27.19
CA LYS M 413 39.43 44.15 27.08
C LYS M 413 40.89 43.72 27.12
N PHE M 414 41.11 42.47 27.51
CA PHE M 414 42.40 41.83 27.38
C PHE M 414 42.18 40.68 26.42
N ALA M 415 43.22 40.33 25.69
CA ALA M 415 43.08 39.34 24.65
C ALA M 415 44.35 38.52 24.44
N ARG M 416 44.22 37.21 24.21
CA ARG M 416 45.30 36.39 23.69
C ARG M 416 44.88 35.78 22.36
N PHE M 417 45.83 35.64 21.46
CA PHE M 417 45.66 34.96 20.21
C PHE M 417 47.03 34.64 19.61
N ASP M 418 47.34 33.36 19.39
CA ASP M 418 48.68 32.95 18.86
C ASP M 418 48.60 32.02 17.65
N PRO M 419 48.79 32.57 16.45
CA PRO M 419 48.72 31.71 15.26
C PRO M 419 49.78 30.62 15.21
N LEU M 420 49.49 29.55 14.47
CA LEU M 420 50.43 28.47 14.23
C LEU M 420 51.28 28.82 13.00
N ASP M 421 51.11 28.10 11.89
CA ASP M 421 51.91 28.40 10.68
C ASP M 421 51.22 29.38 9.73
N GLU M 422 49.95 29.68 9.95
CA GLU M 422 49.20 30.48 9.01
C GLU M 422 49.45 31.97 9.22
N VAL M 423 49.15 32.75 8.21
CA VAL M 423 49.15 34.18 8.32
C VAL M 423 47.72 34.69 8.28
N TRP M 424 47.41 35.64 9.14
CA TRP M 424 46.10 36.28 9.16
C TRP M 424 46.19 37.72 8.70
N ILE M 425 45.28 38.13 7.84
CA ILE M 425 45.14 39.52 7.49
C ILE M 425 43.75 39.97 7.88
N PHE M 426 43.68 40.92 8.82
CA PHE M 426 42.44 41.50 9.29
C PHE M 426 42.29 42.91 8.72
N THR M 427 41.09 43.30 8.31
CA THR M 427 40.82 44.65 7.88
C THR M 427 39.67 45.24 8.70
N GLU M 428 39.93 46.35 9.36
CA GLU M 428 38.95 47.00 10.19
C GLU M 428 38.52 48.30 9.53
N PRO M 429 37.24 48.39 9.14
CA PRO M 429 36.70 49.61 8.56
C PRO M 429 36.20 50.61 9.63
N HIS M 430 37.04 51.53 10.02
CA HIS M 430 36.61 52.60 10.90
C HIS M 430 36.09 53.79 10.08
N ALA M 431 35.54 54.77 10.78
CA ALA M 431 35.03 55.98 10.16
C ALA M 431 36.12 56.80 9.45
N ASP M 432 37.31 56.88 10.06
CA ASP M 432 38.41 57.71 9.57
C ASP M 432 39.44 56.97 8.76
N ARG M 433 39.45 55.66 8.85
CA ARG M 433 40.48 54.87 8.19
C ARG M 433 40.03 53.44 7.98
N LEU M 434 40.67 52.78 7.02
CA LEU M 434 40.60 51.34 6.87
C LEU M 434 41.91 50.83 7.39
N GLU M 435 41.87 49.99 8.42
CA GLU M 435 43.11 49.51 9.02
C GLU M 435 43.40 48.07 8.60
N VAL M 436 44.59 47.85 8.06
CA VAL M 436 45.03 46.56 7.65
C VAL M 436 45.94 46.04 8.72
N GLN M 437 45.64 44.85 9.23
CA GLN M 437 46.40 44.23 10.29
C GLN M 437 46.91 42.88 9.83
N VAL M 438 48.19 42.63 10.05
CA VAL M 438 48.76 41.34 9.75
C VAL M 438 49.13 40.71 11.07
N CYS M 439 48.78 39.43 11.25
CA CYS M 439 49.15 38.70 12.45
C CYS M 439 49.70 37.35 12.10
N ALA M 440 50.91 37.10 12.53
CA ALA M 440 51.58 35.84 12.24
C ALA M 440 52.73 35.66 13.22
N ASN M 441 53.12 34.39 13.39
CA ASN M 441 54.31 34.09 14.15
C ASN M 441 55.54 34.65 13.42
N SER M 442 56.51 35.16 14.18
CA SER M 442 57.74 35.76 13.60
C SER M 442 58.61 34.74 12.82
N ARG M 443 58.50 33.46 13.12
CA ARG M 443 59.22 32.44 12.38
C ARG M 443 58.61 32.20 11.00
N VAL M 444 57.39 32.68 10.79
CA VAL M 444 56.73 32.57 9.49
C VAL M 444 56.84 33.88 8.72
N LEU M 445 56.75 34.99 9.44
CA LEU M 445 56.73 36.30 8.81
C LEU M 445 57.36 37.29 9.78
N GLY M 446 58.61 37.62 9.51
CA GLY M 446 59.39 38.52 10.35
C GLY M 446 58.88 39.94 10.20
N GLN M 447 59.31 40.81 11.11
CA GLN M 447 58.75 42.14 11.19
C GLN M 447 58.86 42.93 9.90
N GLU M 448 59.94 42.75 9.16
CA GLU M 448 60.15 43.53 7.95
C GLU M 448 59.30 43.01 6.83
N GLN M 449 59.16 41.69 6.78
CA GLN M 449 58.33 41.06 5.76
C GLN M 449 56.84 41.41 6.02
N ALA M 450 56.45 41.45 7.28
CA ALA M 450 55.08 41.75 7.64
C ALA M 450 54.75 43.18 7.32
N THR M 451 55.67 44.07 7.63
CA THR M 451 55.50 45.48 7.30
C THR M 451 55.33 45.66 5.79
N GLU M 452 56.09 44.91 4.98
CA GLU M 452 55.95 45.07 3.53
C GLU M 452 54.64 44.50 3.03
N LEU M 453 54.22 43.38 3.60
CA LEU M 453 52.94 42.80 3.22
C LEU M 453 51.79 43.78 3.49
N ALA M 454 51.79 44.37 4.67
CA ALA M 454 50.76 45.34 5.02
C ALA M 454 50.79 46.51 4.06
N ASN M 455 51.99 46.97 3.72
CA ASN M 455 52.13 48.11 2.80
C ASN M 455 51.62 47.78 1.41
N ASN M 456 52.00 46.63 0.89
CA ASN M 456 51.54 46.24 -0.45
C ASN M 456 50.04 46.10 -0.56
N ILE M 457 49.42 45.41 0.39
CA ILE M 457 47.97 45.21 0.34
C ILE M 457 47.29 46.57 0.40
N SER M 458 47.74 47.42 1.31
CA SER M 458 47.19 48.79 1.44
C SER M 458 47.28 49.59 0.15
N ALA M 459 48.44 49.53 -0.48
CA ALA M 459 48.70 50.28 -1.67
C ALA M 459 47.75 49.82 -2.78
N ILE M 460 47.61 48.52 -2.93
CA ILE M 460 46.74 47.99 -3.97
C ILE M 460 45.30 48.40 -3.71
N ILE M 461 44.88 48.37 -2.46
CA ILE M 461 43.50 48.72 -2.13
C ILE M 461 43.25 50.17 -2.58
N THR M 462 44.18 51.06 -2.26
CA THR M 462 44.05 52.48 -2.62
C THR M 462 44.07 52.65 -4.14
N LYS M 463 45.00 51.99 -4.82
CA LYS M 463 45.06 52.02 -6.30
C LYS M 463 43.75 51.58 -6.95
N PHE M 464 43.20 50.46 -6.50
CA PHE M 464 41.88 49.99 -6.97
C PHE M 464 40.79 51.04 -6.75
N SER M 465 40.81 51.68 -5.59
CA SER M 465 39.78 52.66 -5.21
C SER M 465 39.84 53.89 -6.13
N THR M 466 41.05 54.43 -6.31
CA THR M 466 41.20 55.68 -7.03
C THR M 466 41.04 55.51 -8.54
N ASP M 467 41.22 54.29 -9.06
CA ASP M 467 41.01 54.03 -10.49
C ASP M 467 40.47 52.63 -10.85
N PRO M 468 39.17 52.40 -10.65
CA PRO M 468 38.56 51.11 -10.91
C PRO M 468 38.48 50.71 -12.39
N THR M 469 38.52 51.70 -13.29
CA THR M 469 38.45 51.46 -14.76
C THR M 469 39.80 51.05 -15.35
N ALA M 470 40.88 51.25 -14.59
CA ALA M 470 42.24 50.85 -15.02
C ALA M 470 42.32 49.37 -15.35
N ARG M 471 43.23 49.01 -16.22
CA ARG M 471 43.51 47.62 -16.53
C ARG M 471 44.69 47.18 -15.67
N LEU M 472 44.62 45.95 -15.15
CA LEU M 472 45.76 45.07 -15.05
C LEU M 472 47.12 45.73 -14.78
N LEU M 473 48.06 45.70 -15.73
CA LEU M 473 49.39 46.24 -15.49
C LEU M 473 49.21 47.72 -15.83
N LEU N 4 6.99 50.51 -2.31
CA LEU N 4 5.94 51.51 -2.59
C LEU N 4 4.57 50.88 -2.91
N SER N 5 4.50 49.77 -3.64
CA SER N 5 3.28 49.36 -4.33
C SER N 5 2.65 48.03 -3.82
N THR N 6 3.46 47.02 -3.49
CA THR N 6 2.96 45.73 -2.99
C THR N 6 3.19 45.58 -1.50
N ASP N 7 2.56 44.57 -0.92
CA ASP N 7 2.74 44.27 0.51
C ASP N 7 4.14 43.74 0.81
N ALA N 8 4.70 42.98 -0.13
CA ALA N 8 6.06 42.50 -0.04
C ALA N 8 7.06 43.67 -0.05
N GLU N 9 6.81 44.66 -0.92
CA GLU N 9 7.68 45.84 -0.97
C GLU N 9 7.64 46.60 0.36
N ARG N 10 6.47 46.72 0.97
CA ARG N 10 6.36 47.43 2.25
C ARG N 10 7.08 46.71 3.35
N GLU N 11 6.89 45.39 3.40
CA GLU N 11 7.50 44.63 4.46
C GLU N 11 9.03 44.70 4.32
N LEU N 12 9.51 44.56 3.09
CA LEU N 12 10.92 44.58 2.81
C LEU N 12 11.55 45.94 3.14
N ALA N 13 10.82 47.01 2.90
CA ALA N 13 11.32 48.35 3.19
C ALA N 13 11.50 48.53 4.70
N ASN N 14 10.56 48.01 5.49
CA ASN N 14 10.66 48.03 6.93
C ASN N 14 11.88 47.28 7.39
N ILE N 15 12.15 46.15 6.76
CA ILE N 15 13.34 45.39 7.07
C ILE N 15 14.62 46.18 6.74
N TRP N 16 14.67 46.78 5.56
CA TRP N 16 15.83 47.57 5.20
C TRP N 16 16.03 48.76 6.15
N ALA N 17 14.94 49.38 6.52
CA ALA N 17 15.02 50.47 7.44
C ALA N 17 15.68 50.04 8.77
N THR N 18 15.26 48.91 9.36
CA THR N 18 15.79 48.52 10.68
C THR N 18 17.25 48.08 10.51
N VAL N 19 17.55 47.41 9.42
CA VAL N 19 18.89 46.83 9.24
C VAL N 19 19.94 47.84 8.81
N LEU N 20 19.57 48.76 7.94
CA LEU N 20 20.46 49.87 7.56
C LEU N 20 20.36 51.09 8.47
N ASP N 21 19.42 51.11 9.41
CA ASP N 21 19.26 52.24 10.34
C ASP N 21 19.04 53.56 9.58
N ILE N 22 18.14 53.48 8.60
CA ILE N 22 17.73 54.63 7.83
C ILE N 22 16.21 54.73 7.93
N PRO N 23 15.69 55.95 7.79
CA PRO N 23 14.26 56.12 8.04
C PRO N 23 13.41 55.58 6.88
N ILE N 24 12.30 54.97 7.25
CA ILE N 24 11.41 54.27 6.32
C ILE N 24 10.92 55.16 5.18
N GLY N 25 10.62 56.42 5.51
CA GLY N 25 10.17 57.41 4.53
C GLY N 25 11.11 57.74 3.39
N THR N 26 12.39 57.39 3.52
CA THR N 26 13.37 57.66 2.46
C THR N 26 13.54 56.51 1.48
N ILE N 27 12.80 55.42 1.66
CA ILE N 27 13.07 54.21 0.90
C ILE N 27 12.12 54.12 -0.27
N SER N 28 12.66 54.05 -1.48
CA SER N 28 11.82 53.86 -2.65
C SER N 28 12.01 52.46 -3.22
N ALA N 29 11.01 52.04 -3.98
CA ALA N 29 11.04 50.78 -4.66
C ALA N 29 12.04 51.21 -5.73
N SER N 30 13.14 50.54 -5.80
CA SER N 30 14.18 50.94 -6.82
C SER N 30 15.46 51.36 -6.19
N ASP N 31 15.38 51.61 -4.89
CA ASP N 31 16.58 51.69 -4.08
C ASP N 31 17.38 50.39 -4.14
N ASN N 32 18.69 50.57 -4.21
CA ASN N 32 19.63 49.50 -4.25
C ASN N 32 20.25 49.29 -2.86
N PHE N 33 20.16 48.06 -2.35
CA PHE N 33 20.62 47.72 -0.99
C PHE N 33 22.04 48.17 -0.71
N PHE N 34 22.94 47.93 -1.65
CA PHE N 34 24.35 48.26 -1.46
C PHE N 34 24.62 49.74 -1.60
N PHE N 35 23.86 50.40 -2.48
CA PHE N 35 23.90 51.84 -2.67
C PHE N 35 23.52 52.58 -1.41
N ARG N 36 22.52 52.12 -0.73
CA ARG N 36 22.13 52.67 0.54
C ARG N 36 23.03 52.30 1.74
N GLY N 37 24.12 51.58 1.50
CA GLY N 37 25.15 51.31 2.52
C GLY N 37 25.22 49.90 3.08
N GLY N 38 24.42 48.98 2.54
CA GLY N 38 24.39 47.62 3.04
C GLY N 38 25.62 46.86 2.62
N HIS N 39 26.01 45.91 3.45
CA HIS N 39 27.02 44.95 3.07
C HIS N 39 26.59 43.53 3.44
N SER N 40 27.52 42.58 3.36
CA SER N 40 27.16 41.14 3.45
C SER N 40 26.50 40.78 4.77
N ILE N 41 26.97 41.38 5.85
CA ILE N 41 26.38 41.13 7.16
C ILE N 41 25.00 41.73 7.36
N ASP N 42 24.78 42.92 6.82
CA ASP N 42 23.46 43.51 6.81
C ASP N 42 22.49 42.62 6.00
N ALA N 43 23.00 42.06 4.91
CA ALA N 43 22.19 41.18 4.06
C ALA N 43 21.80 39.95 4.84
N MET N 44 22.73 39.39 5.59
CA MET N 44 22.41 38.27 6.41
C MET N 44 21.30 38.60 7.41
N LYS N 45 21.40 39.75 8.07
CA LYS N 45 20.35 40.14 9.02
C LYS N 45 19.02 40.36 8.32
N ALA N 46 19.09 40.96 7.12
CA ALA N 46 17.86 41.26 6.37
C ALA N 46 17.15 39.95 6.05
N SER N 47 17.93 38.98 5.61
CA SER N 47 17.43 37.67 5.32
C SER N 47 16.77 37.00 6.51
N ALA N 48 17.37 37.12 7.67
CA ALA N 48 16.77 36.55 8.89
C ALA N 48 15.52 37.25 9.30
N LEU N 49 15.48 38.57 9.20
CA LEU N 49 14.26 39.32 9.52
C LEU N 49 13.17 39.00 8.50
N GLY N 50 13.57 38.77 7.26
CA GLY N 50 12.66 38.29 6.21
C GLY N 50 11.90 37.06 6.62
N ARG N 51 12.65 36.05 7.04
CA ARG N 51 12.04 34.84 7.50
C ARG N 51 11.06 35.08 8.62
N ALA N 52 11.41 35.90 9.60
CA ALA N 52 10.48 36.13 10.73
C ALA N 52 9.21 36.85 10.30
N ALA N 53 9.26 37.56 9.17
CA ALA N 53 8.08 38.22 8.62
C ALA N 53 7.37 37.39 7.55
N GLY N 54 7.78 36.14 7.37
CA GLY N 54 7.12 35.25 6.45
C GLY N 54 7.55 35.41 5.00
N MET N 55 8.61 36.16 4.75
CA MET N 55 9.21 36.17 3.42
C MET N 55 10.39 35.25 3.44
N SER N 56 10.85 34.89 2.26
CA SER N 56 11.87 33.89 2.14
C SER N 56 12.85 34.26 1.03
N PHE N 57 14.05 34.67 1.45
CA PHE N 57 15.14 34.97 0.55
C PHE N 57 16.43 34.87 1.34
N GLY N 58 17.50 34.54 0.66
CA GLY N 58 18.80 34.44 1.30
C GLY N 58 19.71 35.57 0.88
N VAL N 59 20.92 35.53 1.40
CA VAL N 59 21.90 36.55 1.08
C VAL N 59 22.23 36.61 -0.40
N ALA N 60 22.29 35.46 -1.05
CA ALA N 60 22.61 35.42 -2.50
C ALA N 60 21.54 36.19 -3.32
N ASP N 61 20.28 36.06 -2.91
CA ASP N 61 19.20 36.74 -3.57
C ASP N 61 19.40 38.27 -3.52
N ILE N 62 19.97 38.76 -2.43
CA ILE N 62 20.20 40.19 -2.30
C ILE N 62 21.33 40.60 -3.21
N PHE N 63 22.37 39.79 -3.35
CA PHE N 63 23.43 40.14 -4.31
C PHE N 63 22.95 40.09 -5.77
N ASP N 64 22.06 39.15 -6.08
CA ASP N 64 21.56 38.99 -7.45
C ASP N 64 20.52 40.06 -7.79
N HIS N 65 19.70 40.42 -6.81
CA HIS N 65 18.56 41.31 -7.01
C HIS N 65 18.64 42.43 -5.99
N PRO N 66 19.60 43.30 -6.13
CA PRO N 66 19.83 44.33 -5.12
C PRO N 66 18.83 45.45 -5.10
N VAL N 67 17.95 45.53 -6.07
CA VAL N 67 16.92 46.56 -6.09
C VAL N 67 15.67 46.06 -5.39
N LEU N 68 15.07 46.91 -4.58
CA LEU N 68 14.04 46.47 -3.65
C LEU N 68 12.89 45.79 -4.36
N SER N 69 12.35 46.44 -5.39
CA SER N 69 11.18 45.91 -6.10
C SER N 69 11.49 44.55 -6.71
N GLU N 70 12.67 44.38 -7.27
CA GLU N 70 13.11 43.08 -7.79
C GLU N 70 13.27 42.01 -6.71
N LEU N 71 13.82 42.37 -5.55
CA LEU N 71 14.01 41.42 -4.46
C LEU N 71 12.66 41.01 -3.88
N ALA N 72 11.72 41.94 -3.86
CA ALA N 72 10.39 41.58 -3.43
C ALA N 72 9.77 40.35 -4.19
N SER N 73 10.46 39.77 -5.19
CA SER N 73 10.22 38.37 -5.66
C SER N 73 11.48 37.44 -5.72
N GLU O 10 -32.55 -38.95 -28.68
CA GLU O 10 -31.93 -37.58 -28.73
C GLU O 10 -32.03 -36.73 -27.42
N PRO O 11 -30.87 -36.37 -26.86
CA PRO O 11 -30.81 -35.63 -25.62
C PRO O 11 -31.57 -34.31 -25.54
N PHE O 12 -32.18 -34.06 -24.38
CA PHE O 12 -32.94 -32.88 -24.07
C PHE O 12 -34.33 -32.88 -24.69
N SER O 13 -34.64 -33.94 -25.43
CA SER O 13 -35.91 -33.97 -26.12
C SER O 13 -37.06 -34.14 -25.18
N LEU O 14 -36.82 -34.53 -23.92
CA LEU O 14 -37.91 -34.61 -22.93
C LEU O 14 -37.81 -33.55 -21.86
N SER O 15 -36.88 -32.63 -22.03
CA SER O 15 -36.71 -31.59 -21.05
C SER O 15 -38.00 -30.80 -20.91
N PRO O 16 -38.53 -30.66 -19.68
CA PRO O 16 -39.76 -29.89 -19.50
C PRO O 16 -39.50 -28.39 -19.46
N ILE O 17 -38.24 -27.98 -19.55
CA ILE O 17 -37.96 -26.57 -19.48
C ILE O 17 -37.15 -26.13 -20.71
N LYS O 18 -37.20 -24.84 -20.88
CA LYS O 18 -36.63 -24.14 -21.98
C LYS O 18 -35.13 -24.20 -22.13
N ASP O 19 -34.39 -23.71 -21.17
CA ASP O 19 -32.93 -23.50 -21.39
C ASP O 19 -32.20 -24.37 -20.39
N PRO O 20 -32.05 -25.66 -20.72
CA PRO O 20 -31.49 -26.56 -19.70
C PRO O 20 -30.07 -26.19 -19.31
N GLN O 21 -29.27 -25.74 -20.26
CA GLN O 21 -27.89 -25.33 -19.94
C GLN O 21 -27.85 -24.21 -18.91
N ALA O 22 -28.84 -23.33 -18.92
CA ALA O 22 -28.83 -22.20 -17.95
C ALA O 22 -29.00 -22.72 -16.52
N LEU O 23 -29.78 -23.79 -16.36
CA LEU O 23 -29.96 -24.37 -15.04
C LEU O 23 -28.68 -25.01 -14.50
N HIS O 24 -27.95 -25.69 -15.36
CA HIS O 24 -26.66 -26.23 -14.98
C HIS O 24 -25.71 -25.12 -14.56
N LYS O 25 -25.67 -24.04 -15.35
CA LYS O 25 -24.78 -22.92 -15.04
C LYS O 25 -25.10 -22.30 -13.68
N GLU O 26 -26.37 -22.12 -13.40
CA GLU O 26 -26.82 -21.62 -12.14
C GLU O 26 -26.38 -22.51 -10.97
N LEU O 27 -26.50 -23.83 -11.12
CA LEU O 27 -26.07 -24.75 -10.07
C LEU O 27 -24.57 -24.75 -9.86
N CYS O 28 -23.81 -24.61 -10.93
CA CYS O 28 -22.35 -24.46 -10.82
C CYS O 28 -21.94 -23.19 -10.05
N SER O 29 -22.64 -22.09 -10.31
CA SER O 29 -22.30 -20.82 -9.71
C SER O 29 -22.67 -20.78 -8.22
N LYS O 30 -23.62 -21.61 -7.78
CA LYS O 30 -23.90 -21.75 -6.35
C LYS O 30 -23.11 -22.87 -5.71
N ASN O 31 -22.11 -23.39 -6.42
CA ASN O 31 -21.24 -24.47 -5.91
C ASN O 31 -21.96 -25.73 -5.42
N VAL O 32 -23.08 -26.05 -6.03
CA VAL O 32 -23.81 -27.25 -5.70
C VAL O 32 -23.23 -28.44 -6.44
N ILE O 33 -22.82 -28.24 -7.68
CA ILE O 33 -22.20 -29.30 -8.50
C ILE O 33 -20.88 -28.76 -9.02
N PRO O 34 -19.96 -29.64 -9.40
CA PRO O 34 -18.65 -29.17 -9.88
C PRO O 34 -18.68 -28.25 -11.13
N VAL O 35 -17.89 -27.18 -11.06
CA VAL O 35 -17.83 -26.18 -12.14
C VAL O 35 -17.29 -26.72 -13.46
N THR O 36 -16.48 -27.78 -13.44
CA THR O 36 -15.96 -28.35 -14.70
C THR O 36 -16.87 -29.45 -15.29
N SER O 37 -18.03 -29.71 -14.68
CA SER O 37 -18.95 -30.70 -15.21
C SER O 37 -19.71 -30.09 -16.37
N THR O 38 -20.22 -30.95 -17.25
CA THR O 38 -21.09 -30.51 -18.34
C THR O 38 -22.45 -31.14 -18.17
N LEU O 39 -23.47 -30.57 -18.82
CA LEU O 39 -24.77 -31.14 -18.82
C LEU O 39 -24.95 -32.04 -20.05
N GLU O 40 -25.08 -33.34 -19.83
CA GLU O 40 -25.28 -34.34 -20.89
C GLU O 40 -26.77 -34.48 -21.24
N ASP O 41 -27.68 -34.32 -20.26
CA ASP O 41 -29.08 -34.49 -20.53
C ASP O 41 -29.89 -33.88 -19.41
N LEU O 42 -31.18 -33.71 -19.63
CA LEU O 42 -32.08 -33.25 -18.61
C LEU O 42 -33.42 -33.84 -18.87
N LEU O 43 -33.98 -34.56 -17.88
CA LEU O 43 -35.25 -35.28 -18.06
C LEU O 43 -36.13 -35.11 -16.85
N PRO O 44 -37.44 -35.40 -16.99
CA PRO O 44 -38.26 -35.45 -15.81
C PRO O 44 -37.82 -36.59 -14.91
N ALA O 45 -38.00 -36.40 -13.60
CA ALA O 45 -37.85 -37.47 -12.65
C ALA O 45 -39.16 -38.22 -12.63
N THR O 46 -39.13 -39.54 -12.49
CA THR O 46 -40.34 -40.31 -12.49
C THR O 46 -41.04 -40.18 -11.16
N GLN O 47 -42.33 -40.44 -11.17
CA GLN O 47 -43.10 -40.36 -9.95
C GLN O 47 -42.53 -41.31 -8.90
N ALA O 48 -42.14 -42.51 -9.31
CA ALA O 48 -41.51 -43.46 -8.40
C ALA O 48 -40.20 -42.94 -7.81
N GLN O 49 -39.35 -42.33 -8.65
CA GLN O 49 -38.18 -41.73 -8.15
C GLN O 49 -38.53 -40.71 -7.05
N HIS O 50 -39.53 -39.90 -7.34
CA HIS O 50 -39.99 -38.85 -6.44
C HIS O 50 -40.58 -39.43 -5.13
N VAL O 51 -41.25 -40.58 -5.22
CA VAL O 51 -41.76 -41.20 -4.02
C VAL O 51 -40.61 -41.47 -3.04
N PHE O 52 -39.51 -42.03 -3.56
CA PHE O 52 -38.38 -42.33 -2.73
C PHE O 52 -37.68 -41.09 -2.19
N ILE O 53 -37.58 -40.07 -3.01
CA ILE O 53 -36.92 -38.88 -2.60
C ILE O 53 -37.68 -38.20 -1.50
N LYS O 54 -39.00 -38.19 -1.57
CA LYS O 54 -39.80 -37.50 -0.56
C LYS O 54 -39.78 -38.22 0.75
N ARG O 55 -39.44 -39.48 0.73
CA ARG O 55 -39.42 -40.25 1.96
C ARG O 55 -38.00 -40.42 2.52
N GLY O 56 -37.06 -39.64 2.01
CA GLY O 56 -35.68 -39.64 2.48
C GLY O 56 -34.98 -40.98 2.28
N THR O 57 -35.36 -41.74 1.26
CA THR O 57 -34.83 -43.09 1.07
C THR O 57 -33.39 -43.06 0.60
N PHE O 58 -32.49 -43.52 1.45
CA PHE O 58 -31.07 -43.26 1.29
C PHE O 58 -30.29 -44.37 1.97
N HIS O 59 -29.29 -44.87 1.29
CA HIS O 59 -28.57 -46.03 1.72
C HIS O 59 -27.07 -45.83 1.71
N SER O 60 -26.40 -46.57 2.59
CA SER O 60 -24.97 -46.67 2.58
C SER O 60 -24.63 -48.12 2.48
N TYR O 61 -24.02 -48.50 1.36
CA TYR O 61 -23.59 -49.86 1.14
C TYR O 61 -22.12 -49.90 1.49
N ASN O 62 -21.80 -50.71 2.49
CA ASN O 62 -20.49 -50.72 3.15
C ASN O 62 -19.75 -52.03 2.93
N TRP O 63 -18.52 -51.94 2.49
CA TRP O 63 -17.71 -53.08 2.21
C TRP O 63 -16.44 -53.01 3.03
N THR O 64 -16.35 -53.90 4.01
CA THR O 64 -15.11 -54.05 4.80
C THR O 64 -14.15 -54.99 4.09
N ILE O 65 -12.99 -54.47 3.74
CA ILE O 65 -12.00 -55.17 2.93
C ILE O 65 -10.70 -55.40 3.74
N LYS O 66 -10.31 -56.66 3.95
CA LYS O 66 -9.11 -57.01 4.70
C LYS O 66 -8.15 -57.86 3.88
N GLY O 67 -6.87 -57.50 3.92
CA GLY O 67 -5.82 -58.26 3.26
C GLY O 67 -4.66 -57.38 2.89
N ARG O 68 -3.53 -58.01 2.57
CA ARG O 68 -2.28 -57.33 2.33
C ARG O 68 -2.20 -56.75 0.89
N SER O 69 -2.94 -57.36 -0.02
CA SER O 69 -2.82 -57.06 -1.46
C SER O 69 -3.72 -55.89 -1.92
N LEU O 70 -4.49 -55.30 -1.02
CA LEU O 70 -5.42 -54.24 -1.39
C LEU O 70 -4.73 -53.04 -2.01
N ASN O 71 -5.29 -52.55 -3.10
CA ASN O 71 -4.69 -51.43 -3.81
C ASN O 71 -5.58 -50.18 -3.79
N MET O 72 -5.18 -49.19 -3.01
CA MET O 72 -6.00 -48.04 -2.72
C MET O 72 -6.20 -47.14 -3.93
N ASP O 73 -5.17 -46.99 -4.76
CA ASP O 73 -5.28 -46.19 -5.97
C ASP O 73 -6.28 -46.80 -6.91
N ARG O 74 -6.26 -48.12 -7.00
CA ARG O 74 -7.17 -48.81 -7.87
C ARG O 74 -8.64 -48.76 -7.36
N LEU O 75 -8.85 -48.77 -6.04
CA LEU O 75 -10.18 -48.54 -5.48
C LEU O 75 -10.70 -47.18 -5.87
N ARG O 76 -9.88 -46.14 -5.70
CA ARG O 76 -10.26 -44.79 -6.08
C ARG O 76 -10.62 -44.70 -7.56
N GLU O 77 -9.77 -45.21 -8.43
CA GLU O 77 -10.03 -45.17 -9.85
C GLU O 77 -11.29 -45.95 -10.21
N THR O 78 -11.56 -47.04 -9.50
CA THR O 78 -12.74 -47.85 -9.76
C THR O 78 -14.05 -47.04 -9.49
N CYS O 79 -14.11 -46.30 -8.40
CA CYS O 79 -15.18 -45.39 -8.12
C CYS O 79 -15.41 -44.43 -9.28
N GLN O 80 -14.33 -43.85 -9.79
CA GLN O 80 -14.44 -42.95 -10.94
C GLN O 80 -15.00 -43.67 -12.17
N SER O 81 -14.49 -44.83 -12.47
CA SER O 81 -14.91 -45.56 -13.64
C SER O 81 -16.34 -46.04 -13.56
N LEU O 82 -16.76 -46.40 -12.36
CA LEU O 82 -18.12 -46.86 -12.16
C LEU O 82 -19.13 -45.75 -12.49
N VAL O 83 -18.83 -44.54 -12.06
CA VAL O 83 -19.64 -43.39 -12.31
C VAL O 83 -19.60 -43.02 -13.79
N ASP O 84 -18.45 -43.17 -14.45
CA ASP O 84 -18.36 -42.91 -15.90
C ASP O 84 -19.27 -43.86 -16.67
N ARG O 85 -19.38 -45.10 -16.21
CA ARG O 85 -20.17 -46.12 -16.88
C ARG O 85 -21.70 -45.98 -16.72
N HIS O 86 -22.17 -45.53 -15.55
CA HIS O 86 -23.60 -45.52 -15.25
C HIS O 86 -24.09 -44.10 -15.01
N SER O 87 -24.84 -43.54 -15.95
CA SER O 87 -25.15 -42.12 -15.90
C SER O 87 -26.10 -41.80 -14.76
N ILE O 88 -26.90 -42.75 -14.30
CA ILE O 88 -27.74 -42.49 -13.11
C ILE O 88 -26.87 -42.11 -11.91
N LEU O 89 -25.65 -42.62 -11.87
CA LEU O 89 -24.77 -42.33 -10.74
C LEU O 89 -24.17 -40.89 -10.80
N ARG O 90 -24.29 -40.23 -11.95
CA ARG O 90 -23.88 -38.86 -12.08
C ARG O 90 -25.05 -37.97 -12.42
N THR O 91 -26.17 -38.27 -11.78
CA THR O 91 -27.38 -37.55 -11.92
C THR O 91 -27.66 -36.78 -10.64
N SER O 92 -28.13 -35.57 -10.83
CA SER O 92 -28.46 -34.63 -9.78
C SER O 92 -29.96 -34.41 -9.90
N PHE O 93 -30.64 -34.18 -8.77
CA PHE O 93 -32.10 -33.99 -8.78
C PHE O 93 -32.50 -32.63 -8.24
N VAL O 94 -33.51 -32.02 -8.84
CA VAL O 94 -33.90 -30.67 -8.48
C VAL O 94 -35.38 -30.52 -8.72
N GLU O 95 -36.03 -29.58 -8.07
CA GLU O 95 -37.40 -29.20 -8.41
C GLU O 95 -37.29 -27.83 -9.05
N HIS O 96 -37.86 -27.60 -10.22
CA HIS O 96 -37.71 -26.31 -10.89
C HIS O 96 -39.00 -25.91 -11.53
N GLU O 97 -39.60 -24.80 -11.05
CA GLU O 97 -40.90 -24.31 -11.52
C GLU O 97 -41.97 -25.37 -11.35
N GLY O 98 -41.90 -26.07 -10.21
CA GLY O 98 -42.79 -27.20 -9.93
C GLY O 98 -42.48 -28.54 -10.61
N HIS O 99 -41.55 -28.57 -11.57
CA HIS O 99 -41.23 -29.80 -12.29
C HIS O 99 -40.08 -30.53 -11.53
N PRO O 100 -40.26 -31.80 -11.08
CA PRO O 100 -39.08 -32.54 -10.58
C PRO O 100 -38.27 -33.06 -11.72
N ILE O 101 -36.98 -32.77 -11.72
CA ILE O 101 -36.16 -33.18 -12.81
C ILE O 101 -34.78 -33.78 -12.46
N GLN O 102 -34.21 -34.47 -13.43
CA GLN O 102 -32.91 -35.05 -13.30
C GLN O 102 -31.95 -34.43 -14.30
N LEU O 103 -30.79 -34.02 -13.80
CA LEU O 103 -29.73 -33.49 -14.61
C LEU O 103 -28.66 -34.55 -14.67
N VAL O 104 -28.32 -34.97 -15.87
CA VAL O 104 -27.31 -35.97 -16.05
C VAL O 104 -26.04 -35.22 -16.40
N LEU O 105 -25.02 -35.36 -15.54
CA LEU O 105 -23.76 -34.69 -15.73
C LEU O 105 -22.74 -35.58 -16.42
N ALA O 106 -21.81 -34.94 -17.13
CA ALA O 106 -20.65 -35.62 -17.70
C ALA O 106 -19.41 -34.82 -17.32
N ASN O 107 -18.23 -35.30 -17.72
CA ASN O 107 -16.94 -34.71 -17.30
C ASN O 107 -16.87 -34.53 -15.80
N LEU O 108 -17.34 -35.54 -15.09
CA LEU O 108 -17.56 -35.44 -13.68
C LEU O 108 -16.45 -36.14 -12.99
N ASP O 109 -15.70 -35.39 -12.22
CA ASP O 109 -14.63 -35.95 -11.42
C ASP O 109 -15.16 -36.39 -10.07
N VAL O 110 -14.99 -37.66 -9.75
CA VAL O 110 -15.44 -38.19 -8.48
C VAL O 110 -14.39 -37.90 -7.41
N LYS O 111 -14.80 -37.30 -6.30
CA LYS O 111 -13.93 -37.07 -5.15
C LYS O 111 -14.32 -37.97 -4.00
N VAL O 112 -13.40 -38.84 -3.61
CA VAL O 112 -13.66 -39.75 -2.53
C VAL O 112 -13.41 -39.01 -1.23
N ARG O 113 -14.33 -39.12 -0.28
CA ARG O 113 -14.09 -38.70 1.07
C ARG O 113 -13.19 -39.74 1.75
N GLU O 114 -12.05 -39.32 2.27
CA GLU O 114 -11.09 -40.27 2.84
C GLU O 114 -10.80 -39.99 4.30
N VAL O 115 -10.76 -41.06 5.09
CA VAL O 115 -10.37 -40.96 6.48
C VAL O 115 -9.19 -41.89 6.76
N GLN O 116 -8.11 -41.34 7.32
CA GLN O 116 -7.01 -42.14 7.86
C GLN O 116 -7.15 -42.17 9.36
N CYS O 117 -7.51 -43.33 9.89
CA CYS O 117 -7.81 -43.47 11.30
C CYS O 117 -6.58 -43.46 12.16
N TRP O 118 -6.83 -43.25 13.44
CA TRP O 118 -5.82 -43.48 14.47
C TRP O 118 -5.53 -44.96 14.56
N PRO O 119 -4.31 -45.33 14.99
CA PRO O 119 -4.06 -46.73 15.44
C PRO O 119 -5.09 -47.23 16.46
N GLY O 120 -5.59 -48.45 16.23
CA GLY O 120 -6.60 -49.04 17.10
C GLY O 120 -8.05 -48.65 16.82
N GLU O 121 -8.28 -47.63 15.99
CA GLU O 121 -9.64 -47.11 15.75
C GLU O 121 -10.34 -48.07 14.75
N ASP O 122 -11.58 -48.49 15.03
CA ASP O 122 -12.38 -49.32 14.13
C ASP O 122 -12.99 -48.47 13.01
N PRO O 123 -12.60 -48.73 11.75
CA PRO O 123 -13.07 -47.99 10.60
C PRO O 123 -14.60 -47.97 10.50
N MET O 124 -15.24 -49.07 10.84
CA MET O 124 -16.69 -49.12 10.73
C MET O 124 -17.39 -48.20 11.72
N GLU O 125 -16.79 -48.02 12.90
CA GLU O 125 -17.37 -47.13 13.90
C GLU O 125 -17.29 -45.69 13.43
N VAL O 126 -16.23 -45.37 12.69
CA VAL O 126 -16.09 -44.07 12.07
C VAL O 126 -17.17 -43.81 11.03
N CYS O 127 -17.43 -44.78 10.15
CA CYS O 127 -18.54 -44.70 9.18
C CYS O 127 -19.91 -44.53 9.84
N LYS O 128 -20.18 -45.33 10.86
CA LYS O 128 -21.42 -45.24 11.59
C LYS O 128 -21.60 -43.87 12.25
N ALA O 129 -20.52 -43.35 12.80
CA ALA O 129 -20.55 -42.01 13.38
C ALA O 129 -20.84 -40.91 12.36
N LEU O 130 -20.20 -40.99 11.20
CA LEU O 130 -20.47 -40.03 10.15
C LEU O 130 -21.92 -40.14 9.66
N TRP O 131 -22.40 -41.35 9.55
CA TRP O 131 -23.72 -41.62 9.02
C TRP O 131 -24.75 -40.99 9.90
N ASP O 132 -24.74 -41.35 11.18
CA ASP O 132 -25.72 -40.80 12.16
C ASP O 132 -25.50 -39.37 12.57
N GLY O 133 -24.25 -38.92 12.49
CA GLY O 133 -23.95 -37.56 12.91
C GLY O 133 -24.20 -36.50 11.88
N LYS O 134 -24.04 -36.79 10.59
CA LYS O 134 -24.28 -35.78 9.56
C LYS O 134 -24.76 -36.23 8.19
N ASP O 135 -24.38 -37.44 7.75
CA ASP O 135 -24.69 -37.87 6.39
C ASP O 135 -26.20 -37.93 6.08
N TRP O 136 -26.99 -38.60 6.90
CA TRP O 136 -28.44 -38.59 6.69
C TRP O 136 -29.20 -37.42 7.33
N PRO O 137 -28.80 -36.94 8.53
CA PRO O 137 -29.57 -35.82 9.05
C PRO O 137 -29.50 -34.54 8.23
N THR O 138 -28.44 -34.33 7.46
CA THR O 138 -28.34 -33.14 6.59
C THR O 138 -28.58 -33.43 5.11
N LEU O 139 -29.11 -34.60 4.81
CA LEU O 139 -29.39 -34.98 3.44
C LEU O 139 -30.43 -34.03 2.83
N ASN O 140 -30.13 -33.53 1.64
CA ASN O 140 -31.09 -32.75 0.90
C ASN O 140 -30.97 -33.01 -0.61
N VAL O 141 -31.57 -34.11 -1.05
CA VAL O 141 -31.39 -34.54 -2.41
C VAL O 141 -31.87 -33.48 -3.41
N LEU O 142 -33.01 -32.86 -3.13
CA LEU O 142 -33.61 -31.88 -4.05
C LEU O 142 -32.91 -30.53 -4.07
N GLY O 143 -31.88 -30.36 -3.25
CA GLY O 143 -31.00 -29.24 -3.40
C GLY O 143 -30.03 -29.39 -4.58
N GLY O 144 -29.95 -30.57 -5.22
CA GLY O 144 -29.20 -30.73 -6.46
C GLY O 144 -27.81 -31.25 -6.32
N SER O 145 -27.37 -31.44 -5.11
CA SER O 145 -26.05 -32.00 -4.86
C SER O 145 -26.11 -33.50 -5.20
N LEU O 146 -25.07 -34.03 -5.84
CA LEU O 146 -25.06 -35.43 -6.25
C LEU O 146 -25.22 -36.42 -5.08
N PRO O 147 -26.24 -37.26 -5.11
CA PRO O 147 -26.45 -38.17 -3.98
C PRO O 147 -25.43 -39.28 -3.94
N VAL O 148 -24.92 -39.70 -5.08
CA VAL O 148 -23.92 -40.77 -5.09
C VAL O 148 -22.53 -40.26 -4.69
N ARG O 149 -22.02 -40.75 -3.57
CA ARG O 149 -20.75 -40.34 -3.05
C ARG O 149 -20.06 -41.50 -2.35
N PHE O 150 -18.73 -41.51 -2.46
CA PHE O 150 -17.91 -42.61 -1.93
C PHE O 150 -17.07 -42.14 -0.77
N THR O 151 -16.87 -43.04 0.18
CA THR O 151 -16.05 -42.83 1.33
C THR O 151 -15.11 -44.00 1.47
N LEU O 152 -13.87 -43.70 1.82
CA LEU O 152 -12.86 -44.74 2.06
C LEU O 152 -12.20 -44.50 3.41
N VAL O 153 -12.44 -45.38 4.35
CA VAL O 153 -11.89 -45.23 5.72
C VAL O 153 -10.84 -46.33 5.97
N SER O 154 -9.60 -45.94 6.22
CA SER O 154 -8.48 -46.91 6.39
C SER O 154 -7.79 -46.85 7.73
N CYS O 155 -7.45 -48.04 8.24
CA CYS O 155 -6.46 -48.20 9.30
C CYS O 155 -5.08 -47.94 8.75
N PRO O 156 -4.15 -47.49 9.60
CA PRO O 156 -2.75 -47.37 9.15
C PRO O 156 -2.19 -48.73 8.72
N GLY O 157 -1.51 -48.75 7.57
CA GLY O 157 -1.12 -49.98 6.90
C GLY O 157 -1.97 -50.31 5.67
N ASN O 158 -3.23 -49.87 5.65
CA ASN O 158 -4.15 -50.11 4.56
C ASN O 158 -4.46 -51.58 4.30
N GLU O 159 -4.52 -52.35 5.37
CA GLU O 159 -4.87 -53.79 5.31
C GLU O 159 -6.26 -54.06 5.89
N HIS O 160 -6.90 -53.01 6.36
CA HIS O 160 -8.26 -53.07 6.88
C HIS O 160 -8.92 -51.72 6.48
N VAL O 161 -9.89 -51.79 5.59
CA VAL O 161 -10.42 -50.63 4.96
C VAL O 161 -11.92 -50.81 4.88
N VAL O 162 -12.67 -49.74 5.02
CA VAL O 162 -14.08 -49.78 4.71
C VAL O 162 -14.37 -48.85 3.57
N LEU O 163 -14.99 -49.39 2.53
CA LEU O 163 -15.44 -48.62 1.38
C LEU O 163 -16.93 -48.46 1.45
N THR O 164 -17.40 -47.24 1.23
CA THR O 164 -18.83 -46.90 1.34
C THR O 164 -19.36 -46.21 0.12
N ILE O 165 -20.53 -46.65 -0.34
CA ILE O 165 -21.25 -46.01 -1.46
C ILE O 165 -22.59 -45.54 -0.89
N GLN O 166 -22.82 -44.23 -0.90
CA GLN O 166 -24.09 -43.69 -0.52
C GLN O 166 -24.88 -43.41 -1.75
N ILE O 167 -26.19 -43.63 -1.68
CA ILE O 167 -27.01 -43.57 -2.86
C ILE O 167 -28.48 -43.40 -2.51
N SER O 168 -29.20 -42.65 -3.33
CA SER O 168 -30.62 -42.41 -3.17
C SER O 168 -31.36 -43.54 -3.87
N HIS O 169 -32.48 -43.98 -3.31
CA HIS O 169 -33.23 -45.08 -3.90
C HIS O 169 -33.82 -44.70 -5.26
N SER O 170 -33.81 -43.41 -5.59
CA SER O 170 -34.19 -42.97 -6.92
C SER O 170 -33.21 -43.39 -7.96
N GLN O 171 -32.09 -44.00 -7.54
CA GLN O 171 -31.02 -44.34 -8.46
C GLN O 171 -30.77 -45.83 -8.58
N TRP O 172 -31.53 -46.66 -7.88
CA TRP O 172 -31.32 -48.10 -7.98
C TRP O 172 -32.61 -48.86 -7.68
N ASP O 173 -32.66 -50.13 -8.07
CA ASP O 173 -33.69 -51.02 -7.61
C ASP O 173 -33.15 -52.42 -7.39
N GLY O 174 -34.01 -53.32 -6.92
CA GLY O 174 -33.56 -54.63 -6.50
C GLY O 174 -32.98 -55.50 -7.60
N VAL O 175 -33.52 -55.34 -8.79
CA VAL O 175 -33.02 -56.05 -9.91
C VAL O 175 -31.61 -55.62 -10.28
N SER O 176 -31.33 -54.33 -10.19
CA SER O 176 -30.13 -53.77 -10.81
C SER O 176 -29.00 -53.47 -9.81
N ILE O 177 -29.31 -53.29 -8.53
CA ILE O 177 -28.24 -53.04 -7.55
C ILE O 177 -27.09 -54.10 -7.57
N PRO O 178 -27.40 -55.40 -7.78
CA PRO O 178 -26.28 -56.37 -7.83
C PRO O 178 -25.31 -56.13 -8.96
N LYS O 179 -25.80 -55.49 -10.01
CA LYS O 179 -24.97 -55.11 -11.12
C LYS O 179 -24.03 -53.95 -10.81
N LEU O 180 -24.42 -53.09 -9.91
CA LEU O 180 -23.50 -52.09 -9.47
C LEU O 180 -22.28 -52.78 -8.81
N PHE O 181 -22.53 -53.74 -7.94
CA PHE O 181 -21.45 -54.38 -7.22
C PHE O 181 -20.62 -55.25 -8.14
N SER O 182 -21.26 -56.00 -9.02
CA SER O 182 -20.48 -56.85 -9.89
C SER O 182 -19.68 -56.02 -10.86
N ASP O 183 -20.20 -54.87 -11.30
CA ASP O 183 -19.43 -54.01 -12.19
C ASP O 183 -18.23 -53.40 -11.45
N PHE O 184 -18.42 -53.00 -10.20
CA PHE O 184 -17.33 -52.49 -9.41
C PHE O 184 -16.23 -53.54 -9.34
N ALA O 185 -16.59 -54.78 -9.04
CA ALA O 185 -15.57 -55.81 -8.89
C ALA O 185 -14.81 -56.07 -10.21
N ALA O 186 -15.54 -56.14 -11.31
CA ALA O 186 -14.93 -56.33 -12.59
C ALA O 186 -13.98 -55.20 -12.95
N ILE O 187 -14.36 -53.97 -12.67
CA ILE O 187 -13.48 -52.87 -12.99
C ILE O 187 -12.23 -52.90 -12.12
N TYR O 188 -12.39 -53.19 -10.83
CA TYR O 188 -11.26 -53.34 -9.94
C TYR O 188 -10.34 -54.46 -10.43
N ASN O 189 -10.93 -55.60 -10.74
CA ASN O 189 -10.20 -56.77 -11.21
C ASN O 189 -9.68 -56.65 -12.64
N GLN O 190 -10.03 -55.57 -13.34
CA GLN O 190 -9.66 -55.39 -14.76
C GLN O 190 -10.19 -56.49 -15.67
N THR O 191 -11.39 -56.95 -15.36
CA THR O 191 -12.17 -57.87 -16.15
C THR O 191 -12.98 -57.02 -17.13
N PRO O 192 -13.10 -57.45 -18.40
CA PRO O 192 -13.89 -56.64 -19.34
C PRO O 192 -15.39 -56.65 -19.07
N LEU O 193 -16.06 -55.58 -19.48
CA LEU O 193 -17.50 -55.43 -19.28
C LEU O 193 -18.20 -55.17 -20.62
N PRO O 194 -19.33 -55.86 -20.84
CA PRO O 194 -20.13 -55.46 -22.00
C PRO O 194 -20.68 -54.02 -21.88
N PRO O 195 -21.00 -53.38 -23.01
CA PRO O 195 -21.72 -52.10 -22.92
C PRO O 195 -23.13 -52.28 -22.33
N THR O 196 -23.67 -51.19 -21.79
CA THR O 196 -24.96 -51.23 -21.12
C THR O 196 -25.75 -49.98 -21.52
N SER O 197 -27.01 -49.89 -21.10
CA SER O 197 -27.77 -48.67 -21.27
C SER O 197 -27.88 -47.92 -19.96
N ASP O 198 -28.46 -46.73 -20.06
CA ASP O 198 -28.66 -45.76 -19.02
C ASP O 198 -30.10 -45.79 -18.60
N PHE O 199 -30.38 -45.24 -17.41
CA PHE O 199 -31.75 -45.01 -17.03
C PHE O 199 -32.45 -44.05 -18.01
N ALA O 200 -31.70 -43.10 -18.57
CA ALA O 200 -32.29 -42.18 -19.52
C ALA O 200 -32.87 -42.89 -20.72
N HIS O 201 -32.16 -43.91 -21.22
CA HIS O 201 -32.66 -44.72 -22.32
C HIS O 201 -33.98 -45.39 -21.98
N TYR O 202 -34.16 -45.79 -20.73
CA TYR O 202 -35.43 -46.36 -20.30
C TYR O 202 -36.56 -45.33 -20.42
N LEU O 203 -36.28 -44.09 -20.05
CA LEU O 203 -37.30 -43.06 -20.13
C LEU O 203 -37.67 -42.74 -21.58
N TYR O 204 -36.67 -42.70 -22.45
CA TYR O 204 -36.92 -42.42 -23.86
C TYR O 204 -37.71 -43.54 -24.48
N HIS O 205 -37.39 -44.77 -24.09
CA HIS O 205 -38.09 -45.94 -24.64
C HIS O 205 -39.54 -45.95 -24.23
N ARG O 206 -39.85 -45.65 -22.98
CA ARG O 206 -41.28 -45.54 -22.55
C ARG O 206 -42.05 -44.54 -23.38
N VAL O 207 -41.44 -43.40 -23.67
CA VAL O 207 -42.16 -42.33 -24.38
C VAL O 207 -42.38 -42.72 -25.84
N SER O 208 -41.42 -43.40 -26.44
CA SER O 208 -41.54 -43.77 -27.85
C SER O 208 -42.66 -44.78 -28.09
N SER O 209 -43.10 -45.47 -27.05
CA SER O 209 -44.12 -46.49 -27.18
C SER O 209 -45.51 -45.92 -26.86
N ALA O 210 -45.55 -44.70 -26.35
CA ALA O 210 -46.82 -44.02 -26.05
C ALA O 210 -47.36 -43.36 -27.32
N ARG O 211 -48.67 -43.19 -27.40
CA ARG O 211 -49.31 -42.51 -28.54
C ARG O 211 -49.59 -41.09 -28.17
N GLU O 212 -49.58 -40.19 -29.14
CA GLU O 212 -49.76 -38.79 -28.84
C GLU O 212 -51.23 -38.47 -28.47
N ASP O 213 -52.21 -39.18 -29.05
CA ASP O 213 -53.61 -39.11 -28.56
C ASP O 213 -53.79 -40.15 -27.46
N VAL O 214 -54.16 -39.69 -26.29
CA VAL O 214 -54.06 -40.50 -25.12
C VAL O 214 -55.27 -41.40 -25.00
N GLN O 215 -56.37 -41.00 -25.66
CA GLN O 215 -57.61 -41.80 -25.67
C GLN O 215 -57.49 -42.95 -26.67
N GLN O 216 -56.47 -42.95 -27.52
CA GLN O 216 -56.17 -44.07 -28.44
C GLN O 216 -55.04 -45.02 -27.95
N ASP O 217 -54.54 -44.79 -26.74
CA ASP O 217 -53.42 -45.56 -26.20
C ASP O 217 -53.98 -46.81 -25.56
N PRO O 218 -53.59 -47.98 -26.07
CA PRO O 218 -54.09 -49.23 -25.52
C PRO O 218 -53.90 -49.30 -24.00
N THR O 219 -52.83 -48.69 -23.51
CA THR O 219 -52.50 -48.74 -22.09
C THR O 219 -53.52 -48.01 -21.26
N PHE O 220 -53.90 -46.82 -21.67
CA PHE O 220 -54.92 -46.12 -20.89
C PHE O 220 -56.32 -46.69 -21.09
N GLN O 221 -56.54 -47.29 -22.25
CA GLN O 221 -57.78 -48.02 -22.48
C GLN O 221 -57.81 -49.20 -21.51
N PHE O 222 -56.70 -49.92 -21.41
CA PHE O 222 -56.65 -51.04 -20.51
C PHE O 222 -56.97 -50.62 -19.10
N TRP O 223 -56.33 -49.56 -18.61
CA TRP O 223 -56.53 -49.18 -17.20
C TRP O 223 -57.94 -48.70 -16.95
N ARG O 224 -58.55 -48.06 -17.96
CA ARG O 224 -59.93 -47.59 -17.87
C ARG O 224 -60.85 -48.77 -17.63
N HIS O 225 -60.69 -49.80 -18.45
CA HIS O 225 -61.50 -51.02 -18.32
C HIS O 225 -61.18 -51.74 -17.01
N TYR O 226 -59.88 -51.87 -16.71
CA TYR O 226 -59.44 -52.55 -15.49
C TYR O 226 -60.00 -51.94 -14.21
N LEU O 227 -60.11 -50.61 -14.16
CA LEU O 227 -60.55 -49.90 -12.96
C LEU O 227 -62.00 -49.43 -12.99
N ASP O 228 -62.70 -49.72 -14.07
CA ASP O 228 -64.10 -49.34 -14.22
C ASP O 228 -64.96 -49.76 -13.02
N GLY O 229 -65.63 -48.79 -12.42
CA GLY O 229 -66.52 -49.04 -11.30
C GLY O 229 -65.80 -49.31 -10.00
N ALA O 230 -64.48 -49.16 -9.98
CA ALA O 230 -63.71 -49.44 -8.78
C ALA O 230 -63.65 -48.24 -7.86
N LYS O 231 -63.48 -48.51 -6.57
CA LYS O 231 -63.17 -47.45 -5.57
C LYS O 231 -61.93 -47.87 -4.82
N MET O 232 -61.09 -46.88 -4.51
CA MET O 232 -59.85 -47.14 -3.78
C MET O 232 -59.97 -46.61 -2.39
N ALA O 233 -60.20 -47.52 -1.46
CA ALA O 233 -60.42 -47.15 -0.10
C ALA O 233 -59.10 -46.95 0.60
N VAL O 234 -59.16 -46.20 1.68
CA VAL O 234 -58.05 -45.96 2.55
C VAL O 234 -58.24 -46.82 3.77
N PRO O 235 -57.51 -47.93 3.86
CA PRO O 235 -57.72 -48.80 5.04
C PRO O 235 -57.20 -48.27 6.38
N PHE O 236 -56.25 -47.34 6.39
CA PHE O 236 -55.70 -46.79 7.65
C PHE O 236 -55.44 -45.28 7.63
N ALA O 237 -55.82 -44.57 8.71
CA ALA O 237 -55.81 -43.06 8.78
C ALA O 237 -54.46 -42.35 8.83
N GLN O 255 -43.57 -40.83 14.29
CA GLN O 255 -42.43 -41.76 14.07
C GLN O 255 -42.60 -43.08 13.18
N THR O 256 -41.58 -43.41 12.37
CA THR O 256 -41.60 -44.60 11.47
C THR O 256 -41.46 -45.88 12.28
N LEU O 257 -42.34 -46.86 12.09
CA LEU O 257 -42.22 -48.16 12.74
C LEU O 257 -42.15 -49.34 11.78
N TRP O 258 -41.29 -50.29 12.09
CA TRP O 258 -41.18 -51.55 11.40
C TRP O 258 -41.64 -52.67 12.33
N THR O 259 -42.43 -53.58 11.81
CA THR O 259 -42.91 -54.71 12.55
C THR O 259 -42.73 -55.98 11.71
N PHE O 260 -42.16 -57.03 12.32
CA PHE O 260 -41.78 -58.25 11.61
C PHE O 260 -42.53 -59.48 12.11
N LYS O 261 -42.75 -60.43 11.21
CA LYS O 261 -43.34 -61.69 11.57
C LYS O 261 -42.91 -62.78 10.61
N GLY O 262 -42.18 -63.77 11.12
CA GLY O 262 -41.77 -64.94 10.33
C GLY O 262 -42.77 -66.10 10.37
N ILE O 263 -42.90 -66.81 9.24
CA ILE O 263 -43.64 -68.06 9.18
C ILE O 263 -42.79 -69.08 8.41
N VAL O 264 -43.18 -70.33 8.50
CA VAL O 264 -42.55 -71.39 7.73
C VAL O 264 -42.82 -71.12 6.23
N PRO O 265 -41.81 -71.33 5.35
CA PRO O 265 -42.09 -71.00 3.96
C PRO O 265 -43.30 -71.78 3.43
N PRO O 266 -44.31 -71.06 2.92
CA PRO O 266 -45.49 -71.69 2.35
C PRO O 266 -45.18 -72.60 1.16
N THR O 267 -45.96 -73.65 1.04
CA THR O 267 -45.89 -74.54 -0.10
C THR O 267 -46.80 -73.95 -1.14
N LEU O 268 -46.29 -73.90 -2.35
CA LEU O 268 -47.01 -73.23 -3.41
C LEU O 268 -47.92 -74.19 -4.15
N PRO O 269 -49.19 -73.84 -4.24
CA PRO O 269 -50.06 -74.60 -5.13
C PRO O 269 -49.54 -74.56 -6.54
N SER O 270 -49.84 -75.59 -7.30
CA SER O 270 -49.40 -75.69 -8.66
C SER O 270 -49.79 -74.43 -9.44
N GLY O 271 -48.80 -73.89 -10.17
CA GLY O 271 -48.97 -72.73 -11.06
C GLY O 271 -49.06 -71.35 -10.42
N ILE O 272 -48.83 -71.25 -9.12
CA ILE O 272 -49.07 -70.03 -8.36
C ILE O 272 -47.76 -69.58 -7.77
N THR O 273 -47.44 -68.30 -7.94
CA THR O 273 -46.22 -67.77 -7.40
C THR O 273 -46.45 -67.35 -5.98
N MET O 274 -45.34 -67.19 -5.27
CA MET O 274 -45.36 -66.70 -3.92
C MET O 274 -45.99 -65.31 -3.83
N ALA O 275 -45.65 -64.45 -4.79
CA ALA O 275 -46.18 -63.10 -4.80
C ALA O 275 -47.69 -63.12 -4.83
N THR O 276 -48.25 -64.02 -5.64
CA THR O 276 -49.69 -64.14 -5.77
C THR O 276 -50.31 -64.50 -4.43
N LEU O 277 -49.67 -65.43 -3.76
CA LEU O 277 -50.14 -65.89 -2.47
C LEU O 277 -50.21 -64.75 -1.45
N VAL O 278 -49.14 -63.99 -1.37
CA VAL O 278 -49.11 -62.81 -0.51
C VAL O 278 -50.20 -61.76 -0.86
N LYS O 279 -50.42 -61.50 -2.14
CA LYS O 279 -51.36 -60.50 -2.52
C LYS O 279 -52.78 -60.96 -2.30
N ALA O 280 -53.04 -62.24 -2.51
CA ALA O 280 -54.39 -62.78 -2.31
C ALA O 280 -54.72 -62.69 -0.84
N ALA O 281 -53.75 -63.00 0.00
CA ALA O 281 -53.95 -62.94 1.42
C ALA O 281 -54.30 -61.52 1.83
N THR O 282 -53.57 -60.57 1.27
CA THR O 282 -53.78 -59.17 1.58
C THR O 282 -55.18 -58.72 1.12
N ALA O 283 -55.60 -59.21 -0.04
CA ALA O 283 -56.94 -58.92 -0.57
C ALA O 283 -58.06 -59.47 0.30
N LEU O 284 -57.93 -60.72 0.73
CA LEU O 284 -58.91 -61.32 1.62
C LEU O 284 -58.99 -60.51 2.89
N PHE O 285 -57.83 -60.16 3.46
CA PHE O 285 -57.81 -59.36 4.68
C PHE O 285 -58.55 -58.03 4.49
N LEU O 286 -58.27 -57.33 3.41
CA LEU O 286 -58.90 -56.05 3.17
C LEU O 286 -60.37 -56.18 2.94
N SER O 287 -60.75 -57.25 2.25
CA SER O 287 -62.15 -57.56 2.02
C SER O 287 -62.94 -57.50 3.34
N TYR O 288 -62.43 -58.21 4.36
CA TYR O 288 -63.03 -58.21 5.69
C TYR O 288 -62.84 -56.89 6.44
N HIS O 289 -61.65 -56.30 6.38
CA HIS O 289 -61.37 -55.09 7.15
C HIS O 289 -62.21 -53.89 6.71
N LEU O 290 -62.36 -53.72 5.41
CA LEU O 290 -63.35 -52.82 4.86
C LEU O 290 -64.59 -53.69 4.82
N GLY O 291 -65.69 -53.23 4.29
CA GLY O 291 -66.79 -54.18 4.14
C GLY O 291 -67.03 -54.37 2.68
N SER O 292 -66.08 -54.95 1.97
CA SER O 292 -66.12 -54.84 0.52
C SER O 292 -65.72 -56.11 -0.17
N ARG O 293 -66.36 -56.34 -1.30
CA ARG O 293 -66.12 -57.50 -2.12
C ARG O 293 -65.24 -57.07 -3.35
N ASP O 294 -65.01 -55.75 -3.47
CA ASP O 294 -64.20 -55.20 -4.54
C ASP O 294 -63.12 -54.27 -3.94
N VAL O 295 -61.87 -54.74 -3.89
CA VAL O 295 -60.78 -54.00 -3.26
C VAL O 295 -59.68 -53.60 -4.25
N VAL O 296 -59.15 -52.41 -4.03
CA VAL O 296 -58.02 -51.91 -4.79
C VAL O 296 -56.92 -51.37 -3.89
N PHE O 297 -55.71 -51.87 -4.07
CA PHE O 297 -54.56 -51.45 -3.30
C PHE O 297 -53.36 -51.43 -4.18
N GLY O 298 -52.26 -50.89 -3.68
CA GLY O 298 -51.10 -50.73 -4.52
C GLY O 298 -50.18 -51.92 -4.40
N HIS O 299 -49.39 -52.12 -5.44
CA HIS O 299 -48.30 -53.06 -5.34
C HIS O 299 -47.13 -52.65 -6.23
N THR O 300 -45.95 -53.14 -5.87
CA THR O 300 -44.71 -52.79 -6.53
C THR O 300 -44.40 -53.77 -7.66
N VAL O 301 -44.15 -53.23 -8.85
CA VAL O 301 -43.79 -54.04 -10.00
C VAL O 301 -42.45 -53.55 -10.54
N ASN O 302 -41.75 -54.41 -11.25
CA ASN O 302 -40.37 -54.15 -11.54
C ASN O 302 -40.14 -53.24 -12.73
N GLY O 303 -41.16 -53.10 -13.57
CA GLY O 303 -41.12 -52.14 -14.66
C GLY O 303 -40.21 -52.47 -15.83
N ARG O 304 -39.77 -53.72 -15.90
CA ARG O 304 -38.76 -54.12 -16.86
C ARG O 304 -39.28 -55.12 -17.90
N ASN O 305 -40.59 -55.19 -18.08
CA ASN O 305 -41.19 -56.03 -19.11
C ASN O 305 -41.38 -55.28 -20.45
N LEU O 306 -40.31 -54.73 -20.97
CA LEU O 306 -40.37 -53.91 -22.14
C LEU O 306 -39.32 -54.40 -23.12
N PRO O 307 -39.62 -54.36 -24.42
CA PRO O 307 -38.69 -54.84 -25.43
C PRO O 307 -37.56 -53.84 -25.74
N MET O 308 -36.64 -53.65 -24.81
CA MET O 308 -35.55 -52.70 -24.99
C MET O 308 -34.25 -53.41 -24.63
N ASP O 309 -33.16 -53.05 -25.29
CA ASP O 309 -31.90 -53.72 -25.07
C ASP O 309 -31.41 -53.39 -23.68
N ASN O 310 -30.88 -54.42 -23.02
CA ASN O 310 -30.30 -54.34 -21.69
C ASN O 310 -31.27 -53.98 -20.60
N ILE O 311 -32.56 -54.17 -20.81
CA ILE O 311 -33.48 -53.69 -19.83
C ILE O 311 -33.36 -54.45 -18.53
N GLU O 312 -32.87 -55.67 -18.59
CA GLU O 312 -32.71 -56.49 -17.41
C GLU O 312 -31.51 -56.09 -16.53
N SER O 313 -30.55 -55.35 -17.09
CA SER O 313 -29.35 -55.04 -16.38
C SER O 313 -29.09 -53.52 -16.12
N LEU O 314 -29.80 -52.61 -16.79
CA LEU O 314 -29.48 -51.20 -16.68
C LEU O 314 -29.70 -50.67 -15.28
N LEU O 315 -28.87 -49.75 -14.85
CA LEU O 315 -28.92 -49.33 -13.47
C LEU O 315 -29.89 -48.18 -13.32
N GLY O 316 -30.79 -48.32 -12.38
CA GLY O 316 -31.75 -47.26 -12.15
C GLY O 316 -32.94 -47.78 -11.40
N CYS O 317 -33.88 -46.90 -11.14
CA CYS O 317 -35.07 -47.24 -10.42
C CYS O 317 -36.23 -47.31 -11.42
N THR O 318 -36.45 -48.49 -11.98
CA THR O 318 -37.55 -48.69 -12.90
C THR O 318 -38.81 -49.16 -12.20
N LEU O 319 -38.74 -49.37 -10.89
CA LEU O 319 -39.89 -49.78 -10.09
C LEU O 319 -41.08 -48.91 -10.36
N ASN O 320 -42.24 -49.48 -10.19
CA ASN O 320 -43.46 -48.74 -10.24
C ASN O 320 -44.40 -49.23 -9.16
N PHE O 321 -45.23 -48.32 -8.68
CA PHE O 321 -46.29 -48.64 -7.74
C PHE O 321 -47.65 -48.43 -8.42
N VAL O 322 -48.37 -49.53 -8.67
CA VAL O 322 -49.58 -49.48 -9.47
C VAL O 322 -50.78 -50.14 -8.79
N PRO O 323 -51.99 -49.87 -9.29
CA PRO O 323 -53.16 -50.48 -8.68
C PRO O 323 -53.30 -51.96 -8.98
N LEU O 324 -53.69 -52.70 -7.97
CA LEU O 324 -54.08 -54.10 -8.12
C LEU O 324 -55.49 -54.24 -7.59
N ARG O 325 -56.34 -54.80 -8.41
CA ARG O 325 -57.77 -54.91 -8.10
C ARG O 325 -58.18 -56.36 -7.95
N VAL O 326 -58.78 -56.68 -6.80
CA VAL O 326 -59.27 -58.02 -6.56
C VAL O 326 -60.75 -57.91 -6.27
N THR O 327 -61.54 -58.56 -7.13
CA THR O 327 -63.00 -58.56 -7.06
C THR O 327 -63.52 -59.93 -6.71
N PHE O 328 -64.03 -60.07 -5.49
CA PHE O 328 -64.71 -61.33 -5.09
C PHE O 328 -66.11 -61.36 -5.74
N PRO O 329 -66.59 -62.55 -6.14
CA PRO O 329 -67.89 -62.58 -6.85
C PRO O 329 -69.10 -62.15 -6.01
N GLU O 330 -70.04 -61.55 -6.72
CA GLU O 330 -71.25 -60.95 -6.20
C GLU O 330 -72.23 -61.99 -5.69
N ASP O 331 -72.44 -62.98 -6.52
CA ASP O 331 -73.61 -63.74 -6.52
C ASP O 331 -73.42 -65.03 -5.82
N SER O 332 -74.10 -66.08 -6.26
CA SER O 332 -74.04 -67.30 -5.47
C SER O 332 -72.63 -67.96 -5.43
N THR O 333 -71.92 -67.82 -6.55
CA THR O 333 -70.62 -68.42 -6.79
C THR O 333 -69.76 -68.78 -5.57
N ASP O 334 -69.54 -70.08 -5.37
CA ASP O 334 -68.57 -70.59 -4.35
C ASP O 334 -67.08 -70.91 -4.67
N TRP O 335 -66.38 -69.85 -4.36
CA TRP O 335 -64.98 -69.76 -4.54
C TRP O 335 -64.16 -70.50 -3.52
N THR O 336 -63.18 -71.23 -4.04
CA THR O 336 -62.10 -71.78 -3.24
C THR O 336 -60.91 -70.82 -3.15
N VAL O 337 -59.97 -71.17 -2.30
CA VAL O 337 -58.71 -70.46 -2.23
C VAL O 337 -58.08 -70.46 -3.63
N MET O 338 -58.04 -71.62 -4.29
CA MET O 338 -57.45 -71.68 -5.63
C MET O 338 -58.09 -70.67 -6.57
N ASP O 339 -59.40 -70.55 -6.53
CA ASP O 339 -60.07 -69.60 -7.40
C ASP O 339 -59.54 -68.18 -7.14
N LEU O 340 -59.38 -67.84 -5.87
CA LEU O 340 -58.90 -66.52 -5.51
C LEU O 340 -57.44 -66.33 -6.01
N LEU O 341 -56.63 -67.36 -5.85
CA LEU O 341 -55.27 -67.31 -6.28
C LEU O 341 -55.19 -67.10 -7.79
N HIS O 342 -55.93 -67.88 -8.55
CA HIS O 342 -55.87 -67.74 -10.01
C HIS O 342 -56.37 -66.36 -10.42
N HIS O 343 -57.40 -65.88 -9.77
CA HIS O 343 -57.96 -64.57 -10.08
C HIS O 343 -56.92 -63.47 -9.77
N THR O 344 -56.32 -63.53 -8.57
CA THR O 344 -55.33 -62.55 -8.16
C THR O 344 -54.16 -62.54 -9.13
N GLN O 345 -53.66 -63.72 -9.47
CA GLN O 345 -52.55 -63.83 -10.41
C GLN O 345 -52.88 -63.26 -11.82
N THR O 346 -54.08 -63.53 -12.31
CA THR O 346 -54.54 -62.98 -13.58
C THR O 346 -54.71 -61.46 -13.55
N GLN O 347 -55.12 -60.92 -12.41
CA GLN O 347 -55.22 -59.48 -12.23
C GLN O 347 -53.85 -58.77 -12.23
N TYR O 348 -52.79 -59.52 -12.01
CA TYR O 348 -51.46 -59.02 -12.16
C TYR O 348 -51.01 -59.19 -13.60
N THR O 349 -51.16 -60.38 -14.15
CA THR O 349 -50.67 -60.63 -15.51
C THR O 349 -51.38 -59.83 -16.61
N ARG O 350 -52.65 -59.54 -16.41
CA ARG O 350 -53.39 -58.69 -17.35
C ARG O 350 -52.68 -57.33 -17.53
N ALA O 351 -52.02 -56.83 -16.48
CA ALA O 351 -51.43 -55.52 -16.49
C ALA O 351 -49.98 -55.49 -17.01
N LEU O 352 -49.39 -56.65 -17.33
CA LEU O 352 -47.93 -56.74 -17.57
C LEU O 352 -47.45 -55.83 -18.64
N SER O 353 -48.24 -55.67 -19.65
CA SER O 353 -47.88 -54.82 -20.80
C SER O 353 -48.12 -53.33 -20.52
N HIS O 354 -48.73 -53.00 -19.39
CA HIS O 354 -49.20 -51.66 -19.11
C HIS O 354 -48.72 -51.12 -17.78
N GLU O 355 -47.83 -51.84 -17.08
CA GLU O 355 -47.47 -51.58 -15.67
C GLU O 355 -46.38 -50.51 -15.55
N HIS O 356 -45.93 -50.01 -16.68
CA HIS O 356 -44.75 -49.17 -16.72
C HIS O 356 -45.05 -47.67 -16.80
N VAL O 357 -46.32 -47.27 -16.86
CA VAL O 357 -46.69 -45.87 -17.02
C VAL O 357 -46.86 -45.19 -15.67
N GLU O 358 -46.70 -43.87 -15.65
CA GLU O 358 -46.84 -43.10 -14.42
C GLU O 358 -48.23 -43.30 -13.81
N LEU O 359 -48.28 -43.42 -12.50
CA LEU O 359 -49.52 -43.65 -11.80
C LEU O 359 -50.47 -42.44 -11.96
N ARG O 360 -49.94 -41.22 -11.93
CA ARG O 360 -50.76 -40.04 -12.07
C ARG O 360 -51.38 -39.99 -13.48
N ASP O 361 -50.69 -40.53 -14.48
CA ASP O 361 -51.27 -40.65 -15.79
C ASP O 361 -52.37 -41.68 -15.85
N ILE O 362 -52.22 -42.77 -15.12
CA ILE O 362 -53.28 -43.75 -15.05
C ILE O 362 -54.55 -43.09 -14.47
N PHE O 363 -54.40 -42.43 -13.35
CA PHE O 363 -55.53 -41.82 -12.69
C PHE O 363 -56.14 -40.70 -13.50
N GLN O 364 -55.31 -39.89 -14.14
CA GLN O 364 -55.83 -38.80 -14.93
C GLN O 364 -56.58 -39.25 -16.18
N HIS O 365 -55.99 -40.18 -16.95
CA HIS O 365 -56.53 -40.53 -18.25
C HIS O 365 -57.49 -41.71 -18.23
N SER O 366 -57.56 -42.43 -17.12
CA SER O 366 -58.31 -43.66 -17.11
C SER O 366 -59.32 -43.73 -15.97
N THR O 367 -59.42 -42.67 -15.17
CA THR O 367 -60.39 -42.62 -14.09
C THR O 367 -60.97 -41.22 -13.95
N ASN O 368 -61.95 -41.09 -13.09
CA ASN O 368 -62.46 -39.76 -12.64
C ASN O 368 -61.69 -39.28 -11.41
N TRP O 369 -60.86 -40.15 -10.82
CA TRP O 369 -60.13 -39.82 -9.60
C TRP O 369 -59.15 -38.67 -9.83
N PRO O 370 -58.93 -37.85 -8.79
CA PRO O 370 -57.86 -36.84 -8.87
C PRO O 370 -56.50 -37.47 -9.18
N ALA O 371 -55.76 -36.84 -10.07
CA ALA O 371 -54.47 -37.36 -10.53
C ALA O 371 -53.44 -37.62 -9.40
N GLU O 372 -53.45 -36.79 -8.36
CA GLU O 372 -52.48 -36.89 -7.28
C GLU O 372 -52.99 -37.74 -6.16
N THR O 373 -54.03 -38.52 -6.42
CA THR O 373 -54.51 -39.47 -5.44
C THR O 373 -53.36 -40.43 -5.06
N PRO O 374 -52.99 -40.48 -3.79
CA PRO O 374 -51.97 -41.43 -3.34
C PRO O 374 -52.50 -42.84 -3.14
N LEU O 375 -51.64 -43.83 -3.34
CA LEU O 375 -51.87 -45.19 -2.86
C LEU O 375 -51.72 -45.18 -1.34
N SER O 376 -52.62 -45.84 -0.63
CA SER O 376 -52.53 -45.86 0.85
C SER O 376 -52.03 -47.19 1.39
N LEU O 377 -52.06 -48.23 0.57
CA LEU O 377 -51.47 -49.48 0.95
C LEU O 377 -50.65 -50.00 -0.23
N ILE O 378 -49.42 -50.43 0.06
CA ILE O 378 -48.57 -51.00 -1.00
C ILE O 378 -47.94 -52.30 -0.52
N VAL O 379 -48.08 -53.33 -1.33
CA VAL O 379 -47.48 -54.60 -1.08
C VAL O 379 -46.29 -54.80 -1.99
N GLN O 380 -45.14 -55.09 -1.41
CA GLN O 380 -43.92 -55.34 -2.18
C GLN O 380 -43.33 -56.72 -1.92
N HIS O 381 -43.47 -57.65 -2.85
CA HIS O 381 -42.89 -58.95 -2.64
C HIS O 381 -41.44 -58.92 -3.14
N GLN O 382 -40.50 -59.31 -2.30
CA GLN O 382 -39.07 -59.18 -2.60
C GLN O 382 -38.47 -60.43 -3.21
N ASN O 383 -38.90 -60.79 -4.42
CA ASN O 383 -38.29 -61.90 -5.10
C ASN O 383 -37.05 -61.49 -5.94
N ILE O 384 -36.09 -60.91 -5.27
CA ILE O 384 -34.85 -60.39 -5.88
C ILE O 384 -33.70 -60.83 -4.97
N ASP O 385 -32.46 -60.52 -5.32
CA ASP O 385 -31.31 -60.86 -4.46
C ASP O 385 -31.38 -60.23 -3.08
N LEU O 386 -31.23 -61.04 -2.05
CA LEU O 386 -31.29 -60.58 -0.67
C LEU O 386 -29.89 -60.54 -0.06
N SER O 387 -28.91 -61.16 -0.73
CA SER O 387 -27.48 -61.11 -0.36
C SER O 387 -26.62 -60.56 -1.45
N PHE O 388 -25.44 -60.05 -1.08
CA PHE O 388 -24.51 -59.43 -2.03
C PHE O 388 -23.04 -59.79 -1.83
N SER O 389 -22.28 -59.72 -2.91
CA SER O 389 -20.83 -60.02 -2.89
C SER O 389 -20.07 -59.01 -3.75
N LEU O 390 -18.80 -58.85 -3.40
CA LEU O 390 -17.91 -57.98 -4.10
C LEU O 390 -16.61 -58.74 -4.13
N PRO O 391 -16.47 -59.66 -5.09
CA PRO O 391 -15.31 -60.59 -5.19
C PRO O 391 -14.05 -59.92 -5.73
N LEU O 392 -13.45 -59.05 -4.95
CA LEU O 392 -12.20 -58.38 -5.33
C LEU O 392 -11.03 -59.39 -5.25
N ARG O 393 -10.10 -59.37 -6.23
CA ARG O 393 -8.95 -60.30 -6.23
C ARG O 393 -7.67 -59.87 -5.49
N SER O 406 -5.09 -62.36 -1.81
CA SER O 406 -6.42 -62.83 -1.38
C SER O 406 -7.19 -61.89 -0.39
N LEU O 407 -8.38 -61.41 -0.80
CA LEU O 407 -9.09 -60.35 -0.05
C LEU O 407 -10.38 -60.84 0.57
N ASP O 408 -10.55 -60.57 1.86
CA ASP O 408 -11.74 -60.89 2.57
C ASP O 408 -12.66 -59.66 2.53
N VAL O 409 -13.87 -59.82 2.00
CA VAL O 409 -14.76 -58.69 1.76
C VAL O 409 -16.15 -58.94 2.35
N GLN O 410 -16.54 -58.18 3.36
CA GLN O 410 -17.86 -58.33 4.03
C GLN O 410 -18.79 -57.15 3.79
N TYR O 411 -20.07 -57.46 3.71
CA TYR O 411 -21.12 -56.56 3.31
C TYR O 411 -21.89 -56.14 4.55
N SER O 412 -22.23 -54.87 4.61
CA SER O 412 -23.25 -54.40 5.56
C SER O 412 -23.84 -53.09 5.00
N LYS O 413 -24.90 -52.59 5.60
CA LYS O 413 -25.52 -51.40 5.09
C LYS O 413 -26.16 -50.59 6.15
N PHE O 414 -26.31 -49.32 5.87
CA PHE O 414 -27.14 -48.45 6.68
C PHE O 414 -28.28 -47.99 5.78
N ALA O 415 -29.43 -47.71 6.37
CA ALA O 415 -30.58 -47.34 5.57
C ALA O 415 -31.48 -46.35 6.24
N ARG O 416 -32.03 -45.40 5.49
CA ARG O 416 -33.19 -44.59 5.91
C ARG O 416 -34.36 -44.79 4.98
N PHE O 417 -35.56 -44.75 5.53
CA PHE O 417 -36.81 -44.82 4.79
C PHE O 417 -37.97 -44.41 5.69
N ASP O 418 -38.69 -43.34 5.32
CA ASP O 418 -39.79 -42.82 6.19
C ASP O 418 -41.09 -42.61 5.43
N PRO O 419 -42.05 -43.51 5.58
CA PRO O 419 -43.29 -43.33 4.88
C PRO O 419 -44.08 -42.12 5.29
N LEU O 420 -44.95 -41.64 4.39
CA LEU O 420 -45.88 -40.55 4.68
C LEU O 420 -47.17 -41.12 5.28
N ASP O 421 -48.29 -41.09 4.55
CA ASP O 421 -49.55 -41.64 5.08
C ASP O 421 -49.78 -43.09 4.72
N GLU O 422 -49.00 -43.63 3.79
CA GLU O 422 -49.28 -44.97 3.28
C GLU O 422 -48.75 -46.04 4.21
N VAL O 423 -49.28 -47.25 4.06
CA VAL O 423 -48.72 -48.40 4.77
C VAL O 423 -48.04 -49.31 3.75
N TRP O 424 -46.86 -49.81 4.10
CA TRP O 424 -46.11 -50.74 3.24
C TRP O 424 -46.10 -52.11 3.88
N ILE O 425 -46.38 -53.13 3.08
CA ILE O 425 -46.18 -54.48 3.48
C ILE O 425 -45.13 -55.12 2.57
N PHE O 426 -44.00 -55.51 3.15
CA PHE O 426 -42.93 -56.19 2.45
C PHE O 426 -42.98 -57.66 2.82
N THR O 427 -42.73 -58.54 1.87
CA THR O 427 -42.51 -59.95 2.15
C THR O 427 -41.13 -60.42 1.61
N GLU O 428 -40.30 -60.96 2.49
CA GLU O 428 -38.98 -61.44 2.11
C GLU O 428 -38.96 -62.95 2.18
N PRO O 429 -38.77 -63.60 1.04
CA PRO O 429 -38.68 -65.05 1.01
C PRO O 429 -37.24 -65.54 1.26
N HIS O 430 -36.94 -65.87 2.49
CA HIS O 430 -35.66 -66.53 2.80
C HIS O 430 -35.77 -68.06 2.71
N ALA O 431 -34.63 -68.72 2.83
CA ALA O 431 -34.56 -70.19 2.79
C ALA O 431 -35.33 -70.87 3.92
N ASP O 432 -35.24 -70.29 5.13
CA ASP O 432 -35.84 -70.88 6.33
C ASP O 432 -37.19 -70.28 6.71
N ARG O 433 -37.56 -69.14 6.13
CA ARG O 433 -38.81 -68.46 6.51
C ARG O 433 -39.27 -67.51 5.44
N LEU O 434 -40.57 -67.19 5.49
CA LEU O 434 -41.14 -66.07 4.76
C LEU O 434 -41.36 -65.00 5.80
N GLU O 435 -40.72 -63.85 5.63
CA GLU O 435 -40.84 -62.77 6.58
C GLU O 435 -41.78 -61.67 6.10
N VAL O 436 -42.78 -61.37 6.91
CA VAL O 436 -43.73 -60.33 6.60
C VAL O 436 -43.37 -59.11 7.40
N GLN O 437 -43.17 -57.98 6.71
CA GLN O 437 -42.74 -56.75 7.33
C GLN O 437 -43.76 -55.68 7.07
N VAL O 438 -44.17 -54.98 8.12
CA VAL O 438 -45.05 -53.85 7.97
C VAL O 438 -44.26 -52.60 8.30
N CYS O 439 -44.38 -51.56 7.47
CA CYS O 439 -43.72 -50.32 7.73
C CYS O 439 -44.68 -49.18 7.53
N ALA O 440 -44.84 -48.38 8.56
CA ALA O 440 -45.76 -47.24 8.51
C ALA O 440 -45.44 -46.28 9.63
N ASN O 441 -45.85 -45.04 9.45
CA ASN O 441 -45.74 -44.07 10.51
C ASN O 441 -46.68 -44.46 11.66
N SER O 442 -46.26 -44.23 12.91
CA SER O 442 -47.08 -44.62 14.11
C SER O 442 -48.41 -43.86 14.22
N ARG O 443 -48.51 -42.68 13.62
CA ARG O 443 -49.79 -41.95 13.66
C ARG O 443 -50.77 -42.59 12.71
N VAL O 444 -50.31 -43.47 11.82
CA VAL O 444 -51.20 -44.15 10.88
C VAL O 444 -51.48 -45.55 11.39
N LEU O 445 -50.48 -46.19 11.97
CA LEU O 445 -50.60 -47.58 12.37
C LEU O 445 -49.70 -47.79 13.57
N GLY O 446 -50.32 -47.79 14.75
CA GLY O 446 -49.62 -47.92 16.01
C GLY O 446 -49.11 -49.32 16.19
N GLN O 447 -48.22 -49.50 17.15
CA GLN O 447 -47.50 -50.75 17.28
C GLN O 447 -48.40 -51.97 17.42
N GLU O 448 -49.52 -51.83 18.14
CA GLU O 448 -50.37 -52.97 18.43
C GLU O 448 -51.20 -53.27 17.17
N GLN O 449 -51.59 -52.24 16.42
CA GLN O 449 -52.34 -52.43 15.18
C GLN O 449 -51.44 -53.06 14.11
N ALA O 450 -50.18 -52.64 14.08
CA ALA O 450 -49.21 -53.17 13.12
C ALA O 450 -48.91 -54.61 13.40
N THR O 451 -48.73 -54.92 14.68
CA THR O 451 -48.50 -56.30 15.08
C THR O 451 -49.68 -57.19 14.68
N GLU O 452 -50.90 -56.70 14.83
CA GLU O 452 -52.06 -57.47 14.46
C GLU O 452 -52.16 -57.66 12.93
N LEU O 453 -51.86 -56.61 12.19
CA LEU O 453 -51.89 -56.69 10.73
C LEU O 453 -50.89 -57.75 10.24
N ALA O 454 -49.67 -57.71 10.78
CA ALA O 454 -48.65 -58.68 10.40
C ALA O 454 -49.12 -60.09 10.75
N ASN O 455 -49.71 -60.26 11.93
CA ASN O 455 -50.21 -61.59 12.34
C ASN O 455 -51.33 -62.10 11.44
N ASN O 456 -52.30 -61.25 11.13
CA ASN O 456 -53.39 -61.68 10.25
C ASN O 456 -52.93 -62.09 8.85
N ILE O 457 -52.09 -61.27 8.23
CA ILE O 457 -51.65 -61.57 6.87
C ILE O 457 -50.90 -62.90 6.94
N SER O 458 -49.99 -63.05 7.90
CA SER O 458 -49.22 -64.31 8.06
C SER O 458 -50.11 -65.53 8.20
N ALA O 459 -51.14 -65.39 9.02
CA ALA O 459 -52.05 -66.49 9.31
C ALA O 459 -52.80 -66.90 8.04
N ILE O 460 -53.29 -65.92 7.29
CA ILE O 460 -54.02 -66.20 6.07
C ILE O 460 -53.09 -66.86 5.03
N ILE O 461 -51.86 -66.39 4.93
CA ILE O 461 -50.92 -67.01 4.02
C ILE O 461 -50.78 -68.50 4.35
N THR O 462 -50.57 -68.81 5.63
CA THR O 462 -50.35 -70.19 6.04
C THR O 462 -51.60 -71.02 5.78
N LYS O 463 -52.77 -70.49 6.15
CA LYS O 463 -54.00 -71.22 5.93
C LYS O 463 -54.17 -71.53 4.42
N PHE O 464 -53.96 -70.55 3.54
CA PHE O 464 -54.02 -70.78 2.08
C PHE O 464 -53.06 -71.88 1.64
N SER O 465 -51.86 -71.87 2.20
CA SER O 465 -50.83 -72.83 1.86
C SER O 465 -51.23 -74.26 2.24
N THR O 466 -51.70 -74.43 3.48
CA THR O 466 -51.98 -75.77 3.99
C THR O 466 -53.25 -76.37 3.42
N ASP O 467 -54.17 -75.55 2.91
CA ASP O 467 -55.41 -76.06 2.29
C ASP O 467 -55.98 -75.22 1.12
N PRO O 468 -55.36 -75.33 -0.07
CA PRO O 468 -55.76 -74.53 -1.22
C PRO O 468 -57.12 -74.90 -1.80
N THR O 469 -57.60 -76.11 -1.54
CA THR O 469 -58.89 -76.60 -2.04
C THR O 469 -60.06 -76.12 -1.18
N ALA O 470 -59.78 -75.63 0.03
CA ALA O 470 -60.81 -75.08 0.91
C ALA O 470 -61.62 -73.96 0.25
N ARG O 471 -62.85 -73.79 0.70
CA ARG O 471 -63.67 -72.69 0.22
C ARG O 471 -63.45 -71.50 1.15
N LEU O 472 -63.57 -70.29 0.61
CA LEU O 472 -63.32 -69.08 1.41
C LEU O 472 -64.15 -68.86 2.66
N LEU O 473 -65.28 -69.56 2.77
CA LEU O 473 -66.08 -69.56 4.00
C LEU O 473 -65.51 -70.67 4.93
N ASP O 474 -64.45 -70.27 5.62
CA ASP O 474 -63.51 -71.22 6.24
C ASP O 474 -64.09 -72.38 7.04
N GLN P 3 -37.98 -84.76 -24.12
CA GLN P 3 -36.73 -84.60 -25.00
C GLN P 3 -36.80 -83.47 -26.03
N LEU P 4 -35.75 -82.67 -26.13
CA LEU P 4 -35.79 -81.52 -27.02
C LEU P 4 -35.65 -81.98 -28.48
N SER P 5 -36.25 -81.16 -29.32
CA SER P 5 -36.73 -81.58 -30.62
C SER P 5 -36.54 -80.47 -31.67
N THR P 6 -36.90 -79.24 -31.35
CA THR P 6 -36.69 -78.12 -32.26
C THR P 6 -35.52 -77.25 -31.83
N ASP P 7 -35.09 -76.36 -32.71
CA ASP P 7 -34.07 -75.37 -32.38
C ASP P 7 -34.52 -74.34 -31.37
N ALA P 8 -35.80 -73.98 -31.44
CA ALA P 8 -36.42 -73.08 -30.47
C ALA P 8 -36.43 -73.72 -29.07
N GLU P 9 -36.75 -75.00 -29.01
CA GLU P 9 -36.77 -75.70 -27.73
C GLU P 9 -35.37 -75.71 -27.12
N ARG P 10 -34.34 -75.92 -27.95
CA ARG P 10 -32.97 -75.96 -27.44
C ARG P 10 -32.53 -74.61 -26.94
N GLU P 11 -32.84 -73.56 -27.71
CA GLU P 11 -32.42 -72.24 -27.32
C GLU P 11 -33.12 -71.84 -26.01
N LEU P 12 -34.40 -72.16 -25.91
CA LEU P 12 -35.17 -71.84 -24.74
C LEU P 12 -34.69 -72.59 -23.48
N ALA P 13 -34.28 -73.84 -23.66
CA ALA P 13 -33.78 -74.64 -22.55
C ALA P 13 -32.51 -74.05 -21.98
N ASN P 14 -31.64 -73.58 -22.87
CA ASN P 14 -30.42 -72.87 -22.46
C ASN P 14 -30.74 -71.64 -21.68
N ILE P 15 -31.75 -70.91 -22.12
CA ILE P 15 -32.21 -69.73 -21.39
C ILE P 15 -32.73 -70.11 -19.99
N TRP P 16 -33.56 -71.14 -19.90
CA TRP P 16 -34.07 -71.57 -18.60
C TRP P 16 -32.93 -72.02 -17.69
N ALA P 17 -31.96 -72.72 -18.26
CA ALA P 17 -30.84 -73.20 -17.47
C ALA P 17 -30.08 -72.04 -16.84
N THR P 18 -29.79 -70.99 -17.61
CA THR P 18 -29.02 -69.86 -17.05
C THR P 18 -29.91 -69.10 -16.03
N VAL P 19 -31.19 -68.95 -16.31
CA VAL P 19 -32.04 -68.10 -15.50
C VAL P 19 -32.45 -68.79 -14.20
N LEU P 20 -32.73 -70.07 -14.26
CA LEU P 20 -33.09 -70.84 -13.06
C LEU P 20 -31.85 -71.39 -12.35
N ASP P 21 -30.67 -71.30 -12.96
CA ASP P 21 -29.42 -71.87 -12.39
C ASP P 21 -29.59 -73.39 -12.14
N ILE P 22 -30.11 -74.07 -13.15
CA ILE P 22 -30.26 -75.51 -13.13
C ILE P 22 -29.54 -76.07 -14.35
N PRO P 23 -29.06 -77.31 -14.25
CA PRO P 23 -28.24 -77.81 -15.36
C PRO P 23 -29.08 -78.18 -16.58
N ILE P 24 -28.54 -77.85 -17.74
CA ILE P 24 -29.22 -78.02 -19.02
C ILE P 24 -29.72 -79.45 -19.25
N GLY P 25 -28.92 -80.43 -18.85
CA GLY P 25 -29.25 -81.84 -19.02
C GLY P 25 -30.52 -82.29 -18.32
N THR P 26 -31.00 -81.52 -17.35
CA THR P 26 -32.21 -81.90 -16.58
C THR P 26 -33.50 -81.34 -17.16
N ILE P 27 -33.42 -80.64 -18.28
CA ILE P 27 -34.56 -79.92 -18.77
C ILE P 27 -35.21 -80.72 -19.88
N SER P 28 -36.47 -81.05 -19.71
CA SER P 28 -37.22 -81.70 -20.76
C SER P 28 -38.25 -80.76 -21.36
N ALA P 29 -38.70 -81.11 -22.56
CA ALA P 29 -39.66 -80.30 -23.28
C ALA P 29 -41.00 -80.14 -22.58
N SER P 30 -41.32 -81.05 -21.67
CA SER P 30 -42.56 -81.01 -20.92
C SER P 30 -42.43 -80.29 -19.56
N ASP P 31 -41.23 -79.82 -19.25
CA ASP P 31 -41.02 -79.03 -18.02
C ASP P 31 -41.84 -77.73 -17.96
N ASN P 32 -42.34 -77.46 -16.76
CA ASN P 32 -43.08 -76.27 -16.46
C ASN P 32 -42.21 -75.24 -15.72
N PHE P 33 -42.13 -74.03 -16.26
CA PHE P 33 -41.24 -72.96 -15.73
C PHE P 33 -41.41 -72.73 -14.24
N PHE P 34 -42.63 -72.68 -13.78
CA PHE P 34 -42.91 -72.42 -12.37
C PHE P 34 -42.64 -73.62 -11.48
N PHE P 35 -42.94 -74.82 -11.96
CA PHE P 35 -42.66 -76.01 -11.20
C PHE P 35 -41.15 -76.22 -11.03
N ARG P 36 -40.33 -75.79 -12.00
CA ARG P 36 -38.88 -75.81 -11.81
C ARG P 36 -38.35 -74.65 -10.95
N GLY P 37 -39.22 -73.82 -10.40
CA GLY P 37 -38.85 -72.78 -9.43
C GLY P 37 -38.88 -71.32 -9.92
N GLY P 38 -39.30 -71.08 -11.15
CA GLY P 38 -39.29 -69.76 -11.73
C GLY P 38 -40.38 -68.92 -11.16
N HIS P 39 -40.12 -67.63 -11.07
CA HIS P 39 -41.14 -66.67 -10.72
C HIS P 39 -41.09 -65.46 -11.67
N SER P 40 -41.81 -64.40 -11.32
CA SER P 40 -42.06 -63.32 -12.26
C SER P 40 -40.79 -62.65 -12.71
N ILE P 41 -39.85 -62.48 -11.80
CA ILE P 41 -38.57 -61.85 -12.10
C ILE P 41 -37.70 -62.71 -13.00
N ASP P 42 -37.71 -64.01 -12.77
CA ASP P 42 -37.02 -64.93 -13.64
C ASP P 42 -37.61 -64.91 -15.04
N ALA P 43 -38.92 -64.79 -15.10
CA ALA P 43 -39.60 -64.73 -16.37
C ALA P 43 -39.14 -63.49 -17.14
N MET P 44 -39.05 -62.38 -16.43
CA MET P 44 -38.60 -61.18 -17.06
C MET P 44 -37.20 -61.38 -17.64
N LYS P 45 -36.27 -61.97 -16.88
CA LYS P 45 -34.92 -62.20 -17.40
C LYS P 45 -34.92 -63.16 -18.58
N ALA P 46 -35.77 -64.18 -18.51
CA ALA P 46 -35.87 -65.14 -19.59
C ALA P 46 -36.30 -64.46 -20.87
N SER P 47 -37.33 -63.64 -20.74
CA SER P 47 -37.80 -62.86 -21.86
C SER P 47 -36.73 -61.97 -22.48
N ALA P 48 -35.94 -61.31 -21.64
CA ALA P 48 -34.88 -60.47 -22.16
C ALA P 48 -33.77 -61.28 -22.85
N LEU P 49 -33.40 -62.42 -22.28
CA LEU P 49 -32.41 -63.28 -22.92
C LEU P 49 -32.96 -63.84 -24.21
N GLY P 50 -34.27 -64.09 -24.25
CA GLY P 50 -34.97 -64.52 -25.47
C GLY P 50 -34.75 -63.54 -26.62
N ARG P 51 -35.00 -62.25 -26.35
CA ARG P 51 -34.75 -61.16 -27.31
C ARG P 51 -33.32 -61.18 -27.82
N ALA P 52 -32.34 -61.28 -26.93
CA ALA P 52 -30.95 -61.31 -27.38
C ALA P 52 -30.61 -62.55 -28.26
N ALA P 53 -31.38 -63.64 -28.12
CA ALA P 53 -31.17 -64.85 -28.94
C ALA P 53 -32.11 -64.89 -30.15
N GLY P 54 -32.81 -63.81 -30.41
CA GLY P 54 -33.65 -63.71 -31.58
C GLY P 54 -35.01 -64.36 -31.45
N MET P 55 -35.38 -64.75 -30.24
CA MET P 55 -36.74 -65.20 -29.99
C MET P 55 -37.47 -64.04 -29.38
N SER P 56 -38.79 -64.12 -29.38
CA SER P 56 -39.60 -63.00 -28.98
C SER P 56 -40.80 -63.52 -28.23
N PHE P 57 -40.76 -63.32 -26.93
CA PHE P 57 -41.89 -63.61 -26.06
C PHE P 57 -41.76 -62.76 -24.80
N GLY P 58 -42.88 -62.45 -24.20
CA GLY P 58 -42.88 -61.61 -23.01
C GLY P 58 -43.23 -62.44 -21.81
N VAL P 59 -43.25 -61.77 -20.67
CA VAL P 59 -43.54 -62.40 -19.43
C VAL P 59 -44.94 -63.01 -19.45
N ALA P 60 -45.89 -62.35 -20.08
CA ALA P 60 -47.28 -62.89 -20.13
C ALA P 60 -47.32 -64.26 -20.85
N ASP P 61 -46.52 -64.38 -21.91
CA ASP P 61 -46.44 -65.61 -22.66
C ASP P 61 -45.97 -66.79 -21.77
N ILE P 62 -45.12 -66.51 -20.80
CA ILE P 62 -44.65 -67.53 -19.91
C ILE P 62 -45.72 -67.90 -18.94
N PHE P 63 -46.50 -66.94 -18.45
CA PHE P 63 -47.64 -67.31 -17.57
C PHE P 63 -48.73 -68.10 -18.34
N ASP P 64 -48.97 -67.76 -19.61
CA ASP P 64 -49.99 -68.44 -20.41
C ASP P 64 -49.54 -69.83 -20.85
N HIS P 65 -48.25 -69.94 -21.19
CA HIS P 65 -47.68 -71.15 -21.77
C HIS P 65 -46.47 -71.57 -20.98
N PRO P 66 -46.70 -72.03 -19.76
CA PRO P 66 -45.62 -72.37 -18.83
C PRO P 66 -44.78 -73.59 -19.21
N VAL P 67 -45.25 -74.39 -20.16
CA VAL P 67 -44.54 -75.60 -20.54
C VAL P 67 -43.60 -75.26 -21.67
N LEU P 68 -42.39 -75.77 -21.60
CA LEU P 68 -41.33 -75.34 -22.50
C LEU P 68 -41.72 -75.50 -23.98
N SER P 69 -42.17 -76.70 -24.36
CA SER P 69 -42.52 -76.96 -25.76
C SER P 69 -43.63 -76.04 -26.28
N GLU P 70 -44.64 -75.79 -25.45
CA GLU P 70 -45.66 -74.81 -25.79
C GLU P 70 -45.14 -73.37 -25.91
N LEU P 71 -44.24 -72.95 -25.03
CA LEU P 71 -43.68 -71.61 -25.11
C LEU P 71 -42.83 -71.46 -26.37
N ALA P 72 -42.12 -72.51 -26.75
CA ALA P 72 -41.29 -72.48 -27.96
C ALA P 72 -42.06 -72.31 -29.25
N SER P 73 -43.24 -72.88 -29.37
CA SER P 73 -44.06 -72.79 -30.58
C SER P 73 -44.83 -71.46 -30.66
N VAL P 74 -44.98 -70.71 -29.57
CA VAL P 74 -45.53 -69.33 -29.58
C VAL P 74 -44.49 -68.20 -29.73
N ALA P 75 -43.22 -68.47 -29.49
CA ALA P 75 -42.19 -67.47 -29.66
C ALA P 75 -41.97 -67.23 -31.14
N VAL P 76 -41.59 -66.01 -31.46
CA VAL P 76 -41.35 -65.60 -32.84
C VAL P 76 -39.99 -64.90 -32.91
#